data_6U8J
#
_entry.id   6U8J
#
_cell.length_a   62.504
_cell.length_b   141.348
_cell.length_c   192.872
_cell.angle_alpha   90.000
_cell.angle_beta   97.920
_cell.angle_gamma   90.000
#
_symmetry.space_group_name_H-M   'P 1 21 1'
#
loop_
_entity.id
_entity.type
_entity.pdbx_description
1 polymer 'Phospho-2-dehydro-3-deoxyheptonate aldolase'
2 non-polymer 'UNKNOWN ATOM OR ION'
#
_entity_poly.entity_id   1
_entity_poly.type   'polypeptide(L)'
_entity_poly.pdbx_seq_one_letter_code
;SNAMFIQNEHVGDRSRMEDWRIRGYDPLAPPDLLQHEFPLSDKNKDIILKGREDTCNILNGKDDRLIVVIGPCSIHDPEA
ALDYADRLHKLSEKHKGELHIVMRAYLEKPRTTVGWKGLINDPDIDGSFQINKGLRIARKMFVQLTEKLPIAGEMLDTIS
PQFLSDLFSVGAIGARTTESQLHRELASGLSFPVGFKNGTDGTLGVAIDALRAASHPHHFLSVTKPGIVSIVGTEGNQDC
FVILRGGKQGTNYDAKSVKETKEALAKAKVVDPENPKPRIMVDCSHGNSNKNHKNQPLVAADVAKQISEGEDQICGLMIE
SNINEGRQDVPPADKGGKEALKYGCSITDACIGIDDTESVLETLAQAIKARRGLKS
;
_entity_poly.pdbx_strand_id   A,B,C,D,E,F,G,H
#
loop_
_chem_comp.id
_chem_comp.type
_chem_comp.name
_chem_comp.formula
UNX non-polymer 'UNKNOWN ATOM OR ION' ?
#
# COMPACT_ATOMS: atom_id res chain seq x y z
N ALA A 3 23.81 24.87 -8.17
CA ALA A 3 23.67 26.29 -8.51
C ALA A 3 22.71 26.47 -9.69
N MET A 4 22.41 27.73 -10.00
CA MET A 4 21.58 28.07 -11.15
C MET A 4 22.18 29.24 -11.87
N PHE A 5 21.80 29.41 -13.14
CA PHE A 5 22.48 30.36 -14.00
C PHE A 5 22.36 31.77 -13.45
N ILE A 6 21.14 32.28 -13.37
CA ILE A 6 20.87 33.55 -12.70
C ILE A 6 20.44 33.22 -11.28
N GLN A 7 21.23 33.64 -10.30
CA GLN A 7 21.00 33.33 -8.90
C GLN A 7 20.37 34.51 -8.17
N ASN A 8 19.23 34.28 -7.54
CA ASN A 8 18.64 35.25 -6.63
C ASN A 8 19.56 35.37 -5.42
N GLU A 9 20.32 36.45 -5.36
CA GLU A 9 21.21 36.73 -4.24
C GLU A 9 20.44 36.95 -2.95
N HIS A 10 19.12 37.08 -3.04
CA HIS A 10 18.28 37.45 -1.92
C HIS A 10 17.32 36.34 -1.50
N VAL A 11 17.59 35.12 -1.96
CA VAL A 11 16.73 33.99 -1.63
C VAL A 11 16.64 33.85 -0.12
N GLY A 12 15.42 33.62 0.37
CA GLY A 12 15.20 33.45 1.79
C GLY A 12 15.13 34.73 2.61
N ASP A 13 15.24 35.90 1.98
CA ASP A 13 15.07 37.16 2.73
C ASP A 13 13.59 37.51 2.79
N ARG A 14 12.93 37.19 3.90
CA ARG A 14 11.48 37.40 3.97
C ARG A 14 11.07 38.88 4.04
N SER A 15 12.00 39.79 4.25
CA SER A 15 11.62 41.20 4.22
C SER A 15 11.33 41.71 2.82
N ARG A 16 11.55 40.90 1.81
CA ARG A 16 11.35 41.31 0.43
C ARG A 16 9.95 40.95 -0.04
N MET A 17 9.49 41.66 -1.07
CA MET A 17 8.08 41.60 -1.42
C MET A 17 7.71 40.39 -2.25
N GLU A 18 8.60 39.83 -3.09
CA GLU A 18 8.04 38.74 -3.89
C GLU A 18 8.94 37.60 -4.34
N ASP A 19 10.26 37.66 -4.12
CA ASP A 19 11.14 36.72 -4.79
C ASP A 19 11.91 35.81 -3.84
N TRP A 20 11.66 35.88 -2.53
CA TRP A 20 12.56 35.20 -1.61
C TRP A 20 12.38 33.68 -1.59
N ARG A 21 11.40 33.12 -2.32
CA ARG A 21 11.32 31.67 -2.50
C ARG A 21 11.72 31.26 -3.90
N ILE A 22 12.37 32.15 -4.64
CA ILE A 22 12.91 31.84 -5.97
C ILE A 22 14.42 31.71 -5.85
N ARG A 23 14.93 30.52 -6.16
CA ARG A 23 16.38 30.29 -6.19
C ARG A 23 17.02 31.05 -7.36
N GLY A 24 16.39 31.00 -8.52
CA GLY A 24 16.93 31.65 -9.69
C GLY A 24 16.32 31.09 -10.96
N TYR A 25 17.02 31.33 -12.06
CA TYR A 25 16.51 31.01 -13.37
C TYR A 25 17.62 30.38 -14.19
N ASP A 26 17.22 29.50 -15.10
CA ASP A 26 18.03 28.96 -16.17
C ASP A 26 17.37 29.36 -17.49
N PRO A 27 18.15 29.79 -18.47
CA PRO A 27 17.55 30.23 -19.73
C PRO A 27 17.04 29.04 -20.53
N LEU A 28 15.98 29.28 -21.29
CA LEU A 28 15.26 28.27 -22.05
C LEU A 28 15.26 28.66 -23.52
N ALA A 29 15.64 27.74 -24.39
CA ALA A 29 15.47 28.02 -25.80
C ALA A 29 13.98 28.24 -26.08
N PRO A 30 13.62 29.30 -26.76
CA PRO A 30 12.23 29.48 -27.14
C PRO A 30 11.77 28.40 -28.10
N PRO A 31 10.47 28.12 -28.16
CA PRO A 31 9.97 27.15 -29.15
C PRO A 31 10.38 27.44 -30.58
N ASP A 32 10.38 28.71 -30.99
CA ASP A 32 10.86 29.10 -32.30
C ASP A 32 12.24 28.51 -32.60
N LEU A 33 13.15 28.66 -31.65
CA LEU A 33 14.52 28.21 -31.87
C LEU A 33 14.57 26.71 -32.10
N LEU A 34 13.89 25.96 -31.21
CA LEU A 34 13.91 24.52 -31.28
C LEU A 34 13.26 24.02 -32.56
N GLN A 35 12.15 24.63 -32.96
CA GLN A 35 11.49 24.16 -34.18
C GLN A 35 12.34 24.44 -35.40
N HIS A 36 13.14 25.51 -35.33
CA HIS A 36 14.03 25.84 -36.44
C HIS A 36 15.13 24.79 -36.56
N GLU A 37 15.73 24.42 -35.43
CA GLU A 37 16.79 23.43 -35.47
C GLU A 37 16.25 22.05 -35.85
N PHE A 38 15.01 21.71 -35.48
CA PHE A 38 14.47 20.38 -35.74
C PHE A 38 13.17 20.49 -36.52
N PRO A 39 13.24 20.87 -37.79
CA PRO A 39 12.02 21.10 -38.57
C PRO A 39 11.36 19.82 -39.04
N LEU A 40 10.12 19.96 -39.48
CA LEU A 40 9.34 18.87 -40.06
C LEU A 40 9.61 18.76 -41.56
N SER A 41 9.87 17.55 -42.04
CA SER A 41 9.88 17.35 -43.47
C SER A 41 8.46 17.24 -44.02
N ASP A 42 8.36 17.24 -45.35
CA ASP A 42 7.08 16.95 -45.96
C ASP A 42 6.60 15.55 -45.62
N LYS A 43 7.53 14.60 -45.44
CA LYS A 43 7.09 13.28 -44.99
C LYS A 43 6.44 13.39 -43.61
N ASN A 44 7.07 14.14 -42.71
CA ASN A 44 6.49 14.42 -41.39
C ASN A 44 5.09 14.98 -41.52
N LYS A 45 4.94 16.05 -42.30
CA LYS A 45 3.65 16.72 -42.40
C LYS A 45 2.58 15.76 -42.93
N ASP A 46 2.91 15.01 -43.98
CA ASP A 46 1.97 14.04 -44.55
C ASP A 46 1.49 13.03 -43.50
N ILE A 47 2.42 12.48 -42.70
CA ILE A 47 2.06 11.45 -41.74
C ILE A 47 1.23 12.02 -40.60
N ILE A 48 1.69 13.14 -40.05
CA ILE A 48 0.99 13.79 -38.94
C ILE A 48 -0.40 14.22 -39.37
N LEU A 49 -0.50 14.86 -40.54
CA LEU A 49 -1.81 15.29 -41.00
C LEU A 49 -2.72 14.10 -41.28
N LYS A 50 -2.21 13.05 -41.93
CA LYS A 50 -3.02 11.87 -42.16
C LYS A 50 -3.44 11.22 -40.84
N GLY A 51 -2.53 11.18 -39.87
CA GLY A 51 -2.89 10.68 -38.56
C GLY A 51 -4.03 11.47 -37.94
N ARG A 52 -4.00 12.79 -38.10
CA ARG A 52 -5.08 13.64 -37.59
C ARG A 52 -6.37 13.45 -38.38
N GLU A 53 -6.27 13.40 -39.71
CA GLU A 53 -7.48 13.25 -40.52
C GLU A 53 -8.17 11.93 -40.20
N ASP A 54 -7.39 10.85 -40.04
CA ASP A 54 -7.98 9.54 -39.75
C ASP A 54 -8.61 9.49 -38.37
N THR A 55 -7.96 10.10 -37.38
CA THR A 55 -8.55 10.13 -36.04
C THR A 55 -9.89 10.84 -36.06
N CYS A 56 -9.94 12.02 -36.67
CA CYS A 56 -11.20 12.77 -36.76
C CYS A 56 -12.26 11.97 -37.50
N ASN A 57 -11.90 11.31 -38.60
CA ASN A 57 -12.89 10.56 -39.36
C ASN A 57 -13.53 9.47 -38.52
N ILE A 58 -12.74 8.80 -37.68
CA ILE A 58 -13.33 7.80 -36.80
C ILE A 58 -14.21 8.49 -35.75
N LEU A 59 -13.68 9.55 -35.13
CA LEU A 59 -14.42 10.28 -34.10
C LEU A 59 -15.66 10.96 -34.63
N ASN A 60 -15.77 11.15 -35.94
CA ASN A 60 -16.98 11.70 -36.54
C ASN A 60 -17.87 10.62 -37.14
N GLY A 61 -17.54 9.35 -36.90
CA GLY A 61 -18.35 8.29 -37.45
C GLY A 61 -18.31 8.22 -38.96
N LYS A 62 -17.26 8.72 -39.59
CA LYS A 62 -17.12 8.59 -41.04
C LYS A 62 -16.27 7.39 -41.42
N ASP A 63 -15.64 6.73 -40.45
CA ASP A 63 -14.75 5.61 -40.68
C ASP A 63 -14.97 4.59 -39.58
N ASP A 64 -15.22 3.34 -39.96
CA ASP A 64 -15.61 2.31 -39.01
C ASP A 64 -14.41 1.52 -38.48
N ARG A 65 -13.21 2.09 -38.57
CA ARG A 65 -12.06 1.45 -37.94
C ARG A 65 -11.96 1.88 -36.48
N LEU A 66 -11.01 1.28 -35.77
CA LEU A 66 -10.77 1.52 -34.36
C LEU A 66 -9.45 2.26 -34.18
N ILE A 67 -9.47 3.33 -33.39
CA ILE A 67 -8.23 4.03 -33.02
C ILE A 67 -7.50 3.20 -31.97
N VAL A 68 -6.25 2.85 -32.23
CA VAL A 68 -5.48 2.13 -31.23
C VAL A 68 -4.26 2.96 -30.91
N VAL A 69 -4.28 3.63 -29.76
CA VAL A 69 -3.12 4.32 -29.23
C VAL A 69 -2.35 3.30 -28.40
N ILE A 70 -1.17 2.94 -28.84
CA ILE A 70 -0.45 1.81 -28.26
C ILE A 70 1.03 2.11 -28.28
N GLY A 71 1.73 1.82 -27.18
CA GLY A 71 3.14 2.10 -27.08
C GLY A 71 3.62 2.12 -25.66
N PRO A 72 4.91 2.44 -25.46
CA PRO A 72 5.50 2.36 -24.11
C PRO A 72 4.78 3.28 -23.13
N CYS A 73 4.82 2.90 -21.85
CA CYS A 73 4.31 3.79 -20.82
C CYS A 73 5.00 5.13 -20.89
N SER A 74 6.33 5.10 -20.84
CA SER A 74 7.15 6.27 -21.02
C SER A 74 8.37 5.84 -21.81
N ILE A 75 8.88 6.72 -22.65
CA ILE A 75 10.06 6.46 -23.45
C ILE A 75 11.26 7.03 -22.69
N HIS A 76 12.13 6.15 -22.25
CA HIS A 76 13.39 6.59 -21.68
C HIS A 76 14.55 6.37 -22.63
N ASP A 77 14.34 5.67 -23.73
CA ASP A 77 15.40 5.25 -24.64
C ASP A 77 14.96 5.48 -26.08
N PRO A 78 15.35 6.62 -26.68
CA PRO A 78 14.93 6.92 -28.06
C PRO A 78 15.31 5.85 -29.08
N GLU A 79 16.43 5.18 -28.93
CA GLU A 79 16.74 4.10 -29.87
C GLU A 79 15.70 2.98 -29.80
N ALA A 80 15.42 2.49 -28.59
CA ALA A 80 14.43 1.43 -28.45
C ALA A 80 13.08 1.87 -29.00
N ALA A 81 12.72 3.15 -28.80
CA ALA A 81 11.44 3.65 -29.28
C ALA A 81 11.38 3.64 -30.81
N LEU A 82 12.50 3.95 -31.48
CA LEU A 82 12.51 3.93 -32.94
C LEU A 82 12.37 2.51 -33.47
N ASP A 83 13.02 1.55 -32.81
CA ASP A 83 12.83 0.13 -33.09
C ASP A 83 11.37 -0.26 -32.94
N TYR A 84 10.79 0.06 -31.76
CA TYR A 84 9.39 -0.25 -31.52
C TYR A 84 8.51 0.38 -32.60
N ALA A 85 8.86 1.59 -33.02
CA ALA A 85 8.09 2.30 -34.05
C ALA A 85 8.08 1.55 -35.37
N ASP A 86 9.24 0.97 -35.75
CA ASP A 86 9.30 0.18 -36.97
C ASP A 86 8.49 -1.09 -36.85
N ARG A 87 8.55 -1.75 -35.70
CA ARG A 87 7.74 -2.94 -35.51
C ARG A 87 6.26 -2.60 -35.55
N LEU A 88 5.87 -1.52 -34.90
CA LEU A 88 4.47 -1.15 -34.89
C LEU A 88 3.99 -0.71 -36.27
N HIS A 89 4.84 -0.03 -37.06
CA HIS A 89 4.49 0.36 -38.42
C HIS A 89 4.11 -0.85 -39.28
N LYS A 90 4.89 -1.93 -39.19
CA LYS A 90 4.55 -3.14 -39.94
C LYS A 90 3.18 -3.67 -39.51
N LEU A 91 2.98 -3.84 -38.21
CA LEU A 91 1.65 -4.22 -37.70
C LEU A 91 0.60 -3.24 -38.19
N SER A 92 0.95 -1.96 -38.24
CA SER A 92 0.02 -0.97 -38.72
C SER A 92 -0.35 -1.20 -40.19
N GLU A 93 0.62 -1.56 -41.04
CA GLU A 93 0.29 -1.87 -42.42
C GLU A 93 -0.61 -3.10 -42.51
N LYS A 94 -0.37 -4.10 -41.67
CA LYS A 94 -1.14 -5.34 -41.75
C LYS A 94 -2.61 -5.10 -41.44
N HIS A 95 -2.89 -4.26 -40.44
CA HIS A 95 -4.23 -4.09 -39.91
C HIS A 95 -4.88 -2.79 -40.33
N LYS A 96 -4.28 -2.05 -41.27
CA LYS A 96 -4.79 -0.73 -41.65
C LYS A 96 -6.22 -0.78 -42.19
N GLY A 97 -6.68 -1.95 -42.64
CA GLY A 97 -8.07 -2.10 -43.03
C GLY A 97 -9.05 -1.96 -41.86
N GLU A 98 -8.61 -2.28 -40.65
CA GLU A 98 -9.50 -2.30 -39.51
C GLU A 98 -9.08 -1.38 -38.38
N LEU A 99 -7.79 -1.11 -38.24
CA LEU A 99 -7.27 -0.36 -37.12
C LEU A 99 -6.52 0.86 -37.63
N HIS A 100 -6.76 1.98 -36.97
CA HIS A 100 -5.96 3.20 -37.14
C HIS A 100 -4.97 3.25 -35.99
N ILE A 101 -3.75 2.79 -36.22
CA ILE A 101 -2.76 2.67 -35.16
C ILE A 101 -1.99 3.97 -35.02
N VAL A 102 -1.89 4.46 -33.78
CA VAL A 102 -1.15 5.67 -33.46
C VAL A 102 -0.19 5.32 -32.34
N MET A 103 1.11 5.54 -32.57
CA MET A 103 2.09 5.15 -31.55
C MET A 103 2.02 6.11 -30.37
N ARG A 104 1.96 5.53 -29.17
CA ARG A 104 1.97 6.27 -27.91
C ARG A 104 3.37 6.81 -27.63
N ALA A 105 3.53 8.14 -27.64
CA ALA A 105 4.81 8.79 -27.43
C ALA A 105 4.80 9.65 -26.15
N TYR A 106 4.66 9.03 -25.00
CA TYR A 106 4.67 9.74 -23.72
C TYR A 106 6.08 9.77 -23.15
N LEU A 107 6.41 10.88 -22.52
CA LEU A 107 7.76 11.14 -22.06
C LEU A 107 7.89 11.04 -20.55
N GLU A 108 6.79 11.02 -19.82
CA GLU A 108 6.86 11.09 -18.38
C GLU A 108 5.67 10.34 -17.79
N LYS A 109 5.90 9.68 -16.67
CA LYS A 109 4.83 9.12 -15.86
C LYS A 109 4.62 10.04 -14.68
N PRO A 110 3.48 10.73 -14.60
CA PRO A 110 3.26 11.64 -13.46
C PRO A 110 3.36 10.90 -12.15
N ARG A 111 4.18 11.43 -11.23
CA ARG A 111 4.31 10.79 -9.93
C ARG A 111 4.21 11.85 -8.84
N THR A 112 3.31 11.60 -7.88
CA THR A 112 3.23 12.38 -6.65
C THR A 112 4.39 12.06 -5.70
N THR A 113 4.99 10.87 -5.81
CA THR A 113 6.14 10.45 -5.04
C THR A 113 7.41 10.57 -5.89
N VAL A 114 8.55 10.19 -5.30
CA VAL A 114 9.85 10.37 -5.96
C VAL A 114 9.95 9.46 -7.17
N GLY A 115 11.05 9.56 -7.91
CA GLY A 115 11.25 8.75 -9.10
C GLY A 115 11.59 9.59 -10.31
N TRP A 116 11.95 8.88 -11.39
CA TRP A 116 12.39 9.52 -12.63
C TRP A 116 11.34 10.47 -13.18
N LYS A 117 11.76 11.70 -13.46
CA LYS A 117 10.84 12.73 -13.89
C LYS A 117 10.58 12.72 -15.39
N GLY A 118 11.25 11.85 -16.15
CA GLY A 118 10.94 11.67 -17.56
C GLY A 118 12.00 12.28 -18.46
N LEU A 119 11.78 12.04 -19.77
CA LEU A 119 12.79 12.33 -20.80
C LEU A 119 13.10 13.81 -20.89
N ILE A 120 12.07 14.65 -20.79
CA ILE A 120 12.30 16.09 -20.85
C ILE A 120 13.08 16.56 -19.63
N ASN A 121 12.60 16.21 -18.43
CA ASN A 121 13.22 16.75 -17.20
C ASN A 121 14.59 16.17 -16.97
N ASP A 122 14.75 14.88 -17.25
CA ASP A 122 15.94 14.13 -16.86
C ASP A 122 16.26 13.15 -17.98
N PRO A 123 16.74 13.66 -19.11
CA PRO A 123 17.10 12.75 -20.22
C PRO A 123 18.22 11.80 -19.88
N ASP A 124 19.11 12.17 -18.97
CA ASP A 124 20.23 11.31 -18.60
C ASP A 124 19.84 10.20 -17.63
N ILE A 125 18.61 10.21 -17.11
CA ILE A 125 18.10 9.20 -16.17
C ILE A 125 19.04 9.11 -14.97
N ASP A 126 19.42 10.26 -14.41
CA ASP A 126 20.38 10.36 -13.32
C ASP A 126 19.91 11.29 -12.22
N GLY A 127 18.61 11.62 -12.20
CA GLY A 127 18.09 12.55 -11.22
C GLY A 127 18.43 14.02 -11.43
N SER A 128 19.14 14.37 -12.49
CA SER A 128 19.40 15.77 -12.79
C SER A 128 18.24 16.41 -13.57
N PHE A 129 18.22 17.75 -13.56
CA PHE A 129 17.27 18.54 -14.34
C PHE A 129 18.03 19.22 -15.47
N GLN A 130 17.74 18.80 -16.70
CA GLN A 130 18.39 19.31 -17.93
C GLN A 130 17.33 19.51 -18.99
N ILE A 131 16.44 20.46 -18.71
CA ILE A 131 15.21 20.63 -19.48
C ILE A 131 15.52 21.01 -20.92
N ASN A 132 16.51 21.87 -21.13
CA ASN A 132 16.87 22.25 -22.48
C ASN A 132 17.30 21.05 -23.30
N LYS A 133 18.19 20.24 -22.74
CA LYS A 133 18.63 19.02 -23.42
C LYS A 133 17.45 18.08 -23.66
N GLY A 134 16.63 17.89 -22.64
CA GLY A 134 15.51 16.96 -22.78
C GLY A 134 14.58 17.32 -23.91
N LEU A 135 14.29 18.63 -24.06
CA LEU A 135 13.43 19.09 -25.15
C LEU A 135 14.06 18.82 -26.50
N ARG A 136 15.37 19.04 -26.62
CA ARG A 136 16.06 18.71 -27.86
C ARG A 136 15.95 17.23 -28.15
N ILE A 137 16.27 16.40 -27.16
CA ILE A 137 16.18 14.97 -27.36
C ILE A 137 14.76 14.59 -27.75
N ALA A 138 13.79 15.14 -27.04
CA ALA A 138 12.41 14.75 -27.29
C ALA A 138 11.95 15.15 -28.68
N ARG A 139 12.23 16.40 -29.10
CA ARG A 139 11.75 16.83 -30.40
C ARG A 139 12.42 16.07 -31.51
N LYS A 140 13.73 15.85 -31.41
CA LYS A 140 14.42 15.09 -32.44
C LYS A 140 13.83 13.70 -32.57
N MET A 141 13.54 13.05 -31.45
CA MET A 141 12.96 11.73 -31.54
C MET A 141 11.59 11.77 -32.19
N PHE A 142 10.78 12.75 -31.83
CA PHE A 142 9.44 12.82 -32.40
C PHE A 142 9.51 13.05 -33.91
N VAL A 143 10.47 13.84 -34.39
CA VAL A 143 10.57 14.05 -35.83
C VAL A 143 10.98 12.75 -36.53
N GLN A 144 11.83 11.94 -35.89
CA GLN A 144 12.15 10.63 -36.45
C GLN A 144 10.96 9.67 -36.38
N LEU A 145 10.23 9.67 -35.27
CA LEU A 145 9.06 8.81 -35.15
C LEU A 145 8.02 9.11 -36.22
N THR A 146 7.77 10.39 -36.51
CA THR A 146 6.68 10.75 -37.39
C THR A 146 7.08 10.71 -38.85
N GLU A 147 8.29 10.24 -39.14
CA GLU A 147 8.61 9.79 -40.49
C GLU A 147 8.17 8.36 -40.74
N LYS A 148 7.72 7.68 -39.69
CA LYS A 148 7.26 6.31 -39.76
C LYS A 148 5.76 6.19 -39.60
N LEU A 149 5.22 6.78 -38.53
CA LEU A 149 3.81 6.60 -38.23
C LEU A 149 3.37 7.74 -37.31
N PRO A 150 2.07 7.98 -37.20
CA PRO A 150 1.59 9.05 -36.33
C PRO A 150 1.81 8.70 -34.86
N ILE A 151 1.88 9.73 -34.01
CA ILE A 151 2.16 9.56 -32.58
C ILE A 151 1.12 10.32 -31.76
N ALA A 152 0.93 9.86 -30.51
CA ALA A 152 -0.02 10.43 -29.55
C ALA A 152 0.73 10.99 -28.34
N GLY A 153 0.28 12.13 -27.83
CA GLY A 153 1.03 12.74 -26.74
C GLY A 153 0.19 12.98 -25.51
N GLU A 154 0.82 13.14 -24.36
CA GLU A 154 0.13 13.51 -23.13
C GLU A 154 0.54 14.92 -22.72
N MET A 155 -0.47 15.77 -22.51
CA MET A 155 -0.26 17.17 -22.11
C MET A 155 -0.33 17.28 -20.59
N LEU A 156 0.82 17.35 -19.94
CA LEU A 156 0.87 17.44 -18.48
C LEU A 156 0.94 18.87 -17.98
N ASP A 157 1.51 19.77 -18.77
CA ASP A 157 1.63 21.20 -18.47
C ASP A 157 1.19 21.95 -19.72
N THR A 158 1.21 23.29 -19.66
CA THR A 158 0.73 24.14 -20.75
C THR A 158 1.84 24.82 -21.55
N ILE A 159 3.09 24.72 -21.12
CA ILE A 159 4.20 25.36 -21.80
C ILE A 159 4.87 24.41 -22.79
N SER A 160 5.31 23.23 -22.33
CA SER A 160 6.01 22.30 -23.22
C SER A 160 5.21 21.87 -24.45
N PRO A 161 3.88 21.86 -24.48
CA PRO A 161 3.20 21.68 -25.76
C PRO A 161 3.60 22.66 -26.85
N GLN A 162 4.01 23.89 -26.50
CA GLN A 162 4.49 24.84 -27.51
C GLN A 162 5.69 24.30 -28.28
N PHE A 163 6.51 23.45 -27.65
CA PHE A 163 7.70 22.90 -28.29
C PHE A 163 7.41 21.70 -29.18
N LEU A 164 6.29 21.00 -28.94
CA LEU A 164 6.08 19.67 -29.50
C LEU A 164 4.76 19.47 -30.21
N SER A 165 3.82 20.41 -30.11
CA SER A 165 2.45 20.08 -30.50
C SER A 165 2.28 19.95 -32.01
N ASP A 166 3.25 20.39 -32.81
CA ASP A 166 3.11 20.21 -34.26
C ASP A 166 3.29 18.75 -34.68
N LEU A 167 3.70 17.88 -33.77
CA LEU A 167 4.03 16.51 -34.12
C LEU A 167 2.92 15.52 -33.81
N PHE A 168 1.94 15.91 -32.99
CA PHE A 168 0.93 14.98 -32.50
C PHE A 168 -0.25 14.85 -33.46
N SER A 169 -0.75 13.62 -33.57
CA SER A 169 -1.98 13.36 -34.31
C SER A 169 -3.16 13.14 -33.37
N VAL A 170 -2.90 13.04 -32.08
CA VAL A 170 -3.93 12.88 -31.06
C VAL A 170 -3.26 13.04 -29.71
N GLY A 171 -4.01 13.55 -28.72
CA GLY A 171 -3.45 13.85 -27.42
C GLY A 171 -4.41 13.56 -26.30
N ALA A 172 -3.87 13.64 -25.08
CA ALA A 172 -4.65 13.40 -23.87
C ALA A 172 -4.14 14.31 -22.77
N ILE A 173 -5.06 14.75 -21.92
CA ILE A 173 -4.75 15.49 -20.72
C ILE A 173 -4.50 14.49 -19.59
N GLY A 174 -3.44 14.72 -18.82
CA GLY A 174 -3.20 13.93 -17.62
C GLY A 174 -4.40 13.91 -16.68
N ALA A 175 -4.60 12.78 -15.99
CA ALA A 175 -5.74 12.62 -15.10
C ALA A 175 -5.80 13.71 -14.03
N ARG A 176 -4.66 14.09 -13.46
CA ARG A 176 -4.54 15.09 -12.40
C ARG A 176 -4.89 16.53 -12.83
N THR A 177 -5.14 16.80 -14.11
CA THR A 177 -5.52 18.14 -14.55
C THR A 177 -6.74 18.14 -15.47
N THR A 178 -7.53 17.06 -15.46
CA THR A 178 -8.78 17.05 -16.21
C THR A 178 -9.70 18.18 -15.78
N GLU A 179 -9.64 18.55 -14.50
CA GLU A 179 -10.48 19.62 -13.96
C GLU A 179 -9.93 21.01 -14.22
N SER A 180 -8.66 21.13 -14.61
CA SER A 180 -7.96 22.41 -14.69
C SER A 180 -8.43 23.23 -15.90
N GLN A 181 -8.90 24.45 -15.63
CA GLN A 181 -9.29 25.38 -16.68
C GLN A 181 -8.14 25.62 -17.66
N LEU A 182 -6.91 25.65 -17.16
CA LEU A 182 -5.75 25.88 -18.02
C LEU A 182 -5.68 24.83 -19.12
N HIS A 183 -5.82 23.54 -18.74
CA HIS A 183 -5.69 22.48 -19.75
C HIS A 183 -6.91 22.36 -20.62
N ARG A 184 -8.07 22.78 -20.11
CA ARG A 184 -9.23 22.86 -20.99
C ARG A 184 -9.06 23.98 -22.03
N GLU A 185 -8.55 25.14 -21.61
CA GLU A 185 -8.26 26.19 -22.58
C GLU A 185 -7.23 25.71 -23.60
N LEU A 186 -6.18 25.05 -23.13
CA LEU A 186 -5.15 24.51 -24.02
C LEU A 186 -5.77 23.66 -25.11
N ALA A 187 -6.63 22.71 -24.72
CA ALA A 187 -7.23 21.80 -25.70
C ALA A 187 -8.04 22.55 -26.74
N SER A 188 -8.61 23.71 -26.38
CA SER A 188 -9.44 24.43 -27.33
C SER A 188 -8.66 25.06 -28.48
N GLY A 189 -7.32 25.10 -28.40
CA GLY A 189 -6.49 25.72 -29.42
C GLY A 189 -5.57 24.77 -30.16
N LEU A 190 -5.55 23.50 -29.75
CA LEU A 190 -4.69 22.48 -30.34
C LEU A 190 -5.22 22.05 -31.70
N SER A 191 -4.33 21.48 -32.50
CA SER A 191 -4.63 21.12 -33.88
C SER A 191 -5.14 19.69 -34.05
N PHE A 192 -5.49 19.02 -32.97
CA PHE A 192 -5.79 17.60 -33.08
C PHE A 192 -6.74 17.20 -31.96
N PRO A 193 -7.39 16.04 -32.08
CA PRO A 193 -8.32 15.63 -31.02
C PRO A 193 -7.64 15.40 -29.68
N VAL A 194 -8.34 15.75 -28.61
CA VAL A 194 -7.81 15.60 -27.25
C VAL A 194 -8.77 14.75 -26.38
N GLY A 195 -8.20 13.87 -25.57
CA GLY A 195 -8.97 13.00 -24.70
C GLY A 195 -8.85 13.41 -23.24
N PHE A 196 -9.97 13.31 -22.51
CA PHE A 196 -10.08 13.65 -21.10
C PHE A 196 -10.46 12.42 -20.27
N LYS A 197 -9.69 12.15 -19.22
CA LYS A 197 -9.87 10.95 -18.40
C LYS A 197 -10.97 11.11 -17.36
N ASN A 198 -11.69 10.00 -17.09
CA ASN A 198 -12.71 10.03 -16.06
C ASN A 198 -12.09 10.31 -14.69
N GLY A 199 -12.94 10.80 -13.77
CA GLY A 199 -12.45 11.18 -12.45
C GLY A 199 -11.92 10.01 -11.64
N THR A 200 -11.04 10.34 -10.69
CA THR A 200 -10.46 9.37 -9.78
C THR A 200 -11.51 8.47 -9.12
N ASP A 201 -12.70 8.99 -8.94
CA ASP A 201 -13.78 8.21 -8.34
C ASP A 201 -14.58 7.40 -9.37
N GLY A 202 -14.13 7.35 -10.62
CA GLY A 202 -14.81 6.59 -11.65
C GLY A 202 -15.97 7.31 -12.30
N THR A 203 -16.22 8.55 -11.91
CA THR A 203 -17.27 9.37 -12.47
C THR A 203 -16.79 10.12 -13.72
N LEU A 204 -17.72 10.35 -14.63
CA LEU A 204 -17.49 11.00 -15.91
C LEU A 204 -17.66 12.50 -15.87
N GLY A 205 -18.24 13.04 -14.81
CA GLY A 205 -18.58 14.45 -14.75
C GLY A 205 -17.44 15.36 -15.12
N VAL A 206 -16.30 15.24 -14.45
CA VAL A 206 -15.18 16.13 -14.76
C VAL A 206 -14.72 15.98 -16.20
N ALA A 207 -14.82 14.77 -16.78
CA ALA A 207 -14.43 14.64 -18.18
C ALA A 207 -15.51 15.18 -19.11
N ILE A 208 -16.80 15.06 -18.74
CA ILE A 208 -17.83 15.69 -19.55
C ILE A 208 -17.68 17.21 -19.52
N ASP A 209 -17.47 17.77 -18.33
CA ASP A 209 -17.24 19.20 -18.18
C ASP A 209 -16.09 19.67 -19.05
N ALA A 210 -14.97 18.93 -19.01
CA ALA A 210 -13.79 19.31 -19.80
C ALA A 210 -14.11 19.31 -21.28
N LEU A 211 -14.83 18.31 -21.76
CA LEU A 211 -15.22 18.28 -23.16
C LEU A 211 -15.98 19.53 -23.57
N ARG A 212 -16.96 19.92 -22.78
CA ARG A 212 -17.76 21.08 -23.13
C ARG A 212 -16.93 22.35 -23.02
N ALA A 213 -16.14 22.48 -21.94
CA ALA A 213 -15.27 23.64 -21.81
C ALA A 213 -14.35 23.75 -23.02
N ALA A 214 -13.76 22.63 -23.43
CA ALA A 214 -12.83 22.68 -24.54
C ALA A 214 -13.49 22.99 -25.87
N SER A 215 -14.79 22.78 -26.01
CA SER A 215 -15.41 22.98 -27.31
C SER A 215 -15.69 24.45 -27.63
N HIS A 216 -15.51 25.36 -26.68
CA HIS A 216 -15.78 26.77 -26.81
C HIS A 216 -14.50 27.58 -26.97
N PRO A 217 -14.60 28.70 -27.67
CA PRO A 217 -13.45 29.61 -27.77
C PRO A 217 -13.13 30.19 -26.40
N HIS A 218 -11.84 30.46 -26.19
CA HIS A 218 -11.37 31.09 -24.96
C HIS A 218 -10.38 32.22 -25.31
N HIS A 219 -10.16 33.08 -24.31
CA HIS A 219 -9.13 34.12 -24.33
C HIS A 219 -8.33 33.99 -23.04
N PHE A 220 -7.03 33.84 -23.15
CA PHE A 220 -6.24 33.62 -21.94
C PHE A 220 -4.79 34.02 -22.17
N LEU A 221 -4.09 34.27 -21.08
CA LEU A 221 -2.65 34.43 -21.13
C LEU A 221 -1.97 33.13 -21.53
N SER A 222 -0.94 33.23 -22.38
CA SER A 222 -0.27 32.03 -22.86
C SER A 222 1.14 32.38 -23.32
N VAL A 223 2.03 31.37 -23.25
CA VAL A 223 3.34 31.48 -23.88
C VAL A 223 3.17 31.24 -25.36
N THR A 224 3.88 32.03 -26.17
CA THR A 224 3.86 31.94 -27.62
C THR A 224 5.21 31.43 -28.13
N LYS A 225 5.24 31.07 -29.42
CA LYS A 225 6.43 30.43 -29.97
C LYS A 225 7.68 31.28 -29.87
N PRO A 226 7.64 32.61 -29.94
CA PRO A 226 8.86 33.38 -29.66
C PRO A 226 9.31 33.34 -28.21
N GLY A 227 8.50 32.78 -27.30
CA GLY A 227 8.86 32.64 -25.90
C GLY A 227 8.44 33.77 -24.99
N ILE A 228 7.59 34.68 -25.46
CA ILE A 228 7.04 35.75 -24.65
C ILE A 228 5.58 35.44 -24.37
N VAL A 229 5.04 36.09 -23.34
CA VAL A 229 3.64 35.90 -22.97
C VAL A 229 2.77 36.86 -23.76
N SER A 230 1.68 36.35 -24.33
CA SER A 230 0.65 37.15 -24.96
C SER A 230 -0.72 36.65 -24.52
N ILE A 231 -1.73 37.33 -25.04
CA ILE A 231 -3.12 36.95 -24.92
C ILE A 231 -3.45 36.21 -26.20
N VAL A 232 -3.93 34.98 -26.09
CA VAL A 232 -4.28 34.17 -27.24
C VAL A 232 -5.78 33.95 -27.23
N GLY A 233 -6.37 33.86 -28.42
CA GLY A 233 -7.77 33.53 -28.57
C GLY A 233 -7.93 32.24 -29.33
N THR A 234 -8.71 31.29 -28.81
CA THR A 234 -8.86 29.98 -29.45
C THR A 234 -10.24 29.88 -30.10
N GLU A 235 -10.41 28.86 -30.92
CA GLU A 235 -11.66 28.70 -31.64
C GLU A 235 -12.62 27.74 -30.96
N GLY A 236 -12.12 26.89 -30.06
CA GLY A 236 -12.90 25.78 -29.57
C GLY A 236 -12.60 24.50 -30.33
N ASN A 237 -12.51 23.38 -29.62
CA ASN A 237 -12.15 22.08 -30.17
C ASN A 237 -13.35 21.14 -30.00
N GLN A 238 -14.01 20.81 -31.12
CA GLN A 238 -15.15 19.90 -31.07
C GLN A 238 -14.76 18.43 -31.36
N ASP A 239 -13.47 18.15 -31.45
CA ASP A 239 -12.97 16.82 -31.77
C ASP A 239 -12.50 16.08 -30.52
N CYS A 240 -13.08 16.36 -29.37
CA CYS A 240 -12.58 15.76 -28.13
C CYS A 240 -13.45 14.60 -27.70
N PHE A 241 -12.90 13.78 -26.80
CA PHE A 241 -13.50 12.52 -26.41
C PHE A 241 -13.13 12.22 -24.97
N VAL A 242 -13.76 11.18 -24.39
CA VAL A 242 -13.50 10.77 -23.00
C VAL A 242 -12.71 9.46 -22.98
N ILE A 243 -11.98 9.26 -21.89
CA ILE A 243 -11.14 8.07 -21.69
C ILE A 243 -11.57 7.40 -20.40
N LEU A 244 -12.06 6.15 -20.51
CA LEU A 244 -12.39 5.32 -19.34
C LEU A 244 -11.14 4.62 -18.83
N ARG A 245 -10.79 4.88 -17.57
CA ARG A 245 -9.51 4.42 -17.03
C ARG A 245 -9.67 3.88 -15.62
N GLY A 246 -10.88 3.48 -15.25
CA GLY A 246 -11.11 2.98 -13.92
C GLY A 246 -11.09 4.07 -12.86
N GLY A 247 -11.06 3.61 -11.63
CA GLY A 247 -11.11 4.48 -10.47
C GLY A 247 -11.60 3.70 -9.26
N LYS A 248 -11.89 4.45 -8.19
CA LYS A 248 -12.13 3.82 -6.90
C LYS A 248 -13.33 2.90 -6.93
N GLN A 249 -14.27 3.09 -7.86
CA GLN A 249 -15.37 2.17 -8.03
C GLN A 249 -14.99 0.91 -8.81
N GLY A 250 -13.72 0.75 -9.16
CA GLY A 250 -13.26 -0.38 -9.94
C GLY A 250 -13.03 -0.09 -11.42
N THR A 251 -12.94 -1.16 -12.18
CA THR A 251 -12.71 -1.06 -13.60
C THR A 251 -13.98 -0.64 -14.31
N ASN A 252 -13.82 0.03 -15.47
CA ASN A 252 -14.99 0.51 -16.20
C ASN A 252 -14.87 0.27 -17.70
N TYR A 253 -14.24 -0.84 -18.10
CA TYR A 253 -14.17 -1.22 -19.50
C TYR A 253 -15.34 -2.11 -19.92
N ASP A 254 -16.09 -2.66 -18.97
CA ASP A 254 -17.13 -3.64 -19.22
C ASP A 254 -18.31 -3.03 -19.98
N ALA A 255 -19.12 -3.92 -20.57
CA ALA A 255 -20.26 -3.46 -21.35
C ALA A 255 -21.20 -2.58 -20.53
N LYS A 256 -21.32 -2.86 -19.24
CA LYS A 256 -22.22 -2.08 -18.39
C LYS A 256 -21.67 -0.68 -18.15
N SER A 257 -20.38 -0.57 -17.86
CA SER A 257 -19.78 0.75 -17.69
C SER A 257 -19.87 1.55 -19.00
N VAL A 258 -19.63 0.88 -20.13
CA VAL A 258 -19.75 1.55 -21.43
C VAL A 258 -21.17 2.04 -21.64
N LYS A 259 -22.18 1.25 -21.21
CA LYS A 259 -23.57 1.66 -21.37
C LYS A 259 -23.90 2.88 -20.53
N GLU A 260 -23.47 2.91 -19.26
CA GLU A 260 -23.65 4.09 -18.44
C GLU A 260 -22.94 5.29 -19.06
N THR A 261 -21.75 5.08 -19.62
CA THR A 261 -21.00 6.17 -20.23
C THR A 261 -21.73 6.73 -21.45
N LYS A 262 -22.25 5.86 -22.32
CA LYS A 262 -23.05 6.33 -23.44
C LYS A 262 -24.20 7.20 -22.97
N GLU A 263 -24.90 6.75 -21.92
CA GLU A 263 -26.05 7.47 -21.40
C GLU A 263 -25.65 8.81 -20.80
N ALA A 264 -24.53 8.83 -20.06
CA ALA A 264 -24.05 10.08 -19.50
C ALA A 264 -23.73 11.10 -20.59
N LEU A 265 -23.07 10.66 -21.65
CA LEU A 265 -22.75 11.54 -22.78
C LEU A 265 -24.04 12.06 -23.43
N ALA A 266 -25.05 11.21 -23.57
CA ALA A 266 -26.28 11.68 -24.18
C ALA A 266 -26.98 12.71 -23.31
N LYS A 267 -27.10 12.42 -22.00
CA LYS A 267 -27.78 13.36 -21.12
C LYS A 267 -27.05 14.70 -21.08
N ALA A 268 -25.73 14.68 -21.12
CA ALA A 268 -24.98 15.93 -21.13
C ALA A 268 -25.01 16.63 -22.48
N LYS A 269 -25.76 16.07 -23.44
CA LYS A 269 -25.92 16.64 -24.78
C LYS A 269 -24.57 16.78 -25.50
N VAL A 270 -23.70 15.82 -25.29
CA VAL A 270 -22.39 15.78 -25.94
C VAL A 270 -22.44 14.86 -27.15
N VAL A 271 -23.27 13.82 -27.08
CA VAL A 271 -23.49 12.90 -28.21
C VAL A 271 -24.98 12.72 -28.40
N ASP A 272 -25.49 13.05 -29.57
CA ASP A 272 -26.87 12.70 -29.89
C ASP A 272 -26.98 11.18 -29.88
N PRO A 273 -27.79 10.59 -29.00
CA PRO A 273 -27.87 9.12 -28.94
C PRO A 273 -28.49 8.50 -30.20
N GLU A 274 -29.19 9.28 -31.02
CA GLU A 274 -29.80 8.75 -32.23
C GLU A 274 -28.90 8.81 -33.45
N ASN A 275 -28.04 9.83 -33.57
CA ASN A 275 -26.91 9.80 -34.51
C ASN A 275 -25.67 9.91 -33.64
N PRO A 276 -25.20 8.79 -33.09
CA PRO A 276 -24.10 8.86 -32.12
C PRO A 276 -22.74 8.85 -32.80
N LYS A 277 -21.89 9.79 -32.41
CA LYS A 277 -20.48 9.72 -32.80
C LYS A 277 -19.70 8.98 -31.71
N PRO A 278 -18.77 8.10 -32.09
CA PRO A 278 -18.03 7.33 -31.09
C PRO A 278 -17.00 8.21 -30.39
N ARG A 279 -17.16 8.36 -29.08
CA ARG A 279 -16.33 9.26 -28.29
C ARG A 279 -15.84 8.63 -27.00
N ILE A 280 -15.84 7.30 -26.93
CA ILE A 280 -15.39 6.57 -25.75
C ILE A 280 -14.13 5.81 -26.12
N MET A 281 -13.03 6.15 -25.47
CA MET A 281 -11.80 5.39 -25.59
C MET A 281 -11.56 4.67 -24.28
N VAL A 282 -11.23 3.39 -24.36
CA VAL A 282 -11.02 2.58 -23.18
C VAL A 282 -9.52 2.47 -22.98
N ASP A 283 -9.05 2.93 -21.83
CA ASP A 283 -7.69 2.66 -21.39
C ASP A 283 -7.65 1.24 -20.84
N CYS A 284 -6.85 0.39 -21.46
CA CYS A 284 -6.68 -1.00 -21.04
C CYS A 284 -5.68 -1.17 -19.92
N SER A 285 -4.99 -0.11 -19.49
CA SER A 285 -3.95 -0.24 -18.49
C SER A 285 -4.36 0.47 -17.21
N HIS A 286 -3.39 0.76 -16.36
CA HIS A 286 -3.57 1.64 -15.18
C HIS A 286 -4.71 1.06 -14.33
N GLY A 287 -5.74 1.84 -14.01
CA GLY A 287 -6.83 1.36 -13.18
C GLY A 287 -7.57 0.16 -13.76
N ASN A 288 -7.70 0.11 -15.08
CA ASN A 288 -8.51 -0.93 -15.69
C ASN A 288 -7.81 -2.27 -15.77
N SER A 289 -6.53 -2.34 -15.41
CA SER A 289 -5.81 -3.61 -15.43
C SER A 289 -5.35 -4.05 -14.06
N ASN A 290 -5.76 -3.36 -12.98
CA ASN A 290 -5.32 -3.66 -11.62
C ASN A 290 -3.80 -3.58 -11.48
N LYS A 291 -3.19 -2.65 -12.20
CA LYS A 291 -1.73 -2.47 -12.23
C LYS A 291 -1.01 -3.81 -12.46
N ASN A 292 -1.49 -4.55 -13.45
CA ASN A 292 -0.94 -5.85 -13.82
C ASN A 292 -1.00 -5.94 -15.34
N HIS A 293 0.15 -5.90 -16.01
CA HIS A 293 0.16 -5.78 -17.47
C HIS A 293 -0.44 -7.01 -18.15
N LYS A 294 -0.34 -8.17 -17.51
CA LYS A 294 -0.94 -9.37 -18.09
C LYS A 294 -2.45 -9.28 -18.20
N ASN A 295 -3.08 -8.33 -17.51
CA ASN A 295 -4.51 -8.11 -17.65
C ASN A 295 -4.87 -7.27 -18.89
N GLN A 296 -3.92 -6.53 -19.48
CA GLN A 296 -4.27 -5.68 -20.62
C GLN A 296 -4.88 -6.44 -21.79
N PRO A 297 -4.37 -7.60 -22.21
CA PRO A 297 -5.04 -8.31 -23.31
C PRO A 297 -6.44 -8.76 -22.95
N LEU A 298 -6.70 -9.03 -21.67
CA LEU A 298 -8.05 -9.44 -21.27
C LEU A 298 -9.01 -8.28 -21.41
N VAL A 299 -8.59 -7.09 -20.96
CA VAL A 299 -9.42 -5.91 -21.10
C VAL A 299 -9.70 -5.63 -22.56
N ALA A 300 -8.67 -5.75 -23.40
CA ALA A 300 -8.85 -5.55 -24.83
C ALA A 300 -9.81 -6.58 -25.43
N ALA A 301 -9.67 -7.84 -25.01
CA ALA A 301 -10.56 -8.89 -25.49
C ALA A 301 -12.01 -8.57 -25.16
N ASP A 302 -12.24 -8.01 -23.97
CA ASP A 302 -13.60 -7.67 -23.56
C ASP A 302 -14.17 -6.56 -24.46
N VAL A 303 -13.35 -5.53 -24.74
CA VAL A 303 -13.75 -4.49 -25.69
C VAL A 303 -13.99 -5.06 -27.06
N ALA A 304 -13.10 -5.95 -27.50
CA ALA A 304 -13.27 -6.59 -28.81
C ALA A 304 -14.59 -7.34 -28.88
N LYS A 305 -14.96 -8.05 -27.81
CA LYS A 305 -16.25 -8.74 -27.77
C LYS A 305 -17.40 -7.76 -27.95
N GLN A 306 -17.34 -6.61 -27.27
CA GLN A 306 -18.39 -5.60 -27.42
C GLN A 306 -18.44 -5.07 -28.85
N ILE A 307 -17.27 -4.76 -29.41
CA ILE A 307 -17.23 -4.28 -30.79
C ILE A 307 -17.80 -5.33 -31.75
N SER A 308 -17.39 -6.59 -31.56
CA SER A 308 -17.82 -7.65 -32.47
C SER A 308 -19.32 -7.86 -32.40
N GLU A 309 -19.93 -7.57 -31.26
CA GLU A 309 -21.36 -7.72 -31.11
C GLU A 309 -22.14 -6.47 -31.47
N GLY A 310 -21.46 -5.43 -31.95
CA GLY A 310 -22.17 -4.28 -32.52
C GLY A 310 -21.94 -2.98 -31.81
N GLU A 311 -21.10 -2.93 -30.78
CA GLU A 311 -20.79 -1.68 -30.11
C GLU A 311 -20.21 -0.67 -31.10
N ASP A 312 -20.80 0.53 -31.14
CA ASP A 312 -20.43 1.54 -32.13
C ASP A 312 -20.10 2.90 -31.50
N GLN A 313 -19.95 2.98 -30.18
CA GLN A 313 -19.56 4.21 -29.51
C GLN A 313 -18.20 4.13 -28.84
N ILE A 314 -17.54 2.98 -28.87
CA ILE A 314 -16.14 2.92 -28.48
C ILE A 314 -15.34 3.29 -29.71
N CYS A 315 -14.62 4.40 -29.63
CA CYS A 315 -13.81 4.85 -30.75
C CYS A 315 -12.41 4.26 -30.76
N GLY A 316 -11.91 3.76 -29.62
CA GLY A 316 -10.58 3.19 -29.63
C GLY A 316 -10.13 2.70 -28.27
N LEU A 317 -8.87 2.23 -28.23
CA LEU A 317 -8.24 1.66 -27.04
C LEU A 317 -6.85 2.25 -26.84
N MET A 318 -6.44 2.32 -25.58
CA MET A 318 -5.07 2.67 -25.21
C MET A 318 -4.42 1.45 -24.57
N ILE A 319 -3.19 1.16 -24.97
CA ILE A 319 -2.48 0.02 -24.44
C ILE A 319 -1.03 0.38 -24.20
N GLU A 320 -0.51 0.01 -23.04
CA GLU A 320 0.90 0.22 -22.73
C GLU A 320 1.66 -1.02 -23.21
N SER A 321 2.50 -0.83 -24.23
CA SER A 321 3.16 -1.91 -24.97
C SER A 321 4.62 -1.54 -25.26
N ASN A 322 5.51 -2.52 -25.13
CA ASN A 322 6.93 -2.32 -25.34
C ASN A 322 7.52 -3.53 -26.07
N ILE A 323 8.83 -3.47 -26.36
CA ILE A 323 9.50 -4.58 -27.04
C ILE A 323 9.49 -5.83 -26.16
N ASN A 324 9.90 -5.69 -24.90
CA ASN A 324 9.89 -6.78 -23.94
C ASN A 324 8.91 -6.45 -22.82
N GLU A 325 8.18 -7.45 -22.34
CA GLU A 325 7.12 -7.16 -21.39
C GLU A 325 7.70 -6.80 -20.03
N GLY A 326 6.83 -6.30 -19.16
CA GLY A 326 7.18 -6.01 -17.78
C GLY A 326 7.79 -4.63 -17.58
N ARG A 327 8.66 -4.53 -16.58
CA ARG A 327 9.29 -3.27 -16.22
C ARG A 327 10.54 -3.59 -15.42
N GLN A 328 11.32 -2.55 -15.14
CA GLN A 328 12.57 -2.70 -14.43
C GLN A 328 12.85 -1.39 -13.70
N ASP A 329 13.56 -1.49 -12.59
CA ASP A 329 14.05 -0.30 -11.92
C ASP A 329 15.37 0.12 -12.54
N VAL A 330 15.75 1.36 -12.33
CA VAL A 330 17.06 1.79 -12.83
C VAL A 330 18.13 1.36 -11.83
N PRO A 331 19.16 0.65 -12.27
CA PRO A 331 20.18 0.20 -11.33
C PRO A 331 20.82 1.38 -10.64
N PRO A 332 21.26 1.21 -9.39
CA PRO A 332 22.06 2.25 -8.74
C PRO A 332 23.37 2.41 -9.48
N ALA A 333 23.81 3.65 -9.65
CA ALA A 333 25.09 3.90 -10.32
C ALA A 333 26.21 3.04 -9.73
N ASP A 334 26.05 2.64 -8.46
CA ASP A 334 26.80 1.53 -7.88
C ASP A 334 26.89 0.34 -8.84
N LYS A 335 25.76 -0.06 -9.43
CA LYS A 335 25.69 -1.29 -10.23
C LYS A 335 25.53 -1.02 -11.73
N GLY A 336 25.96 0.14 -12.21
CA GLY A 336 25.98 0.42 -13.64
C GLY A 336 25.09 1.55 -14.13
N GLY A 337 24.29 2.19 -13.27
CA GLY A 337 23.46 3.31 -13.68
C GLY A 337 22.51 2.95 -14.83
N LYS A 338 22.08 4.00 -15.54
CA LYS A 338 21.23 3.81 -16.72
C LYS A 338 21.79 2.75 -17.65
N GLU A 339 23.12 2.63 -17.74
CA GLU A 339 23.75 1.77 -18.73
C GLU A 339 23.47 0.29 -18.49
N ALA A 340 23.16 -0.10 -17.25
CA ALA A 340 22.89 -1.48 -16.92
C ALA A 340 21.45 -1.90 -17.19
N LEU A 341 20.66 -1.06 -17.86
CA LEU A 341 19.26 -1.37 -18.11
C LEU A 341 19.09 -2.38 -19.26
N LYS A 342 18.10 -3.24 -19.13
CA LYS A 342 17.71 -4.12 -20.24
C LYS A 342 17.11 -3.30 -21.38
N TYR A 343 17.51 -3.62 -22.60
CA TYR A 343 16.97 -2.95 -23.78
C TYR A 343 15.48 -3.22 -23.97
N GLY A 344 14.75 -2.20 -24.39
CA GLY A 344 13.35 -2.39 -24.78
C GLY A 344 12.40 -2.79 -23.67
N CYS A 345 12.68 -2.37 -22.43
CA CYS A 345 11.85 -2.71 -21.28
C CYS A 345 11.56 -1.44 -20.47
N SER A 346 10.29 -1.23 -20.14
CA SER A 346 9.87 -0.02 -19.43
C SER A 346 10.58 0.14 -18.08
N ILE A 347 10.81 1.40 -17.69
CA ILE A 347 11.23 1.75 -16.35
C ILE A 347 10.13 2.43 -15.55
N THR A 348 8.94 2.56 -16.15
CA THR A 348 7.78 3.04 -15.40
C THR A 348 6.76 1.90 -15.31
N ASP A 349 5.57 2.07 -15.87
CA ASP A 349 4.57 1.01 -15.73
C ASP A 349 4.97 -0.19 -16.56
N ALA A 350 4.65 -1.38 -16.05
CA ALA A 350 4.87 -2.59 -16.82
C ALA A 350 3.99 -2.59 -18.06
N CYS A 351 4.56 -3.04 -19.17
CA CYS A 351 3.87 -3.11 -20.45
C CYS A 351 3.75 -4.56 -20.89
N ILE A 352 2.81 -4.81 -21.81
CA ILE A 352 2.79 -6.06 -22.53
C ILE A 352 3.91 -6.06 -23.57
N GLY A 353 4.47 -7.24 -23.84
CA GLY A 353 5.51 -7.41 -24.82
C GLY A 353 4.99 -7.43 -26.25
N ILE A 354 5.94 -7.58 -27.18
CA ILE A 354 5.60 -7.58 -28.59
C ILE A 354 4.74 -8.79 -28.95
N ASP A 355 4.94 -9.93 -28.30
CA ASP A 355 4.11 -11.09 -28.62
C ASP A 355 2.66 -10.82 -28.24
N ASP A 356 2.41 -10.42 -26.99
CA ASP A 356 1.05 -10.05 -26.58
C ASP A 356 0.48 -8.95 -27.48
N THR A 357 1.33 -8.04 -27.96
CA THR A 357 0.87 -6.93 -28.78
C THR A 357 0.30 -7.40 -30.10
N GLU A 358 1.02 -8.29 -30.77
CA GLU A 358 0.52 -8.81 -32.05
C GLU A 358 -0.79 -9.55 -31.86
N SER A 359 -0.92 -10.30 -30.77
CA SER A 359 -2.15 -11.04 -30.54
C SER A 359 -3.31 -10.08 -30.31
N VAL A 360 -3.09 -9.08 -29.46
CA VAL A 360 -4.15 -8.11 -29.15
C VAL A 360 -4.63 -7.40 -30.41
N LEU A 361 -3.69 -6.97 -31.26
CA LEU A 361 -4.05 -6.27 -32.49
C LEU A 361 -4.86 -7.16 -33.44
N GLU A 362 -4.49 -8.42 -33.57
CA GLU A 362 -5.27 -9.35 -34.39
C GLU A 362 -6.69 -9.53 -33.81
N THR A 363 -6.80 -9.63 -32.49
CA THR A 363 -8.13 -9.74 -31.88
C THR A 363 -9.01 -8.56 -32.25
N LEU A 364 -8.50 -7.34 -32.05
CA LEU A 364 -9.29 -6.13 -32.33
C LEU A 364 -9.65 -6.04 -33.82
N ALA A 365 -8.70 -6.38 -34.69
CA ALA A 365 -9.02 -6.34 -36.11
C ALA A 365 -10.12 -7.33 -36.44
N GLN A 366 -10.09 -8.51 -35.82
CA GLN A 366 -11.14 -9.49 -36.07
C GLN A 366 -12.47 -8.96 -35.60
N ALA A 367 -12.46 -8.22 -34.47
CA ALA A 367 -13.69 -7.64 -33.95
C ALA A 367 -14.30 -6.63 -34.94
N ILE A 368 -13.46 -5.80 -35.57
CA ILE A 368 -13.96 -4.87 -36.57
C ILE A 368 -14.50 -5.61 -37.79
N LYS A 369 -13.78 -6.62 -38.26
CA LYS A 369 -14.32 -7.47 -39.31
C LYS A 369 -15.64 -8.10 -38.88
N ALA A 370 -15.68 -8.62 -37.64
CA ALA A 370 -16.90 -9.23 -37.13
C ALA A 370 -18.07 -8.24 -37.13
N ARG A 371 -17.83 -7.00 -36.70
CA ARG A 371 -18.93 -6.03 -36.62
C ARG A 371 -19.45 -5.64 -37.99
N ARG A 372 -18.64 -5.81 -39.03
CA ARG A 372 -19.08 -5.52 -40.38
C ARG A 372 -20.08 -6.56 -40.86
N GLY A 373 -19.87 -7.83 -40.50
CA GLY A 373 -20.77 -8.89 -40.91
C GLY A 373 -22.19 -8.77 -40.36
N LEU A 374 -22.39 -7.97 -39.34
CA LEU A 374 -23.70 -7.88 -38.70
C LEU A 374 -24.68 -7.07 -39.53
N ALA B 3 15.36 30.59 -48.13
CA ALA B 3 14.02 30.65 -47.51
C ALA B 3 14.13 30.70 -45.97
N MET B 4 13.43 31.66 -45.34
CA MET B 4 13.58 32.00 -43.93
C MET B 4 12.53 31.34 -43.05
N PHE B 5 12.82 31.30 -41.74
CA PHE B 5 12.01 30.51 -40.82
C PHE B 5 10.57 30.99 -40.80
N ILE B 6 10.36 32.24 -40.40
CA ILE B 6 9.08 32.92 -40.52
C ILE B 6 9.13 33.77 -41.77
N GLN B 7 8.32 33.44 -42.76
CA GLN B 7 8.31 34.14 -44.04
C GLN B 7 7.15 35.12 -44.11
N ASN B 8 7.45 36.39 -44.43
CA ASN B 8 6.41 37.40 -44.66
C ASN B 8 5.62 37.06 -45.91
N GLU B 9 4.39 36.58 -45.73
CA GLU B 9 3.52 36.26 -46.83
C GLU B 9 3.16 37.47 -47.68
N HIS B 10 3.47 38.68 -47.21
CA HIS B 10 3.06 39.91 -47.87
C HIS B 10 4.23 40.74 -48.38
N VAL B 11 5.42 40.15 -48.52
CA VAL B 11 6.57 40.92 -49.00
C VAL B 11 6.25 41.55 -50.34
N GLY B 12 6.62 42.83 -50.48
CA GLY B 12 6.41 43.57 -51.71
C GLY B 12 5.01 44.15 -51.92
N ASP B 13 4.09 43.94 -51.01
CA ASP B 13 2.76 44.52 -51.13
C ASP B 13 2.85 45.96 -50.62
N ARG B 14 3.01 46.92 -51.55
CA ARG B 14 3.24 48.30 -51.12
C ARG B 14 2.02 48.94 -50.47
N SER B 15 0.84 48.30 -50.54
CA SER B 15 -0.34 48.80 -49.86
C SER B 15 -0.29 48.61 -48.36
N ARG B 16 0.72 47.92 -47.85
CA ARG B 16 0.80 47.65 -46.42
C ARG B 16 1.61 48.72 -45.71
N MET B 17 1.35 48.86 -44.41
CA MET B 17 1.84 50.04 -43.72
C MET B 17 3.30 49.92 -43.28
N GLU B 18 3.79 48.72 -43.00
CA GLU B 18 5.14 48.73 -42.45
C GLU B 18 6.04 47.55 -42.72
N ASP B 19 5.58 46.47 -43.34
CA ASP B 19 6.44 45.28 -43.39
C ASP B 19 6.85 44.84 -44.78
N TRP B 20 6.47 45.53 -45.85
CA TRP B 20 6.62 44.94 -47.18
C TRP B 20 8.05 44.93 -47.70
N ARG B 21 9.03 45.49 -46.99
CA ARG B 21 10.43 45.24 -47.32
C ARG B 21 11.10 44.30 -46.35
N ILE B 22 10.31 43.51 -45.62
CA ILE B 22 10.82 42.46 -44.74
C ILE B 22 10.54 41.11 -45.40
N ARG B 23 11.59 40.34 -45.72
CA ARG B 23 11.41 38.96 -46.19
C ARG B 23 10.88 38.06 -45.07
N GLY B 24 11.42 38.21 -43.87
CA GLY B 24 11.00 37.37 -42.77
C GLY B 24 12.02 37.45 -41.64
N TYR B 25 11.92 36.45 -40.75
CA TYR B 25 12.71 36.39 -39.53
C TYR B 25 13.21 34.98 -39.28
N ASP B 26 14.37 34.89 -38.63
CA ASP B 26 14.89 33.64 -38.09
C ASP B 26 15.09 33.81 -36.60
N PRO B 27 14.75 32.82 -35.78
CA PRO B 27 14.93 32.94 -34.32
C PRO B 27 16.39 32.97 -33.93
N LEU B 28 16.67 33.67 -32.84
CA LEU B 28 18.00 33.91 -32.32
C LEU B 28 18.08 33.39 -30.90
N ALA B 29 19.09 32.60 -30.59
CA ALA B 29 19.31 32.26 -29.19
C ALA B 29 19.62 33.55 -28.42
N PRO B 30 18.91 33.83 -27.35
CA PRO B 30 19.21 35.01 -26.52
C PRO B 30 20.57 34.93 -25.85
N PRO B 31 21.17 36.07 -25.53
CA PRO B 31 22.49 36.05 -24.88
C PRO B 31 22.57 35.18 -23.63
N ASP B 32 21.54 35.20 -22.79
CA ASP B 32 21.52 34.32 -21.63
C ASP B 32 21.76 32.86 -22.02
N LEU B 33 21.05 32.38 -23.05
CA LEU B 33 21.13 30.98 -23.42
C LEU B 33 22.54 30.64 -23.86
N LEU B 34 23.09 31.48 -24.74
CA LEU B 34 24.44 31.26 -25.26
C LEU B 34 25.47 31.36 -24.15
N GLN B 35 25.26 32.27 -23.19
CA GLN B 35 26.20 32.31 -22.07
C GLN B 35 26.07 31.11 -21.16
N HIS B 36 24.88 30.52 -21.08
CA HIS B 36 24.72 29.32 -20.26
C HIS B 36 25.47 28.14 -20.87
N GLU B 37 25.38 27.99 -22.19
CA GLU B 37 26.02 26.88 -22.88
C GLU B 37 27.54 26.98 -22.86
N PHE B 38 28.08 28.18 -22.84
CA PHE B 38 29.53 28.38 -22.95
C PHE B 38 29.98 29.30 -21.83
N PRO B 39 29.92 28.84 -20.60
CA PRO B 39 30.21 29.72 -19.46
C PRO B 39 31.69 29.97 -19.29
N LEU B 40 31.99 30.95 -18.47
CA LEU B 40 33.37 31.27 -18.10
C LEU B 40 33.77 30.39 -16.94
N SER B 41 34.95 29.77 -17.04
CA SER B 41 35.61 29.14 -15.90
C SER B 41 36.30 30.21 -15.07
N ASP B 42 36.75 29.83 -13.88
CA ASP B 42 37.54 30.75 -13.08
C ASP B 42 38.84 31.11 -13.79
N LYS B 43 39.38 30.18 -14.58
CA LYS B 43 40.57 30.49 -15.37
C LYS B 43 40.28 31.65 -16.33
N ASN B 44 39.17 31.56 -17.07
CA ASN B 44 38.73 32.65 -17.94
C ASN B 44 38.66 33.95 -17.16
N LYS B 45 37.95 33.91 -16.04
CA LYS B 45 37.75 35.15 -15.30
C LYS B 45 39.07 35.77 -14.85
N ASP B 46 39.99 34.95 -14.34
CA ASP B 46 41.27 35.50 -13.91
C ASP B 46 41.99 36.19 -15.06
N ILE B 47 41.96 35.58 -16.24
CA ILE B 47 42.71 36.15 -17.35
C ILE B 47 42.01 37.40 -17.88
N ILE B 48 40.68 37.34 -18.02
CA ILE B 48 39.95 38.49 -18.54
C ILE B 48 40.09 39.66 -17.58
N LEU B 49 39.90 39.41 -16.29
CA LEU B 49 40.00 40.49 -15.32
C LEU B 49 41.42 41.04 -15.23
N LYS B 50 42.43 40.17 -15.23
CA LYS B 50 43.80 40.70 -15.22
C LYS B 50 44.07 41.51 -16.47
N GLY B 51 43.54 41.06 -17.62
CA GLY B 51 43.68 41.82 -18.84
C GLY B 51 43.09 43.21 -18.73
N ARG B 52 41.94 43.34 -18.06
CA ARG B 52 41.33 44.66 -17.87
C ARG B 52 42.15 45.51 -16.92
N GLU B 53 42.56 44.92 -15.80
CA GLU B 53 43.28 45.68 -14.80
C GLU B 53 44.62 46.19 -15.34
N ASP B 54 45.34 45.37 -16.12
CA ASP B 54 46.62 45.80 -16.68
C ASP B 54 46.43 46.93 -17.70
N THR B 55 45.40 46.83 -18.53
CA THR B 55 45.09 47.85 -19.50
C THR B 55 44.81 49.18 -18.82
N CYS B 56 43.96 49.14 -17.78
CA CYS B 56 43.64 50.35 -17.02
C CYS B 56 44.87 50.93 -16.36
N ASN B 57 45.68 50.07 -15.74
CA ASN B 57 46.87 50.59 -15.06
C ASN B 57 47.77 51.34 -16.03
N ILE B 58 47.89 50.84 -17.26
CA ILE B 58 48.70 51.55 -18.22
C ILE B 58 48.02 52.84 -18.63
N LEU B 59 46.73 52.78 -18.93
CA LEU B 59 46.01 53.97 -19.36
C LEU B 59 45.93 55.02 -18.27
N ASN B 60 46.17 54.65 -17.01
CA ASN B 60 46.19 55.60 -15.90
C ASN B 60 47.60 55.99 -15.49
N GLY B 61 48.60 55.54 -16.24
CA GLY B 61 49.98 55.88 -15.96
C GLY B 61 50.54 55.30 -14.70
N LYS B 62 49.97 54.21 -14.23
CA LYS B 62 50.48 53.51 -13.07
C LYS B 62 51.39 52.35 -13.45
N ASP B 63 51.47 52.02 -14.75
CA ASP B 63 52.28 50.90 -15.23
C ASP B 63 52.96 51.28 -16.54
N ASP B 64 54.29 51.19 -16.57
CA ASP B 64 55.07 51.78 -17.67
C ASP B 64 55.31 50.79 -18.82
N ARG B 65 54.48 49.79 -18.95
CA ARG B 65 54.53 48.92 -20.10
C ARG B 65 53.67 49.49 -21.22
N LEU B 66 53.73 48.84 -22.37
CA LEU B 66 53.00 49.23 -23.56
C LEU B 66 51.93 48.20 -23.86
N ILE B 67 50.72 48.66 -24.15
CA ILE B 67 49.66 47.75 -24.58
C ILE B 67 49.91 47.36 -26.03
N VAL B 68 49.96 46.08 -26.33
CA VAL B 68 50.11 45.67 -27.72
C VAL B 68 48.90 44.82 -28.07
N VAL B 69 47.95 45.38 -28.82
CA VAL B 69 46.83 44.63 -29.36
C VAL B 69 47.30 44.04 -30.68
N ILE B 70 47.43 42.72 -30.74
CA ILE B 70 48.13 42.13 -31.88
C ILE B 70 47.47 40.79 -32.23
N GLY B 71 47.24 40.56 -33.51
CA GLY B 71 46.56 39.36 -33.93
C GLY B 71 45.98 39.48 -35.32
N PRO B 72 45.27 38.44 -35.76
CA PRO B 72 44.76 38.42 -37.13
C PRO B 72 43.84 39.59 -37.45
N CYS B 73 43.82 39.99 -38.72
CA CYS B 73 42.84 40.98 -39.16
C CYS B 73 41.43 40.52 -38.77
N SER B 74 41.07 39.31 -39.18
CA SER B 74 39.83 38.66 -38.80
C SER B 74 40.10 37.17 -38.65
N ILE B 75 39.35 36.53 -37.77
CA ILE B 75 39.50 35.09 -37.55
C ILE B 75 38.43 34.40 -38.36
N HIS B 76 38.85 33.60 -39.36
CA HIS B 76 37.90 32.74 -40.06
C HIS B 76 38.00 31.26 -39.66
N ASP B 77 39.03 30.90 -38.89
CA ASP B 77 39.38 29.52 -38.59
C ASP B 77 39.72 29.45 -37.11
N PRO B 78 38.78 29.05 -36.27
CA PRO B 78 39.07 28.97 -34.83
C PRO B 78 40.28 28.13 -34.45
N GLU B 79 40.58 27.02 -35.14
CA GLU B 79 41.75 26.23 -34.77
C GLU B 79 43.05 27.02 -34.99
N ALA B 80 43.23 27.58 -36.17
CA ALA B 80 44.41 28.41 -36.43
C ALA B 80 44.50 29.56 -35.41
N ALA B 81 43.37 30.14 -35.02
CA ALA B 81 43.44 31.22 -34.04
C ALA B 81 43.96 30.70 -32.69
N LEU B 82 43.55 29.48 -32.29
CA LEU B 82 44.04 28.88 -31.04
C LEU B 82 45.53 28.52 -31.13
N ASP B 83 45.98 28.03 -32.29
CA ASP B 83 47.41 27.87 -32.51
C ASP B 83 48.13 29.21 -32.32
N TYR B 84 47.61 30.27 -32.97
CA TYR B 84 48.24 31.58 -32.86
C TYR B 84 48.31 32.05 -31.41
N ALA B 85 47.21 31.88 -30.67
CA ALA B 85 47.15 32.38 -29.30
C ALA B 85 48.20 31.71 -28.43
N ASP B 86 48.39 30.41 -28.62
CA ASP B 86 49.42 29.70 -27.87
C ASP B 86 50.81 30.23 -28.21
N ARG B 87 51.08 30.50 -29.48
CA ARG B 87 52.38 31.06 -29.82
C ARG B 87 52.54 32.44 -29.21
N LEU B 88 51.51 33.26 -29.33
CA LEU B 88 51.56 34.62 -28.79
C LEU B 88 51.67 34.60 -27.28
N HIS B 89 51.05 33.61 -26.63
CA HIS B 89 51.18 33.48 -25.19
C HIS B 89 52.64 33.34 -24.78
N LYS B 90 53.40 32.56 -25.55
CA LYS B 90 54.83 32.38 -25.26
C LYS B 90 55.57 33.71 -25.37
N LEU B 91 55.32 34.44 -26.47
CA LEU B 91 55.87 35.78 -26.64
C LEU B 91 55.46 36.69 -25.49
N SER B 92 54.21 36.56 -25.03
CA SER B 92 53.72 37.39 -23.94
C SER B 92 54.51 37.16 -22.65
N GLU B 93 54.83 35.90 -22.35
CA GLU B 93 55.61 35.58 -21.16
C GLU B 93 57.03 36.12 -21.27
N LYS B 94 57.62 36.07 -22.46
CA LYS B 94 58.98 36.57 -22.66
C LYS B 94 59.05 38.07 -22.44
N HIS B 95 58.04 38.81 -22.88
CA HIS B 95 58.10 40.26 -22.85
C HIS B 95 57.22 40.88 -21.79
N LYS B 96 56.64 40.08 -20.88
CA LYS B 96 55.70 40.65 -19.93
C LYS B 96 56.33 41.73 -19.05
N GLY B 97 57.66 41.77 -18.94
CA GLY B 97 58.30 42.85 -18.22
C GLY B 97 58.11 44.22 -18.86
N GLU B 98 57.91 44.25 -20.18
CA GLU B 98 57.86 45.47 -20.96
C GLU B 98 56.55 45.67 -21.70
N LEU B 99 55.87 44.60 -22.08
CA LEU B 99 54.67 44.65 -22.89
C LEU B 99 53.53 43.95 -22.18
N HIS B 100 52.36 44.57 -22.23
CA HIS B 100 51.10 43.95 -21.87
C HIS B 100 50.41 43.54 -23.17
N ILE B 101 50.55 42.26 -23.52
CA ILE B 101 50.08 41.73 -24.80
C ILE B 101 48.63 41.29 -24.71
N VAL B 102 47.82 41.76 -25.64
CA VAL B 102 46.40 41.41 -25.72
C VAL B 102 46.15 40.94 -27.13
N MET B 103 45.58 39.75 -27.29
CA MET B 103 45.38 39.22 -28.63
C MET B 103 44.19 39.89 -29.30
N ARG B 104 44.39 40.28 -30.54
CA ARG B 104 43.33 40.85 -31.37
C ARG B 104 42.38 39.73 -31.79
N ALA B 105 41.13 39.76 -31.33
CA ALA B 105 40.16 38.71 -31.67
C ALA B 105 38.99 39.30 -32.45
N TYR B 106 39.23 39.79 -33.68
CA TYR B 106 38.18 40.37 -34.52
C TYR B 106 37.60 39.32 -35.46
N LEU B 107 36.30 39.42 -35.68
CA LEU B 107 35.50 38.43 -36.41
C LEU B 107 35.10 38.87 -37.81
N GLU B 108 35.23 40.15 -38.15
CA GLU B 108 34.72 40.63 -39.42
C GLU B 108 35.58 41.81 -39.89
N LYS B 109 35.70 41.93 -41.20
CA LYS B 109 36.25 43.13 -41.81
C LYS B 109 35.09 43.94 -42.38
N PRO B 110 34.81 45.15 -41.87
CA PRO B 110 33.69 45.93 -42.41
C PRO B 110 33.86 46.15 -43.91
N ARG B 111 32.79 45.89 -44.66
CA ARG B 111 32.84 46.05 -46.10
C ARG B 111 31.55 46.67 -46.57
N THR B 112 31.66 47.90 -47.09
CA THR B 112 30.60 48.45 -47.93
C THR B 112 30.40 47.57 -49.16
N THR B 113 31.51 47.04 -49.70
CA THR B 113 31.51 46.20 -50.89
C THR B 113 31.24 44.73 -50.53
N VAL B 114 30.96 43.95 -51.58
CA VAL B 114 30.66 42.53 -51.45
C VAL B 114 31.86 41.77 -50.90
N GLY B 115 31.60 40.69 -50.18
CA GLY B 115 32.68 39.85 -49.66
C GLY B 115 32.26 39.06 -48.43
N TRP B 116 33.22 38.34 -47.86
CA TRP B 116 32.95 37.51 -46.70
C TRP B 116 32.51 38.36 -45.51
N LYS B 117 31.36 38.04 -44.95
CA LYS B 117 30.83 38.90 -43.91
C LYS B 117 31.39 38.59 -42.54
N GLY B 118 32.24 37.56 -42.40
CA GLY B 118 32.91 37.32 -41.13
C GLY B 118 32.35 36.10 -40.41
N LEU B 119 32.98 35.79 -39.28
CA LEU B 119 32.78 34.52 -38.59
C LEU B 119 31.35 34.39 -38.06
N ILE B 120 30.82 35.48 -37.49
CA ILE B 120 29.47 35.48 -36.94
C ILE B 120 28.42 35.38 -38.05
N ASN B 121 28.55 36.20 -39.09
CA ASN B 121 27.52 36.21 -40.14
C ASN B 121 27.53 34.97 -40.98
N ASP B 122 28.73 34.49 -41.30
CA ASP B 122 28.92 33.43 -42.29
C ASP B 122 30.04 32.52 -41.81
N PRO B 123 29.76 31.72 -40.78
CA PRO B 123 30.82 30.86 -40.24
C PRO B 123 31.30 29.85 -41.24
N ASP B 124 30.43 29.44 -42.17
CA ASP B 124 30.81 28.44 -43.15
C ASP B 124 31.63 29.00 -44.30
N ILE B 125 31.80 30.33 -44.39
CA ILE B 125 32.60 30.99 -45.42
C ILE B 125 32.09 30.59 -46.79
N ASP B 126 30.77 30.59 -46.96
CA ASP B 126 30.16 30.13 -48.21
C ASP B 126 29.04 31.05 -48.65
N GLY B 127 29.03 32.30 -48.20
CA GLY B 127 27.98 33.24 -48.56
C GLY B 127 26.63 32.97 -47.94
N SER B 128 26.51 31.92 -47.14
CA SER B 128 25.27 31.70 -46.41
C SER B 128 25.27 32.58 -45.16
N PHE B 129 24.09 32.75 -44.59
CA PHE B 129 23.91 33.48 -43.35
C PHE B 129 23.46 32.50 -42.29
N GLN B 130 24.31 32.28 -41.29
CA GLN B 130 24.05 31.33 -40.21
C GLN B 130 24.49 31.96 -38.90
N ILE B 131 23.80 33.05 -38.53
CA ILE B 131 24.22 33.92 -37.43
C ILE B 131 24.21 33.18 -36.11
N ASN B 132 23.18 32.35 -35.88
CA ASN B 132 23.12 31.55 -34.67
C ASN B 132 24.32 30.65 -34.51
N LYS B 133 24.61 29.87 -35.55
CA LYS B 133 25.81 29.03 -35.53
C LYS B 133 27.05 29.89 -35.32
N GLY B 134 27.14 31.02 -36.03
CA GLY B 134 28.32 31.86 -35.92
C GLY B 134 28.54 32.36 -34.51
N LEU B 135 27.47 32.79 -33.83
CA LEU B 135 27.62 33.28 -32.47
C LEU B 135 28.10 32.16 -31.55
N ARG B 136 27.63 30.93 -31.76
CA ARG B 136 28.10 29.81 -30.96
C ARG B 136 29.58 29.56 -31.19
N ILE B 137 29.98 29.43 -32.46
CA ILE B 137 31.39 29.22 -32.77
C ILE B 137 32.23 30.34 -32.18
N ALA B 138 31.77 31.58 -32.35
CA ALA B 138 32.54 32.71 -31.87
C ALA B 138 32.69 32.67 -30.36
N ARG B 139 31.59 32.45 -29.62
CA ARG B 139 31.72 32.49 -28.18
C ARG B 139 32.60 31.33 -27.68
N LYS B 140 32.40 30.13 -28.20
CA LYS B 140 33.23 29.00 -27.77
C LYS B 140 34.72 29.28 -27.99
N MET B 141 35.08 29.83 -29.15
CA MET B 141 36.47 30.17 -29.40
C MET B 141 36.98 31.23 -28.42
N PHE B 142 36.18 32.27 -28.14
CA PHE B 142 36.63 33.30 -27.21
C PHE B 142 36.87 32.71 -25.82
N VAL B 143 36.02 31.74 -25.41
CA VAL B 143 36.20 31.09 -24.12
C VAL B 143 37.49 30.28 -24.12
N GLN B 144 37.81 29.67 -25.26
CA GLN B 144 39.08 28.97 -25.36
C GLN B 144 40.26 29.94 -25.41
N LEU B 145 40.15 31.05 -26.17
CA LEU B 145 41.25 32.01 -26.24
C LEU B 145 41.58 32.55 -24.86
N THR B 146 40.57 32.86 -24.06
CA THR B 146 40.80 33.53 -22.79
C THR B 146 41.14 32.56 -21.69
N GLU B 147 41.34 31.28 -22.02
CA GLU B 147 42.06 30.39 -21.14
C GLU B 147 43.56 30.50 -21.33
N LYS B 148 44.01 31.23 -22.35
CA LYS B 148 45.40 31.48 -22.64
C LYS B 148 45.82 32.93 -22.41
N LEU B 149 45.09 33.90 -22.94
CA LEU B 149 45.54 35.28 -22.81
C LEU B 149 44.35 36.20 -23.07
N PRO B 150 44.41 37.44 -22.58
CA PRO B 150 43.29 38.37 -22.79
C PRO B 150 43.14 38.73 -24.26
N ILE B 151 41.92 39.14 -24.61
CA ILE B 151 41.60 39.39 -26.01
C ILE B 151 40.96 40.76 -26.16
N ALA B 152 41.09 41.29 -27.37
CA ALA B 152 40.55 42.61 -27.72
C ALA B 152 39.51 42.46 -28.83
N GLY B 153 38.43 43.18 -28.71
CA GLY B 153 37.36 43.04 -29.67
C GLY B 153 37.02 44.36 -30.33
N GLU B 154 36.33 44.28 -31.47
CA GLU B 154 35.81 45.43 -32.18
C GLU B 154 34.29 45.42 -32.12
N MET B 155 33.70 46.56 -31.72
CA MET B 155 32.25 46.68 -31.62
C MET B 155 31.70 47.32 -32.89
N LEU B 156 31.19 46.49 -33.79
CA LEU B 156 30.64 47.02 -35.03
C LEU B 156 29.16 47.32 -34.92
N ASP B 157 28.44 46.59 -34.07
CA ASP B 157 27.01 46.78 -33.83
C ASP B 157 26.78 46.83 -32.32
N THR B 158 25.54 47.01 -31.92
CA THR B 158 25.24 47.20 -30.51
C THR B 158 24.55 46.01 -29.84
N ILE B 159 24.15 44.98 -30.60
CA ILE B 159 23.44 43.83 -30.07
C ILE B 159 24.41 42.70 -29.76
N SER B 160 25.20 42.29 -30.74
CA SER B 160 26.13 41.18 -30.55
C SER B 160 27.14 41.40 -29.42
N PRO B 161 27.50 42.62 -29.02
CA PRO B 161 28.24 42.75 -27.76
C PRO B 161 27.58 42.10 -26.56
N GLN B 162 26.24 41.99 -26.53
CA GLN B 162 25.53 41.30 -25.44
C GLN B 162 25.94 39.82 -25.36
N PHE B 163 26.31 39.22 -26.48
CA PHE B 163 26.69 37.82 -26.50
C PHE B 163 28.14 37.62 -26.08
N LEU B 164 28.98 38.66 -26.20
CA LEU B 164 30.42 38.45 -26.12
C LEU B 164 31.14 39.37 -25.16
N SER B 165 30.49 40.40 -24.62
CA SER B 165 31.27 41.44 -23.95
C SER B 165 31.87 40.99 -22.62
N ASP B 166 31.45 39.84 -22.07
CA ASP B 166 32.08 39.40 -20.83
C ASP B 166 33.50 38.90 -21.06
N LEU B 167 33.89 38.71 -22.30
CA LEU B 167 35.17 38.08 -22.64
C LEU B 167 36.29 39.06 -22.99
N PHE B 168 36.00 40.32 -23.31
CA PHE B 168 37.00 41.26 -23.80
C PHE B 168 37.71 41.96 -22.64
N SER B 169 39.01 42.18 -22.82
CA SER B 169 39.76 42.97 -21.86
C SER B 169 40.02 44.40 -22.36
N VAL B 170 39.67 44.68 -23.60
CA VAL B 170 39.81 45.98 -24.24
C VAL B 170 39.02 45.86 -25.55
N GLY B 171 38.51 47.01 -26.04
CA GLY B 171 37.68 47.03 -27.23
C GLY B 171 37.93 48.27 -28.08
N ALA B 172 37.32 48.26 -29.26
CA ALA B 172 37.42 49.40 -30.15
C ALA B 172 36.12 49.59 -30.92
N ILE B 173 35.77 50.85 -31.18
CA ILE B 173 34.65 51.14 -32.07
C ILE B 173 35.16 51.14 -33.48
N GLY B 174 34.43 50.51 -34.40
CA GLY B 174 34.75 50.61 -35.82
C GLY B 174 34.85 52.05 -36.32
N ALA B 175 35.75 52.32 -37.28
CA ALA B 175 35.93 53.68 -37.80
C ALA B 175 34.62 54.26 -38.33
N ARG B 176 33.82 53.45 -39.03
CA ARG B 176 32.56 53.88 -39.62
C ARG B 176 31.47 54.22 -38.59
N THR B 177 31.71 54.05 -37.28
CA THR B 177 30.71 54.41 -36.28
C THR B 177 31.29 55.19 -35.10
N THR B 178 32.48 55.78 -35.23
CA THR B 178 32.98 56.66 -34.17
C THR B 178 32.02 57.83 -33.90
N GLU B 179 31.32 58.30 -34.93
CA GLU B 179 30.40 59.43 -34.78
C GLU B 179 29.04 59.01 -34.25
N SER B 180 28.76 57.71 -34.27
CA SER B 180 27.42 57.19 -33.98
C SER B 180 27.09 57.33 -32.51
N GLN B 181 25.98 58.00 -32.20
CA GLN B 181 25.54 58.10 -30.82
C GLN B 181 25.37 56.73 -30.18
N LEU B 182 24.88 55.77 -30.96
CA LEU B 182 24.63 54.42 -30.48
C LEU B 182 25.90 53.80 -29.91
N HIS B 183 27.02 53.96 -30.62
CA HIS B 183 28.27 53.36 -30.19
C HIS B 183 28.91 54.11 -29.03
N ARG B 184 28.66 55.42 -28.93
CA ARG B 184 29.13 56.17 -27.78
C ARG B 184 28.39 55.76 -26.53
N GLU B 185 27.07 55.58 -26.63
CA GLU B 185 26.30 55.04 -25.50
C GLU B 185 26.81 53.67 -25.11
N LEU B 186 27.01 52.78 -26.09
CA LEU B 186 27.50 51.44 -25.79
C LEU B 186 28.78 51.50 -24.96
N ALA B 187 29.76 52.30 -25.40
CA ALA B 187 31.03 52.35 -24.68
C ALA B 187 30.85 52.81 -23.25
N SER B 188 29.86 53.66 -22.96
CA SER B 188 29.70 54.15 -21.60
C SER B 188 29.24 53.07 -20.63
N GLY B 189 28.81 51.91 -21.12
CA GLY B 189 28.29 50.85 -20.28
C GLY B 189 29.11 49.60 -20.29
N LEU B 190 30.15 49.56 -21.13
CA LEU B 190 31.01 48.39 -21.18
C LEU B 190 31.96 48.38 -20.00
N SER B 191 32.44 47.17 -19.65
CA SER B 191 33.25 46.93 -18.47
C SER B 191 34.75 46.98 -18.74
N PHE B 192 35.17 47.59 -19.85
CA PHE B 192 36.58 47.55 -20.22
C PHE B 192 36.91 48.81 -21.01
N PRO B 193 38.19 49.17 -21.13
CA PRO B 193 38.53 50.38 -21.89
C PRO B 193 38.15 50.22 -23.34
N VAL B 194 37.74 51.34 -23.96
CA VAL B 194 37.33 51.33 -25.36
C VAL B 194 38.10 52.40 -26.12
N GLY B 195 38.52 52.08 -27.35
CA GLY B 195 39.28 52.98 -28.20
C GLY B 195 38.46 53.51 -29.37
N PHE B 196 38.65 54.80 -29.69
CA PHE B 196 37.96 55.50 -30.77
C PHE B 196 38.93 55.99 -31.84
N LYS B 197 38.66 55.60 -33.08
CA LYS B 197 39.58 55.90 -34.18
C LYS B 197 39.36 57.31 -34.70
N ASN B 198 40.45 57.96 -35.14
CA ASN B 198 40.31 59.26 -35.76
C ASN B 198 39.51 59.13 -37.05
N GLY B 199 38.93 60.25 -37.47
CA GLY B 199 38.08 60.26 -38.65
C GLY B 199 38.84 59.96 -39.93
N THR B 200 38.04 59.56 -40.92
CA THR B 200 38.53 59.27 -42.27
C THR B 200 39.40 60.38 -42.84
N ASP B 201 39.13 61.63 -42.48
CA ASP B 201 39.91 62.75 -42.99
C ASP B 201 41.13 63.04 -42.12
N GLY B 202 41.43 62.17 -41.18
CA GLY B 202 42.62 62.26 -40.35
C GLY B 202 42.50 63.21 -39.17
N THR B 203 41.33 63.79 -38.95
CA THR B 203 41.09 64.70 -37.84
C THR B 203 40.69 63.94 -36.56
N LEU B 204 41.05 64.52 -35.42
CA LEU B 204 40.80 63.95 -34.11
C LEU B 204 39.42 64.28 -33.56
N GLY B 205 38.71 65.24 -34.14
CA GLY B 205 37.48 65.71 -33.56
C GLY B 205 36.50 64.62 -33.20
N VAL B 206 36.14 63.78 -34.16
CA VAL B 206 35.15 62.74 -33.92
C VAL B 206 35.60 61.81 -32.81
N ALA B 207 36.91 61.57 -32.67
CA ALA B 207 37.37 60.69 -31.61
C ALA B 207 37.36 61.40 -30.26
N ILE B 208 37.69 62.69 -30.24
CA ILE B 208 37.65 63.44 -28.98
C ILE B 208 36.21 63.55 -28.47
N ASP B 209 35.28 63.96 -29.35
CA ASP B 209 33.86 64.01 -29.00
C ASP B 209 33.40 62.68 -28.45
N ALA B 210 33.74 61.60 -29.15
CA ALA B 210 33.33 60.27 -28.73
C ALA B 210 33.86 59.96 -27.34
N LEU B 211 35.11 60.34 -27.06
CA LEU B 211 35.68 60.10 -25.74
C LEU B 211 34.85 60.77 -24.67
N ARG B 212 34.50 62.03 -24.89
CA ARG B 212 33.80 62.78 -23.87
C ARG B 212 32.38 62.26 -23.69
N ALA B 213 31.69 61.97 -24.80
CA ALA B 213 30.36 61.39 -24.72
C ALA B 213 30.38 60.08 -23.94
N ALA B 214 31.37 59.23 -24.20
CA ALA B 214 31.46 57.94 -23.52
C ALA B 214 31.76 58.07 -22.04
N SER B 215 32.27 59.20 -21.57
CA SER B 215 32.61 59.30 -20.15
C SER B 215 31.41 59.64 -19.30
N HIS B 216 30.27 59.97 -19.93
CA HIS B 216 29.06 60.40 -19.25
C HIS B 216 28.05 59.29 -19.22
N PRO B 217 27.21 59.31 -18.17
CA PRO B 217 26.11 58.35 -18.09
C PRO B 217 25.10 58.61 -19.18
N HIS B 218 24.43 57.54 -19.62
CA HIS B 218 23.39 57.66 -20.63
C HIS B 218 22.17 56.82 -20.27
N HIS B 219 21.06 57.16 -20.90
CA HIS B 219 19.80 56.41 -20.86
C HIS B 219 19.34 56.16 -22.28
N PHE B 220 19.16 54.89 -22.64
CA PHE B 220 18.78 54.59 -24.02
C PHE B 220 18.11 53.23 -24.13
N LEU B 221 17.36 53.07 -25.22
CA LEU B 221 16.83 51.76 -25.56
C LEU B 221 17.94 50.80 -25.91
N SER B 222 17.80 49.54 -25.48
CA SER B 222 18.82 48.53 -25.66
C SER B 222 18.22 47.13 -25.54
N VAL B 223 18.89 46.17 -26.17
CA VAL B 223 18.64 44.75 -25.99
C VAL B 223 19.32 44.31 -24.71
N THR B 224 18.66 43.44 -23.94
CA THR B 224 19.18 42.91 -22.68
C THR B 224 19.51 41.42 -22.79
N LYS B 225 20.17 40.91 -21.75
CA LYS B 225 20.63 39.52 -21.81
C LYS B 225 19.52 38.51 -21.98
N PRO B 226 18.31 38.69 -21.44
CA PRO B 226 17.22 37.75 -21.77
C PRO B 226 16.73 37.87 -23.21
N GLY B 227 17.19 38.87 -23.97
CA GLY B 227 16.81 39.02 -25.36
C GLY B 227 15.62 39.93 -25.63
N ILE B 228 15.18 40.70 -24.64
CA ILE B 228 14.09 41.64 -24.81
C ILE B 228 14.66 43.05 -24.84
N VAL B 229 13.85 43.99 -25.33
CA VAL B 229 14.31 45.38 -25.39
C VAL B 229 13.86 46.11 -24.14
N SER B 230 14.78 46.83 -23.51
CA SER B 230 14.49 47.63 -22.32
C SER B 230 15.20 48.98 -22.44
N ILE B 231 15.00 49.81 -21.43
CA ILE B 231 15.72 51.06 -21.24
C ILE B 231 16.85 50.78 -20.29
N VAL B 232 18.08 51.08 -20.69
CA VAL B 232 19.26 50.84 -19.87
C VAL B 232 19.83 52.18 -19.44
N GLY B 233 20.43 52.21 -18.25
CA GLY B 233 21.15 53.37 -17.74
C GLY B 233 22.61 53.05 -17.49
N THR B 234 23.54 53.83 -18.06
CA THR B 234 24.96 53.54 -17.89
C THR B 234 25.63 54.52 -16.95
N GLU B 235 26.85 54.17 -16.53
CA GLU B 235 27.60 54.97 -15.57
C GLU B 235 28.57 55.94 -16.21
N GLY B 236 28.96 55.71 -17.46
CA GLY B 236 30.04 56.48 -18.04
C GLY B 236 31.37 55.75 -17.96
N ASN B 237 32.15 55.83 -19.04
CA ASN B 237 33.42 55.13 -19.17
C ASN B 237 34.54 56.15 -19.34
N GLN B 238 35.34 56.35 -18.30
CA GLN B 238 36.47 57.27 -18.29
C GLN B 238 37.76 56.55 -18.63
N ASP B 239 37.68 55.30 -19.03
CA ASP B 239 38.88 54.53 -19.36
C ASP B 239 39.08 54.42 -20.86
N CYS B 240 38.65 55.40 -21.62
CA CYS B 240 38.72 55.31 -23.07
C CYS B 240 39.91 56.10 -23.60
N PHE B 241 40.26 55.83 -24.86
CA PHE B 241 41.46 56.36 -25.50
C PHE B 241 41.20 56.52 -27.00
N VAL B 242 42.15 57.15 -27.69
CA VAL B 242 42.04 57.38 -29.13
C VAL B 242 43.01 56.48 -29.89
N ILE B 243 42.66 56.19 -31.13
CA ILE B 243 43.47 55.37 -32.02
C ILE B 243 43.86 56.18 -33.25
N LEU B 244 45.17 56.38 -33.45
CA LEU B 244 45.69 57.01 -34.67
C LEU B 244 45.82 55.98 -35.78
N ARG B 245 45.10 56.17 -36.88
CA ARG B 245 45.04 55.10 -37.87
C ARG B 245 45.16 55.61 -39.31
N GLY B 246 45.79 56.78 -39.52
CA GLY B 246 45.91 57.37 -40.84
C GLY B 246 44.61 57.99 -41.34
N GLY B 247 44.62 58.36 -42.62
CA GLY B 247 43.48 59.01 -43.24
C GLY B 247 43.92 59.89 -44.38
N LYS B 248 42.97 60.70 -44.88
CA LYS B 248 43.18 61.43 -46.12
C LYS B 248 44.38 62.39 -46.04
N GLN B 249 44.71 62.86 -44.84
CA GLN B 249 45.89 63.69 -44.61
C GLN B 249 47.19 62.89 -44.55
N GLY B 250 47.16 61.58 -44.81
CA GLY B 250 48.33 60.73 -44.75
C GLY B 250 48.42 59.93 -43.45
N THR B 251 49.59 59.36 -43.25
CA THR B 251 49.83 58.58 -42.06
C THR B 251 50.00 59.52 -40.88
N ASN B 252 49.68 59.04 -39.67
CA ASN B 252 49.74 59.90 -38.50
C ASN B 252 50.36 59.16 -37.33
N TYR B 253 51.34 58.31 -37.60
CA TYR B 253 52.07 57.65 -36.52
C TYR B 253 53.33 58.38 -36.09
N ASP B 254 53.81 59.34 -36.90
CA ASP B 254 55.08 60.02 -36.68
C ASP B 254 55.04 60.95 -35.46
N ALA B 255 56.23 61.31 -34.98
CA ALA B 255 56.33 62.14 -33.79
C ALA B 255 55.57 63.45 -33.93
N LYS B 256 55.47 63.99 -35.14
CA LYS B 256 54.77 65.25 -35.32
C LYS B 256 53.27 65.07 -35.12
N SER B 257 52.71 64.02 -35.71
CA SER B 257 51.29 63.73 -35.55
C SER B 257 50.96 63.41 -34.08
N VAL B 258 51.82 62.66 -33.41
CA VAL B 258 51.63 62.35 -31.99
C VAL B 258 51.66 63.63 -31.16
N LYS B 259 52.53 64.57 -31.50
CA LYS B 259 52.58 65.83 -30.76
C LYS B 259 51.29 66.62 -30.96
N GLU B 260 50.79 66.69 -32.19
CA GLU B 260 49.52 67.36 -32.45
C GLU B 260 48.39 66.69 -31.68
N THR B 261 48.39 65.36 -31.65
CA THR B 261 47.35 64.64 -30.93
C THR B 261 47.42 64.94 -29.44
N LYS B 262 48.64 64.94 -28.87
CA LYS B 262 48.78 65.28 -27.45
C LYS B 262 48.19 66.63 -27.15
N GLU B 263 48.50 67.62 -27.98
CA GLU B 263 48.03 68.97 -27.75
C GLU B 263 46.53 69.05 -27.89
N ALA B 264 45.97 68.35 -28.88
CA ALA B 264 44.53 68.37 -29.04
C ALA B 264 43.83 67.78 -27.81
N LEU B 265 44.34 66.65 -27.29
CA LEU B 265 43.76 66.04 -26.10
C LEU B 265 43.84 66.99 -24.91
N ALA B 266 44.98 67.68 -24.76
CA ALA B 266 45.12 68.60 -23.64
C ALA B 266 44.14 69.75 -23.78
N LYS B 267 44.05 70.31 -24.99
CA LYS B 267 43.14 71.42 -25.25
C LYS B 267 41.70 71.00 -25.00
N ALA B 268 41.35 69.77 -25.35
CA ALA B 268 39.99 69.33 -25.10
C ALA B 268 39.74 68.97 -23.65
N LYS B 269 40.74 69.13 -22.76
CA LYS B 269 40.61 68.82 -21.33
C LYS B 269 40.31 67.34 -21.07
N VAL B 270 40.89 66.48 -21.89
CA VAL B 270 40.77 65.02 -21.80
C VAL B 270 41.96 64.40 -21.09
N VAL B 271 43.11 65.05 -21.19
CA VAL B 271 44.34 64.63 -20.53
C VAL B 271 44.93 65.82 -19.80
N ASP B 272 45.23 65.64 -18.50
CA ASP B 272 45.93 66.70 -17.78
C ASP B 272 47.23 67.03 -18.49
N PRO B 273 47.38 68.25 -19.01
CA PRO B 273 48.60 68.58 -19.76
C PRO B 273 49.86 68.55 -18.90
N GLU B 274 49.74 68.64 -17.57
CA GLU B 274 50.89 68.69 -16.69
C GLU B 274 51.33 67.31 -16.18
N ASN B 275 50.36 66.43 -15.88
CA ASN B 275 50.61 65.03 -15.51
C ASN B 275 49.85 64.14 -16.48
N PRO B 276 50.47 63.73 -17.58
CA PRO B 276 49.72 63.14 -18.69
C PRO B 276 49.41 61.65 -18.49
N LYS B 277 48.14 61.29 -18.67
CA LYS B 277 47.88 59.85 -18.80
C LYS B 277 47.93 59.42 -20.26
N PRO B 278 48.54 58.27 -20.56
CA PRO B 278 48.69 57.84 -21.97
C PRO B 278 47.37 57.36 -22.56
N ARG B 279 46.91 58.05 -23.59
CA ARG B 279 45.62 57.75 -24.20
C ARG B 279 45.70 57.67 -25.72
N ILE B 280 46.90 57.51 -26.27
CA ILE B 280 47.10 57.45 -27.71
C ILE B 280 47.57 56.05 -28.06
N MET B 281 46.78 55.34 -28.84
CA MET B 281 47.19 54.07 -29.40
C MET B 281 47.43 54.24 -30.90
N VAL B 282 48.55 53.72 -31.38
CA VAL B 282 48.96 53.80 -32.78
C VAL B 282 48.64 52.48 -33.48
N ASP B 283 47.73 52.54 -34.44
CA ASP B 283 47.45 51.43 -35.33
C ASP B 283 48.54 51.37 -36.40
N CYS B 284 49.28 50.27 -36.45
CA CYS B 284 50.37 50.12 -37.41
C CYS B 284 49.90 49.65 -38.77
N SER B 285 48.62 49.35 -38.94
CA SER B 285 48.14 48.78 -40.18
C SER B 285 47.23 49.79 -40.85
N HIS B 286 46.44 49.32 -41.82
CA HIS B 286 45.33 50.08 -42.42
C HIS B 286 45.90 51.36 -43.03
N GLY B 287 45.38 52.54 -42.69
CA GLY B 287 45.89 53.76 -43.30
C GLY B 287 47.36 53.98 -43.02
N ASN B 288 47.81 53.62 -41.84
CA ASN B 288 49.18 53.98 -41.48
C ASN B 288 50.25 53.12 -42.15
N SER B 289 49.88 52.07 -42.87
CA SER B 289 50.87 51.24 -43.55
C SER B 289 50.72 51.29 -45.06
N ASN B 290 49.84 52.15 -45.59
CA ASN B 290 49.53 52.20 -47.02
C ASN B 290 49.00 50.87 -47.53
N LYS B 291 48.25 50.17 -46.66
CA LYS B 291 47.66 48.87 -46.97
C LYS B 291 48.71 47.93 -47.56
N ASN B 292 49.85 47.87 -46.89
CA ASN B 292 50.96 47.02 -47.26
C ASN B 292 51.55 46.48 -45.95
N HIS B 293 51.42 45.16 -45.75
CA HIS B 293 51.77 44.61 -44.45
C HIS B 293 53.25 44.75 -44.15
N LYS B 294 54.10 44.72 -45.19
CA LYS B 294 55.53 44.86 -44.93
C LYS B 294 55.88 46.19 -44.30
N ASN B 295 54.96 47.17 -44.33
CA ASN B 295 55.21 48.45 -43.69
C ASN B 295 54.93 48.45 -42.20
N GLN B 296 54.17 47.47 -41.70
CA GLN B 296 53.81 47.48 -40.29
C GLN B 296 55.01 47.48 -39.36
N PRO B 297 56.06 46.68 -39.58
CA PRO B 297 57.22 46.77 -38.68
C PRO B 297 57.92 48.11 -38.73
N LEU B 298 57.87 48.82 -39.87
CA LEU B 298 58.50 50.13 -39.93
C LEU B 298 57.73 51.14 -39.09
N VAL B 299 56.39 51.12 -39.17
CA VAL B 299 55.60 51.99 -38.32
C VAL B 299 55.91 51.71 -36.87
N ALA B 300 55.98 50.43 -36.52
CA ALA B 300 56.25 50.02 -35.14
C ALA B 300 57.63 50.48 -34.68
N ALA B 301 58.65 50.31 -35.53
CA ALA B 301 59.97 50.80 -35.20
C ALA B 301 59.94 52.31 -34.98
N ASP B 302 59.15 53.03 -35.79
CA ASP B 302 59.08 54.48 -35.62
C ASP B 302 58.49 54.85 -34.26
N VAL B 303 57.43 54.15 -33.85
CA VAL B 303 56.83 54.34 -32.52
C VAL B 303 57.82 53.97 -31.42
N ALA B 304 58.52 52.85 -31.60
CA ALA B 304 59.56 52.44 -30.65
C ALA B 304 60.64 53.49 -30.51
N LYS B 305 61.02 54.12 -31.62
CA LYS B 305 62.01 55.19 -31.58
C LYS B 305 61.54 56.30 -30.67
N GLN B 306 60.27 56.70 -30.80
CA GLN B 306 59.70 57.75 -29.94
C GLN B 306 59.68 57.32 -28.49
N ILE B 307 59.25 56.08 -28.21
CA ILE B 307 59.19 55.58 -26.84
C ILE B 307 60.57 55.59 -26.21
N SER B 308 61.55 55.07 -26.93
CA SER B 308 62.90 54.98 -26.41
C SER B 308 63.50 56.36 -26.14
N GLU B 309 63.05 57.37 -26.87
CA GLU B 309 63.53 58.73 -26.69
C GLU B 309 62.73 59.54 -25.67
N GLY B 310 61.73 58.94 -25.03
CA GLY B 310 61.04 59.53 -23.89
C GLY B 310 59.56 59.77 -24.08
N GLU B 311 58.99 59.45 -25.24
CA GLU B 311 57.56 59.60 -25.44
C GLU B 311 56.78 58.81 -24.38
N ASP B 312 55.85 59.49 -23.70
CA ASP B 312 55.13 58.91 -22.57
C ASP B 312 53.61 59.04 -22.70
N GLN B 313 53.10 59.40 -23.85
CA GLN B 313 51.66 59.49 -24.02
C GLN B 313 51.12 58.47 -25.02
N ILE B 314 51.98 57.66 -25.62
CA ILE B 314 51.55 56.53 -26.41
C ILE B 314 51.30 55.37 -25.47
N CYS B 315 50.06 54.93 -25.39
CA CYS B 315 49.68 53.82 -24.51
C CYS B 315 49.84 52.45 -25.17
N GLY B 316 49.91 52.37 -26.50
CA GLY B 316 50.07 51.06 -27.12
C GLY B 316 50.09 51.11 -28.63
N LEU B 317 50.09 49.91 -29.22
CA LEU B 317 50.06 49.73 -30.66
C LEU B 317 49.06 48.65 -31.00
N MET B 318 48.52 48.71 -32.20
CA MET B 318 47.76 47.62 -32.80
C MET B 318 48.55 47.11 -34.00
N ILE B 319 48.67 45.79 -34.14
CA ILE B 319 49.41 45.18 -35.26
C ILE B 319 48.58 44.03 -35.80
N GLU B 320 48.47 43.93 -37.12
CA GLU B 320 47.80 42.82 -37.77
C GLU B 320 48.83 41.71 -38.03
N SER B 321 48.67 40.58 -37.35
CA SER B 321 49.68 39.53 -37.30
C SER B 321 49.01 38.16 -37.37
N ASN B 322 49.62 37.26 -38.13
CA ASN B 322 49.08 35.94 -38.29
C ASN B 322 50.22 34.93 -38.28
N ILE B 323 49.87 33.65 -38.39
CA ILE B 323 50.89 32.62 -38.41
C ILE B 323 51.78 32.79 -39.65
N ASN B 324 51.16 32.94 -40.81
CA ASN B 324 51.83 33.16 -42.08
C ASN B 324 51.45 34.52 -42.63
N GLU B 325 52.41 35.17 -43.26
CA GLU B 325 52.22 36.53 -43.72
C GLU B 325 51.29 36.58 -44.94
N GLY B 326 50.85 37.80 -45.26
CA GLY B 326 50.10 38.04 -46.47
C GLY B 326 48.61 37.76 -46.31
N ARG B 327 47.98 37.38 -47.43
CA ARG B 327 46.54 37.14 -47.45
C ARG B 327 46.25 36.23 -48.64
N GLN B 328 45.00 35.82 -48.73
CA GLN B 328 44.54 34.92 -49.78
C GLN B 328 43.05 35.16 -50.00
N ASP B 329 42.58 34.91 -51.21
CA ASP B 329 41.16 34.90 -51.46
C ASP B 329 40.62 33.51 -51.16
N VAL B 330 39.32 33.44 -50.92
CA VAL B 330 38.65 32.17 -50.68
C VAL B 330 38.38 31.54 -52.03
N PRO B 331 38.95 30.38 -52.34
CA PRO B 331 38.76 29.79 -53.67
C PRO B 331 37.29 29.65 -53.99
N PRO B 332 36.92 29.67 -55.27
CA PRO B 332 35.53 29.38 -55.64
C PRO B 332 35.17 27.96 -55.25
N ALA B 333 33.86 27.68 -55.27
CA ALA B 333 33.39 26.37 -54.83
C ALA B 333 33.81 25.27 -55.80
N ASP B 334 33.94 25.58 -57.09
CA ASP B 334 34.42 24.59 -58.04
C ASP B 334 35.92 24.35 -57.90
N LYS B 335 36.66 25.30 -57.34
CA LYS B 335 38.09 25.13 -57.10
C LYS B 335 38.42 24.67 -55.68
N GLY B 336 37.42 24.33 -54.86
CA GLY B 336 37.71 23.84 -53.53
C GLY B 336 37.00 24.53 -52.39
N GLY B 337 36.70 25.83 -52.56
CA GLY B 337 36.03 26.54 -51.49
C GLY B 337 36.95 26.77 -50.29
N LYS B 338 36.31 26.91 -49.13
CA LYS B 338 37.05 27.19 -47.90
C LYS B 338 38.07 26.10 -47.60
N GLU B 339 37.78 24.87 -48.04
CA GLU B 339 38.66 23.75 -47.72
C GLU B 339 40.00 23.86 -48.44
N ALA B 340 40.09 24.66 -49.49
CA ALA B 340 41.32 24.85 -50.25
C ALA B 340 42.16 26.01 -49.73
N LEU B 341 41.83 26.55 -48.55
CA LEU B 341 42.57 27.67 -48.00
C LEU B 341 43.92 27.22 -47.42
N LYS B 342 44.93 28.06 -47.56
CA LYS B 342 46.18 27.86 -46.83
C LYS B 342 45.94 28.10 -45.35
N TYR B 343 46.49 27.22 -44.52
CA TYR B 343 46.38 27.37 -43.07
C TYR B 343 47.13 28.61 -42.55
N GLY B 344 46.53 29.27 -41.56
CA GLY B 344 47.19 30.35 -40.85
C GLY B 344 47.45 31.56 -41.71
N CYS B 345 46.59 31.80 -42.71
CA CYS B 345 46.77 32.92 -43.59
C CYS B 345 45.47 33.68 -43.71
N SER B 346 45.54 35.00 -43.51
CA SER B 346 44.35 35.84 -43.51
C SER B 346 43.57 35.77 -44.82
N ILE B 347 42.25 35.82 -44.70
CA ILE B 347 41.40 36.00 -45.86
C ILE B 347 40.85 37.41 -45.94
N THR B 348 41.25 38.27 -45.02
CA THR B 348 40.90 39.69 -45.15
C THR B 348 42.19 40.51 -45.36
N ASP B 349 42.52 41.41 -44.44
CA ASP B 349 43.74 42.20 -44.61
C ASP B 349 44.97 41.32 -44.49
N ALA B 350 45.99 41.66 -45.26
CA ALA B 350 47.29 41.00 -45.14
C ALA B 350 47.90 41.27 -43.76
N CYS B 351 48.55 40.26 -43.20
CA CYS B 351 49.20 40.38 -41.92
C CYS B 351 50.70 40.14 -42.03
N ILE B 352 51.44 40.66 -41.05
CA ILE B 352 52.78 40.14 -40.89
C ILE B 352 52.71 38.74 -40.26
N GLY B 353 53.65 37.89 -40.63
CA GLY B 353 53.74 36.54 -40.12
C GLY B 353 54.37 36.50 -38.76
N ILE B 354 54.54 35.26 -38.28
CA ILE B 354 55.05 35.02 -36.93
C ILE B 354 56.49 35.49 -36.79
N ASP B 355 57.32 35.41 -37.85
CA ASP B 355 58.70 35.89 -37.77
C ASP B 355 58.74 37.41 -37.55
N ASP B 356 58.09 38.18 -38.43
CA ASP B 356 58.04 39.63 -38.22
C ASP B 356 57.48 39.98 -36.85
N THR B 357 56.51 39.18 -36.37
CA THR B 357 55.87 39.45 -35.09
C THR B 357 56.87 39.40 -33.95
N GLU B 358 57.68 38.35 -33.91
CA GLU B 358 58.69 38.24 -32.85
C GLU B 358 59.67 39.40 -32.93
N SER B 359 60.05 39.79 -34.14
CA SER B 359 60.99 40.90 -34.30
C SER B 359 60.36 42.21 -33.81
N VAL B 360 59.14 42.51 -34.23
CA VAL B 360 58.48 43.74 -33.83
C VAL B 360 58.35 43.83 -32.29
N LEU B 361 57.94 42.72 -31.65
CA LEU B 361 57.79 42.71 -30.20
C LEU B 361 59.11 42.94 -29.49
N GLU B 362 60.19 42.32 -29.97
CA GLU B 362 61.50 42.52 -29.35
C GLU B 362 61.93 43.98 -29.45
N THR B 363 61.71 44.60 -30.61
CA THR B 363 62.01 46.02 -30.76
C THR B 363 61.24 46.85 -29.73
N LEU B 364 59.94 46.61 -29.62
CA LEU B 364 59.11 47.41 -28.71
C LEU B 364 59.55 47.24 -27.27
N ALA B 365 59.87 46.02 -26.87
CA ALA B 365 60.33 45.79 -25.50
C ALA B 365 61.65 46.51 -25.23
N GLN B 366 62.56 46.49 -26.21
CA GLN B 366 63.82 47.21 -26.05
C GLN B 366 63.57 48.71 -25.92
N ALA B 367 62.57 49.22 -26.64
CA ALA B 367 62.26 50.63 -26.54
C ALA B 367 61.81 50.99 -25.13
N ILE B 368 61.00 50.15 -24.50
CA ILE B 368 60.56 50.37 -23.13
C ILE B 368 61.73 50.34 -22.17
N LYS B 369 62.60 49.34 -22.34
CA LYS B 369 63.81 49.27 -21.53
C LYS B 369 64.64 50.53 -21.71
N ALA B 370 64.79 50.97 -22.97
CA ALA B 370 65.54 52.19 -23.25
C ALA B 370 64.95 53.38 -22.52
N ARG B 371 63.62 53.51 -22.54
CA ARG B 371 62.97 54.67 -21.91
C ARG B 371 63.15 54.63 -20.40
N ARG B 372 63.33 53.44 -19.81
CA ARG B 372 63.59 53.38 -18.38
C ARG B 372 65.00 53.88 -18.08
N GLY B 373 65.98 53.52 -18.91
CA GLY B 373 67.33 54.01 -18.79
C GLY B 373 67.40 55.49 -19.13
N LEU B 374 66.69 56.33 -18.38
CA LEU B 374 66.48 57.69 -18.82
C LEU B 374 65.88 58.53 -17.69
N ALA C 3 -11.34 41.67 -35.33
CA ALA C 3 -11.54 41.44 -33.90
C ALA C 3 -10.25 41.60 -33.07
N MET C 4 -9.25 40.74 -33.31
CA MET C 4 -8.03 40.72 -32.51
C MET C 4 -6.86 41.43 -33.19
N PHE C 5 -5.86 41.78 -32.37
CA PHE C 5 -4.76 42.62 -32.85
C PHE C 5 -3.98 41.94 -33.96
N ILE C 6 -3.33 40.83 -33.66
CA ILE C 6 -2.70 39.99 -34.68
C ILE C 6 -3.69 38.88 -34.98
N GLN C 7 -4.24 38.88 -36.19
CA GLN C 7 -5.25 37.90 -36.58
C GLN C 7 -4.59 36.79 -37.39
N ASN C 8 -4.82 35.54 -37.01
CA ASN C 8 -4.37 34.41 -37.82
C ASN C 8 -5.15 34.38 -39.12
N GLU C 9 -4.50 34.76 -40.22
CA GLU C 9 -5.14 34.71 -41.52
C GLU C 9 -5.49 33.29 -41.93
N HIS C 10 -5.02 32.28 -41.19
CA HIS C 10 -5.18 30.89 -41.60
C HIS C 10 -6.03 30.08 -40.63
N VAL C 11 -6.79 30.77 -39.78
CA VAL C 11 -7.65 30.09 -38.82
C VAL C 11 -8.60 29.17 -39.55
N GLY C 12 -8.77 27.96 -39.02
CA GLY C 12 -9.66 26.98 -39.62
C GLY C 12 -9.14 26.26 -40.84
N ASP C 13 -7.92 26.55 -41.29
CA ASP C 13 -7.31 25.80 -42.38
C ASP C 13 -6.68 24.53 -41.79
N ARG C 14 -7.39 23.41 -41.88
CA ARG C 14 -6.92 22.21 -41.20
C ARG C 14 -5.67 21.60 -41.85
N SER C 15 -5.27 22.08 -43.02
CA SER C 15 -4.03 21.61 -43.61
C SER C 15 -2.81 22.14 -42.88
N ARG C 16 -2.99 23.01 -41.91
CA ARG C 16 -1.84 23.60 -41.24
C ARG C 16 -1.44 22.79 -40.01
N MET C 17 -0.19 22.96 -39.61
CA MET C 17 0.40 22.05 -38.65
C MET C 17 0.05 22.42 -37.21
N GLU C 18 -0.12 23.68 -36.88
CA GLU C 18 -0.32 23.92 -35.45
C GLU C 18 -1.20 25.11 -35.08
N ASP C 19 -1.68 25.94 -36.00
CA ASP C 19 -2.31 27.16 -35.51
C ASP C 19 -3.78 27.29 -35.87
N TRP C 20 -4.39 26.34 -36.58
CA TRP C 20 -5.70 26.64 -37.17
C TRP C 20 -6.84 26.68 -36.14
N ARG C 21 -6.60 26.44 -34.86
CA ARG C 21 -7.58 26.75 -33.83
C ARG C 21 -7.16 27.96 -33.01
N ILE C 22 -6.27 28.81 -33.54
CA ILE C 22 -5.91 30.09 -32.94
C ILE C 22 -6.55 31.20 -33.76
N ARG C 23 -7.42 32.01 -33.14
CA ARG C 23 -7.95 33.20 -33.80
C ARG C 23 -6.88 34.26 -33.98
N GLY C 24 -6.05 34.44 -32.96
CA GLY C 24 -4.99 35.44 -33.03
C GLY C 24 -4.48 35.76 -31.63
N TYR C 25 -3.79 36.90 -31.54
CA TYR C 25 -3.12 37.35 -30.33
C TYR C 25 -3.36 38.84 -30.10
N ASP C 26 -3.32 39.22 -28.83
CA ASP C 26 -3.30 40.59 -28.33
C ASP C 26 -2.02 40.82 -27.52
N PRO C 27 -1.37 41.97 -27.67
CA PRO C 27 -0.15 42.23 -26.88
C PRO C 27 -0.43 42.43 -25.40
N LEU C 28 0.56 42.09 -24.59
CA LEU C 28 0.45 42.10 -23.14
C LEU C 28 1.52 43.00 -22.54
N ALA C 29 1.15 43.86 -21.61
CA ALA C 29 2.19 44.55 -20.86
C ALA C 29 3.00 43.52 -20.07
N PRO C 30 4.34 43.56 -20.11
CA PRO C 30 5.11 42.69 -19.24
C PRO C 30 4.87 43.06 -17.78
N PRO C 31 4.95 42.09 -16.85
CA PRO C 31 4.75 42.38 -15.42
C PRO C 31 5.62 43.49 -14.88
N ASP C 32 6.88 43.52 -15.29
CA ASP C 32 7.75 44.64 -14.93
C ASP C 32 7.09 45.98 -15.26
N LEU C 33 6.45 46.09 -16.43
CA LEU C 33 5.89 47.36 -16.86
C LEU C 33 4.71 47.75 -15.97
N LEU C 34 3.81 46.80 -15.73
CA LEU C 34 2.62 47.04 -14.92
C LEU C 34 2.99 47.39 -13.49
N GLN C 35 4.03 46.76 -12.94
CA GLN C 35 4.45 47.08 -11.58
C GLN C 35 5.11 48.44 -11.50
N HIS C 36 5.76 48.86 -12.58
CA HIS C 36 6.34 50.19 -12.66
C HIS C 36 5.26 51.27 -12.65
N GLU C 37 4.18 51.04 -13.40
CA GLU C 37 3.10 52.03 -13.48
C GLU C 37 2.33 52.14 -12.16
N PHE C 38 2.21 51.03 -11.43
CA PHE C 38 1.41 50.96 -10.20
C PHE C 38 2.28 50.41 -9.08
N PRO C 39 3.24 51.18 -8.60
CA PRO C 39 4.18 50.67 -7.59
C PRO C 39 3.56 50.68 -6.22
N LEU C 40 4.22 50.00 -5.31
CA LEU C 40 3.81 49.97 -3.92
C LEU C 40 4.45 51.12 -3.18
N SER C 41 3.67 51.81 -2.37
CA SER C 41 4.13 52.74 -1.36
C SER C 41 4.59 51.97 -0.12
N ASP C 42 5.25 52.69 0.79
CA ASP C 42 5.62 52.08 2.06
C ASP C 42 4.42 51.59 2.85
N LYS C 43 3.28 52.27 2.73
CA LYS C 43 2.07 51.82 3.42
C LYS C 43 1.61 50.47 2.87
N ASN C 44 1.61 50.32 1.54
CA ASN C 44 1.35 48.99 0.96
C ASN C 44 2.29 47.95 1.57
N LYS C 45 3.60 48.23 1.54
CA LYS C 45 4.57 47.25 2.02
C LYS C 45 4.34 46.91 3.48
N ASP C 46 4.11 47.91 4.33
CA ASP C 46 3.89 47.62 5.74
C ASP C 46 2.69 46.72 5.96
N ILE C 47 1.58 47.02 5.30
CA ILE C 47 0.36 46.26 5.51
C ILE C 47 0.51 44.85 4.92
N ILE C 48 1.07 44.74 3.71
CA ILE C 48 1.22 43.42 3.09
C ILE C 48 2.17 42.54 3.91
N LEU C 49 3.30 43.11 4.34
CA LEU C 49 4.27 42.34 5.12
C LEU C 49 3.68 41.97 6.47
N LYS C 50 2.97 42.91 7.11
CA LYS C 50 2.31 42.60 8.37
C LYS C 50 1.26 41.51 8.17
N GLY C 51 0.51 41.57 7.07
CA GLY C 51 -0.45 40.53 6.77
C GLY C 51 0.17 39.15 6.63
N ARG C 52 1.35 39.07 5.99
CA ARG C 52 2.04 37.80 5.86
C ARG C 52 2.57 37.31 7.19
N GLU C 53 3.18 38.21 7.98
CA GLU C 53 3.73 37.80 9.27
C GLU C 53 2.64 37.28 10.20
N ASP C 54 1.50 37.98 10.23
CA ASP C 54 0.42 37.58 11.11
C ASP C 54 -0.17 36.25 10.69
N THR C 55 -0.28 36.01 9.40
CA THR C 55 -0.73 34.70 8.94
C THR C 55 0.25 33.60 9.34
N CYS C 56 1.55 33.82 9.14
CA CYS C 56 2.53 32.78 9.51
C CYS C 56 2.51 32.51 11.01
N ASN C 57 2.45 33.56 11.83
CA ASN C 57 2.48 33.38 13.27
C ASN C 57 1.32 32.50 13.76
N ILE C 58 0.13 32.68 13.17
CA ILE C 58 -0.98 31.80 13.51
C ILE C 58 -0.70 30.39 13.02
N LEU C 59 -0.21 30.25 11.78
CA LEU C 59 0.07 28.96 11.19
C LEU C 59 1.20 28.25 11.91
N ASN C 60 2.03 28.95 12.68
CA ASN C 60 3.10 28.32 13.44
C ASN C 60 2.80 28.19 14.91
N GLY C 61 1.57 28.49 15.33
CA GLY C 61 1.19 28.38 16.72
C GLY C 61 1.84 29.38 17.64
N LYS C 62 2.27 30.51 17.12
CA LYS C 62 2.83 31.56 17.94
C LYS C 62 1.81 32.63 18.30
N ASP C 63 0.63 32.60 17.70
CA ASP C 63 -0.39 33.62 17.91
C ASP C 63 -1.77 32.95 17.98
N ASP C 64 -2.53 33.21 19.05
CA ASP C 64 -3.76 32.45 19.27
C ASP C 64 -5.00 33.11 18.66
N ARG C 65 -4.83 33.95 17.66
CA ARG C 65 -5.97 34.48 16.94
C ARG C 65 -6.35 33.52 15.81
N LEU C 66 -7.42 33.84 15.11
CA LEU C 66 -7.96 33.07 14.00
C LEU C 66 -7.75 33.85 12.71
N ILE C 67 -7.31 33.17 11.65
CA ILE C 67 -7.28 33.78 10.32
C ILE C 67 -8.69 33.80 9.75
N VAL C 68 -9.16 34.98 9.33
CA VAL C 68 -10.48 35.10 8.72
C VAL C 68 -10.32 35.69 7.34
N VAL C 69 -10.41 34.86 6.31
CA VAL C 69 -10.43 35.30 4.92
C VAL C 69 -11.88 35.52 4.53
N ILE C 70 -12.24 36.77 4.28
CA ILE C 70 -13.64 37.14 4.14
C ILE C 70 -13.77 38.26 3.12
N GLY C 71 -14.73 38.13 2.23
CA GLY C 71 -14.93 39.10 1.21
C GLY C 71 -15.77 38.52 0.11
N PRO C 72 -15.97 39.32 -0.95
CA PRO C 72 -16.84 38.88 -2.05
C PRO C 72 -16.36 37.61 -2.69
N CYS C 73 -17.31 36.85 -3.24
CA CYS C 73 -16.96 35.70 -4.04
C CYS C 73 -16.00 36.11 -5.16
N SER C 74 -16.40 37.13 -5.92
CA SER C 74 -15.53 37.72 -6.94
C SER C 74 -15.82 39.22 -7.05
N ILE C 75 -14.80 39.98 -7.36
CA ILE C 75 -14.93 41.43 -7.48
C ILE C 75 -15.22 41.77 -8.93
N HIS C 76 -16.40 42.32 -9.18
CA HIS C 76 -16.72 42.86 -10.49
C HIS C 76 -16.77 44.37 -10.51
N ASP C 77 -16.70 45.01 -9.33
CA ASP C 77 -16.93 46.44 -9.19
C ASP C 77 -15.89 47.01 -8.22
N PRO C 78 -14.79 47.55 -8.73
CA PRO C 78 -13.72 48.06 -7.85
C PRO C 78 -14.21 49.10 -6.84
N GLU C 79 -15.13 49.96 -7.25
CA GLU C 79 -15.68 50.94 -6.33
C GLU C 79 -16.39 50.27 -5.15
N ALA C 80 -17.26 49.31 -5.43
CA ALA C 80 -17.93 48.58 -4.36
C ALA C 80 -16.91 47.82 -3.50
N ALA C 81 -15.84 47.29 -4.11
CA ALA C 81 -14.85 46.55 -3.32
C ALA C 81 -14.11 47.47 -2.36
N LEU C 82 -13.85 48.74 -2.78
CA LEU C 82 -13.16 49.67 -1.90
C LEU C 82 -14.02 50.10 -0.72
N ASP C 83 -15.31 50.37 -0.99
CA ASP C 83 -16.29 50.62 0.05
C ASP C 83 -16.33 49.46 1.05
N TYR C 84 -16.40 48.23 0.54
CA TYR C 84 -16.43 47.05 1.39
C TYR C 84 -15.20 47.00 2.27
N ALA C 85 -14.05 47.31 1.68
CA ALA C 85 -12.79 47.30 2.39
C ALA C 85 -12.81 48.32 3.52
N ASP C 86 -13.43 49.47 3.31
CA ASP C 86 -13.53 50.43 4.41
C ASP C 86 -14.35 49.88 5.55
N ARG C 87 -15.45 49.20 5.25
CA ARG C 87 -16.28 48.60 6.31
C ARG C 87 -15.54 47.49 7.02
N LEU C 88 -14.88 46.62 6.25
CA LEU C 88 -14.19 45.51 6.86
C LEU C 88 -13.01 46.00 7.68
N HIS C 89 -12.38 47.09 7.25
CA HIS C 89 -11.26 47.64 7.99
C HIS C 89 -11.68 48.01 9.41
N LYS C 90 -12.86 48.64 9.56
CA LYS C 90 -13.37 49.00 10.88
C LYS C 90 -13.65 47.75 11.72
N LEU C 91 -14.36 46.78 11.16
CA LEU C 91 -14.59 45.52 11.87
C LEU C 91 -13.28 44.92 12.30
N SER C 92 -12.25 45.05 11.46
CA SER C 92 -10.93 44.51 11.74
C SER C 92 -10.28 45.18 12.95
N GLU C 93 -10.41 46.49 13.07
CA GLU C 93 -9.83 47.15 14.24
C GLU C 93 -10.53 46.72 15.51
N LYS C 94 -11.84 46.48 15.45
CA LYS C 94 -12.56 46.07 16.64
C LYS C 94 -12.09 44.69 17.13
N HIS C 95 -11.84 43.77 16.20
CA HIS C 95 -11.59 42.40 16.56
C HIS C 95 -10.12 41.98 16.47
N LYS C 96 -9.19 42.93 16.25
CA LYS C 96 -7.79 42.58 16.00
C LYS C 96 -7.15 41.83 17.16
N GLY C 97 -7.72 41.93 18.37
CA GLY C 97 -7.26 41.16 19.51
C GLY C 97 -7.49 39.66 19.37
N GLU C 98 -8.49 39.27 18.59
CA GLU C 98 -8.91 37.90 18.45
C GLU C 98 -8.86 37.38 17.02
N LEU C 99 -9.04 38.23 16.02
CA LEU C 99 -9.13 37.83 14.63
C LEU C 99 -8.11 38.60 13.82
N HIS C 100 -7.42 37.87 12.93
CA HIS C 100 -6.56 38.41 11.89
C HIS C 100 -7.37 38.39 10.59
N ILE C 101 -7.94 39.55 10.23
CA ILE C 101 -8.87 39.69 9.12
C ILE C 101 -8.07 39.98 7.86
N VAL C 102 -8.32 39.20 6.81
CA VAL C 102 -7.70 39.35 5.51
C VAL C 102 -8.85 39.38 4.53
N MET C 103 -8.90 40.41 3.69
CA MET C 103 -10.01 40.56 2.77
C MET C 103 -9.83 39.63 1.59
N ARG C 104 -10.90 38.93 1.23
CA ARG C 104 -10.91 38.12 0.02
C ARG C 104 -10.98 39.02 -1.22
N ALA C 105 -9.90 39.01 -2.00
CA ALA C 105 -9.82 39.82 -3.24
C ALA C 105 -9.70 38.89 -4.43
N TYR C 106 -10.73 38.12 -4.73
CA TYR C 106 -10.69 37.18 -5.84
C TYR C 106 -11.30 37.81 -7.07
N LEU C 107 -10.70 37.54 -8.21
CA LEU C 107 -11.06 38.20 -9.45
C LEU C 107 -11.88 37.33 -10.39
N GLU C 108 -11.91 36.01 -10.18
CA GLU C 108 -12.54 35.09 -11.12
C GLU C 108 -13.21 33.93 -10.42
N LYS C 109 -14.36 33.50 -11.00
CA LYS C 109 -15.03 32.27 -10.64
C LYS C 109 -14.81 31.22 -11.72
N PRO C 110 -14.10 30.11 -11.43
CA PRO C 110 -13.93 29.05 -12.44
C PRO C 110 -15.27 28.46 -12.87
N ARG C 111 -15.38 28.10 -14.16
CA ARG C 111 -16.58 27.41 -14.67
C ARG C 111 -16.35 26.76 -16.02
N TRP C 116 -19.32 34.39 -17.09
CA TRP C 116 -18.41 35.49 -16.78
C TRP C 116 -17.13 34.94 -16.23
N LYS C 117 -16.04 35.35 -16.85
CA LYS C 117 -14.73 34.84 -16.52
C LYS C 117 -14.05 35.59 -15.38
N GLY C 118 -14.56 36.75 -14.96
CA GLY C 118 -13.94 37.50 -13.87
C GLY C 118 -13.31 38.82 -14.34
N LEU C 119 -12.77 39.56 -13.36
CA LEU C 119 -12.38 40.95 -13.57
C LEU C 119 -11.21 41.06 -14.54
N ILE C 120 -10.19 40.23 -14.38
CA ILE C 120 -9.03 40.28 -15.23
C ILE C 120 -9.39 39.86 -16.65
N ASN C 121 -10.08 38.74 -16.77
CA ASN C 121 -10.38 38.18 -18.08
C ASN C 121 -11.36 39.04 -18.86
N ASP C 122 -12.37 39.63 -18.18
CA ASP C 122 -13.43 40.39 -18.85
C ASP C 122 -13.89 41.52 -17.94
N PRO C 123 -13.08 42.57 -17.80
CA PRO C 123 -13.44 43.66 -16.86
C PRO C 123 -14.71 44.40 -17.20
N ASP C 124 -15.05 44.53 -18.48
CA ASP C 124 -16.25 45.26 -18.85
C ASP C 124 -17.51 44.43 -18.71
N ILE C 125 -17.37 43.13 -18.40
CA ILE C 125 -18.51 42.25 -18.16
C ILE C 125 -19.41 42.25 -19.38
N ASP C 126 -18.82 42.17 -20.57
CA ASP C 126 -19.64 42.28 -21.77
C ASP C 126 -19.22 41.30 -22.87
N GLY C 127 -18.53 40.23 -22.53
CA GLY C 127 -18.08 39.35 -23.56
C GLY C 127 -16.99 39.93 -24.43
N SER C 128 -16.59 41.18 -24.20
CA SER C 128 -15.32 41.61 -24.77
C SER C 128 -14.27 41.13 -23.80
N PHE C 129 -13.10 40.83 -24.30
CA PHE C 129 -12.05 40.31 -23.44
C PHE C 129 -10.94 41.32 -23.47
N GLN C 130 -10.69 41.97 -22.36
CA GLN C 130 -9.76 43.07 -22.35
C GLN C 130 -8.79 42.82 -21.22
N ILE C 131 -8.01 41.77 -21.40
CA ILE C 131 -7.21 41.26 -20.31
C ILE C 131 -6.17 42.29 -19.90
N ASN C 132 -5.55 42.95 -20.87
CA ASN C 132 -4.54 43.94 -20.54
C ASN C 132 -5.11 45.03 -19.65
N LYS C 133 -6.27 45.57 -20.03
CA LYS C 133 -6.99 46.52 -19.19
C LYS C 133 -7.36 45.90 -17.85
N GLY C 134 -7.84 44.65 -17.88
CA GLY C 134 -8.23 43.98 -16.64
C GLY C 134 -7.08 43.86 -15.67
N LEU C 135 -5.88 43.59 -16.18
CA LEU C 135 -4.71 43.52 -15.31
C LEU C 135 -4.44 44.88 -14.68
N ARG C 136 -4.58 45.96 -15.48
CA ARG C 136 -4.42 47.32 -14.97
C ARG C 136 -5.45 47.64 -13.91
N ILE C 137 -6.74 47.42 -14.23
CA ILE C 137 -7.81 47.66 -13.24
C ILE C 137 -7.54 46.86 -11.97
N ALA C 138 -7.18 45.58 -12.14
CA ALA C 138 -6.94 44.71 -11.00
C ALA C 138 -5.78 45.22 -10.15
N ARG C 139 -4.66 45.57 -10.77
CA ARG C 139 -3.52 45.94 -9.93
C ARG C 139 -3.76 47.25 -9.21
N LYS C 140 -4.35 48.24 -9.91
CA LYS C 140 -4.60 49.53 -9.26
C LYS C 140 -5.54 49.37 -8.09
N MET C 141 -6.59 48.57 -8.25
CA MET C 141 -7.50 48.32 -7.13
C MET C 141 -6.77 47.62 -5.98
N PHE C 142 -5.89 46.66 -6.29
CA PHE C 142 -5.17 45.97 -5.22
C PHE C 142 -4.25 46.92 -4.48
N VAL C 143 -3.65 47.88 -5.18
CA VAL C 143 -2.79 48.87 -4.54
C VAL C 143 -3.63 49.75 -3.60
N GLN C 144 -4.86 50.06 -4.01
CA GLN C 144 -5.78 50.79 -3.13
C GLN C 144 -6.27 49.93 -1.96
N LEU C 145 -6.61 48.66 -2.20
CA LEU C 145 -7.07 47.78 -1.12
C LEU C 145 -6.03 47.65 -0.01
N THR C 146 -4.77 47.46 -0.38
CA THR C 146 -3.73 47.16 0.58
C THR C 146 -3.15 48.40 1.22
N GLU C 147 -3.74 49.54 0.95
CA GLU C 147 -3.52 50.70 1.80
C GLU C 147 -4.46 50.71 2.99
N LYS C 148 -5.41 49.79 3.03
CA LYS C 148 -6.37 49.64 4.09
C LYS C 148 -6.14 48.38 4.90
N LEU C 149 -5.97 47.23 4.23
CA LEU C 149 -5.87 45.97 4.95
C LEU C 149 -5.25 44.93 4.02
N PRO C 150 -4.73 43.84 4.57
CA PRO C 150 -4.14 42.79 3.73
C PRO C 150 -5.23 42.06 2.94
N ILE C 151 -4.82 41.44 1.82
CA ILE C 151 -5.77 40.79 0.92
C ILE C 151 -5.36 39.35 0.60
N ALA C 152 -6.35 38.56 0.23
CA ALA C 152 -6.18 37.15 -0.10
C ALA C 152 -6.58 36.89 -1.54
N GLY C 153 -5.82 36.01 -2.21
CA GLY C 153 -6.07 35.68 -3.59
C GLY C 153 -6.23 34.21 -3.88
N GLU C 154 -6.84 33.90 -5.01
CA GLU C 154 -6.90 32.57 -5.58
C GLU C 154 -6.01 32.52 -6.82
N MET C 155 -5.07 31.58 -6.85
CA MET C 155 -4.22 31.40 -8.02
C MET C 155 -4.88 30.36 -8.89
N LEU C 156 -5.63 30.82 -9.87
CA LEU C 156 -6.22 29.86 -10.80
C LEU C 156 -5.29 29.61 -11.96
N ASP C 157 -4.45 30.57 -12.30
CA ASP C 157 -3.53 30.36 -13.40
C ASP C 157 -2.13 30.67 -12.88
N THR C 158 -1.15 30.40 -13.72
CA THR C 158 0.23 30.46 -13.29
C THR C 158 0.98 31.67 -13.82
N ILE C 159 0.40 32.41 -14.76
CA ILE C 159 1.03 33.58 -15.34
C ILE C 159 0.68 34.84 -14.56
N SER C 160 -0.60 35.07 -14.36
CA SER C 160 -1.07 36.31 -13.73
C SER C 160 -0.50 36.54 -12.32
N PRO C 161 -0.07 35.53 -11.58
CA PRO C 161 0.69 35.84 -10.35
C PRO C 161 1.91 36.71 -10.56
N GLN C 162 2.55 36.66 -11.74
CA GLN C 162 3.70 37.55 -11.97
C GLN C 162 3.32 39.04 -11.89
N PHE C 163 2.07 39.38 -12.24
CA PHE C 163 1.62 40.77 -12.22
C PHE C 163 1.17 41.25 -10.84
N LEU C 164 0.76 40.33 -9.95
CA LEU C 164 0.01 40.67 -8.75
C LEU C 164 0.57 40.11 -7.45
N SER C 165 1.57 39.21 -7.50
CA SER C 165 1.89 38.45 -6.31
C SER C 165 2.56 39.28 -5.23
N ASP C 166 3.03 40.49 -5.54
CA ASP C 166 3.59 41.26 -4.44
C ASP C 166 2.51 41.81 -3.50
N LEU C 167 1.24 41.68 -3.87
CA LEU C 167 0.16 42.33 -3.14
C LEU C 167 -0.53 41.43 -2.13
N PHE C 168 -0.40 40.11 -2.25
CA PHE C 168 -1.10 39.16 -1.41
C PHE C 168 -0.37 38.87 -0.10
N SER C 169 -1.17 38.70 0.95
CA SER C 169 -0.65 38.21 2.21
C SER C 169 -0.96 36.74 2.48
N VAL C 170 -1.78 36.11 1.63
CA VAL C 170 -2.16 34.71 1.75
C VAL C 170 -2.86 34.36 0.45
N GLY C 171 -2.80 33.09 0.05
CA GLY C 171 -3.39 32.66 -1.20
C GLY C 171 -4.00 31.29 -1.07
N ALA C 172 -4.75 30.90 -2.10
CA ALA C 172 -5.37 29.58 -2.12
C ALA C 172 -5.33 28.99 -3.51
N ILE C 173 -5.18 27.68 -3.57
CA ILE C 173 -5.32 26.99 -4.84
C ILE C 173 -6.76 26.51 -4.96
N GLY C 174 -7.39 26.79 -6.09
CA GLY C 174 -8.70 26.27 -6.40
C GLY C 174 -8.83 24.77 -6.30
N ALA C 175 -10.00 24.30 -5.87
CA ALA C 175 -10.20 22.87 -5.73
C ALA C 175 -9.93 22.15 -7.05
N ARG C 176 -10.34 22.75 -8.16
CA ARG C 176 -10.16 22.13 -9.46
C ARG C 176 -8.69 22.06 -9.88
N THR C 177 -7.77 22.63 -9.11
CA THR C 177 -6.36 22.51 -9.47
C THR C 177 -5.45 22.08 -8.31
N THR C 178 -6.01 21.60 -7.19
CA THR C 178 -5.17 21.11 -6.10
C THR C 178 -4.26 19.97 -6.54
N GLU C 179 -4.70 19.14 -7.50
CA GLU C 179 -3.89 18.04 -8.01
C GLU C 179 -2.88 18.48 -9.07
N SER C 180 -2.97 19.70 -9.56
CA SER C 180 -2.15 20.19 -10.68
C SER C 180 -0.71 20.38 -10.26
N GLN C 181 0.21 19.66 -10.91
CA GLN C 181 1.63 19.89 -10.65
C GLN C 181 1.99 21.36 -10.84
N LEU C 182 1.37 22.01 -11.85
CA LEU C 182 1.64 23.44 -12.08
C LEU C 182 1.34 24.27 -10.84
N HIS C 183 0.20 24.01 -10.17
CA HIS C 183 -0.13 24.85 -9.03
C HIS C 183 0.67 24.48 -7.79
N ARG C 184 1.12 23.23 -7.68
CA ARG C 184 1.97 22.89 -6.55
C ARG C 184 3.35 23.54 -6.70
N GLU C 185 3.94 23.47 -7.89
CA GLU C 185 5.21 24.15 -8.13
C GLU C 185 5.05 25.64 -7.90
N LEU C 186 3.98 26.23 -8.43
CA LEU C 186 3.71 27.64 -8.21
C LEU C 186 3.76 27.98 -6.72
N ALA C 187 3.04 27.20 -5.90
CA ALA C 187 2.99 27.47 -4.46
C ALA C 187 4.35 27.37 -3.78
N SER C 188 5.26 26.53 -4.31
CA SER C 188 6.58 26.34 -3.69
C SER C 188 7.49 27.56 -3.83
N GLY C 189 7.13 28.52 -4.70
CA GLY C 189 7.87 29.73 -4.96
C GLY C 189 7.20 31.05 -4.55
N LEU C 190 5.96 31.01 -4.06
CA LEU C 190 5.27 32.22 -3.62
C LEU C 190 5.80 32.71 -2.26
N SER C 191 5.68 34.03 -2.01
CA SER C 191 6.21 34.66 -0.80
C SER C 191 5.20 34.72 0.35
N PHE C 192 4.14 33.93 0.32
CA PHE C 192 3.11 34.01 1.34
C PHE C 192 2.49 32.64 1.50
N PRO C 193 1.80 32.38 2.63
CA PRO C 193 1.19 31.06 2.84
C PRO C 193 0.11 30.77 1.82
N VAL C 194 0.03 29.50 1.43
CA VAL C 194 -0.92 29.06 0.42
C VAL C 194 -1.77 27.91 0.98
N GLY C 195 -3.07 27.95 0.73
CA GLY C 195 -3.98 26.93 1.20
C GLY C 195 -4.46 26.07 0.04
N PHE C 196 -4.58 24.76 0.31
CA PHE C 196 -5.01 23.76 -0.67
C PHE C 196 -6.34 23.16 -0.25
N LYS C 197 -7.32 23.25 -1.14
CA LYS C 197 -8.66 22.78 -0.87
C LYS C 197 -8.76 21.28 -1.08
N ASN C 198 -9.58 20.62 -0.26
CA ASN C 198 -9.83 19.20 -0.51
C ASN C 198 -10.50 19.04 -1.86
N GLY C 199 -10.40 17.85 -2.42
CA GLY C 199 -10.90 17.63 -3.76
C GLY C 199 -12.40 17.80 -3.85
N THR C 200 -12.86 18.10 -5.07
CA THR C 200 -14.30 18.21 -5.33
C THR C 200 -15.08 16.97 -4.89
N ASP C 201 -14.46 15.78 -4.89
CA ASP C 201 -15.20 14.62 -4.41
C ASP C 201 -15.07 14.47 -2.90
N GLY C 202 -14.48 15.46 -2.24
CA GLY C 202 -14.37 15.53 -0.81
C GLY C 202 -13.22 14.80 -0.18
N THR C 203 -12.32 14.21 -0.96
CA THR C 203 -11.21 13.49 -0.35
C THR C 203 -10.15 14.48 0.10
N LEU C 204 -9.49 14.15 1.20
CA LEU C 204 -8.47 15.00 1.77
C LEU C 204 -7.07 14.70 1.22
N GLY C 205 -6.90 13.53 0.61
CA GLY C 205 -5.58 13.11 0.18
C GLY C 205 -4.89 14.12 -0.72
N VAL C 206 -5.58 14.56 -1.78
CA VAL C 206 -4.99 15.45 -2.76
C VAL C 206 -4.48 16.72 -2.11
N ALA C 207 -5.17 17.18 -1.08
CA ALA C 207 -4.74 18.42 -0.44
C ALA C 207 -3.51 18.19 0.44
N ILE C 208 -3.45 17.05 1.11
CA ILE C 208 -2.27 16.69 1.86
C ILE C 208 -1.08 16.52 0.93
N ASP C 209 -1.29 15.81 -0.19
CA ASP C 209 -0.26 15.63 -1.21
C ASP C 209 0.27 16.98 -1.69
N ALA C 210 -0.65 17.90 -1.99
CA ALA C 210 -0.24 19.22 -2.47
C ALA C 210 0.60 19.93 -1.42
N LEU C 211 0.20 19.84 -0.15
CA LEU C 211 0.97 20.47 0.91
C LEU C 211 2.40 19.97 0.91
N ARG C 212 2.58 18.67 0.79
CA ARG C 212 3.93 18.14 0.80
C ARG C 212 4.69 18.51 -0.46
N ALA C 213 4.04 18.42 -1.63
CA ALA C 213 4.74 18.77 -2.87
C ALA C 213 5.24 20.21 -2.79
N ALA C 214 4.38 21.11 -2.33
CA ALA C 214 4.69 22.53 -2.25
C ALA C 214 5.80 22.84 -1.24
N SER C 215 6.07 21.93 -0.32
CA SER C 215 7.11 22.22 0.68
C SER C 215 8.51 21.95 0.15
N HIS C 216 8.64 21.34 -1.04
CA HIS C 216 9.93 20.97 -1.63
C HIS C 216 10.34 21.94 -2.74
N PRO C 217 11.64 22.09 -2.98
CA PRO C 217 12.08 22.90 -4.12
C PRO C 217 11.67 22.24 -5.41
N HIS C 218 11.44 23.04 -6.43
CA HIS C 218 11.12 22.51 -7.76
C HIS C 218 11.94 23.23 -8.81
N HIS C 219 11.96 22.63 -10.00
CA HIS C 219 12.52 23.16 -11.23
C HIS C 219 11.48 23.01 -12.32
N PHE C 220 11.09 24.10 -12.95
CA PHE C 220 10.00 23.97 -13.91
C PHE C 220 9.98 25.18 -14.82
N LEU C 221 9.35 24.99 -15.98
CA LEU C 221 9.08 26.08 -16.91
C LEU C 221 8.09 27.09 -16.33
N SER C 222 8.35 28.38 -16.53
CA SER C 222 7.47 29.44 -16.03
C SER C 222 7.74 30.76 -16.74
N VAL C 223 6.77 31.62 -16.68
CA VAL C 223 6.91 33.00 -17.12
C VAL C 223 7.62 33.79 -16.04
N THR C 224 8.49 34.71 -16.45
CA THR C 224 9.26 35.57 -15.57
C THR C 224 8.81 37.02 -15.70
N LYS C 225 9.35 37.89 -14.84
CA LYS C 225 8.83 39.25 -14.80
C LYS C 225 9.05 40.03 -16.09
N PRO C 226 10.11 39.82 -16.88
CA PRO C 226 10.14 40.49 -18.19
C PRO C 226 9.19 39.89 -19.20
N GLY C 227 8.52 38.79 -18.88
CA GLY C 227 7.54 38.26 -19.79
C GLY C 227 8.05 37.20 -20.76
N ILE C 228 9.22 36.64 -20.50
CA ILE C 228 9.76 35.53 -21.26
C ILE C 228 9.66 34.28 -20.39
N VAL C 229 9.66 33.14 -21.06
CA VAL C 229 9.53 31.86 -20.38
C VAL C 229 10.93 31.36 -20.06
N SER C 230 11.16 30.95 -18.82
CA SER C 230 12.43 30.41 -18.36
C SER C 230 12.17 29.18 -17.48
N ILE C 231 13.28 28.64 -16.98
CA ILE C 231 13.30 27.57 -16.00
C ILE C 231 13.49 28.25 -14.63
N VAL C 232 12.58 27.98 -13.69
CA VAL C 232 12.63 28.59 -12.36
C VAL C 232 13.03 27.55 -11.34
N GLY C 233 13.76 27.99 -10.33
CA GLY C 233 14.07 27.18 -9.17
C GLY C 233 13.43 27.82 -7.95
N THR C 234 12.60 27.02 -7.25
CA THR C 234 11.90 27.49 -6.07
C THR C 234 12.53 26.89 -4.83
N GLU C 235 12.20 27.46 -3.67
CA GLU C 235 12.77 26.98 -2.41
C GLU C 235 11.88 25.99 -1.70
N GLY C 236 10.60 25.95 -2.02
CA GLY C 236 9.70 25.17 -1.21
C GLY C 236 9.08 26.09 -0.18
N ASN C 237 7.77 25.92 0.00
CA ASN C 237 6.95 26.73 0.91
C ASN C 237 6.41 25.83 2.03
N GLN C 238 6.91 26.00 3.24
CA GLN C 238 6.45 25.23 4.37
C GLN C 238 5.31 25.89 5.14
N ASP C 239 4.81 27.02 4.64
CA ASP C 239 3.76 27.75 5.34
C ASP C 239 2.40 27.48 4.74
N CYS C 240 2.16 26.29 4.24
CA CYS C 240 0.90 25.96 3.60
C CYS C 240 -0.03 25.17 4.53
N PHE C 241 -1.30 25.12 4.15
CA PHE C 241 -2.37 24.56 4.98
C PHE C 241 -3.44 24.00 4.05
N VAL C 242 -4.39 23.27 4.63
CA VAL C 242 -5.51 22.71 3.86
C VAL C 242 -6.79 23.46 4.17
N ILE C 243 -7.70 23.44 3.21
CA ILE C 243 -8.97 24.11 3.28
C ILE C 243 -10.07 23.06 3.13
N LEU C 244 -10.90 22.91 4.16
CA LEU C 244 -12.06 22.01 4.12
C LEU C 244 -13.21 22.76 3.46
N ARG C 245 -13.72 22.22 2.34
CA ARG C 245 -14.69 23.00 1.58
C ARG C 245 -15.86 22.14 1.11
N GLY C 246 -16.10 21.03 1.76
CA GLY C 246 -17.20 20.19 1.35
C GLY C 246 -16.88 19.47 0.06
N GLY C 247 -17.92 18.88 -0.50
CA GLY C 247 -17.78 18.12 -1.72
C GLY C 247 -18.85 17.06 -1.82
N LYS C 248 -18.65 16.15 -2.78
CA LYS C 248 -19.68 15.18 -3.14
C LYS C 248 -20.09 14.31 -1.95
N GLN C 249 -19.17 14.08 -1.02
CA GLN C 249 -19.46 13.29 0.17
C GLN C 249 -20.19 14.07 1.25
N GLY C 250 -20.54 15.33 0.98
CA GLY C 250 -21.23 16.19 1.93
C GLY C 250 -20.29 17.15 2.64
N THR C 251 -20.83 17.79 3.66
CA THR C 251 -20.07 18.82 4.37
C THR C 251 -18.98 18.21 5.22
N ASN C 252 -17.94 19.00 5.49
CA ASN C 252 -16.83 18.53 6.29
C ASN C 252 -16.33 19.58 7.27
N TYR C 253 -17.20 20.45 7.77
CA TYR C 253 -16.82 21.42 8.79
C TYR C 253 -17.03 20.88 10.21
N ASP C 254 -17.80 19.81 10.38
CA ASP C 254 -18.15 19.30 11.71
C ASP C 254 -16.92 18.77 12.46
N ALA C 255 -17.06 18.69 13.78
CA ALA C 255 -15.98 18.26 14.66
C ALA C 255 -15.42 16.90 14.27
N LYS C 256 -16.26 16.02 13.72
CA LYS C 256 -15.78 14.69 13.31
C LYS C 256 -14.89 14.78 12.08
N SER C 257 -15.27 15.59 11.09
CA SER C 257 -14.42 15.79 9.93
C SER C 257 -13.11 16.46 10.31
N VAL C 258 -13.17 17.46 11.20
CA VAL C 258 -11.96 18.12 11.67
C VAL C 258 -11.02 17.12 12.35
N LYS C 259 -11.58 16.16 13.10
CA LYS C 259 -10.82 15.12 13.79
C LYS C 259 -10.16 14.15 12.83
N GLU C 260 -10.91 13.70 11.81
CA GLU C 260 -10.30 12.87 10.77
C GLU C 260 -9.19 13.64 10.04
N THR C 261 -9.41 14.94 9.80
CA THR C 261 -8.42 15.77 9.12
C THR C 261 -7.18 15.95 9.97
N LYS C 262 -7.36 16.24 11.27
CA LYS C 262 -6.22 16.34 12.19
C LYS C 262 -5.38 15.06 12.17
N GLU C 263 -6.02 13.90 12.20
CA GLU C 263 -5.29 12.64 12.20
C GLU C 263 -4.57 12.41 10.87
N ALA C 264 -5.23 12.74 9.75
CA ALA C 264 -4.56 12.59 8.47
C ALA C 264 -3.29 13.42 8.41
N LEU C 265 -3.36 14.65 8.90
CA LEU C 265 -2.18 15.51 8.94
C LEU C 265 -1.08 14.91 9.81
N ALA C 266 -1.44 14.31 10.94
CA ALA C 266 -0.44 13.70 11.80
C ALA C 266 0.19 12.49 11.11
N LYS C 267 -0.64 11.62 10.54
CA LYS C 267 -0.15 10.41 9.86
C LYS C 267 0.75 10.76 8.69
N ALA C 268 0.43 11.82 7.98
CA ALA C 268 1.29 12.26 6.89
C ALA C 268 2.52 12.99 7.37
N LYS C 269 2.74 13.10 8.69
CA LYS C 269 3.89 13.79 9.25
C LYS C 269 3.94 15.28 8.86
N VAL C 270 2.76 15.91 8.75
CA VAL C 270 2.69 17.35 8.43
C VAL C 270 2.56 18.15 9.73
N VAL C 271 1.93 17.58 10.75
CA VAL C 271 1.75 18.22 12.05
C VAL C 271 2.23 17.27 13.14
N ASP C 272 3.22 17.70 13.92
CA ASP C 272 3.63 16.98 15.12
C ASP C 272 2.46 16.90 16.10
N PRO C 273 1.97 15.70 16.42
CA PRO C 273 0.81 15.60 17.32
C PRO C 273 1.09 16.06 18.74
N GLU C 274 2.35 16.12 19.16
CA GLU C 274 2.66 16.55 20.52
C GLU C 274 2.85 18.05 20.63
N ASN C 275 3.40 18.72 19.61
CA ASN C 275 3.41 20.17 19.56
C ASN C 275 2.72 20.59 18.25
N PRO C 276 1.39 20.65 18.24
CA PRO C 276 0.66 20.80 16.97
C PRO C 276 0.55 22.25 16.53
N LYS C 277 0.81 22.48 15.24
CA LYS C 277 0.55 23.71 14.50
C LYS C 277 -0.84 23.65 13.87
N PRO C 278 -1.57 24.76 13.86
CA PRO C 278 -2.91 24.78 13.25
C PRO C 278 -2.80 24.92 11.74
N ARG C 279 -3.33 23.96 10.99
CA ARG C 279 -3.22 23.97 9.53
C ARG C 279 -4.54 23.66 8.85
N ILE C 280 -5.66 23.82 9.55
CA ILE C 280 -6.98 23.54 9.00
C ILE C 280 -7.76 24.85 8.89
N MET C 281 -8.13 25.20 7.66
CA MET C 281 -9.02 26.32 7.42
C MET C 281 -10.35 25.76 6.94
N VAL C 282 -11.43 26.28 7.48
CA VAL C 282 -12.76 25.85 7.09
C VAL C 282 -13.35 26.92 6.18
N ASP C 283 -13.73 26.51 4.97
CA ASP C 283 -14.52 27.33 4.08
C ASP C 283 -16.00 27.18 4.48
N CYS C 284 -16.65 28.30 4.82
CA CYS C 284 -18.05 28.27 5.21
C CYS C 284 -18.99 28.25 4.01
N SER C 285 -18.47 28.39 2.80
CA SER C 285 -19.31 28.54 1.65
C SER C 285 -19.16 27.32 0.75
N HIS C 286 -19.60 27.44 -0.50
CA HIS C 286 -19.35 26.43 -1.53
C HIS C 286 -19.95 25.10 -1.07
N GLY C 287 -19.17 24.02 -1.01
CA GLY C 287 -19.73 22.73 -0.60
C GLY C 287 -20.31 22.74 0.81
N ASN C 288 -19.69 23.50 1.71
CA ASN C 288 -20.07 23.42 3.11
C ASN C 288 -21.35 24.16 3.46
N SER C 289 -21.93 24.92 2.52
CA SER C 289 -23.18 25.62 2.76
C SER C 289 -24.30 25.16 1.85
N ASN C 290 -24.04 24.17 1.00
CA ASN C 290 -25.01 23.69 0.00
C ASN C 290 -25.42 24.82 -0.95
N LYS C 291 -24.48 25.69 -1.29
CA LYS C 291 -24.73 26.83 -2.16
C LYS C 291 -25.95 27.62 -1.70
N ASN C 292 -25.98 27.94 -0.42
CA ASN C 292 -27.04 28.73 0.21
C ASN C 292 -26.36 29.66 1.21
N HIS C 293 -26.34 30.95 0.89
CA HIS C 293 -25.54 31.86 1.70
C HIS C 293 -26.06 31.95 3.12
N LYS C 294 -27.36 31.74 3.32
CA LYS C 294 -27.89 31.80 4.67
C LYS C 294 -27.29 30.73 5.57
N ASN C 295 -26.70 29.67 5.00
CA ASN C 295 -26.05 28.63 5.80
C ASN C 295 -24.63 28.98 6.27
N GLN C 296 -23.97 29.96 5.67
CA GLN C 296 -22.61 30.28 6.09
C GLN C 296 -22.52 30.67 7.57
N PRO C 297 -23.40 31.51 8.13
CA PRO C 297 -23.26 31.81 9.57
C PRO C 297 -23.43 30.59 10.46
N LEU C 298 -24.24 29.62 10.02
CA LEU C 298 -24.40 28.37 10.75
C LEU C 298 -23.10 27.57 10.72
N VAL C 299 -22.44 27.49 9.56
CA VAL C 299 -21.15 26.80 9.49
C VAL C 299 -20.16 27.50 10.40
N ALA C 300 -20.09 28.84 10.30
CA ALA C 300 -19.14 29.57 11.13
C ALA C 300 -19.41 29.32 12.62
N ALA C 301 -20.68 29.33 13.03
CA ALA C 301 -21.02 29.07 14.43
C ALA C 301 -20.56 27.69 14.90
N ASP C 302 -20.73 26.67 14.05
CA ASP C 302 -20.27 25.32 14.40
C ASP C 302 -18.76 25.28 14.60
N VAL C 303 -18.01 25.96 13.73
CA VAL C 303 -16.56 26.07 13.91
C VAL C 303 -16.25 26.83 15.19
N ALA C 304 -16.95 27.95 15.40
CA ALA C 304 -16.75 28.75 16.61
C ALA C 304 -16.98 27.94 17.88
N LYS C 305 -18.02 27.12 17.88
CA LYS C 305 -18.27 26.26 19.03
C LYS C 305 -17.11 25.28 19.25
N GLN C 306 -16.58 24.67 18.18
CA GLN C 306 -15.43 23.78 18.35
C GLN C 306 -14.24 24.55 18.93
N ILE C 307 -14.00 25.76 18.42
CA ILE C 307 -12.94 26.59 18.96
C ILE C 307 -13.17 26.87 20.45
N SER C 308 -14.39 27.29 20.82
CA SER C 308 -14.65 27.66 22.21
C SER C 308 -14.46 26.48 23.15
N GLU C 309 -14.63 25.27 22.63
CA GLU C 309 -14.44 24.08 23.44
C GLU C 309 -13.00 23.58 23.43
N GLY C 310 -12.08 24.28 22.76
CA GLY C 310 -10.66 23.99 22.92
C GLY C 310 -9.95 23.49 21.68
N GLU C 311 -10.63 23.40 20.53
CA GLU C 311 -10.00 23.06 19.26
C GLU C 311 -8.88 24.03 18.95
N ASP C 312 -7.70 23.48 18.66
CA ASP C 312 -6.51 24.31 18.49
C ASP C 312 -5.76 24.02 17.20
N GLN C 313 -6.36 23.29 16.26
CA GLN C 313 -5.74 23.06 14.96
C GLN C 313 -6.52 23.67 13.81
N ILE C 314 -7.65 24.31 14.08
CA ILE C 314 -8.32 25.12 13.08
C ILE C 314 -7.65 26.48 13.12
N CYS C 315 -6.98 26.83 12.01
CA CYS C 315 -6.24 28.07 11.92
C CYS C 315 -7.11 29.22 11.46
N GLY C 316 -8.22 28.94 10.79
CA GLY C 316 -9.09 30.01 10.34
C GLY C 316 -10.26 29.54 9.51
N LEU C 317 -11.02 30.53 9.00
CA LEU C 317 -12.22 30.31 8.21
C LEU C 317 -12.25 31.21 6.98
N MET C 318 -12.93 30.74 5.94
CA MET C 318 -13.24 31.51 4.74
C MET C 318 -14.74 31.75 4.67
N ILE C 319 -15.13 32.98 4.35
CA ILE C 319 -16.55 33.35 4.27
C ILE C 319 -16.73 34.21 3.02
N GLU C 320 -17.76 33.91 2.24
CA GLU C 320 -18.13 34.73 1.07
C GLU C 320 -19.13 35.79 1.51
N SER C 321 -18.70 37.07 1.49
CA SER C 321 -19.39 38.19 2.13
C SER C 321 -19.34 39.42 1.23
N ASN C 322 -20.44 40.18 1.20
CA ASN C 322 -20.55 41.39 0.37
C ASN C 322 -21.32 42.47 1.12
N ILE C 323 -21.45 43.65 0.49
CA ILE C 323 -22.23 44.73 1.10
C ILE C 323 -23.69 44.33 1.22
N ASN C 324 -24.26 43.80 0.16
CA ASN C 324 -25.62 43.27 0.19
C ASN C 324 -25.60 41.76 -0.04
N GLU C 325 -26.54 41.08 0.59
CA GLU C 325 -26.58 39.63 0.56
C GLU C 325 -27.05 39.12 -0.80
N GLY C 326 -26.85 37.81 -1.03
CA GLY C 326 -27.39 37.16 -2.21
C GLY C 326 -26.53 37.30 -3.47
N ARG C 327 -27.21 37.23 -4.61
CA ARG C 327 -26.54 37.24 -5.90
C ARG C 327 -27.51 37.77 -6.94
N GLN C 328 -26.99 37.99 -8.15
CA GLN C 328 -27.81 38.50 -9.24
C GLN C 328 -27.17 38.10 -10.56
N ASP C 329 -28.00 37.97 -11.60
CA ASP C 329 -27.49 37.80 -12.94
C ASP C 329 -27.24 39.15 -13.58
N VAL C 330 -26.41 39.15 -14.63
CA VAL C 330 -26.17 40.38 -15.37
C VAL C 330 -27.29 40.52 -16.39
N PRO C 331 -28.08 41.58 -16.33
CA PRO C 331 -29.15 41.75 -17.31
C PRO C 331 -28.59 41.82 -18.72
N PRO C 332 -29.41 41.54 -19.72
CA PRO C 332 -28.97 41.75 -21.11
C PRO C 332 -28.73 43.23 -21.35
N ALA C 333 -27.84 43.54 -22.28
CA ALA C 333 -27.62 44.93 -22.66
C ALA C 333 -28.91 45.55 -23.19
N ASP C 334 -29.79 44.71 -23.72
CA ASP C 334 -31.17 45.04 -24.04
C ASP C 334 -31.88 45.73 -22.87
N LYS C 335 -31.72 45.21 -21.65
CA LYS C 335 -32.45 45.63 -20.46
C LYS C 335 -31.53 46.31 -19.44
N GLY C 336 -30.58 47.12 -19.90
CA GLY C 336 -29.72 47.93 -19.04
C GLY C 336 -28.28 47.46 -18.93
N GLY C 337 -27.97 46.21 -19.28
CA GLY C 337 -26.57 45.80 -19.19
C GLY C 337 -26.03 45.84 -17.76
N LYS C 338 -24.71 45.73 -17.69
CA LYS C 338 -23.97 45.80 -16.42
C LYS C 338 -24.39 47.00 -15.57
N GLU C 339 -24.74 48.11 -16.20
CA GLU C 339 -25.05 49.31 -15.42
C GLU C 339 -26.34 49.16 -14.66
N ALA C 340 -27.16 48.15 -14.99
CA ALA C 340 -28.39 47.85 -14.28
C ALA C 340 -28.21 46.88 -13.12
N LEU C 341 -26.97 46.58 -12.73
CA LEU C 341 -26.73 45.66 -11.62
C LEU C 341 -26.92 46.41 -10.30
N LYS C 342 -27.42 45.71 -9.29
CA LYS C 342 -27.48 46.27 -7.95
C LYS C 342 -26.09 46.48 -7.38
N TYR C 343 -25.88 47.63 -6.74
CA TYR C 343 -24.61 47.92 -6.08
C TYR C 343 -24.35 46.96 -4.93
N GLY C 344 -23.10 46.56 -4.78
CA GLY C 344 -22.65 45.76 -3.65
C GLY C 344 -23.24 44.37 -3.56
N CYS C 345 -23.62 43.78 -4.69
CA CYS C 345 -24.28 42.49 -4.72
C CYS C 345 -23.58 41.59 -5.72
N SER C 346 -23.18 40.41 -5.26
CA SER C 346 -22.38 39.51 -6.08
C SER C 346 -23.10 39.10 -7.36
N ILE C 347 -22.33 38.94 -8.45
CA ILE C 347 -22.85 38.36 -9.69
C ILE C 347 -22.37 36.92 -9.89
N THR C 348 -21.63 36.37 -8.94
CA THR C 348 -21.28 34.94 -8.96
C THR C 348 -21.97 34.22 -7.80
N ASP C 349 -21.24 33.70 -6.82
CA ASP C 349 -21.88 33.01 -5.70
C ASP C 349 -22.60 33.98 -4.77
N ALA C 350 -23.73 33.55 -4.22
CA ALA C 350 -24.41 34.37 -3.23
C ALA C 350 -23.54 34.56 -1.99
N CYS C 351 -23.54 35.80 -1.45
CA CYS C 351 -22.80 36.15 -0.24
C CYS C 351 -23.75 36.55 0.89
N ILE C 352 -23.23 36.45 2.11
CA ILE C 352 -23.90 37.08 3.23
C ILE C 352 -23.65 38.58 3.17
N GLY C 353 -24.63 39.35 3.64
CA GLY C 353 -24.55 40.80 3.69
C GLY C 353 -23.69 41.29 4.83
N ILE C 354 -23.62 42.61 4.94
CA ILE C 354 -22.76 43.20 5.95
C ILE C 354 -23.28 42.91 7.36
N ASP C 355 -24.60 42.77 7.55
CA ASP C 355 -25.13 42.49 8.88
C ASP C 355 -24.67 41.12 9.39
N ASP C 356 -24.98 40.05 8.65
CA ASP C 356 -24.50 38.74 9.06
C ASP C 356 -22.98 38.74 9.26
N THR C 357 -22.26 39.56 8.48
CA THR C 357 -20.81 39.62 8.58
C THR C 357 -20.36 40.13 9.95
N GLU C 358 -20.95 41.23 10.41
CA GLU C 358 -20.63 41.76 11.72
C GLU C 358 -20.93 40.73 12.79
N SER C 359 -22.01 39.99 12.59
CA SER C 359 -22.43 38.96 13.52
C SER C 359 -21.46 37.80 13.55
N VAL C 360 -21.11 37.27 12.37
CA VAL C 360 -20.20 36.13 12.28
C VAL C 360 -18.86 36.49 12.88
N LEU C 361 -18.34 37.70 12.60
CA LEU C 361 -17.08 38.13 13.18
C LEU C 361 -17.18 38.19 14.71
N GLU C 362 -18.29 38.71 15.23
CA GLU C 362 -18.46 38.75 16.68
C GLU C 362 -18.49 37.35 17.28
N THR C 363 -19.23 36.42 16.66
CA THR C 363 -19.23 35.04 17.13
C THR C 363 -17.81 34.44 17.21
N LEU C 364 -17.00 34.63 16.15
CA LEU C 364 -15.65 34.07 16.12
C LEU C 364 -14.76 34.68 17.19
N ALA C 365 -14.85 35.99 17.38
CA ALA C 365 -14.04 36.62 18.41
C ALA C 365 -14.41 36.09 19.80
N GLN C 366 -15.72 35.91 20.07
CA GLN C 366 -16.10 35.36 21.37
C GLN C 366 -15.57 33.95 21.54
N ALA C 367 -15.55 33.17 20.46
CA ALA C 367 -15.03 31.82 20.56
C ALA C 367 -13.55 31.83 20.93
N ILE C 368 -12.77 32.77 20.37
CA ILE C 368 -11.36 32.91 20.76
C ILE C 368 -11.24 33.31 22.24
N LYS C 369 -12.07 34.25 22.69
CA LYS C 369 -12.10 34.63 24.11
C LYS C 369 -12.49 33.44 24.97
N ALA C 370 -13.51 32.71 24.56
CA ALA C 370 -13.92 31.52 25.30
C ALA C 370 -12.77 30.53 25.41
N ARG C 371 -12.02 30.32 24.32
CA ARG C 371 -10.94 29.35 24.38
C ARG C 371 -9.82 29.81 25.29
N ARG C 372 -9.64 31.13 25.44
CA ARG C 372 -8.64 31.60 26.39
C ARG C 372 -9.11 31.32 27.82
N GLY C 373 -10.43 31.42 28.06
CA GLY C 373 -10.96 31.15 29.39
C GLY C 373 -10.73 29.72 29.84
N LEU C 374 -10.99 28.76 28.95
CA LEU C 374 -10.66 27.35 29.10
C LEU C 374 -9.29 27.08 29.70
N LYS C 375 -8.29 27.94 29.44
CA LYS C 375 -7.02 27.82 30.16
C LYS C 375 -7.03 28.71 31.44
N ALA D 3 16.88 57.38 -9.07
CA ALA D 3 16.72 55.94 -9.03
C ALA D 3 16.32 55.39 -10.41
N MET D 4 16.43 54.07 -10.56
CA MET D 4 15.90 53.32 -11.71
C MET D 4 15.10 52.12 -11.21
N PHE D 5 14.26 51.58 -12.08
CA PHE D 5 13.31 50.56 -11.67
C PHE D 5 14.05 49.30 -11.17
N ILE D 6 14.77 48.64 -12.05
CA ILE D 6 15.65 47.56 -11.65
C ILE D 6 17.04 48.16 -11.50
N GLN D 7 17.52 48.26 -10.27
CA GLN D 7 18.80 48.87 -9.99
C GLN D 7 19.85 47.79 -9.84
N ASN D 8 20.96 47.94 -10.55
CA ASN D 8 22.11 47.06 -10.38
C ASN D 8 22.70 47.27 -8.99
N GLU D 9 22.48 46.31 -8.10
CA GLU D 9 23.07 46.44 -6.78
C GLU D 9 24.58 46.39 -6.81
N HIS D 10 25.17 46.05 -7.95
CA HIS D 10 26.60 45.83 -8.02
C HIS D 10 27.31 46.87 -8.85
N VAL D 11 26.63 47.98 -9.12
CA VAL D 11 27.17 49.02 -9.97
C VAL D 11 28.52 49.49 -9.42
N GLY D 12 29.50 49.60 -10.32
CA GLY D 12 30.84 50.02 -9.93
C GLY D 12 31.72 48.96 -9.30
N ASP D 13 31.24 47.72 -9.18
CA ASP D 13 32.06 46.63 -8.65
C ASP D 13 32.91 46.07 -9.79
N ARG D 14 34.16 46.54 -9.88
CA ARG D 14 34.99 46.19 -11.02
C ARG D 14 35.45 44.73 -11.00
N SER D 15 35.21 44.00 -9.91
CA SER D 15 35.52 42.57 -9.89
C SER D 15 34.51 41.75 -10.69
N ARG D 16 33.45 42.36 -11.17
CA ARG D 16 32.41 41.65 -11.88
C ARG D 16 32.68 41.64 -13.38
N MET D 17 32.07 40.67 -14.08
CA MET D 17 32.46 40.39 -15.45
C MET D 17 31.78 41.30 -16.47
N GLU D 18 30.56 41.80 -16.22
CA GLU D 18 29.98 42.51 -17.36
C GLU D 18 29.01 43.67 -17.07
N ASP D 19 28.61 43.90 -15.82
CA ASP D 19 27.51 44.83 -15.59
C ASP D 19 27.91 46.04 -14.77
N TRP D 20 29.16 46.15 -14.35
CA TRP D 20 29.43 47.17 -13.35
C TRP D 20 29.39 48.61 -13.88
N ARG D 21 29.14 48.86 -15.16
CA ARG D 21 28.85 50.22 -15.63
C ARG D 21 27.39 50.35 -16.02
N ILE D 22 26.56 49.42 -15.57
CA ILE D 22 25.11 49.49 -15.76
C ILE D 22 24.50 49.90 -14.43
N ARG D 23 23.82 51.06 -14.43
CA ARG D 23 23.06 51.51 -13.26
C ARG D 23 21.82 50.67 -13.09
N GLY D 24 21.14 50.34 -14.17
CA GLY D 24 19.92 49.55 -14.07
C GLY D 24 19.08 49.63 -15.33
N TYR D 25 17.81 49.26 -15.19
CA TYR D 25 16.90 49.20 -16.32
C TYR D 25 15.55 49.76 -15.93
N ASP D 26 14.82 50.25 -16.94
CA ASP D 26 13.43 50.64 -16.86
C ASP D 26 12.64 49.85 -17.88
N PRO D 27 11.44 49.39 -17.52
CA PRO D 27 10.66 48.56 -18.45
C PRO D 27 10.14 49.40 -19.61
N LEU D 28 9.99 48.75 -20.75
CA LEU D 28 9.59 49.38 -21.99
C LEU D 28 8.37 48.67 -22.54
N ALA D 29 7.35 49.42 -22.92
CA ALA D 29 6.29 48.79 -23.66
C ALA D 29 6.86 48.20 -24.96
N PRO D 30 6.53 46.96 -25.30
CA PRO D 30 6.91 46.45 -26.61
C PRO D 30 6.18 47.19 -27.71
N PRO D 31 6.77 47.27 -28.91
CA PRO D 31 6.12 48.02 -30.00
C PRO D 31 4.69 47.61 -30.31
N ASP D 32 4.42 46.31 -30.32
CA ASP D 32 3.06 45.82 -30.49
C ASP D 32 2.10 46.49 -29.52
N LEU D 33 2.52 46.62 -28.26
CA LEU D 33 1.62 47.17 -27.24
C LEU D 33 1.31 48.63 -27.56
N LEU D 34 2.35 49.41 -27.86
CA LEU D 34 2.14 50.82 -28.16
C LEU D 34 1.28 51.02 -29.40
N GLN D 35 1.47 50.18 -30.41
CA GLN D 35 0.66 50.31 -31.62
C GLN D 35 -0.79 49.88 -31.38
N HIS D 36 -1.01 48.94 -30.47
CA HIS D 36 -2.37 48.54 -30.16
C HIS D 36 -3.12 49.69 -29.49
N GLU D 37 -2.47 50.39 -28.56
CA GLU D 37 -3.08 51.52 -27.87
C GLU D 37 -3.31 52.73 -28.79
N PHE D 38 -2.44 52.93 -29.80
CA PHE D 38 -2.52 54.10 -30.67
C PHE D 38 -2.56 53.68 -32.13
N PRO D 39 -3.66 53.06 -32.55
CA PRO D 39 -3.72 52.52 -33.91
C PRO D 39 -3.94 53.61 -34.95
N LEU D 40 -3.74 53.24 -36.20
CA LEU D 40 -3.97 54.13 -37.32
C LEU D 40 -5.41 54.03 -37.81
N SER D 41 -6.05 55.18 -38.01
CA SER D 41 -7.33 55.16 -38.70
C SER D 41 -7.11 55.00 -40.21
N ASP D 42 -8.19 54.77 -40.95
CA ASP D 42 -8.08 54.78 -42.40
C ASP D 42 -7.62 56.15 -42.92
N LYS D 43 -8.01 57.24 -42.26
CA LYS D 43 -7.50 58.53 -42.68
C LYS D 43 -5.99 58.58 -42.53
N ASN D 44 -5.45 58.09 -41.42
CA ASN D 44 -4.00 57.98 -41.29
C ASN D 44 -3.41 57.21 -42.46
N LYS D 45 -3.96 56.03 -42.74
CA LYS D 45 -3.38 55.20 -43.79
C LYS D 45 -3.42 55.90 -45.15
N ASP D 46 -4.56 56.49 -45.52
CA ASP D 46 -4.65 57.14 -46.82
C ASP D 46 -3.60 58.24 -46.97
N ILE D 47 -3.43 59.06 -45.93
CA ILE D 47 -2.49 60.17 -45.97
C ILE D 47 -1.07 59.66 -45.97
N ILE D 48 -0.75 58.67 -45.13
CA ILE D 48 0.60 58.15 -45.07
C ILE D 48 0.96 57.50 -46.39
N LEU D 49 0.06 56.66 -46.91
CA LEU D 49 0.35 55.94 -48.16
C LEU D 49 0.46 56.91 -49.34
N LYS D 50 -0.47 57.89 -49.44
CA LYS D 50 -0.38 58.87 -50.50
C LYS D 50 0.91 59.65 -50.40
N GLY D 51 1.33 59.99 -49.18
CA GLY D 51 2.62 60.65 -49.00
C GLY D 51 3.78 59.84 -49.55
N ARG D 52 3.77 58.52 -49.32
CA ARG D 52 4.82 57.65 -49.84
C ARG D 52 4.73 57.52 -51.37
N GLU D 53 3.51 57.37 -51.89
CA GLU D 53 3.33 57.22 -53.33
C GLU D 53 3.80 58.45 -54.06
N ASP D 54 3.49 59.63 -53.54
CA ASP D 54 3.87 60.89 -54.16
C ASP D 54 5.38 61.11 -54.10
N THR D 55 6.00 60.74 -52.98
CA THR D 55 7.45 60.88 -52.87
C THR D 55 8.17 60.00 -53.91
N CYS D 56 7.74 58.74 -54.01
CA CYS D 56 8.34 57.83 -54.99
C CYS D 56 8.15 58.36 -56.41
N ASN D 57 6.93 58.79 -56.74
CA ASN D 57 6.66 59.22 -58.10
C ASN D 57 7.57 60.38 -58.51
N ILE D 58 7.87 61.28 -57.57
CA ILE D 58 8.84 62.33 -57.84
C ILE D 58 10.23 61.71 -57.97
N LEU D 59 10.57 60.77 -57.09
CA LEU D 59 11.88 60.13 -57.11
C LEU D 59 12.10 59.24 -58.34
N ASN D 60 11.05 58.81 -59.02
CA ASN D 60 11.19 58.01 -60.23
C ASN D 60 11.01 58.84 -61.50
N GLY D 61 10.90 60.16 -61.36
CA GLY D 61 10.66 61.05 -62.48
C GLY D 61 9.32 60.92 -63.13
N LYS D 62 8.31 60.41 -62.43
CA LYS D 62 6.98 60.34 -62.99
C LYS D 62 6.09 61.52 -62.61
N ASP D 63 6.59 62.42 -61.76
CA ASP D 63 5.82 63.56 -61.29
C ASP D 63 6.78 64.74 -61.21
N ASP D 64 6.44 65.87 -61.85
CA ASP D 64 7.40 66.95 -61.94
C ASP D 64 7.27 67.95 -60.80
N ARG D 65 6.71 67.54 -59.67
CA ARG D 65 6.66 68.39 -58.51
C ARG D 65 7.95 68.27 -57.71
N LEU D 66 8.06 69.07 -56.66
CA LEU D 66 9.24 69.12 -55.80
C LEU D 66 8.86 68.60 -54.42
N ILE D 67 9.66 67.69 -53.88
CA ILE D 67 9.46 67.24 -52.51
C ILE D 67 9.98 68.31 -51.57
N VAL D 68 9.13 68.81 -50.68
CA VAL D 68 9.55 69.83 -49.74
C VAL D 68 9.35 69.28 -48.34
N VAL D 69 10.45 68.87 -47.71
CA VAL D 69 10.44 68.47 -46.31
C VAL D 69 10.71 69.72 -45.48
N ILE D 70 9.70 70.16 -44.73
CA ILE D 70 9.72 71.46 -44.05
C ILE D 70 8.98 71.33 -42.72
N GLY D 71 9.57 71.89 -41.66
CA GLY D 71 9.00 71.82 -40.33
C GLY D 71 10.06 72.12 -39.29
N PRO D 72 9.68 72.03 -38.02
CA PRO D 72 10.60 72.41 -36.94
C PRO D 72 11.86 71.58 -36.93
N CYS D 73 12.96 72.19 -36.43
CA CYS D 73 14.17 71.42 -36.23
C CYS D 73 13.90 70.19 -35.36
N SER D 74 13.29 70.41 -34.20
CA SER D 74 12.84 69.33 -33.34
C SER D 74 11.57 69.78 -32.66
N ILE D 75 10.68 68.82 -32.39
CA ILE D 75 9.42 69.10 -31.73
C ILE D 75 9.60 68.84 -30.25
N HIS D 76 9.45 69.89 -29.45
CA HIS D 76 9.41 69.76 -28.00
C HIS D 76 8.03 69.99 -27.42
N ASP D 77 7.07 70.44 -28.23
CA ASP D 77 5.76 70.87 -27.76
C ASP D 77 4.71 70.36 -28.72
N PRO D 78 4.10 69.22 -28.43
CA PRO D 78 3.10 68.66 -29.35
C PRO D 78 1.99 69.61 -29.72
N GLU D 79 1.55 70.46 -28.79
CA GLU D 79 0.48 71.40 -29.12
C GLU D 79 0.90 72.35 -30.24
N ALA D 80 2.09 72.95 -30.11
CA ALA D 80 2.58 73.83 -31.18
C ALA D 80 2.74 73.09 -32.50
N ALA D 81 3.16 71.82 -32.45
CA ALA D 81 3.35 71.10 -33.71
C ALA D 81 2.03 70.87 -34.43
N LEU D 82 0.95 70.66 -33.68
CA LEU D 82 -0.34 70.49 -34.34
C LEU D 82 -0.82 71.80 -34.97
N ASP D 83 -0.60 72.91 -34.26
CA ASP D 83 -0.88 74.24 -34.81
C ASP D 83 -0.09 74.47 -36.09
N TYR D 84 1.22 74.19 -36.05
CA TYR D 84 2.04 74.36 -37.24
C TYR D 84 1.51 73.51 -38.37
N ALA D 85 1.14 72.27 -38.06
CA ALA D 85 0.67 71.36 -39.10
C ALA D 85 -0.59 71.90 -39.76
N ASP D 86 -1.48 72.51 -38.98
CA ASP D 86 -2.67 73.10 -39.59
C ASP D 86 -2.30 74.20 -40.56
N ARG D 87 -1.33 75.03 -40.19
CA ARG D 87 -0.91 76.10 -41.10
C ARG D 87 -0.25 75.51 -42.35
N LEU D 88 0.61 74.52 -42.16
CA LEU D 88 1.33 73.93 -43.29
C LEU D 88 0.38 73.18 -44.22
N HIS D 89 -0.68 72.58 -43.67
CA HIS D 89 -1.68 71.92 -44.50
C HIS D 89 -2.33 72.89 -45.50
N LYS D 90 -2.67 74.10 -45.05
CA LYS D 90 -3.28 75.08 -45.94
C LYS D 90 -2.33 75.46 -47.07
N LEU D 91 -1.07 75.75 -46.72
CA LEU D 91 -0.04 75.99 -47.72
C LEU D 91 0.05 74.82 -48.68
N SER D 92 -0.12 73.60 -48.16
CA SER D 92 -0.05 72.41 -49.00
C SER D 92 -1.17 72.40 -50.04
N GLU D 93 -2.38 72.77 -49.63
CA GLU D 93 -3.47 72.84 -50.60
C GLU D 93 -3.18 73.91 -51.63
N LYS D 94 -2.55 75.01 -51.21
CA LYS D 94 -2.27 76.09 -52.17
C LYS D 94 -1.30 75.64 -53.24
N HIS D 95 -0.25 74.91 -52.86
CA HIS D 95 0.85 74.62 -53.77
C HIS D 95 0.88 73.17 -54.23
N LYS D 96 -0.17 72.37 -53.97
CA LYS D 96 -0.12 70.95 -54.31
C LYS D 96 0.07 70.72 -55.82
N GLY D 97 -0.27 71.71 -56.63
CA GLY D 97 -0.01 71.62 -58.06
C GLY D 97 1.47 71.57 -58.39
N GLU D 98 2.31 72.13 -57.53
CA GLU D 98 3.73 72.23 -57.77
C GLU D 98 4.60 71.57 -56.70
N LEU D 99 4.15 71.53 -55.45
CA LEU D 99 4.97 71.09 -54.34
C LEU D 99 4.30 69.92 -53.64
N HIS D 100 5.08 68.90 -53.34
CA HIS D 100 4.66 67.79 -52.49
C HIS D 100 5.22 68.05 -51.10
N ILE D 101 4.40 68.65 -50.25
CA ILE D 101 4.83 69.14 -48.95
C ILE D 101 4.68 68.03 -47.92
N VAL D 102 5.76 67.78 -47.18
CA VAL D 102 5.80 66.79 -46.12
C VAL D 102 6.37 67.44 -44.87
N MET D 103 5.63 67.39 -43.77
CA MET D 103 6.03 68.08 -42.56
C MET D 103 7.17 67.36 -41.86
N ARG D 104 8.19 68.13 -41.49
CA ARG D 104 9.34 67.62 -40.73
C ARG D 104 8.94 67.38 -39.26
N ALA D 105 8.88 66.11 -38.90
CA ALA D 105 8.48 65.68 -37.57
C ALA D 105 9.65 64.99 -36.87
N TYR D 106 10.70 65.74 -36.60
CA TYR D 106 11.88 65.22 -35.93
C TYR D 106 11.74 65.45 -34.45
N LEU D 107 12.25 64.51 -33.67
CA LEU D 107 12.03 64.56 -32.23
C LEU D 107 13.26 65.03 -31.45
N GLU D 108 14.46 64.98 -32.05
CA GLU D 108 15.67 65.39 -31.32
C GLU D 108 16.75 65.92 -32.27
N LYS D 109 17.62 66.76 -31.69
CA LYS D 109 18.89 67.20 -32.28
C LYS D 109 20.03 66.43 -31.65
N PRO D 110 20.78 65.60 -32.38
CA PRO D 110 21.86 64.81 -31.75
C PRO D 110 22.90 65.68 -31.06
N ARG D 111 23.20 65.34 -29.81
CA ARG D 111 23.98 66.18 -28.91
C ARG D 111 25.41 65.63 -28.80
N THR D 112 26.31 66.23 -29.58
CA THR D 112 27.71 65.81 -29.51
C THR D 112 28.30 66.01 -28.11
N THR D 113 27.72 66.90 -27.32
CA THR D 113 28.25 67.21 -26.00
C THR D 113 27.18 67.11 -24.92
N VAL D 114 26.20 68.01 -24.96
CA VAL D 114 25.29 68.22 -23.83
C VAL D 114 24.02 68.86 -24.37
N GLY D 115 22.94 68.76 -23.61
CA GLY D 115 21.71 69.46 -23.90
C GLY D 115 20.52 68.51 -24.01
N TRP D 116 19.37 69.13 -24.27
CA TRP D 116 18.10 68.41 -24.34
C TRP D 116 18.18 67.23 -25.29
N LYS D 117 17.75 66.09 -24.81
CA LYS D 117 17.91 64.87 -25.58
C LYS D 117 16.78 64.64 -26.58
N GLY D 118 15.71 65.43 -26.55
CA GLY D 118 14.61 65.30 -27.49
C GLY D 118 13.33 64.81 -26.82
N LEU D 119 12.27 64.73 -27.62
CA LEU D 119 10.94 64.47 -27.05
C LEU D 119 10.84 63.05 -26.51
N ILE D 120 11.38 62.07 -27.25
CA ILE D 120 11.29 60.68 -26.80
C ILE D 120 12.14 60.48 -25.56
N ASN D 121 13.39 60.95 -25.59
CA ASN D 121 14.30 60.71 -24.49
C ASN D 121 13.91 61.50 -23.24
N ASP D 122 13.44 62.74 -23.39
CA ASP D 122 13.14 63.61 -22.25
C ASP D 122 11.93 64.46 -22.60
N PRO D 123 10.73 63.85 -22.58
CA PRO D 123 9.53 64.62 -22.92
C PRO D 123 9.23 65.76 -21.97
N ASP D 124 9.64 65.67 -20.70
CA ASP D 124 9.36 66.72 -19.74
C ASP D 124 10.33 67.89 -19.84
N ILE D 125 11.37 67.75 -20.66
CA ILE D 125 12.35 68.80 -20.94
C ILE D 125 12.96 69.24 -19.62
N ASP D 126 13.26 68.28 -18.74
CA ASP D 126 13.74 68.65 -17.41
C ASP D 126 14.93 67.80 -16.97
N GLY D 127 15.64 67.19 -17.92
CA GLY D 127 16.74 66.34 -17.55
C GLY D 127 16.34 65.04 -16.91
N SER D 128 15.05 64.79 -16.70
CA SER D 128 14.65 63.46 -16.34
C SER D 128 14.53 62.65 -17.62
N PHE D 129 14.67 61.34 -17.48
CA PHE D 129 14.61 60.46 -18.64
C PHE D 129 13.34 59.66 -18.48
N GLN D 130 12.42 59.83 -19.41
CA GLN D 130 11.14 59.16 -19.34
C GLN D 130 10.80 58.58 -20.70
N ILE D 131 11.61 57.63 -21.14
CA ILE D 131 11.54 57.19 -22.53
C ILE D 131 10.19 56.54 -22.85
N ASN D 132 9.68 55.74 -21.91
CA ASN D 132 8.41 55.08 -22.17
C ASN D 132 7.29 56.08 -22.38
N LYS D 133 7.20 57.09 -21.52
CA LYS D 133 6.26 58.19 -21.74
C LYS D 133 6.55 58.90 -23.09
N GLY D 134 7.83 59.15 -23.38
CA GLY D 134 8.16 59.86 -24.59
C GLY D 134 7.65 59.15 -25.83
N LEU D 135 7.75 57.82 -25.84
CA LEU D 135 7.25 57.04 -26.97
C LEU D 135 5.74 57.17 -27.12
N ARG D 136 5.02 57.19 -25.99
CA ARG D 136 3.57 57.36 -26.05
C ARG D 136 3.23 58.72 -26.60
N ILE D 137 3.83 59.76 -26.04
CA ILE D 137 3.58 61.11 -26.52
C ILE D 137 3.91 61.21 -27.99
N ALA D 138 5.07 60.66 -28.39
CA ALA D 138 5.50 60.76 -29.77
C ALA D 138 4.50 60.08 -30.70
N ARG D 139 4.07 58.87 -30.36
CA ARG D 139 3.19 58.17 -31.28
C ARG D 139 1.84 58.86 -31.37
N LYS D 140 1.31 59.31 -30.24
CA LYS D 140 0.01 59.99 -30.27
C LYS D 140 0.06 61.22 -31.15
N MET D 141 1.12 62.02 -31.02
CA MET D 141 1.26 63.22 -31.81
C MET D 141 1.36 62.88 -33.30
N PHE D 142 2.09 61.82 -33.65
CA PHE D 142 2.20 61.46 -35.07
C PHE D 142 0.85 61.01 -35.63
N VAL D 143 0.05 60.31 -34.82
CA VAL D 143 -1.25 59.88 -35.32
C VAL D 143 -2.15 61.08 -35.56
N GLN D 144 -1.99 62.12 -34.74
CA GLN D 144 -2.70 63.37 -34.94
C GLN D 144 -2.17 64.12 -36.17
N LEU D 145 -0.84 64.19 -36.32
CA LEU D 145 -0.26 64.91 -37.46
C LEU D 145 -0.69 64.33 -38.78
N THR D 146 -0.70 63.01 -38.91
CA THR D 146 -0.93 62.34 -40.18
C THR D 146 -2.40 62.13 -40.47
N GLU D 147 -3.27 62.68 -39.63
CA GLU D 147 -4.63 62.93 -40.08
C GLU D 147 -4.74 64.24 -40.83
N LYS D 148 -3.65 65.03 -40.87
CA LYS D 148 -3.56 66.31 -41.55
C LYS D 148 -2.67 66.27 -42.78
N LEU D 149 -1.45 65.74 -42.66
CA LEU D 149 -0.52 65.76 -43.78
C LEU D 149 0.57 64.72 -43.55
N PRO D 150 1.23 64.25 -44.60
CA PRO D 150 2.28 63.26 -44.40
C PRO D 150 3.48 63.86 -43.69
N ILE D 151 4.25 63.01 -43.00
CA ILE D 151 5.34 63.46 -42.15
C ILE D 151 6.64 62.72 -42.49
N ALA D 152 7.75 63.37 -42.14
CA ALA D 152 9.11 62.90 -42.38
C ALA D 152 9.89 62.77 -41.09
N GLY D 153 10.70 61.71 -41.00
CA GLY D 153 11.47 61.43 -39.80
C GLY D 153 12.97 61.29 -40.00
N GLU D 154 13.72 61.42 -38.92
CA GLU D 154 15.15 61.13 -38.89
C GLU D 154 15.39 59.88 -38.04
N MET D 155 16.09 58.89 -38.57
CA MET D 155 16.39 57.63 -37.86
C MET D 155 17.72 57.79 -37.15
N LEU D 156 17.71 58.08 -35.85
CA LEU D 156 19.00 58.24 -35.20
C LEU D 156 19.46 56.95 -34.56
N ASP D 157 18.52 56.11 -34.16
CA ASP D 157 18.79 54.82 -33.56
C ASP D 157 17.95 53.80 -34.32
N THR D 158 18.15 52.53 -33.99
CA THR D 158 17.58 51.44 -34.74
C THR D 158 16.42 50.73 -34.04
N ILE D 159 16.14 51.08 -32.80
CA ILE D 159 15.06 50.46 -32.06
C ILE D 159 13.78 51.25 -32.21
N SER D 160 13.82 52.54 -31.90
CA SER D 160 12.60 53.35 -31.92
C SER D 160 11.85 53.37 -33.26
N PRO D 161 12.47 53.14 -34.43
CA PRO D 161 11.66 52.93 -35.65
C PRO D 161 10.64 51.82 -35.55
N GLN D 162 10.90 50.76 -34.76
CA GLN D 162 9.90 49.71 -34.55
C GLN D 162 8.61 50.26 -33.94
N PHE D 163 8.69 51.36 -33.18
CA PHE D 163 7.51 51.95 -32.58
C PHE D 163 6.79 52.91 -33.52
N LEU D 164 7.47 53.47 -34.49
CA LEU D 164 6.93 54.61 -35.20
C LEU D 164 6.94 54.50 -36.71
N SER D 165 7.59 53.50 -37.31
CA SER D 165 7.85 53.57 -38.74
C SER D 165 6.60 53.42 -39.58
N ASP D 166 5.48 52.96 -39.02
CA ASP D 166 4.32 52.92 -39.90
C ASP D 166 3.79 54.33 -40.21
N LEU D 167 4.32 55.37 -39.58
CA LEU D 167 3.75 56.71 -39.64
C LEU D 167 4.39 57.64 -40.67
N PHE D 168 5.62 57.36 -41.09
CA PHE D 168 6.42 58.22 -41.95
C PHE D 168 6.14 57.97 -43.43
N SER D 169 6.19 59.04 -44.22
CA SER D 169 6.13 58.91 -45.67
C SER D 169 7.47 59.08 -46.35
N VAL D 170 8.50 59.51 -45.62
CA VAL D 170 9.86 59.64 -46.12
C VAL D 170 10.74 59.84 -44.88
N GLY D 171 12.00 59.41 -44.95
CA GLY D 171 12.88 59.50 -43.79
C GLY D 171 14.30 59.86 -44.18
N ALA D 172 15.11 60.12 -43.17
CA ALA D 172 16.51 60.47 -43.42
C ALA D 172 17.37 59.87 -42.33
N ILE D 173 18.57 59.49 -42.73
CA ILE D 173 19.61 59.06 -41.80
C ILE D 173 20.45 60.26 -41.37
N GLY D 174 20.68 60.40 -40.08
CA GLY D 174 21.58 61.41 -39.57
C GLY D 174 22.95 61.36 -40.20
N ALA D 175 23.56 62.52 -40.40
CA ALA D 175 24.87 62.57 -41.02
C ALA D 175 25.90 61.79 -40.21
N ARG D 176 25.83 61.84 -38.88
CA ARG D 176 26.79 61.13 -38.07
C ARG D 176 26.65 59.59 -38.16
N THR D 177 25.67 59.07 -38.89
CA THR D 177 25.52 57.62 -39.01
C THR D 177 25.28 57.20 -40.46
N THR D 178 25.54 58.07 -41.43
CA THR D 178 25.43 57.65 -42.82
C THR D 178 26.38 56.50 -43.10
N GLU D 179 27.51 56.45 -42.40
CA GLU D 179 28.48 55.39 -42.56
C GLU D 179 28.09 54.12 -41.83
N SER D 180 27.12 54.19 -40.91
CA SER D 180 26.79 53.06 -40.04
C SER D 180 26.10 51.93 -40.81
N GLN D 181 26.71 50.74 -40.76
CA GLN D 181 26.09 49.56 -41.38
C GLN D 181 24.67 49.35 -40.83
N LEU D 182 24.50 49.63 -39.53
CA LEU D 182 23.21 49.48 -38.89
C LEU D 182 22.14 50.33 -39.60
N HIS D 183 22.47 51.58 -39.89
CA HIS D 183 21.48 52.43 -40.52
C HIS D 183 21.29 52.11 -41.98
N ARG D 184 22.32 51.57 -42.64
CA ARG D 184 22.14 51.12 -44.01
C ARG D 184 21.23 49.88 -44.06
N GLU D 185 21.48 48.90 -43.18
CA GLU D 185 20.57 47.77 -43.11
C GLU D 185 19.17 48.21 -42.77
N LEU D 186 19.05 49.13 -41.79
CA LEU D 186 17.73 49.64 -41.43
C LEU D 186 17.01 50.15 -42.66
N ALA D 187 17.71 50.97 -43.47
CA ALA D 187 17.06 51.59 -44.63
C ALA D 187 16.53 50.55 -45.60
N SER D 188 17.18 49.37 -45.68
CA SER D 188 16.79 48.33 -46.62
C SER D 188 15.45 47.68 -46.28
N GLY D 189 14.91 47.87 -45.08
CA GLY D 189 13.67 47.23 -44.71
C GLY D 189 12.49 48.16 -44.49
N LEU D 190 12.75 49.48 -44.57
CA LEU D 190 11.72 50.49 -44.35
C LEU D 190 10.78 50.57 -45.54
N SER D 191 9.55 51.02 -45.26
CA SER D 191 8.49 51.05 -46.26
C SER D 191 8.41 52.38 -46.97
N PHE D 192 9.44 53.21 -46.91
CA PHE D 192 9.34 54.53 -47.50
C PHE D 192 10.73 54.97 -47.95
N PRO D 193 10.80 55.95 -48.84
CA PRO D 193 12.12 56.41 -49.30
C PRO D 193 12.92 56.97 -48.15
N VAL D 194 14.23 56.75 -48.21
CA VAL D 194 15.14 57.22 -47.18
C VAL D 194 16.26 58.01 -47.84
N GLY D 195 16.63 59.13 -47.24
CA GLY D 195 17.69 59.98 -47.77
C GLY D 195 18.94 59.87 -46.91
N PHE D 196 20.09 59.92 -47.56
CA PHE D 196 21.37 59.85 -46.87
C PHE D 196 22.14 61.14 -47.05
N LYS D 197 22.55 61.74 -45.94
CA LYS D 197 23.26 63.00 -45.96
C LYS D 197 24.74 62.79 -46.26
N ASN D 198 25.34 63.72 -47.00
CA ASN D 198 26.78 63.68 -47.22
C ASN D 198 27.50 63.83 -45.88
N GLY D 199 28.75 63.38 -45.86
CA GLY D 199 29.50 63.31 -44.62
C GLY D 199 29.81 64.66 -44.02
N THR D 200 30.01 64.67 -42.70
CA THR D 200 30.45 65.85 -41.97
C THR D 200 31.65 66.53 -42.60
N ASP D 201 32.51 65.79 -43.28
CA ASP D 201 33.62 66.46 -43.93
C ASP D 201 33.28 66.92 -45.36
N GLY D 202 32.01 66.87 -45.76
CA GLY D 202 31.68 67.34 -47.09
C GLY D 202 31.85 66.33 -48.19
N THR D 203 32.09 65.07 -47.85
CA THR D 203 32.29 64.01 -48.82
C THR D 203 30.96 63.49 -49.34
N LEU D 204 30.90 63.19 -50.64
CA LEU D 204 29.68 62.60 -51.16
C LEU D 204 29.77 61.08 -51.20
N GLY D 205 30.97 60.53 -51.11
CA GLY D 205 31.17 59.08 -51.20
C GLY D 205 30.34 58.29 -50.20
N VAL D 206 30.43 58.66 -48.92
CA VAL D 206 29.72 57.90 -47.89
C VAL D 206 28.22 57.85 -48.15
N ALA D 207 27.64 58.93 -48.70
CA ALA D 207 26.20 58.85 -48.97
C ALA D 207 25.92 57.97 -50.18
N ILE D 208 26.80 58.03 -51.19
CA ILE D 208 26.68 57.16 -52.36
C ILE D 208 26.81 55.70 -51.93
N ASP D 209 27.83 55.40 -51.12
CA ASP D 209 28.01 54.06 -50.60
C ASP D 209 26.75 53.58 -49.87
N ALA D 210 26.19 54.43 -49.01
CA ALA D 210 24.98 54.04 -48.27
C ALA D 210 23.84 53.75 -49.22
N LEU D 211 23.69 54.57 -50.27
CA LEU D 211 22.63 54.38 -51.25
C LEU D 211 22.66 52.97 -51.82
N ARG D 212 23.85 52.53 -52.26
CA ARG D 212 23.95 51.22 -52.87
C ARG D 212 23.75 50.12 -51.85
N ALA D 213 24.34 50.28 -50.66
CA ALA D 213 24.14 49.31 -49.59
C ALA D 213 22.67 49.14 -49.29
N ALA D 214 21.94 50.27 -49.17
CA ALA D 214 20.53 50.22 -48.82
C ALA D 214 19.68 49.57 -49.91
N SER D 215 20.16 49.47 -51.13
CA SER D 215 19.36 48.87 -52.18
C SER D 215 19.44 47.34 -52.19
N HIS D 216 20.30 46.76 -51.42
CA HIS D 216 20.47 45.31 -51.42
C HIS D 216 19.77 44.67 -50.23
N PRO D 217 19.34 43.41 -50.35
CA PRO D 217 18.79 42.70 -49.19
C PRO D 217 19.88 42.46 -48.16
N HIS D 218 19.48 42.46 -46.88
CA HIS D 218 20.41 42.19 -45.79
C HIS D 218 19.82 41.18 -44.81
N HIS D 219 20.72 40.63 -43.99
CA HIS D 219 20.42 39.76 -42.87
C HIS D 219 21.14 40.29 -41.64
N PHE D 220 20.38 40.63 -40.59
CA PHE D 220 21.04 41.24 -39.45
C PHE D 220 20.20 41.10 -38.19
N LEU D 221 20.89 41.20 -37.05
CA LEU D 221 20.21 41.24 -35.75
C LEU D 221 19.36 42.50 -35.62
N SER D 222 18.17 42.34 -35.06
CA SER D 222 17.25 43.46 -34.93
C SER D 222 16.18 43.17 -33.87
N VAL D 223 15.67 44.22 -33.28
CA VAL D 223 14.50 44.16 -32.42
C VAL D 223 13.28 44.03 -33.31
N THR D 224 12.33 43.21 -32.90
CA THR D 224 11.08 43.01 -33.61
C THR D 224 9.89 43.56 -32.80
N LYS D 225 8.71 43.51 -33.42
CA LYS D 225 7.54 44.17 -32.85
C LYS D 225 7.11 43.60 -31.50
N PRO D 226 7.25 42.29 -31.21
CA PRO D 226 6.95 41.82 -29.85
C PRO D 226 7.96 42.25 -28.82
N GLY D 227 9.06 42.86 -29.24
CA GLY D 227 10.06 43.35 -28.32
C GLY D 227 11.20 42.42 -28.04
N ILE D 228 11.36 41.34 -28.82
CA ILE D 228 12.52 40.48 -28.71
C ILE D 228 13.46 40.71 -29.88
N VAL D 229 14.71 40.32 -29.71
CA VAL D 229 15.71 40.47 -30.76
C VAL D 229 15.71 39.20 -31.59
N SER D 230 15.65 39.36 -32.92
CA SER D 230 15.64 38.26 -33.88
C SER D 230 16.61 38.56 -35.00
N ILE D 231 16.68 37.64 -35.96
CA ILE D 231 17.39 37.86 -37.20
C ILE D 231 16.35 38.24 -38.23
N VAL D 232 16.53 39.40 -38.89
CA VAL D 232 15.59 39.88 -39.89
C VAL D 232 16.26 39.82 -41.25
N GLY D 233 15.46 39.53 -42.27
CA GLY D 233 15.87 39.60 -43.66
C GLY D 233 15.08 40.68 -44.40
N THR D 234 15.81 41.59 -45.04
CA THR D 234 15.21 42.70 -45.77
C THR D 234 15.28 42.46 -47.27
N GLU D 235 14.51 43.26 -48.02
CA GLU D 235 14.46 43.10 -49.48
C GLU D 235 15.38 44.06 -50.21
N GLY D 236 15.78 45.16 -49.57
CA GLY D 236 16.48 46.21 -50.28
C GLY D 236 15.56 47.34 -50.68
N ASN D 237 16.03 48.56 -50.54
CA ASN D 237 15.25 49.76 -50.79
C ASN D 237 15.86 50.53 -51.95
N GLN D 238 15.21 50.50 -53.11
CA GLN D 238 15.70 51.21 -54.30
C GLN D 238 15.18 52.65 -54.39
N ASP D 239 14.44 53.12 -53.40
CA ASP D 239 13.84 54.45 -53.38
C ASP D 239 14.65 55.42 -52.54
N CYS D 240 15.96 55.28 -52.49
CA CYS D 240 16.76 56.15 -51.64
C CYS D 240 17.42 57.25 -52.45
N PHE D 241 17.90 58.28 -51.74
CA PHE D 241 18.44 59.48 -52.37
C PHE D 241 19.52 60.06 -51.45
N VAL D 242 20.26 61.07 -51.97
CA VAL D 242 21.30 61.75 -51.20
C VAL D 242 20.79 63.13 -50.81
N ILE D 243 21.35 63.66 -49.72
CA ILE D 243 20.99 64.97 -49.16
C ILE D 243 22.25 65.81 -49.06
N LEU D 244 22.29 66.92 -49.78
CA LEU D 244 23.40 67.87 -49.74
C LEU D 244 23.20 68.83 -48.57
N ARG D 245 24.15 68.86 -47.64
CA ARG D 245 23.91 69.56 -46.38
C ARG D 245 25.14 70.37 -45.95
N GLY D 246 26.01 70.70 -46.86
CA GLY D 246 27.19 71.44 -46.48
C GLY D 246 28.14 70.53 -45.71
N GLY D 247 29.13 71.17 -45.13
CA GLY D 247 30.14 70.44 -44.39
C GLY D 247 31.44 71.22 -44.40
N LYS D 248 32.50 70.52 -43.98
CA LYS D 248 33.77 71.19 -43.80
C LYS D 248 34.26 71.83 -45.09
N GLN D 249 33.82 71.30 -46.23
CA GLN D 249 34.20 71.85 -47.52
C GLN D 249 33.40 73.10 -47.87
N GLY D 250 32.50 73.53 -46.99
CA GLY D 250 31.65 74.67 -47.23
C GLY D 250 30.28 74.25 -47.71
N THR D 251 29.52 75.23 -48.18
CA THR D 251 28.18 74.95 -48.65
C THR D 251 28.23 74.21 -49.97
N ASN D 252 27.20 73.42 -50.24
CA ASN D 252 27.19 72.66 -51.49
C ASN D 252 25.82 72.65 -52.15
N TYR D 253 25.06 73.74 -52.03
CA TYR D 253 23.77 73.87 -52.69
C TYR D 253 23.87 74.52 -54.06
N ASP D 254 25.02 75.12 -54.39
CA ASP D 254 25.17 75.86 -55.64
C ASP D 254 25.15 74.92 -56.84
N ALA D 255 24.90 75.52 -58.01
CA ALA D 255 24.84 74.81 -59.28
C ALA D 255 26.12 74.03 -59.58
N LYS D 256 27.26 74.51 -59.10
CA LYS D 256 28.51 73.81 -59.36
C LYS D 256 28.56 72.49 -58.59
N SER D 257 28.22 72.54 -57.30
CA SER D 257 28.17 71.33 -56.50
C SER D 257 27.10 70.39 -57.00
N VAL D 258 25.95 70.94 -57.39
CA VAL D 258 24.88 70.11 -57.92
C VAL D 258 25.34 69.38 -59.17
N LYS D 259 26.13 70.05 -60.01
CA LYS D 259 26.68 69.38 -61.18
C LYS D 259 27.65 68.28 -60.78
N GLU D 260 28.52 68.55 -59.80
CA GLU D 260 29.43 67.51 -59.32
C GLU D 260 28.66 66.33 -58.76
N THR D 261 27.58 66.59 -58.05
CA THR D 261 26.81 65.50 -57.45
C THR D 261 26.14 64.64 -58.51
N LYS D 262 25.51 65.28 -59.52
CA LYS D 262 24.92 64.52 -60.62
C LYS D 262 25.96 63.62 -61.26
N GLU D 263 27.17 64.14 -61.47
CA GLU D 263 28.22 63.37 -62.11
C GLU D 263 28.64 62.18 -61.24
N ALA D 264 28.81 62.41 -59.94
CA ALA D 264 29.17 61.31 -59.05
C ALA D 264 28.12 60.23 -59.05
N LEU D 265 26.84 60.62 -59.01
CA LEU D 265 25.75 59.66 -59.06
C LEU D 265 25.76 58.86 -60.35
N ALA D 266 26.04 59.52 -61.47
CA ALA D 266 26.09 58.83 -62.76
C ALA D 266 27.28 57.88 -62.82
N LYS D 267 28.45 58.33 -62.36
CA LYS D 267 29.63 57.47 -62.35
C LYS D 267 29.42 56.29 -61.40
N ALA D 268 28.80 56.52 -60.27
CA ALA D 268 28.60 55.39 -59.40
C ALA D 268 27.52 54.46 -59.89
N LYS D 269 26.97 54.65 -61.09
CA LYS D 269 25.91 53.79 -61.62
C LYS D 269 24.70 53.78 -60.68
N VAL D 270 24.42 54.92 -60.06
CA VAL D 270 23.27 55.01 -59.17
C VAL D 270 22.04 55.56 -59.91
N VAL D 271 22.25 56.46 -60.85
CA VAL D 271 21.20 56.93 -61.74
C VAL D 271 21.74 56.84 -63.15
N ASP D 272 21.03 56.11 -64.01
CA ASP D 272 21.38 55.98 -65.41
C ASP D 272 21.45 57.34 -66.09
N PRO D 273 22.60 57.73 -66.63
CA PRO D 273 22.70 59.06 -67.28
C PRO D 273 21.81 59.19 -68.50
N GLU D 274 21.34 58.08 -69.09
CA GLU D 274 20.49 58.17 -70.27
C GLU D 274 19.04 58.40 -69.88
N ASN D 275 18.57 57.81 -68.78
CA ASN D 275 17.27 58.11 -68.19
C ASN D 275 17.48 58.57 -66.75
N PRO D 276 17.79 59.84 -66.53
CA PRO D 276 18.19 60.27 -65.19
C PRO D 276 16.96 60.54 -64.34
N LYS D 277 16.93 59.94 -63.18
CA LYS D 277 16.00 60.11 -62.08
C LYS D 277 16.54 61.15 -61.09
N PRO D 278 15.67 61.99 -60.53
CA PRO D 278 16.11 63.00 -59.55
C PRO D 278 16.34 62.36 -58.19
N ARG D 279 17.58 62.43 -57.71
CA ARG D 279 17.94 61.80 -56.44
C ARG D 279 18.72 62.75 -55.54
N ILE D 280 18.65 64.04 -55.78
CA ILE D 280 19.36 65.03 -54.99
C ILE D 280 18.35 65.87 -54.23
N MET D 281 18.45 65.85 -52.91
CA MET D 281 17.72 66.76 -52.04
C MET D 281 18.71 67.75 -51.43
N VAL D 282 18.36 69.04 -51.44
CA VAL D 282 19.22 70.09 -50.88
C VAL D 282 18.68 70.46 -49.50
N ASP D 283 19.53 70.32 -48.48
CA ASP D 283 19.21 70.86 -47.16
C ASP D 283 19.55 72.35 -47.12
N CYS D 284 18.55 73.18 -46.82
CA CYS D 284 18.73 74.62 -46.78
C CYS D 284 19.29 75.13 -45.47
N SER D 285 19.43 74.26 -44.46
CA SER D 285 19.87 74.66 -43.13
C SER D 285 21.21 74.00 -42.79
N HIS D 286 21.55 73.94 -41.52
CA HIS D 286 22.72 73.18 -41.02
C HIS D 286 23.96 73.78 -41.69
N GLY D 287 24.80 72.98 -42.35
CA GLY D 287 26.00 73.49 -42.99
C GLY D 287 25.75 74.49 -44.10
N ASN D 288 24.65 74.32 -44.85
CA ASN D 288 24.43 75.16 -46.02
C ASN D 288 23.92 76.55 -45.69
N SER D 289 23.57 76.83 -44.44
CA SER D 289 23.12 78.15 -44.05
C SER D 289 24.07 78.80 -43.06
N ASN D 290 25.20 78.15 -42.77
CA ASN D 290 26.18 78.63 -41.80
C ASN D 290 25.54 78.82 -40.43
N LYS D 291 24.58 77.96 -40.12
CA LYS D 291 23.82 78.02 -38.87
C LYS D 291 23.35 79.45 -38.59
N ASN D 292 22.64 80.01 -39.57
CA ASN D 292 21.99 81.32 -39.45
C ASN D 292 20.67 81.17 -40.20
N HIS D 293 19.56 81.21 -39.47
CA HIS D 293 18.29 80.86 -40.09
C HIS D 293 17.90 81.83 -41.19
N LYS D 294 18.37 83.07 -41.11
CA LYS D 294 18.03 84.03 -42.15
C LYS D 294 18.61 83.63 -43.50
N ASN D 295 19.61 82.75 -43.54
CA ASN D 295 20.19 82.33 -44.81
C ASN D 295 19.39 81.27 -45.53
N GLN D 296 18.50 80.57 -44.83
CA GLN D 296 17.76 79.48 -45.46
C GLN D 296 16.97 79.93 -46.68
N PRO D 297 16.21 81.04 -46.65
CA PRO D 297 15.49 81.46 -47.86
C PRO D 297 16.40 81.81 -49.02
N LEU D 298 17.62 82.27 -48.74
CA LEU D 298 18.58 82.52 -49.81
C LEU D 298 19.02 81.20 -50.44
N VAL D 299 19.28 80.18 -49.61
CA VAL D 299 19.63 78.88 -50.16
C VAL D 299 18.51 78.35 -51.04
N ALA D 300 17.27 78.43 -50.52
CA ALA D 300 16.13 77.94 -51.29
C ALA D 300 15.98 78.68 -52.61
N ALA D 301 16.12 80.02 -52.60
CA ALA D 301 16.04 80.80 -53.84
C ALA D 301 17.08 80.34 -54.86
N ASP D 302 18.30 80.04 -54.41
CA ASP D 302 19.35 79.59 -55.31
C ASP D 302 18.97 78.27 -55.97
N VAL D 303 18.43 77.33 -55.20
CA VAL D 303 17.92 76.09 -55.76
C VAL D 303 16.78 76.38 -56.72
N ALA D 304 15.89 77.29 -56.30
CA ALA D 304 14.76 77.67 -57.16
C ALA D 304 15.24 78.19 -58.50
N LYS D 305 16.29 79.02 -58.50
CA LYS D 305 16.83 79.52 -59.77
C LYS D 305 17.26 78.35 -60.66
N GLN D 306 17.96 77.37 -60.07
CA GLN D 306 18.43 76.23 -60.85
C GLN D 306 17.26 75.45 -61.44
N ILE D 307 16.22 75.23 -60.63
CA ILE D 307 15.02 74.56 -61.13
C ILE D 307 14.41 75.35 -62.28
N SER D 308 14.28 76.66 -62.10
CA SER D 308 13.63 77.49 -63.11
C SER D 308 14.41 77.51 -64.42
N GLU D 309 15.72 77.32 -64.36
CA GLU D 309 16.52 77.31 -65.56
C GLU D 309 16.65 75.91 -66.16
N GLY D 310 16.01 74.90 -65.56
CA GLY D 310 15.86 73.58 -66.14
C GLY D 310 16.48 72.45 -65.35
N GLU D 311 17.05 72.68 -64.17
CA GLU D 311 17.61 71.61 -63.36
C GLU D 311 16.56 70.55 -63.08
N ASP D 312 16.89 69.30 -63.39
CA ASP D 312 15.92 68.22 -63.33
C ASP D 312 16.35 67.03 -62.49
N GLN D 313 17.43 67.14 -61.72
CA GLN D 313 17.84 66.05 -60.85
C GLN D 313 17.72 66.40 -59.37
N ILE D 314 17.30 67.63 -59.04
CA ILE D 314 16.97 67.96 -57.65
C ILE D 314 15.54 67.52 -57.37
N CYS D 315 15.38 66.55 -56.47
CA CYS D 315 14.06 66.05 -56.10
C CYS D 315 13.39 66.88 -55.01
N GLY D 316 14.13 67.66 -54.24
CA GLY D 316 13.48 68.45 -53.22
C GLY D 316 14.44 69.20 -52.33
N LEU D 317 13.86 69.86 -51.33
CA LEU D 317 14.61 70.66 -50.38
C LEU D 317 14.17 70.34 -48.96
N MET D 318 15.08 70.50 -48.02
CA MET D 318 14.78 70.44 -46.60
C MET D 318 14.92 71.83 -46.00
N ILE D 319 13.96 72.23 -45.16
CA ILE D 319 13.96 73.56 -44.55
C ILE D 319 13.51 73.44 -43.10
N GLU D 320 14.22 74.10 -42.20
CA GLU D 320 13.85 74.15 -40.78
C GLU D 320 12.95 75.37 -40.55
N SER D 321 11.68 75.12 -40.25
CA SER D 321 10.64 76.14 -40.20
C SER D 321 9.76 75.94 -38.97
N ASN D 322 9.39 77.02 -38.31
CA ASN D 322 8.60 76.97 -37.08
C ASN D 322 7.55 78.09 -37.11
N ILE D 323 6.71 78.13 -36.10
CA ILE D 323 5.70 79.20 -36.04
C ILE D 323 6.36 80.55 -35.94
N ASN D 324 7.31 80.71 -35.01
CA ASN D 324 8.08 81.93 -34.83
C ASN D 324 9.54 81.60 -35.09
N GLU D 325 10.25 82.54 -35.69
CA GLU D 325 11.63 82.33 -36.13
C GLU D 325 12.59 82.28 -34.92
N GLY D 326 13.82 81.87 -35.21
CA GLY D 326 14.88 81.93 -34.22
C GLY D 326 14.87 80.72 -33.30
N ARG D 327 15.39 80.93 -32.09
CA ARG D 327 15.55 79.88 -31.10
C ARG D 327 15.61 80.51 -29.72
N GLN D 328 15.59 79.66 -28.71
CA GLN D 328 15.59 80.09 -27.32
C GLN D 328 16.22 78.98 -26.50
N ASP D 329 16.81 79.35 -25.38
CA ASP D 329 17.26 78.35 -24.43
C ASP D 329 16.12 77.99 -23.50
N VAL D 330 16.27 76.86 -22.81
CA VAL D 330 15.34 76.45 -21.76
C VAL D 330 15.69 77.22 -20.49
N PRO D 331 14.77 77.99 -19.92
CA PRO D 331 15.12 78.77 -18.74
C PRO D 331 15.44 77.85 -17.57
N PRO D 332 16.29 78.29 -16.65
CA PRO D 332 16.49 77.53 -15.41
C PRO D 332 15.17 77.29 -14.71
N ALA D 333 15.01 76.10 -14.11
CA ALA D 333 13.82 75.85 -13.31
C ALA D 333 13.70 76.89 -12.22
N ASP D 334 14.83 77.44 -11.78
CA ASP D 334 14.88 78.59 -10.90
C ASP D 334 13.94 79.70 -11.39
N LYS D 335 14.15 80.16 -12.62
CA LYS D 335 13.35 81.23 -13.18
C LYS D 335 12.36 80.72 -14.24
N GLY D 336 11.73 79.57 -13.96
CA GLY D 336 10.55 79.17 -14.72
C GLY D 336 10.55 77.80 -15.38
N GLY D 337 11.71 77.28 -15.74
CA GLY D 337 11.71 76.01 -16.45
C GLY D 337 11.03 76.10 -17.81
N LYS D 338 10.59 74.94 -18.29
CA LYS D 338 9.94 74.87 -19.61
C LYS D 338 8.69 75.71 -19.66
N GLU D 339 8.06 75.95 -18.51
CA GLU D 339 6.80 76.67 -18.54
C GLU D 339 6.97 78.12 -18.99
N ALA D 340 8.20 78.62 -19.00
CA ALA D 340 8.51 79.99 -19.39
C ALA D 340 9.05 80.11 -20.82
N LEU D 341 8.93 79.06 -21.63
CA LEU D 341 9.41 79.09 -23.01
C LEU D 341 8.42 79.84 -23.88
N LYS D 342 8.95 80.53 -24.89
CA LYS D 342 8.11 81.18 -25.89
C LYS D 342 7.39 80.12 -26.72
N TYR D 343 6.10 80.28 -26.92
CA TYR D 343 5.36 79.34 -27.75
C TYR D 343 5.84 79.40 -29.19
N GLY D 344 5.91 78.22 -29.81
CA GLY D 344 6.18 78.08 -31.23
C GLY D 344 7.57 78.50 -31.65
N CYS D 345 8.56 78.38 -30.76
CA CYS D 345 9.92 78.79 -31.05
C CYS D 345 10.86 77.65 -30.70
N SER D 346 11.71 77.28 -31.66
CA SER D 346 12.60 76.14 -31.46
C SER D 346 13.48 76.32 -30.24
N ILE D 347 13.76 75.20 -29.55
CA ILE D 347 14.77 75.15 -28.48
C ILE D 347 16.02 74.44 -28.95
N THR D 348 16.09 74.06 -30.23
CA THR D 348 17.29 73.46 -30.83
C THR D 348 17.79 74.42 -31.92
N ASP D 349 17.81 74.00 -33.18
CA ASP D 349 18.29 74.89 -34.24
C ASP D 349 17.31 76.03 -34.49
N ALA D 350 17.86 77.19 -34.84
CA ALA D 350 17.03 78.32 -35.23
C ALA D 350 16.26 78.00 -36.52
N CYS D 351 14.98 78.35 -36.54
CA CYS D 351 14.15 78.12 -37.71
C CYS D 351 13.67 79.46 -38.27
N ILE D 352 13.29 79.45 -39.54
CA ILE D 352 12.57 80.58 -40.10
C ILE D 352 11.14 80.56 -39.59
N GLY D 353 10.55 81.77 -39.51
CA GLY D 353 9.17 81.94 -39.09
C GLY D 353 8.18 81.60 -40.17
N ILE D 354 6.91 81.75 -39.83
CA ILE D 354 5.82 81.41 -40.73
C ILE D 354 5.78 82.36 -41.93
N ASP D 355 6.20 83.62 -41.75
CA ASP D 355 6.20 84.57 -42.87
C ASP D 355 7.17 84.14 -43.95
N ASP D 356 8.45 83.93 -43.59
CA ASP D 356 9.41 83.45 -44.58
C ASP D 356 8.98 82.13 -45.21
N THR D 357 8.26 81.29 -44.45
CA THR D 357 7.84 80.00 -44.99
C THR D 357 6.91 80.16 -46.18
N GLU D 358 5.87 80.99 -46.04
CA GLU D 358 4.97 81.23 -47.16
C GLU D 358 5.73 81.73 -48.36
N SER D 359 6.72 82.59 -48.12
CA SER D 359 7.53 83.15 -49.19
C SER D 359 8.33 82.08 -49.91
N VAL D 360 9.06 81.26 -49.14
CA VAL D 360 9.90 80.22 -49.72
C VAL D 360 9.05 79.28 -50.54
N LEU D 361 7.87 78.92 -50.03
CA LEU D 361 7.02 78.00 -50.77
C LEU D 361 6.57 78.62 -52.09
N GLU D 362 6.21 79.91 -52.06
CA GLU D 362 5.82 80.58 -53.29
C GLU D 362 6.96 80.60 -54.29
N THR D 363 8.17 80.89 -53.83
CA THR D 363 9.33 80.90 -54.72
C THR D 363 9.51 79.55 -55.41
N LEU D 364 9.48 78.45 -54.64
CA LEU D 364 9.70 77.12 -55.17
C LEU D 364 8.60 76.73 -56.14
N ALA D 365 7.35 77.09 -55.81
CA ALA D 365 6.24 76.79 -56.71
C ALA D 365 6.41 77.52 -58.04
N GLN D 366 6.82 78.80 -57.98
CA GLN D 366 7.04 79.54 -59.22
C GLN D 366 8.15 78.90 -60.03
N ALA D 367 9.17 78.38 -59.34
CA ALA D 367 10.28 77.73 -60.03
C ALA D 367 9.81 76.50 -60.80
N ILE D 368 8.88 75.72 -60.22
CA ILE D 368 8.28 74.61 -60.94
C ILE D 368 7.44 75.11 -62.13
N LYS D 369 6.65 76.17 -61.92
CA LYS D 369 5.92 76.79 -63.04
C LYS D 369 6.88 77.28 -64.11
N ALA D 370 7.96 77.96 -63.70
CA ALA D 370 8.96 78.44 -64.66
C ALA D 370 9.53 77.28 -65.47
N ARG D 371 9.89 76.19 -64.80
CA ARG D 371 10.50 75.08 -65.53
C ARG D 371 9.52 74.46 -66.51
N ARG D 372 8.23 74.55 -66.24
CA ARG D 372 7.26 74.01 -67.17
C ARG D 372 7.23 74.84 -68.44
N GLY D 373 7.41 76.16 -68.32
CA GLY D 373 7.41 77.03 -69.49
C GLY D 373 8.55 76.77 -70.46
N LEU D 374 9.71 76.29 -69.96
CA LEU D 374 10.84 75.98 -70.83
C LEU D 374 10.49 74.97 -71.91
N LYS D 375 9.46 74.16 -71.69
CA LYS D 375 8.86 73.32 -72.72
C LYS D 375 8.10 74.19 -73.73
N SER D 376 8.83 74.93 -74.56
CA SER D 376 8.28 75.72 -75.68
C SER D 376 9.40 76.43 -76.45
N ALA E 3 9.75 -48.45 33.63
CA ALA E 3 9.71 -47.01 33.38
C ALA E 3 8.62 -46.65 32.38
N MET E 4 7.53 -46.04 32.85
CA MET E 4 6.34 -45.74 32.06
C MET E 4 6.15 -44.24 31.91
N PHE E 5 5.31 -43.87 30.95
CA PHE E 5 5.18 -42.46 30.58
C PHE E 5 4.70 -41.59 31.73
N ILE E 6 3.47 -41.81 32.18
CA ILE E 6 2.97 -41.17 33.38
C ILE E 6 3.20 -42.15 34.52
N GLN E 7 4.08 -41.81 35.45
CA GLN E 7 4.43 -42.69 36.56
C GLN E 7 3.68 -42.25 37.81
N ASN E 8 2.96 -43.19 38.42
CA ASN E 8 2.33 -42.93 39.71
C ASN E 8 3.40 -42.75 40.77
N GLU E 9 3.60 -41.51 41.20
CA GLU E 9 4.53 -41.23 42.26
C GLU E 9 4.09 -41.82 43.61
N HIS E 10 2.89 -42.39 43.69
CA HIS E 10 2.32 -42.87 44.97
C HIS E 10 2.10 -44.38 44.96
N VAL E 11 2.73 -45.09 44.02
CA VAL E 11 2.55 -46.53 43.92
C VAL E 11 2.96 -47.21 45.24
N GLY E 12 2.15 -48.16 45.68
CA GLY E 12 2.48 -48.87 46.90
C GLY E 12 2.15 -48.15 48.20
N ASP E 13 1.56 -46.96 48.13
CA ASP E 13 1.10 -46.25 49.33
C ASP E 13 -0.31 -46.72 49.67
N ARG E 14 -0.41 -47.66 50.62
CA ARG E 14 -1.70 -48.28 50.90
C ARG E 14 -2.70 -47.35 51.60
N SER E 15 -2.27 -46.18 52.07
CA SER E 15 -3.20 -45.23 52.66
C SER E 15 -4.06 -44.51 51.62
N ARG E 16 -3.81 -44.73 50.34
CA ARG E 16 -4.55 -44.06 49.27
C ARG E 16 -5.76 -44.89 48.87
N MET E 17 -6.72 -44.22 48.25
CA MET E 17 -8.04 -44.80 48.05
C MET E 17 -8.16 -45.68 46.81
N GLU E 18 -7.39 -45.44 45.74
CA GLU E 18 -7.71 -46.24 44.56
C GLU E 18 -6.60 -46.51 43.57
N ASP E 19 -5.41 -45.94 43.74
CA ASP E 19 -4.42 -46.07 42.69
C ASP E 19 -3.13 -46.80 43.08
N TRP E 20 -3.01 -47.30 44.32
CA TRP E 20 -1.67 -47.72 44.74
C TRP E 20 -1.21 -49.03 44.14
N ARG E 21 -2.01 -49.71 43.32
CA ARG E 21 -1.48 -50.84 42.56
C ARG E 21 -1.35 -50.52 41.07
N ILE E 22 -1.36 -49.23 40.70
CA ILE E 22 -1.15 -48.78 39.32
C ILE E 22 0.26 -48.22 39.23
N ARG E 23 1.10 -48.83 38.39
CA ARG E 23 2.43 -48.28 38.15
C ARG E 23 2.33 -46.96 37.40
N GLY E 24 1.48 -46.90 36.40
CA GLY E 24 1.32 -45.71 35.61
C GLY E 24 0.62 -46.02 34.31
N TYR E 25 0.74 -45.08 33.37
CA TYR E 25 0.00 -45.14 32.11
C TYR E 25 0.91 -44.81 30.94
N ASP E 26 0.60 -45.42 29.80
CA ASP E 26 1.18 -45.09 28.50
C ASP E 26 0.07 -44.65 27.57
N PRO E 27 0.28 -43.59 26.79
CA PRO E 27 -0.77 -43.12 25.90
C PRO E 27 -1.03 -44.08 24.75
N LEU E 28 -2.29 -44.12 24.33
CA LEU E 28 -2.75 -45.02 23.28
C LEU E 28 -3.36 -44.20 22.15
N ALA E 29 -2.93 -44.50 20.94
CA ALA E 29 -3.61 -43.96 19.78
C ALA E 29 -5.05 -44.46 19.79
N PRO E 30 -6.03 -43.56 19.65
CA PRO E 30 -7.40 -44.02 19.51
C PRO E 30 -7.57 -44.80 18.21
N PRO E 31 -8.56 -45.69 18.16
CA PRO E 31 -8.81 -46.43 16.91
C PRO E 31 -9.04 -45.53 15.69
N ASP E 32 -9.76 -44.41 15.84
CA ASP E 32 -9.94 -43.47 14.72
C ASP E 32 -8.61 -43.09 14.07
N LEU E 33 -7.63 -42.74 14.90
CA LEU E 33 -6.35 -42.29 14.39
C LEU E 33 -5.67 -43.42 13.61
N LEU E 34 -5.67 -44.63 14.19
CA LEU E 34 -5.01 -45.75 13.54
C LEU E 34 -5.68 -46.09 12.21
N GLN E 35 -7.01 -45.98 12.15
CA GLN E 35 -7.71 -46.25 10.89
C GLN E 35 -7.47 -45.16 9.85
N HIS E 36 -7.26 -43.92 10.32
CA HIS E 36 -6.95 -42.84 9.39
C HIS E 36 -5.60 -43.09 8.72
N GLU E 37 -4.63 -43.54 9.50
CA GLU E 37 -3.30 -43.80 8.97
C GLU E 37 -3.28 -45.02 8.04
N PHE E 38 -4.11 -46.02 8.30
CA PHE E 38 -4.08 -47.27 7.54
C PHE E 38 -5.49 -47.60 7.04
N PRO E 39 -6.00 -46.80 6.10
CA PRO E 39 -7.39 -46.96 5.66
C PRO E 39 -7.57 -48.16 4.73
N LEU E 40 -8.83 -48.50 4.46
CA LEU E 40 -9.16 -49.56 3.54
C LEU E 40 -9.28 -48.98 2.13
N SER E 41 -8.61 -49.61 1.16
CA SER E 41 -8.86 -49.30 -0.24
C SER E 41 -10.13 -49.99 -0.70
N ASP E 42 -10.60 -49.61 -1.89
CA ASP E 42 -11.73 -50.34 -2.45
C ASP E 42 -11.39 -51.80 -2.70
N LYS E 43 -10.13 -52.11 -3.04
CA LYS E 43 -9.77 -53.53 -3.14
C LYS E 43 -9.93 -54.24 -1.80
N ASN E 44 -9.50 -53.60 -0.71
CA ASN E 44 -9.74 -54.13 0.63
C ASN E 44 -11.21 -54.41 0.86
N LYS E 45 -12.06 -53.40 0.63
CA LYS E 45 -13.48 -53.50 0.95
C LYS E 45 -14.14 -54.63 0.16
N ASP E 46 -13.81 -54.74 -1.15
CA ASP E 46 -14.37 -55.79 -1.98
C ASP E 46 -14.02 -57.17 -1.41
N ILE E 47 -12.77 -57.35 -1.00
CA ILE E 47 -12.31 -58.65 -0.53
C ILE E 47 -12.92 -58.99 0.83
N ILE E 48 -12.94 -58.03 1.75
CA ILE E 48 -13.51 -58.25 3.08
C ILE E 48 -15.02 -58.50 2.99
N LEU E 49 -15.72 -57.67 2.24
CA LEU E 49 -17.17 -57.81 2.13
C LEU E 49 -17.54 -59.11 1.43
N LYS E 50 -16.83 -59.44 0.34
CA LYS E 50 -17.05 -60.72 -0.33
C LYS E 50 -16.71 -61.89 0.59
N GLY E 51 -15.66 -61.75 1.40
CA GLY E 51 -15.36 -62.76 2.41
C GLY E 51 -16.48 -62.97 3.41
N ARG E 52 -17.10 -61.87 3.87
CA ARG E 52 -18.22 -61.98 4.80
C ARG E 52 -19.46 -62.56 4.12
N GLU E 53 -19.74 -62.11 2.89
CA GLU E 53 -20.92 -62.58 2.19
C GLU E 53 -20.83 -64.08 1.95
N ASP E 54 -19.66 -64.57 1.57
CA ASP E 54 -19.48 -66.00 1.30
C ASP E 54 -19.61 -66.83 2.58
N THR E 55 -19.07 -66.32 3.69
CA THR E 55 -19.20 -67.02 4.97
C THR E 55 -20.66 -67.15 5.38
N CYS E 56 -21.41 -66.06 5.32
CA CYS E 56 -22.83 -66.08 5.68
C CYS E 56 -23.61 -67.03 4.78
N ASN E 57 -23.38 -66.96 3.46
CA ASN E 57 -24.13 -67.81 2.54
C ASN E 57 -23.96 -69.30 2.85
N ILE E 58 -22.76 -69.70 3.25
CA ILE E 58 -22.57 -71.08 3.69
C ILE E 58 -23.31 -71.31 5.00
N LEU E 59 -23.16 -70.38 5.96
CA LEU E 59 -23.80 -70.52 7.26
C LEU E 59 -25.31 -70.47 7.18
N ASN E 60 -25.87 -69.97 6.09
CA ASN E 60 -27.31 -69.96 5.86
C ASN E 60 -27.71 -71.07 4.91
N GLY E 61 -26.78 -71.95 4.54
CA GLY E 61 -27.08 -73.06 3.67
C GLY E 61 -27.47 -72.70 2.27
N LYS E 62 -27.08 -71.52 1.79
CA LYS E 62 -27.31 -71.15 0.41
C LYS E 62 -26.11 -71.44 -0.48
N ASP E 63 -24.99 -71.90 0.07
CA ASP E 63 -23.79 -72.17 -0.70
C ASP E 63 -23.16 -73.43 -0.16
N ASP E 64 -22.98 -74.44 -1.02
CA ASP E 64 -22.59 -75.77 -0.57
C ASP E 64 -21.07 -75.96 -0.52
N ARG E 65 -20.32 -74.87 -0.47
CA ARG E 65 -18.89 -74.98 -0.28
C ARG E 65 -18.55 -75.11 1.21
N LEU E 66 -17.27 -75.31 1.47
CA LEU E 66 -16.76 -75.51 2.82
C LEU E 66 -15.91 -74.31 3.22
N ILE E 67 -16.19 -73.75 4.40
CA ILE E 67 -15.35 -72.70 4.95
C ILE E 67 -14.06 -73.33 5.46
N VAL E 68 -12.93 -72.88 4.97
CA VAL E 68 -11.65 -73.38 5.47
C VAL E 68 -10.87 -72.17 5.99
N VAL E 69 -10.83 -72.03 7.30
CA VAL E 69 -9.98 -71.05 7.97
C VAL E 69 -8.63 -71.71 8.20
N ILE E 70 -7.61 -71.23 7.52
CA ILE E 70 -6.31 -71.91 7.48
C ILE E 70 -5.21 -70.85 7.44
N GLY E 71 -4.17 -71.07 8.23
CA GLY E 71 -3.08 -70.15 8.35
C GLY E 71 -2.29 -70.39 9.62
N PRO E 72 -1.28 -69.55 9.85
CA PRO E 72 -0.38 -69.75 10.99
C PRO E 72 -1.12 -69.76 12.32
N CYS E 73 -0.55 -70.47 13.30
CA CYS E 73 -1.10 -70.38 14.65
C CYS E 73 -1.11 -68.94 15.11
N SER E 74 0.02 -68.28 15.02
CA SER E 74 0.13 -66.86 15.30
C SER E 74 1.15 -66.26 14.33
N ILE E 75 0.93 -65.02 13.94
CA ILE E 75 1.84 -64.34 13.03
C ILE E 75 2.85 -63.55 13.85
N HIS E 76 4.12 -63.91 13.73
CA HIS E 76 5.19 -63.10 14.31
C HIS E 76 5.97 -62.33 13.26
N ASP E 77 5.76 -62.62 11.98
CA ASP E 77 6.58 -62.08 10.89
C ASP E 77 5.67 -61.65 9.75
N PRO E 78 5.32 -60.37 9.68
CA PRO E 78 4.39 -59.91 8.62
C PRO E 78 4.84 -60.20 7.19
N GLU E 79 6.15 -60.17 6.89
CA GLU E 79 6.57 -60.49 5.53
C GLU E 79 6.25 -61.95 5.18
N ALA E 80 6.62 -62.88 6.06
CA ALA E 80 6.28 -64.28 5.83
C ALA E 80 4.77 -64.47 5.70
N ALA E 81 3.98 -63.71 6.46
CA ALA E 81 2.54 -63.91 6.34
C ALA E 81 2.04 -63.46 4.96
N LEU E 82 2.61 -62.37 4.42
CA LEU E 82 2.26 -61.92 3.07
C LEU E 82 2.73 -62.90 2.01
N ASP E 83 3.91 -63.47 2.20
CA ASP E 83 4.31 -64.58 1.34
C ASP E 83 3.27 -65.69 1.42
N TYR E 84 2.95 -66.13 2.65
CA TYR E 84 2.00 -67.21 2.84
C TYR E 84 0.67 -66.90 2.18
N ALA E 85 0.18 -65.67 2.37
CA ALA E 85 -1.11 -65.28 1.80
C ALA E 85 -1.09 -65.35 0.27
N ASP E 86 0.01 -64.93 -0.36
CA ASP E 86 0.07 -65.00 -1.82
C ASP E 86 -0.01 -66.45 -2.28
N ARG E 87 0.67 -67.36 -1.59
CA ARG E 87 0.58 -68.78 -1.90
C ARG E 87 -0.83 -69.31 -1.67
N LEU E 88 -1.43 -68.93 -0.54
CA LEU E 88 -2.78 -69.40 -0.25
C LEU E 88 -3.80 -68.82 -1.21
N HIS E 89 -3.58 -67.58 -1.69
CA HIS E 89 -4.47 -67.04 -2.71
C HIS E 89 -4.51 -67.93 -3.95
N LYS E 90 -3.35 -68.46 -4.37
CA LYS E 90 -3.35 -69.35 -5.53
C LYS E 90 -4.18 -70.60 -5.26
N LEU E 91 -3.94 -71.26 -4.12
CA LEU E 91 -4.74 -72.43 -3.76
C LEU E 91 -6.21 -72.08 -3.71
N SER E 92 -6.55 -70.89 -3.22
CA SER E 92 -7.94 -70.50 -3.12
C SER E 92 -8.57 -70.37 -4.51
N GLU E 93 -7.84 -69.79 -5.46
CA GLU E 93 -8.34 -69.69 -6.84
C GLU E 93 -8.53 -71.08 -7.46
N LYS E 94 -7.63 -72.02 -7.10
CA LYS E 94 -7.76 -73.38 -7.61
C LYS E 94 -9.00 -74.08 -7.07
N HIS E 95 -9.31 -73.90 -5.78
CA HIS E 95 -10.37 -74.66 -5.12
C HIS E 95 -11.63 -73.85 -4.86
N LYS E 96 -11.73 -72.64 -5.43
CA LYS E 96 -12.88 -71.78 -5.17
C LYS E 96 -14.20 -72.39 -5.62
N GLY E 97 -14.17 -73.42 -6.48
CA GLY E 97 -15.40 -74.14 -6.79
C GLY E 97 -15.95 -74.91 -5.60
N GLU E 98 -15.09 -75.31 -4.68
CA GLU E 98 -15.49 -76.18 -3.58
C GLU E 98 -15.20 -75.60 -2.21
N LEU E 99 -14.19 -74.76 -2.08
CA LEU E 99 -13.75 -74.25 -0.79
C LEU E 99 -13.83 -72.74 -0.78
N HIS E 100 -14.33 -72.19 0.31
CA HIS E 100 -14.25 -70.76 0.62
C HIS E 100 -13.10 -70.59 1.60
N ILE E 101 -11.94 -70.24 1.08
CA ILE E 101 -10.73 -70.17 1.88
C ILE E 101 -10.59 -68.80 2.52
N VAL E 102 -10.39 -68.79 3.84
CA VAL E 102 -10.19 -67.58 4.62
C VAL E 102 -8.91 -67.76 5.40
N MET E 103 -7.95 -66.84 5.23
CA MET E 103 -6.65 -66.97 5.88
C MET E 103 -6.77 -66.68 7.37
N ARG E 104 -6.18 -67.56 8.18
CA ARG E 104 -6.14 -67.42 9.64
C ARG E 104 -5.13 -66.35 10.04
N ALA E 105 -5.62 -65.22 10.55
CA ALA E 105 -4.76 -64.09 10.88
C ALA E 105 -4.77 -63.81 12.38
N TYR E 106 -4.27 -64.75 13.16
CA TYR E 106 -4.22 -64.56 14.59
C TYR E 106 -2.88 -63.97 14.97
N LEU E 107 -2.90 -63.11 15.99
CA LEU E 107 -1.71 -62.38 16.40
C LEU E 107 -1.10 -62.92 17.68
N GLU E 108 -1.84 -63.70 18.45
CA GLU E 108 -1.37 -64.12 19.75
C GLU E 108 -1.91 -65.52 20.06
N LYS E 109 -1.08 -66.31 20.74
CA LYS E 109 -1.50 -67.60 21.30
C LYS E 109 -1.75 -67.42 22.79
N PRO E 110 -2.99 -67.57 23.26
CA PRO E 110 -3.29 -67.34 24.68
C PRO E 110 -2.47 -68.26 25.58
N ARG E 111 -1.87 -67.67 26.61
CA ARG E 111 -0.99 -68.45 27.50
C ARG E 111 -1.21 -68.03 28.94
N THR E 112 -1.58 -69.01 29.77
CA THR E 112 -1.54 -68.81 31.22
C THR E 112 -0.12 -68.73 31.73
N THR E 113 0.83 -69.38 31.04
CA THR E 113 2.22 -69.46 31.41
C THR E 113 3.05 -68.41 30.63
N VAL E 114 4.36 -68.37 30.93
CA VAL E 114 5.26 -67.40 30.32
C VAL E 114 5.46 -67.72 28.84
N GLY E 115 5.76 -66.69 28.05
CA GLY E 115 5.97 -66.86 26.62
C GLY E 115 5.70 -65.58 25.87
N TRP E 116 5.97 -65.64 24.56
CA TRP E 116 5.74 -64.50 23.65
C TRP E 116 4.28 -64.09 23.63
N LYS E 117 4.03 -62.80 23.89
CA LYS E 117 2.69 -62.26 24.05
C LYS E 117 2.00 -61.90 22.74
N GLY E 118 2.66 -62.03 21.60
CA GLY E 118 2.01 -61.85 20.32
C GLY E 118 2.44 -60.55 19.65
N LEU E 119 1.94 -60.39 18.42
CA LEU E 119 2.41 -59.31 17.56
C LEU E 119 2.02 -57.95 18.11
N ILE E 120 0.81 -57.85 18.66
CA ILE E 120 0.33 -56.59 19.22
C ILE E 120 1.10 -56.22 20.48
N ASN E 121 1.26 -57.16 21.42
CA ASN E 121 1.93 -56.81 22.68
C ASN E 121 3.42 -56.61 22.53
N ASP E 122 4.06 -57.40 21.69
CA ASP E 122 5.52 -57.44 21.63
C ASP E 122 5.93 -57.64 20.17
N PRO E 123 5.79 -56.62 19.34
CA PRO E 123 6.16 -56.78 17.94
C PRO E 123 7.63 -57.08 17.77
N ASP E 124 8.47 -56.63 18.70
CA ASP E 124 9.90 -56.86 18.55
C ASP E 124 10.34 -58.26 19.00
N ILE E 125 9.44 -59.03 19.62
CA ILE E 125 9.72 -60.39 20.06
C ILE E 125 10.93 -60.37 21.00
N ASP E 126 10.91 -59.44 21.97
CA ASP E 126 12.02 -59.24 22.89
C ASP E 126 11.56 -59.08 24.34
N GLY E 127 10.36 -59.56 24.67
CA GLY E 127 9.83 -59.43 26.02
C GLY E 127 9.41 -58.03 26.41
N SER E 128 9.53 -57.07 25.51
CA SER E 128 9.06 -55.72 25.74
C SER E 128 7.56 -55.61 25.44
N PHE E 129 6.95 -54.56 25.97
CA PHE E 129 5.57 -54.21 25.68
C PHE E 129 5.56 -52.91 24.88
N GLN E 130 5.13 -53.02 23.63
CA GLN E 130 5.05 -51.91 22.68
C GLN E 130 3.71 -52.02 21.96
N ILE E 131 2.62 -51.82 22.72
CA ILE E 131 1.29 -52.09 22.20
C ILE E 131 0.92 -51.12 21.08
N ASN E 132 1.32 -49.85 21.21
CA ASN E 132 1.04 -48.88 20.16
C ASN E 132 1.68 -49.26 18.83
N LYS E 133 2.98 -49.56 18.85
CA LYS E 133 3.64 -50.03 17.63
C LYS E 133 2.99 -51.32 17.12
N GLY E 134 2.74 -52.27 18.02
CA GLY E 134 2.17 -53.55 17.61
C GLY E 134 0.83 -53.40 16.91
N LEU E 135 -0.02 -52.49 17.41
CA LEU E 135 -1.30 -52.23 16.75
C LEU E 135 -1.08 -51.71 15.34
N ARG E 136 -0.06 -50.84 15.16
CA ARG E 136 0.25 -50.33 13.84
C ARG E 136 0.72 -51.45 12.92
N ILE E 137 1.74 -52.20 13.35
CA ILE E 137 2.25 -53.28 12.51
C ILE E 137 1.12 -54.24 12.16
N ALA E 138 0.28 -54.57 13.14
CA ALA E 138 -0.83 -55.48 12.92
C ALA E 138 -1.80 -54.94 11.89
N ARG E 139 -2.22 -53.67 12.03
CA ARG E 139 -3.23 -53.15 11.11
C ARG E 139 -2.68 -53.01 9.69
N LYS E 140 -1.44 -52.53 9.56
CA LYS E 140 -0.82 -52.43 8.24
C LYS E 140 -0.74 -53.79 7.57
N MET E 141 -0.40 -54.83 8.35
CA MET E 141 -0.33 -56.17 7.80
C MET E 141 -1.70 -56.65 7.31
N PHE E 142 -2.74 -56.37 8.09
CA PHE E 142 -4.10 -56.79 7.74
C PHE E 142 -4.60 -56.10 6.48
N VAL E 143 -4.23 -54.83 6.29
CA VAL E 143 -4.64 -54.11 5.09
C VAL E 143 -3.97 -54.70 3.85
N GLN E 144 -2.72 -55.13 3.99
CA GLN E 144 -2.05 -55.81 2.90
C GLN E 144 -2.61 -57.21 2.68
N LEU E 145 -2.88 -57.95 3.77
CA LEU E 145 -3.44 -59.28 3.63
C LEU E 145 -4.77 -59.24 2.87
N THR E 146 -5.63 -58.30 3.22
CA THR E 146 -6.97 -58.25 2.64
C THR E 146 -7.00 -57.53 1.28
N GLU E 147 -5.83 -57.23 0.73
CA GLU E 147 -5.74 -56.97 -0.70
C GLU E 147 -5.58 -58.24 -1.51
N LYS E 148 -5.37 -59.39 -0.85
CA LYS E 148 -5.27 -60.69 -1.51
C LYS E 148 -6.47 -61.60 -1.23
N LEU E 149 -6.88 -61.76 0.04
CA LEU E 149 -7.89 -62.73 0.41
C LEU E 149 -8.49 -62.33 1.76
N PRO E 150 -9.69 -62.83 2.08
CA PRO E 150 -10.29 -62.52 3.39
C PRO E 150 -9.51 -63.17 4.53
N ILE E 151 -9.63 -62.59 5.71
CA ILE E 151 -8.89 -63.06 6.88
C ILE E 151 -9.84 -63.27 8.04
N ALA E 152 -9.42 -64.15 8.96
CA ALA E 152 -10.17 -64.50 10.18
C ALA E 152 -9.34 -64.11 11.39
N GLY E 153 -10.03 -63.61 12.42
CA GLY E 153 -9.37 -63.17 13.63
C GLY E 153 -9.96 -63.83 14.86
N GLU E 154 -9.21 -63.79 15.95
CA GLU E 154 -9.67 -64.22 17.26
C GLU E 154 -9.78 -63.02 18.19
N MET E 155 -10.94 -62.87 18.84
CA MET E 155 -11.17 -61.78 19.78
C MET E 155 -10.81 -62.29 21.18
N LEU E 156 -9.64 -61.90 21.66
CA LEU E 156 -9.21 -62.32 23.00
C LEU E 156 -9.59 -61.32 24.08
N ASP E 157 -9.71 -60.05 23.74
CA ASP E 157 -10.11 -58.96 24.62
C ASP E 157 -11.20 -58.16 23.91
N THR E 158 -11.70 -57.11 24.56
CA THR E 158 -12.80 -56.34 24.02
C THR E 158 -12.43 -54.95 23.50
N ILE E 159 -11.19 -54.50 23.71
CA ILE E 159 -10.79 -53.17 23.28
C ILE E 159 -10.14 -53.22 21.90
N SER E 160 -9.12 -54.06 21.74
CA SER E 160 -8.36 -54.17 20.50
C SER E 160 -9.20 -54.54 19.27
N PRO E 161 -10.36 -55.19 19.41
CA PRO E 161 -11.25 -55.28 18.23
C PRO E 161 -11.65 -53.94 17.65
N GLN E 162 -11.70 -52.87 18.46
CA GLN E 162 -12.01 -51.55 17.92
C GLN E 162 -11.01 -51.10 16.86
N PHE E 163 -9.76 -51.56 16.95
CA PHE E 163 -8.70 -51.19 16.03
C PHE E 163 -8.71 -52.03 14.76
N LEU E 164 -9.27 -53.23 14.80
CA LEU E 164 -9.03 -54.18 13.70
C LEU E 164 -10.28 -54.77 13.10
N SER E 165 -11.45 -54.57 13.71
CA SER E 165 -12.59 -55.40 13.32
C SER E 165 -13.15 -55.04 11.94
N ASP E 166 -12.76 -53.91 11.34
CA ASP E 166 -13.29 -53.65 10.00
C ASP E 166 -12.67 -54.56 8.95
N LEU E 167 -11.65 -55.34 9.32
CA LEU E 167 -10.85 -56.11 8.37
C LEU E 167 -11.23 -57.58 8.31
N PHE E 168 -11.92 -58.10 9.32
CA PHE E 168 -12.18 -59.53 9.39
C PHE E 168 -13.40 -59.89 8.56
N SER E 169 -13.35 -61.06 7.95
CA SER E 169 -14.49 -61.64 7.28
C SER E 169 -15.16 -62.71 8.12
N VAL E 170 -14.54 -63.11 9.23
CA VAL E 170 -15.10 -64.06 10.18
C VAL E 170 -14.17 -64.02 11.40
N GLY E 171 -14.72 -64.30 12.58
CA GLY E 171 -13.95 -64.20 13.81
C GLY E 171 -14.33 -65.30 14.78
N ALA E 172 -13.53 -65.43 15.84
CA ALA E 172 -13.76 -66.42 16.88
C ALA E 172 -13.43 -65.84 18.25
N ILE E 173 -14.22 -66.21 19.26
CA ILE E 173 -13.95 -65.84 20.64
C ILE E 173 -12.98 -66.85 21.23
N GLY E 174 -11.96 -66.35 21.93
CA GLY E 174 -11.04 -67.22 22.66
C GLY E 174 -11.72 -68.22 23.58
N ALA E 175 -11.15 -69.43 23.74
CA ALA E 175 -11.80 -70.43 24.59
C ALA E 175 -11.98 -69.93 26.03
N ARG E 176 -10.97 -69.26 26.58
CA ARG E 176 -11.04 -68.80 27.96
C ARG E 176 -12.12 -67.76 28.23
N THR E 177 -12.83 -67.27 27.20
CA THR E 177 -13.87 -66.27 27.41
C THR E 177 -15.18 -66.61 26.71
N THR E 178 -15.41 -67.88 26.36
CA THR E 178 -16.73 -68.24 25.82
C THR E 178 -17.83 -67.90 26.82
N GLU E 179 -17.54 -67.98 28.12
CA GLU E 179 -18.49 -67.64 29.18
C GLU E 179 -18.62 -66.15 29.45
N SER E 180 -17.69 -65.33 28.95
CA SER E 180 -17.62 -63.94 29.35
C SER E 180 -18.80 -63.17 28.78
N GLN E 181 -19.58 -62.56 29.66
CA GLN E 181 -20.66 -61.70 29.21
C GLN E 181 -20.15 -60.61 28.28
N LEU E 182 -18.95 -60.12 28.56
CA LEU E 182 -18.35 -59.07 27.75
C LEU E 182 -18.20 -59.50 26.30
N HIS E 183 -17.69 -60.72 26.08
CA HIS E 183 -17.44 -61.18 24.72
C HIS E 183 -18.72 -61.57 24.00
N ARG E 184 -19.76 -61.94 24.72
CA ARG E 184 -21.03 -62.19 24.06
C ARG E 184 -21.64 -60.88 23.56
N GLU E 185 -21.60 -59.83 24.38
CA GLU E 185 -22.04 -58.50 23.95
C GLU E 185 -21.21 -58.02 22.77
N LEU E 186 -19.89 -58.22 22.83
CA LEU E 186 -19.04 -57.89 21.70
C LEU E 186 -19.55 -58.56 20.43
N ALA E 187 -19.80 -59.86 20.49
CA ALA E 187 -20.22 -60.60 19.30
C ALA E 187 -21.52 -60.07 18.73
N SER E 188 -22.41 -59.55 19.59
CA SER E 188 -23.70 -59.08 19.11
C SER E 188 -23.59 -57.80 18.29
N GLY E 189 -22.44 -57.14 18.28
CA GLY E 189 -22.30 -55.89 17.56
C GLY E 189 -21.34 -55.96 16.41
N LEU E 190 -20.69 -57.09 16.23
CA LEU E 190 -19.70 -57.23 15.17
C LEU E 190 -20.39 -57.40 13.82
N SER E 191 -19.67 -57.02 12.77
CA SER E 191 -20.22 -56.99 11.42
C SER E 191 -19.97 -58.28 10.63
N PHE E 192 -19.65 -59.38 11.31
CA PHE E 192 -19.28 -60.62 10.63
C PHE E 192 -19.61 -61.80 11.52
N PRO E 193 -19.70 -63.01 10.97
CA PRO E 193 -19.98 -64.19 11.80
C PRO E 193 -18.89 -64.45 12.85
N VAL E 194 -19.32 -64.95 14.01
CA VAL E 194 -18.41 -65.23 15.12
C VAL E 194 -18.61 -66.67 15.61
N GLY E 195 -17.51 -67.33 15.95
CA GLY E 195 -17.53 -68.70 16.44
C GLY E 195 -17.21 -68.78 17.93
N PHE E 196 -17.91 -69.70 18.61
CA PHE E 196 -17.72 -69.95 20.04
C PHE E 196 -17.25 -71.38 20.27
N LYS E 197 -16.14 -71.52 20.97
CA LYS E 197 -15.53 -72.84 21.20
C LYS E 197 -16.24 -73.59 22.34
N ASN E 198 -16.33 -74.92 22.21
CA ASN E 198 -16.89 -75.70 23.30
C ASN E 198 -16.02 -75.59 24.56
N GLY E 199 -16.63 -75.92 25.69
CA GLY E 199 -15.99 -75.77 26.98
C GLY E 199 -14.76 -76.65 27.14
N THR E 200 -13.90 -76.25 28.09
CA THR E 200 -12.70 -77.01 28.41
C THR E 200 -12.98 -78.50 28.67
N ASP E 201 -14.14 -78.81 29.24
CA ASP E 201 -14.48 -80.20 29.52
C ASP E 201 -15.19 -80.89 28.36
N GLY E 202 -15.23 -80.26 27.20
CA GLY E 202 -15.86 -80.88 26.04
C GLY E 202 -17.36 -80.69 25.96
N THR E 203 -17.96 -79.90 26.85
CA THR E 203 -19.39 -79.62 26.82
C THR E 203 -19.73 -78.48 25.88
N LEU E 204 -20.91 -78.58 25.26
CA LEU E 204 -21.41 -77.58 24.32
C LEU E 204 -22.23 -76.48 24.96
N GLY E 205 -22.71 -76.66 26.18
CA GLY E 205 -23.62 -75.70 26.79
C GLY E 205 -23.07 -74.29 26.76
N VAL E 206 -21.84 -74.14 27.23
CA VAL E 206 -21.22 -72.83 27.33
C VAL E 206 -21.20 -72.14 25.96
N ALA E 207 -21.02 -72.91 24.88
CA ALA E 207 -21.06 -72.35 23.52
C ALA E 207 -22.48 -72.11 23.04
N ILE E 208 -23.42 -72.97 23.44
CA ILE E 208 -24.84 -72.78 23.12
C ILE E 208 -25.36 -71.51 23.78
N ASP E 209 -25.06 -71.34 25.07
CA ASP E 209 -25.42 -70.11 25.76
C ASP E 209 -24.87 -68.88 25.05
N ALA E 210 -23.59 -68.95 24.68
CA ALA E 210 -22.93 -67.84 23.99
C ALA E 210 -23.63 -67.54 22.67
N LEU E 211 -23.99 -68.58 21.94
CA LEU E 211 -24.72 -68.38 20.68
C LEU E 211 -26.01 -67.59 20.91
N ARG E 212 -26.82 -68.00 21.89
CA ARG E 212 -28.10 -67.35 22.10
C ARG E 212 -27.94 -65.94 22.63
N ALA E 213 -27.05 -65.73 23.61
CA ALA E 213 -26.82 -64.37 24.09
C ALA E 213 -26.37 -63.44 22.95
N ALA E 214 -25.44 -63.91 22.11
CA ALA E 214 -24.93 -63.05 21.05
C ALA E 214 -25.99 -62.72 20.01
N SER E 215 -27.06 -63.51 19.92
CA SER E 215 -28.06 -63.23 18.91
C SER E 215 -29.02 -62.14 19.32
N HIS E 216 -28.94 -61.65 20.62
CA HIS E 216 -29.89 -60.66 21.09
C HIS E 216 -29.27 -59.27 21.12
N PRO E 217 -30.05 -58.21 20.97
CA PRO E 217 -29.51 -56.86 21.17
C PRO E 217 -29.10 -56.63 22.61
N HIS E 218 -28.09 -55.79 22.80
CA HIS E 218 -27.57 -55.50 24.14
C HIS E 218 -27.32 -54.00 24.33
N HIS E 219 -27.20 -53.61 25.59
CA HIS E 219 -26.78 -52.27 26.00
C HIS E 219 -25.66 -52.44 27.02
N PHE E 220 -24.51 -51.85 26.76
CA PHE E 220 -23.42 -52.07 27.69
C PHE E 220 -22.39 -50.95 27.50
N LEU E 221 -21.59 -50.76 28.54
CA LEU E 221 -20.45 -49.85 28.48
C LEU E 221 -19.44 -50.36 27.47
N SER E 222 -18.82 -49.45 26.74
CA SER E 222 -17.87 -49.88 25.71
C SER E 222 -16.94 -48.75 25.32
N VAL E 223 -15.79 -49.13 24.84
CA VAL E 223 -14.88 -48.19 24.20
C VAL E 223 -15.37 -47.93 22.79
N THR E 224 -15.34 -46.67 22.39
CA THR E 224 -15.71 -46.27 21.03
C THR E 224 -14.48 -45.81 20.26
N LYS E 225 -14.67 -45.68 18.95
CA LYS E 225 -13.55 -45.44 18.06
C LYS E 225 -12.79 -44.14 18.34
N PRO E 226 -13.41 -43.05 18.81
CA PRO E 226 -12.60 -41.89 19.25
C PRO E 226 -11.78 -42.17 20.50
N GLY E 227 -11.97 -43.32 21.14
CA GLY E 227 -11.17 -43.74 22.26
C GLY E 227 -11.72 -43.39 23.61
N ILE E 228 -12.99 -42.96 23.69
CA ILE E 228 -13.64 -42.66 24.94
C ILE E 228 -14.66 -43.77 25.18
N VAL E 229 -15.08 -43.88 26.44
CA VAL E 229 -16.05 -44.90 26.81
C VAL E 229 -17.46 -44.31 26.76
N SER E 230 -18.37 -45.02 26.11
CA SER E 230 -19.77 -44.62 26.06
C SER E 230 -20.64 -45.86 26.20
N ILE E 231 -21.96 -45.66 26.11
CA ILE E 231 -22.94 -46.74 26.14
C ILE E 231 -23.27 -47.12 24.70
N VAL E 232 -23.16 -48.40 24.39
CA VAL E 232 -23.46 -48.90 23.05
C VAL E 232 -24.71 -49.74 23.10
N GLY E 233 -25.49 -49.69 22.03
CA GLY E 233 -26.61 -50.57 21.83
C GLY E 233 -26.37 -51.43 20.62
N THR E 234 -26.50 -52.75 20.75
CA THR E 234 -26.25 -53.66 19.64
C THR E 234 -27.54 -54.21 19.07
N GLU E 235 -27.44 -54.80 17.88
CA GLU E 235 -28.58 -55.31 17.16
C GLU E 235 -28.79 -56.80 17.36
N GLY E 236 -27.75 -57.53 17.76
CA GLY E 236 -27.79 -58.97 17.82
C GLY E 236 -27.20 -59.64 16.60
N ASN E 237 -26.44 -60.70 16.79
CA ASN E 237 -25.76 -61.37 15.71
C ASN E 237 -26.27 -62.80 15.59
N GLN E 238 -27.08 -63.06 14.56
CA GLN E 238 -27.64 -64.38 14.32
C GLN E 238 -26.78 -65.23 13.39
N ASP E 239 -25.60 -64.77 13.04
CA ASP E 239 -24.74 -65.46 12.09
C ASP E 239 -23.63 -66.23 12.78
N CYS E 240 -23.87 -66.69 14.01
CA CYS E 240 -22.83 -67.32 14.82
C CYS E 240 -22.91 -68.84 14.77
N PHE E 241 -21.81 -69.49 15.19
CA PHE E 241 -21.65 -70.92 15.07
C PHE E 241 -20.77 -71.43 16.20
N VAL E 242 -20.67 -72.76 16.32
CA VAL E 242 -19.88 -73.41 17.37
C VAL E 242 -18.61 -74.02 16.77
N ILE E 243 -17.59 -74.13 17.61
CA ILE E 243 -16.29 -74.66 17.21
C ILE E 243 -15.97 -75.88 18.07
N LEU E 244 -15.88 -77.06 17.44
CA LEU E 244 -15.47 -78.29 18.11
C LEU E 244 -13.94 -78.39 18.10
N ARG E 245 -13.35 -78.42 19.29
CA ARG E 245 -11.91 -78.30 19.41
C ARG E 245 -11.34 -79.24 20.45
N GLY E 246 -12.03 -80.32 20.76
CA GLY E 246 -11.61 -81.25 21.79
C GLY E 246 -11.78 -80.69 23.20
N GLY E 247 -11.23 -81.45 24.14
CA GLY E 247 -11.36 -81.16 25.56
C GLY E 247 -11.16 -82.43 26.38
N LYS E 248 -11.44 -82.30 27.68
CA LYS E 248 -11.07 -83.37 28.62
C LYS E 248 -11.70 -84.71 28.24
N GLN E 249 -12.83 -84.69 27.54
CA GLN E 249 -13.48 -85.91 27.08
C GLN E 249 -12.79 -86.52 25.85
N GLY E 250 -11.69 -85.94 25.38
CA GLY E 250 -11.01 -86.42 24.19
C GLY E 250 -11.36 -85.61 22.95
N THR E 251 -11.02 -86.19 21.78
CA THR E 251 -11.27 -85.52 20.52
C THR E 251 -12.76 -85.60 20.19
N ASN E 252 -13.27 -84.61 19.44
CA ASN E 252 -14.69 -84.59 19.12
C ASN E 252 -14.94 -84.25 17.66
N TYR E 253 -14.03 -84.68 16.76
CA TYR E 253 -14.24 -84.48 15.32
C TYR E 253 -14.96 -85.66 14.67
N ASP E 254 -15.07 -86.78 15.37
CA ASP E 254 -15.63 -87.98 14.77
C ASP E 254 -17.12 -87.77 14.45
N ALA E 255 -17.63 -88.62 13.55
CA ALA E 255 -19.04 -88.53 13.18
C ALA E 255 -19.95 -88.69 14.40
N LYS E 256 -19.48 -89.40 15.44
CA LYS E 256 -20.29 -89.57 16.65
C LYS E 256 -20.47 -88.26 17.39
N SER E 257 -19.37 -87.53 17.62
CA SER E 257 -19.46 -86.26 18.32
C SER E 257 -20.28 -85.25 17.54
N VAL E 258 -20.10 -85.22 16.22
CA VAL E 258 -20.88 -84.31 15.38
C VAL E 258 -22.37 -84.61 15.49
N LYS E 259 -22.74 -85.89 15.54
CA LYS E 259 -24.15 -86.22 15.69
C LYS E 259 -24.66 -85.77 17.06
N GLU E 260 -23.85 -85.96 18.10
CA GLU E 260 -24.19 -85.43 19.41
C GLU E 260 -24.36 -83.93 19.36
N THR E 261 -23.47 -83.24 18.63
CA THR E 261 -23.49 -81.78 18.52
C THR E 261 -24.73 -81.31 17.78
N LYS E 262 -25.04 -81.92 16.64
CA LYS E 262 -26.26 -81.58 15.91
C LYS E 262 -27.46 -81.67 16.82
N GLU E 263 -27.53 -82.74 17.61
CA GLU E 263 -28.68 -82.93 18.49
C GLU E 263 -28.76 -81.83 19.53
N ALA E 264 -27.61 -81.46 20.09
CA ALA E 264 -27.57 -80.38 21.08
C ALA E 264 -28.08 -79.08 20.49
N LEU E 265 -27.59 -78.76 19.29
CA LEU E 265 -28.02 -77.54 18.61
C LEU E 265 -29.52 -77.58 18.34
N ALA E 266 -30.04 -78.74 17.96
CA ALA E 266 -31.47 -78.85 17.68
C ALA E 266 -32.29 -78.70 18.95
N LYS E 267 -31.90 -79.38 20.04
CA LYS E 267 -32.65 -79.26 21.29
C LYS E 267 -32.64 -77.83 21.83
N ALA E 268 -31.51 -77.14 21.72
CA ALA E 268 -31.42 -75.77 22.20
C ALA E 268 -32.12 -74.76 21.30
N LYS E 269 -32.80 -75.22 20.25
CA LYS E 269 -33.54 -74.35 19.32
C LYS E 269 -32.59 -73.36 18.65
N VAL E 270 -31.39 -73.81 18.33
CA VAL E 270 -30.37 -72.99 17.69
C VAL E 270 -30.32 -73.27 16.19
N VAL E 271 -30.64 -74.51 15.80
CA VAL E 271 -30.69 -74.89 14.39
C VAL E 271 -32.06 -75.53 14.15
N ASP E 272 -32.80 -74.99 13.19
CA ASP E 272 -34.09 -75.56 12.82
C ASP E 272 -33.89 -77.03 12.42
N PRO E 273 -34.47 -77.97 13.14
CA PRO E 273 -34.25 -79.39 12.81
C PRO E 273 -34.83 -79.80 11.46
N GLU E 274 -35.79 -79.04 10.92
CA GLU E 274 -36.42 -79.44 9.66
C GLU E 274 -35.67 -78.93 8.43
N ASN E 275 -35.15 -77.71 8.49
CA ASN E 275 -34.24 -77.17 7.48
C ASN E 275 -32.97 -76.72 8.19
N PRO E 276 -32.01 -77.63 8.40
CA PRO E 276 -30.86 -77.28 9.26
C PRO E 276 -29.80 -76.51 8.49
N LYS E 277 -29.38 -75.38 9.07
CA LYS E 277 -28.24 -74.64 8.55
C LYS E 277 -26.94 -75.11 9.21
N PRO E 278 -25.87 -75.24 8.43
CA PRO E 278 -24.61 -75.76 8.99
C PRO E 278 -23.94 -74.74 9.88
N ARG E 279 -23.79 -75.09 11.17
CA ARG E 279 -23.24 -74.19 12.17
C ARG E 279 -22.16 -74.85 13.01
N ILE E 280 -21.57 -75.94 12.51
CA ILE E 280 -20.55 -76.69 13.22
C ILE E 280 -19.23 -76.51 12.46
N MET E 281 -18.25 -75.90 13.12
CA MET E 281 -16.90 -75.82 12.57
C MET E 281 -15.97 -76.70 13.38
N VAL E 282 -15.12 -77.46 12.68
CA VAL E 282 -14.21 -78.42 13.30
C VAL E 282 -12.81 -77.82 13.35
N ASP E 283 -12.30 -77.61 14.55
CA ASP E 283 -10.89 -77.24 14.74
C ASP E 283 -10.03 -78.50 14.60
N CYS E 284 -9.15 -78.52 13.60
CA CYS E 284 -8.33 -79.70 13.39
C CYS E 284 -7.07 -79.73 14.25
N SER E 285 -6.79 -78.67 14.99
CA SER E 285 -5.58 -78.62 15.77
C SER E 285 -5.92 -78.63 17.27
N HIS E 286 -4.96 -78.22 18.09
CA HIS E 286 -5.17 -77.97 19.51
C HIS E 286 -5.66 -79.29 20.13
N GLY E 287 -6.81 -79.30 20.81
CA GLY E 287 -7.28 -80.53 21.47
C GLY E 287 -7.52 -81.68 20.51
N ASN E 288 -7.97 -81.37 19.30
CA ASN E 288 -8.34 -82.42 18.35
C ASN E 288 -7.15 -83.07 17.67
N SER E 289 -5.93 -82.58 17.89
CA SER E 289 -4.75 -83.19 17.30
C SER E 289 -3.76 -83.76 18.30
N ASN E 290 -4.08 -83.74 19.60
CA ASN E 290 -3.15 -84.18 20.66
C ASN E 290 -1.86 -83.38 20.61
N LYS E 291 -1.98 -82.11 20.26
CA LYS E 291 -0.84 -81.19 20.15
C LYS E 291 0.29 -81.81 19.33
N ASN E 292 -0.06 -82.32 18.15
CA ASN E 292 0.91 -82.90 17.22
C ASN E 292 0.46 -82.53 15.81
N HIS E 293 1.24 -81.67 15.14
CA HIS E 293 0.79 -81.09 13.87
C HIS E 293 0.55 -82.17 12.82
N LYS E 294 1.28 -83.28 12.89
CA LYS E 294 1.12 -84.34 11.90
C LYS E 294 -0.27 -84.98 11.94
N ASN E 295 -1.03 -84.79 13.02
CA ASN E 295 -2.37 -85.35 13.11
C ASN E 295 -3.43 -84.51 12.41
N GLN E 296 -3.13 -83.24 12.12
CA GLN E 296 -4.12 -82.37 11.50
C GLN E 296 -4.64 -82.92 10.18
N PRO E 297 -3.82 -83.45 9.26
CA PRO E 297 -4.41 -83.99 8.03
C PRO E 297 -5.32 -85.17 8.29
N LEU E 298 -5.05 -85.94 9.35
CA LEU E 298 -5.91 -87.06 9.69
C LEU E 298 -7.28 -86.56 10.16
N VAL E 299 -7.28 -85.51 10.98
CA VAL E 299 -8.54 -84.91 11.43
C VAL E 299 -9.36 -84.43 10.23
N ALA E 300 -8.71 -83.72 9.30
CA ALA E 300 -9.41 -83.22 8.12
C ALA E 300 -9.91 -84.35 7.24
N ALA E 301 -9.08 -85.37 7.04
CA ALA E 301 -9.50 -86.52 6.26
C ALA E 301 -10.75 -87.17 6.85
N ASP E 302 -10.83 -87.21 8.18
CA ASP E 302 -12.03 -87.76 8.82
C ASP E 302 -13.26 -86.91 8.52
N VAL E 303 -13.13 -85.59 8.61
CA VAL E 303 -14.25 -84.71 8.28
C VAL E 303 -14.63 -84.85 6.81
N ALA E 304 -13.63 -84.93 5.93
CA ALA E 304 -13.89 -85.10 4.50
C ALA E 304 -14.70 -86.36 4.22
N LYS E 305 -14.37 -87.46 4.89
CA LYS E 305 -15.15 -88.69 4.72
C LYS E 305 -16.60 -88.45 5.11
N GLN E 306 -16.83 -87.72 6.20
CA GLN E 306 -18.19 -87.38 6.60
C GLN E 306 -18.87 -86.52 5.54
N ILE E 307 -18.15 -85.50 5.06
CA ILE E 307 -18.69 -84.64 4.00
C ILE E 307 -19.01 -85.45 2.76
N SER E 308 -18.07 -86.33 2.36
CA SER E 308 -18.26 -87.10 1.14
C SER E 308 -19.44 -88.05 1.26
N GLU E 309 -19.76 -88.48 2.47
CA GLU E 309 -20.87 -89.38 2.71
C GLU E 309 -22.19 -88.66 2.98
N GLY E 310 -22.21 -87.34 2.92
CA GLY E 310 -23.45 -86.58 2.93
C GLY E 310 -23.64 -85.65 4.12
N GLU E 311 -22.65 -85.56 5.03
CA GLU E 311 -22.74 -84.65 6.16
C GLU E 311 -22.97 -83.21 5.68
N ASP E 312 -24.01 -82.55 6.23
CA ASP E 312 -24.42 -81.24 5.77
C ASP E 312 -24.55 -80.20 6.87
N GLN E 313 -24.09 -80.48 8.09
CA GLN E 313 -24.15 -79.48 9.15
C GLN E 313 -22.76 -79.04 9.60
N ILE E 314 -21.70 -79.59 9.02
CA ILE E 314 -20.35 -79.05 9.20
C ILE E 314 -20.15 -77.91 8.20
N CYS E 315 -20.00 -76.69 8.72
CA CYS E 315 -19.81 -75.55 7.83
C CYS E 315 -18.36 -75.35 7.44
N GLY E 316 -17.41 -75.87 8.21
CA GLY E 316 -16.03 -75.67 7.82
C GLY E 316 -15.04 -76.23 8.82
N LEU E 317 -13.77 -75.95 8.54
CA LEU E 317 -12.65 -76.45 9.33
C LEU E 317 -11.67 -75.33 9.63
N MET E 318 -10.98 -75.46 10.75
CA MET E 318 -9.85 -74.61 11.12
C MET E 318 -8.57 -75.45 11.06
N ILE E 319 -7.51 -74.91 10.44
CA ILE E 319 -6.23 -75.60 10.31
C ILE E 319 -5.10 -74.63 10.63
N GLU E 320 -4.13 -75.09 11.43
CA GLU E 320 -2.93 -74.33 11.71
C GLU E 320 -1.87 -74.74 10.67
N SER E 321 -1.54 -73.80 9.78
CA SER E 321 -0.73 -74.04 8.60
C SER E 321 0.26 -72.89 8.35
N ASN E 322 1.47 -73.24 7.93
CA ASN E 322 2.52 -72.25 7.69
C ASN E 322 3.32 -72.67 6.44
N ILE E 323 4.32 -71.85 6.08
CA ILE E 323 5.16 -72.20 4.94
C ILE E 323 5.95 -73.47 5.24
N ASN E 324 6.58 -73.53 6.40
CA ASN E 324 7.34 -74.70 6.81
C ASN E 324 6.68 -75.31 8.05
N GLU E 325 6.67 -76.64 8.09
CA GLU E 325 5.95 -77.34 9.15
C GLU E 325 6.68 -77.19 10.48
N GLY E 326 5.99 -77.57 11.55
CA GLY E 326 6.58 -77.64 12.88
C GLY E 326 6.59 -76.33 13.64
N ARG E 327 7.58 -76.13 14.50
CA ARG E 327 7.66 -74.93 15.32
C ARG E 327 9.10 -74.75 15.74
N GLN E 328 9.38 -73.63 16.38
CA GLN E 328 10.74 -73.32 16.84
C GLN E 328 10.63 -72.38 18.03
N ASP E 329 11.62 -72.44 18.91
CA ASP E 329 11.72 -71.46 19.97
C ASP E 329 12.46 -70.23 19.47
N VAL E 330 12.28 -69.13 20.16
CA VAL E 330 13.03 -67.92 19.85
C VAL E 330 14.40 -68.04 20.50
N PRO E 331 15.48 -67.94 19.73
CA PRO E 331 16.80 -68.10 20.33
C PRO E 331 17.07 -67.00 21.35
N PRO E 332 17.85 -67.29 22.39
CA PRO E 332 18.27 -66.23 23.31
C PRO E 332 19.05 -65.15 22.58
N ALA E 333 19.04 -63.94 23.15
CA ALA E 333 19.90 -62.90 22.61
C ALA E 333 21.36 -63.31 22.59
N ASP E 334 21.75 -64.15 23.56
CA ASP E 334 23.08 -64.76 23.53
C ASP E 334 23.38 -65.37 22.16
N LYS E 335 22.47 -66.22 21.68
CA LYS E 335 22.70 -67.02 20.49
C LYS E 335 21.91 -66.53 19.28
N GLY E 336 21.66 -65.22 19.19
CA GLY E 336 21.15 -64.62 17.98
C GLY E 336 19.83 -63.87 18.11
N GLY E 337 19.04 -64.12 19.16
CA GLY E 337 17.78 -63.38 19.32
C GLY E 337 16.72 -63.71 18.27
N LYS E 338 15.82 -62.74 18.04
CA LYS E 338 14.75 -62.95 17.06
C LYS E 338 15.28 -63.05 15.63
N GLU E 339 16.44 -62.45 15.36
CA GLU E 339 16.97 -62.49 14.01
C GLU E 339 17.38 -63.90 13.60
N ALA E 340 17.65 -64.77 14.56
CA ALA E 340 18.11 -66.12 14.27
C ALA E 340 16.98 -67.10 13.95
N LEU E 341 15.77 -66.62 13.73
CA LEU E 341 14.65 -67.53 13.48
C LEU E 341 14.63 -68.06 12.05
N LYS E 342 14.17 -69.30 11.90
CA LYS E 342 13.90 -69.86 10.58
C LYS E 342 12.73 -69.12 9.95
N TYR E 343 12.88 -68.78 8.67
CA TYR E 343 11.79 -68.12 7.95
C TYR E 343 10.57 -69.04 7.83
N GLY E 344 9.39 -68.45 7.98
CA GLY E 344 8.15 -69.15 7.70
C GLY E 344 7.83 -70.32 8.60
N CYS E 345 8.29 -70.31 9.85
CA CYS E 345 8.04 -71.40 10.79
C CYS E 345 7.48 -70.86 12.09
N SER E 346 6.38 -71.44 12.52
CA SER E 346 5.70 -70.93 13.69
C SER E 346 6.61 -70.89 14.91
N ILE E 347 6.43 -69.87 15.76
CA ILE E 347 7.07 -69.83 17.06
C ILE E 347 6.07 -70.11 18.17
N THR E 348 4.83 -70.42 17.82
CA THR E 348 3.84 -70.88 18.80
C THR E 348 3.48 -72.34 18.50
N ASP E 349 2.22 -72.64 18.18
CA ASP E 349 1.86 -74.02 17.90
C ASP E 349 2.51 -74.50 16.62
N ALA E 350 2.86 -75.78 16.59
CA ALA E 350 3.35 -76.38 15.37
C ALA E 350 2.28 -76.37 14.28
N CYS E 351 2.69 -76.07 13.05
CA CYS E 351 1.79 -76.07 11.89
C CYS E 351 2.20 -77.13 10.88
N ILE E 352 1.25 -77.50 10.02
CA ILE E 352 1.61 -78.24 8.81
C ILE E 352 2.25 -77.27 7.83
N GLY E 353 3.18 -77.78 7.02
CA GLY E 353 3.82 -76.99 6.00
C GLY E 353 2.93 -76.82 4.77
N ILE E 354 3.49 -76.14 3.77
CA ILE E 354 2.72 -75.87 2.56
C ILE E 354 2.41 -77.16 1.77
N ASP E 355 3.29 -78.17 1.83
CA ASP E 355 3.01 -79.42 1.13
C ASP E 355 1.78 -80.11 1.71
N ASP E 356 1.77 -80.36 3.04
CA ASP E 356 0.58 -80.97 3.64
C ASP E 356 -0.67 -80.14 3.37
N THR E 357 -0.50 -78.81 3.30
CA THR E 357 -1.62 -77.89 3.11
C THR E 357 -2.30 -78.10 1.76
N GLU E 358 -1.52 -78.16 0.68
CA GLU E 358 -2.11 -78.37 -0.64
C GLU E 358 -2.84 -79.70 -0.68
N SER E 359 -2.24 -80.74 -0.08
CA SER E 359 -2.87 -82.06 -0.06
C SER E 359 -4.18 -82.05 0.71
N VAL E 360 -4.21 -81.43 1.89
CA VAL E 360 -5.45 -81.36 2.68
C VAL E 360 -6.55 -80.67 1.89
N LEU E 361 -6.22 -79.56 1.23
CA LEU E 361 -7.22 -78.78 0.49
C LEU E 361 -7.81 -79.60 -0.65
N GLU E 362 -6.99 -80.37 -1.35
CA GLU E 362 -7.49 -81.23 -2.40
C GLU E 362 -8.45 -82.28 -1.84
N THR E 363 -8.11 -82.88 -0.69
CA THR E 363 -8.99 -83.85 -0.04
C THR E 363 -10.35 -83.25 0.26
N LEU E 364 -10.37 -82.08 0.87
CA LEU E 364 -11.64 -81.45 1.21
C LEU E 364 -12.45 -81.10 -0.05
N ALA E 365 -11.77 -80.58 -1.08
CA ALA E 365 -12.47 -80.23 -2.32
C ALA E 365 -13.08 -81.46 -2.97
N GLN E 366 -12.36 -82.59 -2.92
CA GLN E 366 -12.90 -83.83 -3.44
C GLN E 366 -14.14 -84.27 -2.65
N ALA E 367 -14.12 -84.05 -1.33
CA ALA E 367 -15.26 -84.43 -0.50
C ALA E 367 -16.51 -83.64 -0.88
N ILE E 368 -16.35 -82.34 -1.13
CA ILE E 368 -17.47 -81.51 -1.57
C ILE E 368 -17.94 -81.95 -2.95
N LYS E 369 -17.00 -82.22 -3.85
CA LYS E 369 -17.38 -82.79 -5.14
C LYS E 369 -18.08 -84.13 -4.94
N ALA E 370 -17.56 -84.98 -4.04
CA ALA E 370 -18.18 -86.27 -3.76
C ALA E 370 -19.61 -86.10 -3.26
N ARG E 371 -19.83 -85.17 -2.33
CA ARG E 371 -21.16 -85.03 -1.73
C ARG E 371 -22.19 -84.56 -2.75
N ARG E 372 -21.74 -83.88 -3.81
CA ARG E 372 -22.65 -83.42 -4.84
C ARG E 372 -23.19 -84.59 -5.67
N GLY E 373 -22.37 -85.63 -5.89
CA GLY E 373 -22.82 -86.78 -6.65
C GLY E 373 -23.96 -87.54 -5.99
N LEU E 374 -24.14 -87.35 -4.69
CA LEU E 374 -25.22 -88.00 -3.95
C LEU E 374 -26.58 -87.47 -4.40
N ALA F 3 -12.23 -34.02 1.44
CA ALA F 3 -12.46 -35.45 1.60
C ALA F 3 -11.88 -35.91 2.92
N MET F 4 -12.66 -35.75 3.97
CA MET F 4 -12.22 -35.90 5.35
C MET F 4 -12.60 -37.25 5.91
N PHE F 5 -11.94 -37.62 7.01
CA PHE F 5 -12.09 -38.97 7.56
C PHE F 5 -13.53 -39.24 7.99
N ILE F 6 -14.03 -38.52 8.99
CA ILE F 6 -15.43 -38.62 9.37
C ILE F 6 -16.17 -37.52 8.61
N GLN F 7 -17.01 -37.90 7.66
CA GLN F 7 -17.72 -36.93 6.83
C GLN F 7 -19.16 -36.77 7.28
N ASN F 8 -19.55 -35.52 7.55
CA ASN F 8 -20.94 -35.17 7.82
C ASN F 8 -21.76 -35.40 6.57
N GLU F 9 -22.55 -36.47 6.55
CA GLU F 9 -23.40 -36.73 5.39
C GLU F 9 -24.51 -35.68 5.25
N HIS F 10 -24.67 -34.79 6.22
CA HIS F 10 -25.77 -33.84 6.26
C HIS F 10 -25.29 -32.41 6.10
N VAL F 11 -24.08 -32.23 5.59
CA VAL F 11 -23.52 -30.90 5.41
C VAL F 11 -24.44 -30.07 4.51
N GLY F 12 -24.69 -28.82 4.90
CA GLY F 12 -25.55 -27.93 4.15
C GLY F 12 -27.03 -28.12 4.35
N ASP F 13 -27.46 -29.04 5.21
CA ASP F 13 -28.88 -29.23 5.52
C ASP F 13 -29.27 -28.20 6.59
N ARG F 14 -29.87 -27.09 6.17
CA ARG F 14 -30.18 -26.02 7.11
C ARG F 14 -31.34 -26.34 8.06
N SER F 15 -32.08 -27.44 7.84
CA SER F 15 -33.12 -27.85 8.77
C SER F 15 -32.56 -28.45 10.05
N ARG F 16 -31.25 -28.66 10.13
CA ARG F 16 -30.59 -29.30 11.26
C ARG F 16 -30.16 -28.23 12.27
N MET F 17 -29.94 -28.66 13.50
CA MET F 17 -29.78 -27.72 14.61
C MET F 17 -28.36 -27.23 14.79
N GLU F 18 -27.32 -28.01 14.47
CA GLU F 18 -26.01 -27.50 14.84
C GLU F 18 -24.82 -27.93 14.01
N ASP F 19 -24.97 -28.80 13.00
CA ASP F 19 -23.79 -29.35 12.34
C ASP F 19 -23.67 -29.04 10.85
N TRP F 20 -24.61 -28.32 10.24
CA TRP F 20 -24.66 -28.24 8.78
C TRP F 20 -23.59 -27.35 8.16
N ARG F 21 -22.75 -26.68 8.93
CA ARG F 21 -21.59 -26.01 8.35
C ARG F 21 -20.29 -26.74 8.69
N ILE F 22 -20.39 -28.00 9.11
CA ILE F 22 -19.23 -28.85 9.38
C ILE F 22 -19.09 -29.87 8.27
N ARG F 23 -17.96 -29.83 7.54
CA ARG F 23 -17.69 -30.86 6.55
C ARG F 23 -17.42 -32.20 7.21
N GLY F 24 -16.65 -32.21 8.28
CA GLY F 24 -16.30 -33.45 8.96
C GLY F 24 -15.12 -33.24 9.91
N TYR F 25 -14.50 -34.37 10.27
CA TYR F 25 -13.43 -34.36 11.26
C TYR F 25 -12.30 -35.28 10.81
N ASP F 26 -11.09 -34.95 11.24
CA ASP F 26 -9.91 -35.80 11.14
C ASP F 26 -9.38 -36.07 12.54
N PRO F 27 -9.00 -37.30 12.84
CA PRO F 27 -8.49 -37.60 14.20
C PRO F 27 -7.13 -37.01 14.43
N LEU F 28 -6.87 -36.67 15.69
CA LEU F 28 -5.69 -35.94 16.10
C LEU F 28 -4.93 -36.76 17.12
N ALA F 29 -3.63 -36.85 16.97
CA ALA F 29 -2.84 -37.41 18.04
C ALA F 29 -2.98 -36.54 19.27
N PRO F 30 -3.33 -37.09 20.42
CA PRO F 30 -3.35 -36.30 21.65
C PRO F 30 -1.95 -35.84 22.01
N PRO F 31 -1.83 -34.72 22.72
CA PRO F 31 -0.51 -34.29 23.20
C PRO F 31 0.27 -35.35 23.98
N ASP F 32 -0.40 -36.14 24.83
CA ASP F 32 0.29 -37.24 25.50
C ASP F 32 1.03 -38.12 24.52
N LEU F 33 0.36 -38.51 23.44
CA LEU F 33 0.93 -39.50 22.53
C LEU F 33 2.18 -38.96 21.86
N LEU F 34 2.09 -37.72 21.36
CA LEU F 34 3.21 -37.07 20.68
C LEU F 34 4.37 -36.83 21.63
N GLN F 35 4.07 -36.49 22.89
CA GLN F 35 5.18 -36.28 23.84
C GLN F 35 5.86 -37.60 24.18
N HIS F 36 5.12 -38.70 24.16
CA HIS F 36 5.69 -40.00 24.45
C HIS F 36 6.70 -40.42 23.38
N GLU F 37 6.33 -40.24 22.12
CA GLU F 37 7.19 -40.59 20.98
C GLU F 37 8.42 -39.69 20.90
N PHE F 38 8.33 -38.43 21.34
CA PHE F 38 9.42 -37.48 21.24
C PHE F 38 9.72 -36.91 22.63
N PRO F 39 10.27 -37.71 23.52
CA PRO F 39 10.48 -37.27 24.90
C PRO F 39 11.68 -36.35 25.07
N LEU F 40 11.75 -35.76 26.26
CA LEU F 40 12.84 -34.89 26.66
C LEU F 40 13.96 -35.70 27.29
N SER F 41 15.19 -35.48 26.83
CA SER F 41 16.35 -36.02 27.53
C SER F 41 16.67 -35.15 28.74
N ASP F 42 17.55 -35.66 29.60
CA ASP F 42 18.04 -34.82 30.69
C ASP F 42 18.80 -33.62 30.16
N LYS F 43 19.48 -33.76 29.02
CA LYS F 43 20.12 -32.61 28.41
C LYS F 43 19.09 -31.57 27.98
N ASN F 44 17.98 -32.03 27.38
CA ASN F 44 16.88 -31.11 27.07
C ASN F 44 16.46 -30.31 28.29
N LYS F 45 16.14 -31.01 29.39
CA LYS F 45 15.63 -30.36 30.60
C LYS F 45 16.65 -29.36 31.16
N ASP F 46 17.93 -29.76 31.23
CA ASP F 46 18.96 -28.84 31.74
C ASP F 46 18.99 -27.55 30.94
N ILE F 47 18.90 -27.66 29.61
CA ILE F 47 18.96 -26.47 28.77
C ILE F 47 17.66 -25.67 28.88
N ILE F 48 16.52 -26.34 28.79
CA ILE F 48 15.24 -25.63 28.84
C ILE F 48 15.09 -24.93 30.18
N LEU F 49 15.35 -25.64 31.28
CA LEU F 49 15.20 -25.04 32.60
C LEU F 49 16.17 -23.88 32.84
N LYS F 50 17.43 -24.04 32.44
CA LYS F 50 18.36 -22.91 32.62
C LYS F 50 17.93 -21.73 31.77
N GLY F 51 17.42 -21.98 30.56
CA GLY F 51 16.90 -20.91 29.74
C GLY F 51 15.80 -20.14 30.43
N ARG F 52 14.91 -20.83 31.14
CA ARG F 52 13.86 -20.13 31.89
C ARG F 52 14.45 -19.35 33.05
N GLU F 53 15.37 -19.98 33.79
CA GLU F 53 15.96 -19.33 34.97
C GLU F 53 16.74 -18.07 34.59
N ASP F 54 17.53 -18.12 33.51
CA ASP F 54 18.30 -16.95 33.08
C ASP F 54 17.39 -15.82 32.60
N THR F 55 16.33 -16.18 31.86
CA THR F 55 15.36 -15.18 31.42
C THR F 55 14.68 -14.52 32.62
N CYS F 56 14.25 -15.32 33.60
CA CYS F 56 13.60 -14.77 34.80
C CYS F 56 14.53 -13.83 35.56
N ASN F 57 15.78 -14.26 35.78
CA ASN F 57 16.70 -13.45 36.57
C ASN F 57 16.91 -12.07 35.93
N ILE F 58 16.96 -12.02 34.60
CA ILE F 58 17.06 -10.73 33.93
C ILE F 58 15.76 -9.96 34.14
N LEU F 59 14.62 -10.64 34.00
CA LEU F 59 13.33 -9.98 34.14
C LEU F 59 13.05 -9.54 35.57
N ASN F 60 13.75 -10.12 36.55
CA ASN F 60 13.59 -9.69 37.93
C ASN F 60 14.73 -8.78 38.36
N GLY F 61 15.57 -8.35 37.42
CA GLY F 61 16.67 -7.48 37.72
C GLY F 61 17.75 -8.09 38.60
N LYS F 62 17.87 -9.42 38.63
CA LYS F 62 18.97 -10.03 39.36
C LYS F 62 20.17 -10.31 38.48
N ASP F 63 20.06 -10.08 37.18
CA ASP F 63 21.13 -10.39 36.24
C ASP F 63 21.19 -9.26 35.22
N ASP F 64 22.37 -8.68 35.05
CA ASP F 64 22.53 -7.49 34.22
C ASP F 64 22.88 -7.82 32.76
N ARG F 65 22.61 -9.05 32.33
CA ARG F 65 22.77 -9.37 30.91
C ARG F 65 21.51 -9.00 30.13
N LEU F 66 21.60 -9.14 28.81
CA LEU F 66 20.53 -8.79 27.90
C LEU F 66 19.95 -10.05 27.26
N ILE F 67 18.62 -10.17 27.27
CA ILE F 67 17.91 -11.25 26.56
C ILE F 67 17.89 -10.94 25.07
N VAL F 68 18.41 -11.83 24.26
CA VAL F 68 18.37 -11.65 22.81
C VAL F 68 17.64 -12.85 22.23
N VAL F 69 16.40 -12.62 21.82
CA VAL F 69 15.63 -13.60 21.06
C VAL F 69 15.96 -13.39 19.60
N ILE F 70 16.61 -14.35 18.98
CA ILE F 70 17.16 -14.16 17.65
C ILE F 70 17.05 -15.47 16.90
N GLY F 71 16.63 -15.38 15.63
CA GLY F 71 16.45 -16.56 14.79
C GLY F 71 15.55 -16.29 13.61
N PRO F 72 15.28 -17.32 12.80
CA PRO F 72 14.47 -17.13 11.58
C PRO F 72 13.06 -16.63 11.88
N CYS F 73 12.52 -15.87 10.92
CA CYS F 73 11.13 -15.44 11.00
C CYS F 73 10.21 -16.63 11.19
N SER F 74 10.33 -17.62 10.32
CA SER F 74 9.63 -18.89 10.43
C SER F 74 10.54 -20.00 9.95
N ILE F 75 10.39 -21.18 10.54
CA ILE F 75 11.19 -22.34 10.18
C ILE F 75 10.39 -23.19 9.20
N HIS F 76 10.87 -23.29 7.96
CA HIS F 76 10.33 -24.22 6.98
C HIS F 76 11.26 -25.40 6.70
N ASP F 77 12.50 -25.36 7.18
CA ASP F 77 13.52 -26.36 6.84
C ASP F 77 14.24 -26.73 8.14
N PRO F 78 13.82 -27.83 8.78
CA PRO F 78 14.44 -28.20 10.07
C PRO F 78 15.96 -28.38 10.00
N GLU F 79 16.49 -28.89 8.90
CA GLU F 79 17.93 -29.09 8.84
C GLU F 79 18.68 -27.75 8.90
N ALA F 80 18.26 -26.77 8.08
CA ALA F 80 18.89 -25.45 8.13
C ALA F 80 18.80 -24.84 9.51
N ALA F 81 17.67 -25.06 10.20
CA ALA F 81 17.50 -24.52 11.54
C ALA F 81 18.48 -25.17 12.52
N LEU F 82 18.74 -26.46 12.35
CA LEU F 82 19.71 -27.12 13.22
C LEU F 82 21.10 -26.61 12.94
N ASP F 83 21.42 -26.38 11.67
CA ASP F 83 22.67 -25.72 11.34
C ASP F 83 22.72 -24.37 12.04
N TYR F 84 21.67 -23.57 11.90
CA TYR F 84 21.67 -22.24 12.50
C TYR F 84 21.91 -22.31 14.00
N ALA F 85 21.25 -23.25 14.68
CA ALA F 85 21.38 -23.36 16.14
C ALA F 85 22.83 -23.67 16.54
N ASP F 86 23.54 -24.49 15.76
CA ASP F 86 24.94 -24.75 16.03
C ASP F 86 25.78 -23.48 15.89
N ARG F 87 25.48 -22.67 14.87
CA ARG F 87 26.18 -21.40 14.72
C ARG F 87 25.87 -20.46 15.86
N LEU F 88 24.60 -20.38 16.26
CA LEU F 88 24.21 -19.44 17.32
C LEU F 88 24.75 -19.89 18.67
N HIS F 89 24.82 -21.21 18.90
CA HIS F 89 25.37 -21.73 20.16
C HIS F 89 26.81 -21.25 20.36
N LYS F 90 27.61 -21.27 19.30
CA LYS F 90 28.98 -20.78 19.40
C LYS F 90 29.00 -19.29 19.74
N LEU F 91 28.19 -18.49 19.04
CA LEU F 91 28.06 -17.08 19.37
C LEU F 91 27.60 -16.89 20.80
N SER F 92 26.68 -17.75 21.25
CA SER F 92 26.19 -17.64 22.62
C SER F 92 27.31 -17.93 23.62
N GLU F 93 28.17 -18.89 23.32
CA GLU F 93 29.31 -19.17 24.18
C GLU F 93 30.21 -17.96 24.26
N LYS F 94 30.38 -17.25 23.14
CA LYS F 94 31.26 -16.08 23.11
C LYS F 94 30.70 -14.95 23.98
N HIS F 95 29.39 -14.72 23.92
CA HIS F 95 28.80 -13.54 24.52
C HIS F 95 28.05 -13.84 25.81
N LYS F 96 28.19 -15.04 26.35
CA LYS F 96 27.40 -15.45 27.52
C LYS F 96 27.67 -14.54 28.72
N GLY F 97 28.81 -13.85 28.77
CA GLY F 97 29.06 -12.91 29.84
C GLY F 97 28.11 -11.73 29.84
N GLU F 98 27.61 -11.34 28.67
CA GLU F 98 26.78 -10.15 28.50
C GLU F 98 25.41 -10.44 27.94
N LEU F 99 25.25 -11.48 27.14
CA LEU F 99 24.00 -11.76 26.46
C LEU F 99 23.49 -13.14 26.87
N HIS F 100 22.20 -13.21 27.16
CA HIS F 100 21.47 -14.46 27.31
C HIS F 100 20.71 -14.71 26.02
N ILE F 101 21.30 -15.51 25.14
CA ILE F 101 20.79 -15.72 23.78
C ILE F 101 19.78 -16.87 23.80
N VAL F 102 18.63 -16.64 23.17
CA VAL F 102 17.57 -17.64 23.03
C VAL F 102 17.18 -17.68 21.56
N MET F 103 17.21 -18.89 20.97
CA MET F 103 16.94 -19.02 19.55
C MET F 103 15.44 -18.86 19.29
N ARG F 104 15.10 -18.05 18.29
CA ARG F 104 13.71 -17.86 17.86
C ARG F 104 13.24 -19.07 17.06
N ALA F 105 12.29 -19.82 17.62
CA ALA F 105 11.78 -21.04 17.01
C ALA F 105 10.31 -20.89 16.65
N TYR F 106 10.02 -19.99 15.71
CA TYR F 106 8.67 -19.76 15.24
C TYR F 106 8.37 -20.64 14.04
N LEU F 107 7.14 -21.14 13.97
CA LEU F 107 6.72 -22.08 12.96
C LEU F 107 5.82 -21.48 11.90
N GLU F 108 5.24 -20.31 12.14
CA GLU F 108 4.25 -19.75 11.22
C GLU F 108 4.32 -18.24 11.31
N LYS F 109 4.07 -17.58 10.17
CA LYS F 109 3.86 -16.13 10.12
C LYS F 109 2.36 -15.86 10.01
N PRO F 110 1.76 -15.23 11.00
CA PRO F 110 0.31 -14.96 10.94
C PRO F 110 -0.04 -14.10 9.73
N ARG F 111 -1.04 -14.56 8.97
CA ARG F 111 -1.40 -13.79 7.80
C ARG F 111 -2.90 -13.88 7.54
N THR F 112 -3.47 -12.74 7.12
CA THR F 112 -4.87 -12.62 6.74
C THR F 112 -5.08 -12.72 5.23
N THR F 113 -4.14 -13.33 4.51
CA THR F 113 -4.21 -13.51 3.06
C THR F 113 -3.66 -14.89 2.70
N VAL F 114 -3.74 -15.23 1.41
CA VAL F 114 -3.25 -16.51 0.93
C VAL F 114 -1.73 -16.58 1.06
N GLY F 115 -1.23 -17.72 1.52
CA GLY F 115 0.19 -17.92 1.72
C GLY F 115 0.46 -19.13 2.59
N TRP F 116 1.75 -19.44 2.74
CA TRP F 116 2.18 -20.63 3.47
C TRP F 116 1.70 -20.62 4.91
N LYS F 117 1.01 -21.67 5.30
CA LYS F 117 0.38 -21.64 6.61
C LYS F 117 1.33 -22.05 7.72
N GLY F 118 2.54 -22.49 7.39
CA GLY F 118 3.55 -22.80 8.38
C GLY F 118 3.80 -24.30 8.51
N LEU F 119 4.79 -24.61 9.35
CA LEU F 119 5.33 -25.96 9.42
C LEU F 119 4.31 -26.95 9.96
N ILE F 120 3.53 -26.52 10.97
CA ILE F 120 2.49 -27.37 11.57
C ILE F 120 1.35 -27.61 10.60
N ASN F 121 0.84 -26.54 10.00
CA ASN F 121 -0.30 -26.68 9.11
C ASN F 121 0.11 -27.35 7.81
N ASP F 122 1.30 -27.03 7.32
CA ASP F 122 1.72 -27.41 5.97
C ASP F 122 3.21 -27.73 5.96
N PRO F 123 3.61 -28.88 6.50
CA PRO F 123 5.04 -29.21 6.53
C PRO F 123 5.62 -29.44 5.15
N ASP F 124 4.82 -29.87 4.19
CA ASP F 124 5.32 -30.19 2.87
C ASP F 124 5.51 -28.95 1.99
N ILE F 125 5.07 -27.77 2.46
CA ILE F 125 5.22 -26.51 1.73
C ILE F 125 4.58 -26.69 0.36
N ASP F 126 3.36 -27.26 0.35
CA ASP F 126 2.63 -27.60 -0.85
C ASP F 126 1.15 -27.21 -0.77
N GLY F 127 0.78 -26.31 0.13
CA GLY F 127 -0.61 -25.90 0.31
C GLY F 127 -1.53 -26.94 0.94
N SER F 128 -1.01 -28.10 1.30
CA SER F 128 -1.78 -29.13 1.97
C SER F 128 -1.88 -28.88 3.48
N PHE F 129 -2.89 -29.51 4.10
CA PHE F 129 -3.09 -29.51 5.56
C PHE F 129 -2.80 -30.91 6.08
N GLN F 130 -1.69 -31.03 6.81
CA GLN F 130 -1.22 -32.28 7.37
C GLN F 130 -0.84 -32.00 8.82
N ILE F 131 -1.86 -31.65 9.61
CA ILE F 131 -1.62 -31.10 10.94
C ILE F 131 -0.94 -32.13 11.81
N ASN F 132 -1.37 -33.39 11.69
CA ASN F 132 -0.74 -34.47 12.45
C ASN F 132 0.74 -34.57 12.11
N LYS F 133 1.06 -34.63 10.82
CA LYS F 133 2.45 -34.69 10.38
C LYS F 133 3.22 -33.45 10.81
N GLY F 134 2.64 -32.27 10.67
CA GLY F 134 3.34 -31.04 11.02
C GLY F 134 3.75 -30.98 12.48
N LEU F 135 2.86 -31.44 13.37
CA LEU F 135 3.16 -31.47 14.80
C LEU F 135 4.32 -32.40 15.10
N ARG F 136 4.36 -33.53 14.40
CA ARG F 136 5.44 -34.48 14.61
C ARG F 136 6.78 -33.85 14.21
N ILE F 137 6.83 -33.31 13.00
CA ILE F 137 8.04 -32.66 12.52
C ILE F 137 8.45 -31.53 13.44
N ALA F 138 7.47 -30.75 13.90
CA ALA F 138 7.76 -29.61 14.75
C ALA F 138 8.42 -30.04 16.06
N ARG F 139 7.82 -31.04 16.75
CA ARG F 139 8.32 -31.46 18.07
C ARG F 139 9.67 -32.14 18.00
N LYS F 140 9.85 -33.02 17.01
CA LYS F 140 11.16 -33.64 16.83
C LYS F 140 12.23 -32.57 16.63
N MET F 141 11.93 -31.55 15.84
CA MET F 141 12.89 -30.48 15.62
C MET F 141 13.19 -29.71 16.91
N PHE F 142 12.16 -29.39 17.68
CA PHE F 142 12.38 -28.62 18.91
C PHE F 142 13.21 -29.41 19.92
N VAL F 143 13.00 -30.73 19.98
CA VAL F 143 13.76 -31.55 20.92
C VAL F 143 15.23 -31.59 20.53
N GLN F 144 15.51 -31.62 19.23
CA GLN F 144 16.89 -31.56 18.79
C GLN F 144 17.48 -30.19 19.10
N LEU F 145 16.69 -29.13 18.86
CA LEU F 145 17.16 -27.76 19.11
C LEU F 145 17.52 -27.56 20.57
N THR F 146 16.72 -28.08 21.50
CA THR F 146 16.97 -27.79 22.90
C THR F 146 18.02 -28.72 23.53
N GLU F 147 18.67 -29.58 22.75
CA GLU F 147 19.92 -30.18 23.20
C GLU F 147 21.12 -29.28 22.90
N LYS F 148 20.89 -28.17 22.20
CA LYS F 148 21.90 -27.18 21.82
C LYS F 148 21.77 -25.87 22.59
N LEU F 149 20.58 -25.28 22.62
CA LEU F 149 20.38 -23.98 23.25
C LEU F 149 18.90 -23.78 23.48
N PRO F 150 18.51 -22.88 24.40
CA PRO F 150 17.08 -22.64 24.65
C PRO F 150 16.40 -21.95 23.46
N ILE F 151 15.07 -22.10 23.40
CA ILE F 151 14.26 -21.61 22.30
C ILE F 151 13.06 -20.80 22.79
N ALA F 152 12.58 -19.90 21.91
CA ALA F 152 11.41 -19.06 22.15
C ALA F 152 10.33 -19.37 21.12
N GLY F 153 9.06 -19.38 21.56
CA GLY F 153 7.96 -19.70 20.68
C GLY F 153 6.90 -18.62 20.69
N GLU F 154 6.07 -18.62 19.65
CA GLU F 154 4.90 -17.76 19.56
C GLU F 154 3.64 -18.59 19.65
N MET F 155 2.73 -18.22 20.55
CA MET F 155 1.46 -18.92 20.72
C MET F 155 0.37 -18.21 19.91
N LEU F 156 -0.02 -18.80 18.78
CA LEU F 156 -1.08 -18.20 17.98
C LEU F 156 -2.46 -18.73 18.30
N ASP F 157 -2.56 -19.96 18.79
CA ASP F 157 -3.82 -20.57 19.17
C ASP F 157 -3.63 -21.14 20.58
N THR F 158 -4.64 -21.80 21.10
CA THR F 158 -4.58 -22.29 22.47
C THR F 158 -4.45 -23.81 22.57
N ILE F 159 -4.57 -24.53 21.46
CA ILE F 159 -4.49 -25.98 21.48
C ILE F 159 -3.07 -26.45 21.23
N SER F 160 -2.47 -26.02 20.13
CA SER F 160 -1.14 -26.51 19.79
C SER F 160 -0.07 -26.22 20.85
N PRO F 161 -0.18 -25.17 21.68
CA PRO F 161 0.76 -25.06 22.80
C PRO F 161 0.82 -26.28 23.69
N GLN F 162 -0.28 -27.03 23.81
CA GLN F 162 -0.27 -28.27 24.59
C GLN F 162 0.71 -29.31 24.04
N PHE F 163 0.99 -29.27 22.73
CA PHE F 163 1.91 -30.25 22.13
C PHE F 163 3.37 -29.84 22.33
N LEU F 164 3.64 -28.55 22.51
CA LEU F 164 5.01 -28.03 22.39
C LEU F 164 5.51 -27.22 23.57
N SER F 165 4.66 -26.87 24.54
CA SER F 165 5.06 -25.86 25.52
C SER F 165 6.11 -26.33 26.50
N ASP F 166 6.36 -27.64 26.61
CA ASP F 166 7.43 -28.06 27.53
C ASP F 166 8.82 -27.70 27.00
N LEU F 167 8.92 -27.19 25.78
CA LEU F 167 10.21 -26.99 25.15
C LEU F 167 10.70 -25.55 25.21
N PHE F 168 9.82 -24.58 25.45
CA PHE F 168 10.16 -23.17 25.39
C PHE F 168 10.75 -22.68 26.70
N SER F 169 11.73 -21.78 26.60
CA SER F 169 12.26 -21.05 27.75
C SER F 169 11.71 -19.63 27.83
N VAL F 170 10.94 -19.20 26.82
CA VAL F 170 10.26 -17.91 26.80
C VAL F 170 9.28 -17.94 25.62
N GLY F 171 8.20 -17.15 25.70
CA GLY F 171 7.19 -17.16 24.68
C GLY F 171 6.63 -15.78 24.41
N ALA F 172 5.82 -15.70 23.35
CA ALA F 172 5.17 -14.45 22.96
C ALA F 172 3.76 -14.73 22.47
N ILE F 173 2.83 -13.85 22.83
CA ILE F 173 1.47 -13.94 22.30
C ILE F 173 1.43 -13.26 20.95
N GLY F 174 0.76 -13.90 20.00
CA GLY F 174 0.54 -13.28 18.70
C GLY F 174 -0.07 -11.91 18.81
N ALA F 175 0.36 -11.00 17.94
CA ALA F 175 -0.14 -9.63 17.99
C ALA F 175 -1.67 -9.60 17.85
N ARG F 176 -2.21 -10.38 16.93
CA ARG F 176 -3.65 -10.35 16.66
C ARG F 176 -4.49 -10.91 17.81
N THR F 177 -3.88 -11.44 18.87
CA THR F 177 -4.66 -11.95 19.99
C THR F 177 -4.16 -11.40 21.33
N THR F 178 -3.42 -10.30 21.32
CA THR F 178 -3.02 -9.68 22.58
C THR F 178 -4.23 -9.35 23.43
N GLU F 179 -5.35 -9.00 22.82
CA GLU F 179 -6.55 -8.63 23.56
C GLU F 179 -7.37 -9.82 24.03
N SER F 180 -7.14 -11.01 23.50
CA SER F 180 -8.01 -12.16 23.72
C SER F 180 -7.88 -12.70 25.14
N GLN F 181 -9.02 -12.82 25.84
CA GLN F 181 -9.04 -13.45 27.17
C GLN F 181 -8.43 -14.86 27.16
N LEU F 182 -8.69 -15.62 26.10
CA LEU F 182 -8.19 -16.99 25.99
C LEU F 182 -6.67 -17.01 26.08
N HIS F 183 -6.00 -16.11 25.35
CA HIS F 183 -4.55 -16.10 25.36
C HIS F 183 -3.98 -15.48 26.63
N ARG F 184 -4.71 -14.57 27.26
CA ARG F 184 -4.26 -14.09 28.56
C ARG F 184 -4.37 -15.19 29.60
N GLU F 185 -5.47 -15.94 29.58
CA GLU F 185 -5.61 -17.09 30.48
C GLU F 185 -4.51 -18.11 30.23
N LEU F 186 -4.24 -18.41 28.95
CA LEU F 186 -3.16 -19.34 28.62
C LEU F 186 -1.85 -18.90 29.27
N ALA F 187 -1.50 -17.61 29.15
CA ALA F 187 -0.22 -17.14 29.65
C ALA F 187 -0.07 -17.34 31.15
N SER F 188 -1.17 -17.27 31.90
CA SER F 188 -1.16 -17.40 33.35
C SER F 188 -0.83 -18.81 33.82
N GLY F 189 -0.82 -19.79 32.92
CA GLY F 189 -0.58 -21.16 33.32
C GLY F 189 0.69 -21.75 32.75
N LEU F 190 1.36 -20.99 31.88
CA LEU F 190 2.59 -21.45 31.24
C LEU F 190 3.75 -21.39 32.22
N SER F 191 4.78 -22.20 31.93
CA SER F 191 5.92 -22.36 32.83
C SER F 191 7.08 -21.44 32.50
N PHE F 192 6.86 -20.38 31.74
CA PHE F 192 7.96 -19.53 31.30
C PHE F 192 7.44 -18.12 31.07
N PRO F 193 8.33 -17.12 31.05
CA PRO F 193 7.87 -15.73 30.80
C PRO F 193 7.24 -15.57 29.41
N VAL F 194 6.24 -14.71 29.33
CA VAL F 194 5.50 -14.45 28.08
C VAL F 194 5.46 -12.95 27.81
N GLY F 195 5.64 -12.58 26.54
CA GLY F 195 5.66 -11.19 26.11
C GLY F 195 4.39 -10.84 25.35
N PHE F 196 3.91 -9.61 25.56
CA PHE F 196 2.72 -9.07 24.92
C PHE F 196 3.07 -7.87 24.04
N LYS F 197 2.64 -7.92 22.79
CA LYS F 197 2.98 -6.91 21.81
C LYS F 197 2.08 -5.69 21.93
N ASN F 198 2.64 -4.49 21.69
CA ASN F 198 1.82 -3.29 21.71
C ASN F 198 0.76 -3.37 20.61
N GLY F 199 -0.30 -2.58 20.79
CA GLY F 199 -1.42 -2.61 19.87
C GLY F 199 -1.06 -2.15 18.47
N THR F 200 -1.88 -2.58 17.50
CA THR F 200 -1.73 -2.17 16.11
C THR F 200 -1.64 -0.64 15.96
N ASP F 201 -2.29 0.11 16.84
CA ASP F 201 -2.24 1.57 16.79
C ASP F 201 -1.06 2.15 17.57
N GLY F 202 -0.12 1.32 18.03
CA GLY F 202 1.06 1.77 18.76
C GLY F 202 0.84 2.02 20.23
N THR F 203 -0.38 1.77 20.74
CA THR F 203 -0.73 1.96 22.13
C THR F 203 -0.36 0.72 22.97
N LEU F 204 0.01 0.98 24.22
CA LEU F 204 0.41 -0.04 25.17
C LEU F 204 -0.74 -0.60 25.98
N GLY F 205 -1.90 0.03 25.97
CA GLY F 205 -2.99 -0.40 26.84
C GLY F 205 -3.28 -1.88 26.75
N VAL F 206 -3.47 -2.39 25.54
CA VAL F 206 -3.79 -3.80 25.35
C VAL F 206 -2.68 -4.68 25.92
N ALA F 207 -1.42 -4.26 25.81
CA ALA F 207 -0.36 -5.09 26.36
C ALA F 207 -0.32 -4.96 27.87
N ILE F 208 -0.58 -3.76 28.39
CA ILE F 208 -0.63 -3.56 29.84
C ILE F 208 -1.76 -4.38 30.44
N ASP F 209 -2.95 -4.31 29.84
CA ASP F 209 -4.07 -5.14 30.30
C ASP F 209 -3.69 -6.61 30.33
N ALA F 210 -3.11 -7.09 29.22
CA ALA F 210 -2.74 -8.50 29.14
C ALA F 210 -1.76 -8.87 30.24
N LEU F 211 -0.78 -7.99 30.49
CA LEU F 211 0.17 -8.25 31.56
C LEU F 211 -0.53 -8.45 32.89
N ARG F 212 -1.47 -7.57 33.23
CA ARG F 212 -2.13 -7.68 34.52
C ARG F 212 -3.04 -8.90 34.57
N ALA F 213 -3.84 -9.11 33.52
CA ALA F 213 -4.71 -10.27 33.47
C ALA F 213 -3.91 -11.56 33.62
N ALA F 214 -2.78 -11.64 32.92
CA ALA F 214 -1.95 -12.83 32.98
C ALA F 214 -1.33 -13.02 34.36
N SER F 215 -1.30 -11.99 35.18
CA SER F 215 -0.67 -12.14 36.48
C SER F 215 -1.55 -12.80 37.52
N HIS F 216 -2.84 -12.95 37.25
CA HIS F 216 -3.83 -13.46 38.18
C HIS F 216 -4.19 -14.91 37.87
N PRO F 217 -4.57 -15.68 38.88
CA PRO F 217 -5.05 -17.04 38.65
C PRO F 217 -6.36 -17.06 37.87
N HIS F 218 -6.58 -18.10 37.07
CA HIS F 218 -7.80 -18.21 36.27
C HIS F 218 -8.39 -19.60 36.37
N HIS F 219 -9.68 -19.70 36.03
CA HIS F 219 -10.40 -20.97 35.88
C HIS F 219 -11.08 -20.95 34.53
N PHE F 220 -10.77 -21.91 33.67
CA PHE F 220 -11.37 -21.88 32.34
C PHE F 220 -11.35 -23.26 31.71
N LEU F 221 -12.26 -23.45 30.77
CA LEU F 221 -12.23 -24.65 29.93
C LEU F 221 -10.94 -24.70 29.13
N SER F 222 -10.38 -25.90 28.98
CA SER F 222 -9.11 -26.05 28.26
C SER F 222 -8.95 -27.48 27.79
N VAL F 223 -8.12 -27.64 26.78
CA VAL F 223 -7.68 -28.96 26.34
C VAL F 223 -6.61 -29.43 27.30
N THR F 224 -6.63 -30.73 27.63
CA THR F 224 -5.62 -31.33 28.48
C THR F 224 -4.77 -32.33 27.69
N LYS F 225 -3.70 -32.78 28.32
CA LYS F 225 -2.72 -33.61 27.63
C LYS F 225 -3.28 -34.91 27.06
N PRO F 226 -4.22 -35.61 27.71
CA PRO F 226 -4.82 -36.79 27.05
C PRO F 226 -5.72 -36.44 25.88
N GLY F 227 -6.01 -35.16 25.64
CA GLY F 227 -6.81 -34.74 24.51
C GLY F 227 -8.28 -34.58 24.80
N ILE F 228 -8.68 -34.59 26.05
CA ILE F 228 -10.05 -34.30 26.43
C ILE F 228 -10.09 -32.92 27.03
N VAL F 229 -11.28 -32.34 27.06
CA VAL F 229 -11.47 -31.00 27.56
C VAL F 229 -11.82 -31.07 29.05
N SER F 230 -11.17 -30.24 29.85
CA SER F 230 -11.39 -30.15 31.29
C SER F 230 -11.43 -28.69 31.72
N ILE F 231 -11.60 -28.49 33.03
CA ILE F 231 -11.50 -27.20 33.67
C ILE F 231 -10.13 -27.11 34.30
N VAL F 232 -9.38 -26.07 33.99
CA VAL F 232 -8.04 -25.90 34.53
C VAL F 232 -8.04 -24.69 35.45
N GLY F 233 -7.23 -24.75 36.50
CA GLY F 233 -6.98 -23.63 37.36
C GLY F 233 -5.52 -23.27 37.32
N THR F 234 -5.20 -22.02 37.04
CA THR F 234 -3.82 -21.58 36.90
C THR F 234 -3.41 -20.77 38.12
N GLU F 235 -2.11 -20.48 38.20
CA GLU F 235 -1.57 -19.72 39.32
C GLU F 235 -1.39 -18.23 39.03
N GLY F 236 -1.33 -17.83 37.76
CA GLY F 236 -0.93 -16.48 37.43
C GLY F 236 0.53 -16.40 37.08
N ASN F 237 0.86 -15.60 36.07
CA ASN F 237 2.22 -15.48 35.56
C ASN F 237 2.67 -14.05 35.78
N GLN F 238 3.54 -13.85 36.77
CA GLN F 238 4.08 -12.52 37.07
C GLN F 238 5.39 -12.26 36.36
N ASP F 239 5.83 -13.17 35.48
CA ASP F 239 7.09 -12.99 34.79
C ASP F 239 6.86 -12.50 33.36
N CYS F 240 5.83 -11.70 33.13
CA CYS F 240 5.48 -11.27 31.77
C CYS F 240 6.01 -9.87 31.45
N PHE F 241 6.06 -9.57 30.15
CA PHE F 241 6.70 -8.35 29.69
C PHE F 241 6.01 -7.85 28.42
N VAL F 242 6.38 -6.63 28.00
CA VAL F 242 5.78 -6.01 26.82
C VAL F 242 6.79 -6.01 25.68
N ILE F 243 6.27 -6.07 24.46
CA ILE F 243 7.09 -6.10 23.27
C ILE F 243 6.73 -4.89 22.42
N LEU F 244 7.71 -4.01 22.22
CA LEU F 244 7.56 -2.83 21.37
C LEU F 244 7.87 -3.22 19.93
N ARG F 245 6.89 -3.06 19.03
CA ARG F 245 7.01 -3.59 17.68
C ARG F 245 6.49 -2.63 16.61
N GLY F 246 6.49 -1.33 16.89
CA GLY F 246 5.98 -0.37 15.94
C GLY F 246 4.46 -0.40 15.84
N GLY F 247 3.96 0.26 14.82
CA GLY F 247 2.54 0.39 14.61
C GLY F 247 2.26 1.63 13.78
N LYS F 248 0.98 1.99 13.71
CA LYS F 248 0.55 3.02 12.76
C LYS F 248 1.20 4.38 13.02
N GLN F 249 1.58 4.67 14.27
CA GLN F 249 2.22 5.95 14.54
C GLN F 249 3.72 5.94 14.24
N GLY F 250 4.24 4.88 13.62
CA GLY F 250 5.66 4.74 13.34
C GLY F 250 6.38 3.78 14.27
N THR F 251 7.71 3.88 14.24
CA THR F 251 8.54 3.01 15.05
C THR F 251 8.56 3.50 16.50
N ASN F 252 8.82 2.57 17.42
CA ASN F 252 8.81 2.93 18.84
C ASN F 252 9.99 2.33 19.60
N TYR F 253 11.14 2.20 18.95
CA TYR F 253 12.35 1.71 19.63
C TYR F 253 13.20 2.83 20.21
N ASP F 254 12.95 4.07 19.80
CA ASP F 254 13.75 5.23 20.17
C ASP F 254 13.65 5.54 21.66
N ALA F 255 14.63 6.32 22.15
CA ALA F 255 14.67 6.67 23.57
C ALA F 255 13.40 7.37 24.03
N LYS F 256 12.74 8.11 23.15
CA LYS F 256 11.49 8.77 23.53
C LYS F 256 10.39 7.75 23.77
N SER F 257 10.24 6.81 22.85
CA SER F 257 9.19 5.80 22.99
C SER F 257 9.43 4.93 24.22
N VAL F 258 10.69 4.54 24.47
CA VAL F 258 11.00 3.72 25.64
C VAL F 258 10.66 4.45 26.94
N LYS F 259 10.90 5.77 26.98
CA LYS F 259 10.56 6.57 28.15
C LYS F 259 9.05 6.62 28.35
N GLU F 260 8.30 6.81 27.26
CA GLU F 260 6.85 6.73 27.35
C GLU F 260 6.41 5.36 27.82
N THR F 261 7.08 4.31 27.33
CA THR F 261 6.74 2.96 27.73
C THR F 261 6.98 2.75 29.23
N LYS F 262 8.13 3.22 29.74
CA LYS F 262 8.37 3.12 31.18
C LYS F 262 7.26 3.81 31.97
N GLU F 263 6.89 5.03 31.55
CA GLU F 263 5.90 5.81 32.30
C GLU F 263 4.54 5.13 32.29
N ALA F 264 4.14 4.56 31.16
CA ALA F 264 2.88 3.82 31.14
C ALA F 264 2.93 2.64 32.12
N LEU F 265 4.03 1.86 32.07
CA LEU F 265 4.19 0.70 32.95
C LEU F 265 4.17 1.11 34.42
N ALA F 266 4.78 2.25 34.75
CA ALA F 266 4.77 2.75 36.12
C ALA F 266 3.37 3.17 36.55
N LYS F 267 2.67 3.92 35.69
CA LYS F 267 1.32 4.37 36.03
C LYS F 267 0.37 3.18 36.22
N ALA F 268 0.51 2.16 35.39
CA ALA F 268 -0.33 0.98 35.55
C ALA F 268 0.12 0.08 36.70
N LYS F 269 1.12 0.52 37.47
CA LYS F 269 1.63 -0.21 38.63
C LYS F 269 2.10 -1.62 38.26
N VAL F 270 2.75 -1.73 37.12
CA VAL F 270 3.29 -2.99 36.65
C VAL F 270 4.77 -3.06 37.00
N VAL F 271 5.44 -1.91 36.97
CA VAL F 271 6.85 -1.80 37.34
C VAL F 271 6.99 -0.68 38.35
N ASP F 272 7.51 -0.98 39.54
CA ASP F 272 7.82 0.06 40.51
C ASP F 272 8.82 1.02 39.84
N PRO F 273 8.47 2.29 39.67
CA PRO F 273 9.24 3.15 38.74
C PRO F 273 10.68 3.45 39.14
N GLU F 274 11.00 3.46 40.42
CA GLU F 274 12.36 3.77 40.85
C GLU F 274 13.17 2.54 41.27
N ASN F 275 12.50 1.42 41.57
CA ASN F 275 13.14 0.12 41.71
C ASN F 275 12.53 -0.69 40.57
N PRO F 276 13.03 -0.52 39.35
CA PRO F 276 12.35 -1.05 38.18
C PRO F 276 12.75 -2.47 37.83
N LYS F 277 11.76 -3.30 37.59
CA LYS F 277 12.25 -4.51 36.94
C LYS F 277 12.22 -4.27 35.42
N PRO F 278 13.24 -4.69 34.67
CA PRO F 278 13.25 -4.41 33.22
C PRO F 278 12.26 -5.32 32.51
N ARG F 279 11.24 -4.73 31.90
CA ARG F 279 10.16 -5.51 31.28
C ARG F 279 9.88 -5.06 29.87
N ILE F 280 10.82 -4.38 29.24
CA ILE F 280 10.65 -3.86 27.89
C ILE F 280 11.56 -4.66 26.96
N MET F 281 10.96 -5.37 26.02
CA MET F 281 11.70 -6.01 24.96
C MET F 281 11.38 -5.32 23.65
N VAL F 282 12.41 -5.05 22.88
CA VAL F 282 12.29 -4.31 21.62
C VAL F 282 12.34 -5.31 20.47
N ASP F 283 11.27 -5.35 19.68
CA ASP F 283 11.30 -6.06 18.41
C ASP F 283 11.98 -5.17 17.38
N CYS F 284 13.09 -5.67 16.83
CA CYS F 284 13.85 -4.94 15.82
C CYS F 284 13.32 -5.12 14.41
N SER F 285 12.32 -5.96 14.20
CA SER F 285 11.85 -6.21 12.86
C SER F 285 10.42 -5.68 12.70
N HIS F 286 9.75 -6.15 11.65
CA HIS F 286 8.31 -5.93 11.46
C HIS F 286 8.06 -4.42 11.41
N GLY F 287 7.20 -3.86 12.26
CA GLY F 287 6.93 -2.43 12.19
C GLY F 287 8.15 -1.57 12.42
N ASN F 288 9.02 -1.99 13.35
CA ASN F 288 10.13 -1.13 13.74
C ASN F 288 11.28 -1.10 12.74
N SER F 289 11.21 -1.88 11.66
CA SER F 289 12.24 -1.87 10.64
C SER F 289 11.74 -1.39 9.28
N ASN F 290 10.47 -0.95 9.22
CA ASN F 290 9.82 -0.53 7.97
C ASN F 290 9.84 -1.66 6.93
N LYS F 291 9.71 -2.89 7.42
CA LYS F 291 9.72 -4.08 6.59
C LYS F 291 10.91 -4.08 5.64
N ASN F 292 12.09 -3.84 6.23
CA ASN F 292 13.36 -3.85 5.50
C ASN F 292 14.41 -4.44 6.45
N HIS F 293 14.92 -5.62 6.12
CA HIS F 293 15.76 -6.33 7.07
C HIS F 293 17.06 -5.60 7.36
N LYS F 294 17.56 -4.83 6.39
CA LYS F 294 18.82 -4.10 6.59
C LYS F 294 18.69 -3.06 7.71
N ASN F 295 17.47 -2.69 8.09
CA ASN F 295 17.26 -1.74 9.18
C ASN F 295 17.38 -2.38 10.56
N GLN F 296 17.31 -3.71 10.65
CA GLN F 296 17.37 -4.35 11.96
C GLN F 296 18.64 -4.00 12.73
N PRO F 297 19.85 -4.05 12.15
CA PRO F 297 21.03 -3.69 12.94
C PRO F 297 21.02 -2.26 13.43
N LEU F 298 20.41 -1.36 12.66
CA LEU F 298 20.30 0.03 13.07
C LEU F 298 19.40 0.18 14.28
N VAL F 299 18.28 -0.54 14.29
CA VAL F 299 17.38 -0.52 15.44
C VAL F 299 18.10 -1.03 16.68
N ALA F 300 18.84 -2.14 16.54
CA ALA F 300 19.57 -2.68 17.67
C ALA F 300 20.64 -1.71 18.15
N ALA F 301 21.38 -1.11 17.22
CA ALA F 301 22.40 -0.15 17.61
C ALA F 301 21.81 1.00 18.41
N ASP F 302 20.61 1.44 18.05
CA ASP F 302 19.96 2.51 18.82
C ASP F 302 19.66 2.04 20.24
N VAL F 303 19.15 0.80 20.39
CA VAL F 303 18.91 0.22 21.71
C VAL F 303 20.22 0.07 22.47
N ALA F 304 21.26 -0.42 21.80
CA ALA F 304 22.57 -0.56 22.44
C ALA F 304 23.07 0.79 22.95
N LYS F 305 22.88 1.85 22.17
CA LYS F 305 23.25 3.18 22.62
C LYS F 305 22.54 3.54 23.91
N GLN F 306 21.24 3.22 23.99
CA GLN F 306 20.50 3.48 25.23
C GLN F 306 21.07 2.66 26.37
N ILE F 307 21.30 1.36 26.13
CA ILE F 307 21.89 0.52 27.17
C ILE F 307 23.24 1.08 27.59
N SER F 308 24.07 1.45 26.61
CA SER F 308 25.41 1.94 26.95
C SER F 308 25.33 3.23 27.76
N GLU F 309 24.28 4.02 27.58
CA GLU F 309 24.10 5.27 28.33
C GLU F 309 23.35 5.07 29.64
N GLY F 310 23.00 3.84 29.98
CA GLY F 310 22.49 3.55 31.31
C GLY F 310 21.07 3.03 31.32
N GLU F 311 20.46 2.83 30.16
CA GLU F 311 19.12 2.28 30.11
C GLU F 311 19.09 0.94 30.84
N ASP F 312 18.16 0.84 31.80
CA ASP F 312 18.07 -0.32 32.68
C ASP F 312 16.68 -0.92 32.71
N GLN F 313 15.78 -0.49 31.82
CA GLN F 313 14.45 -1.08 31.74
C GLN F 313 14.19 -1.80 30.43
N ILE F 314 15.14 -1.80 29.50
CA ILE F 314 15.06 -2.68 28.34
C ILE F 314 15.64 -4.03 28.73
N CYS F 315 14.80 -5.05 28.73
CA CYS F 315 15.24 -6.39 29.13
C CYS F 315 15.85 -7.17 27.97
N GLY F 316 15.52 -6.85 26.73
CA GLY F 316 16.11 -7.59 25.64
C GLY F 316 15.62 -7.14 24.28
N LEU F 317 16.06 -7.88 23.25
CA LEU F 317 15.74 -7.55 21.87
C LEU F 317 15.28 -8.80 21.14
N MET F 318 14.41 -8.61 20.15
CA MET F 318 14.03 -9.65 19.21
C MET F 318 14.62 -9.29 17.85
N ILE F 319 15.18 -10.27 17.16
CA ILE F 319 15.78 -10.06 15.85
C ILE F 319 15.45 -11.23 14.95
N GLU F 320 15.01 -10.93 13.73
CA GLU F 320 14.77 -11.98 12.73
C GLU F 320 16.07 -12.20 11.98
N SER F 321 16.67 -13.38 12.16
CA SER F 321 18.02 -13.69 11.70
C SER F 321 18.10 -15.09 11.08
N ASN F 322 18.84 -15.21 9.99
CA ASN F 322 18.95 -16.50 9.31
C ASN F 322 20.39 -16.71 8.83
N ILE F 323 20.63 -17.88 8.24
CA ILE F 323 21.95 -18.18 7.70
C ILE F 323 22.30 -17.21 6.57
N ASN F 324 21.40 -17.05 5.62
CA ASN F 324 21.56 -16.10 4.52
C ASN F 324 20.50 -15.03 4.66
N GLU F 325 20.88 -13.79 4.35
CA GLU F 325 19.97 -12.67 4.57
C GLU F 325 18.82 -12.70 3.56
N GLY F 326 17.81 -11.85 3.81
CA GLY F 326 16.75 -11.63 2.84
C GLY F 326 15.63 -12.66 2.91
N ARG F 327 15.00 -12.89 1.75
CA ARG F 327 13.88 -13.81 1.68
C ARG F 327 13.75 -14.29 0.25
N GLN F 328 12.84 -15.25 0.05
CA GLN F 328 12.60 -15.88 -1.23
C GLN F 328 11.16 -16.40 -1.29
N ASP F 329 10.61 -16.41 -2.49
CA ASP F 329 9.33 -17.09 -2.69
C ASP F 329 9.60 -18.56 -3.02
N VAL F 330 8.59 -19.38 -2.76
CA VAL F 330 8.67 -20.81 -3.07
C VAL F 330 8.29 -21.00 -4.54
N PRO F 331 9.14 -21.66 -5.33
CA PRO F 331 8.83 -21.83 -6.74
C PRO F 331 7.56 -22.63 -6.91
N PRO F 332 6.77 -22.34 -7.94
CA PRO F 332 5.68 -23.24 -8.31
C PRO F 332 6.25 -24.61 -8.65
N ALA F 333 5.57 -25.67 -8.19
CA ALA F 333 6.05 -27.02 -8.47
C ALA F 333 6.27 -27.20 -9.97
N ASP F 334 5.45 -26.55 -10.79
CA ASP F 334 5.67 -26.50 -12.22
C ASP F 334 7.09 -26.06 -12.57
N LYS F 335 7.59 -25.05 -11.88
CA LYS F 335 8.92 -24.50 -12.12
C LYS F 335 9.95 -25.01 -11.12
N GLY F 336 9.59 -25.95 -10.26
CA GLY F 336 10.53 -26.50 -9.30
C GLY F 336 9.93 -27.11 -8.05
N GLY F 337 9.25 -26.29 -7.26
CA GLY F 337 8.72 -26.75 -5.99
C GLY F 337 9.65 -26.36 -4.85
N LYS F 338 9.42 -27.00 -3.70
CA LYS F 338 10.16 -26.65 -2.49
C LYS F 338 11.63 -27.01 -2.60
N GLU F 339 11.97 -28.01 -3.42
CA GLU F 339 13.36 -28.45 -3.54
C GLU F 339 14.23 -27.43 -4.26
N ALA F 340 13.63 -26.51 -5.00
CA ALA F 340 14.34 -25.45 -5.69
C ALA F 340 14.62 -24.25 -4.79
N LEU F 341 14.34 -24.37 -3.51
CA LEU F 341 14.55 -23.28 -2.58
C LEU F 341 16.02 -23.17 -2.22
N LYS F 342 16.50 -21.95 -2.06
CA LYS F 342 17.84 -21.74 -1.53
C LYS F 342 17.90 -22.13 -0.05
N TYR F 343 18.96 -22.86 0.31
CA TYR F 343 19.19 -23.27 1.69
C TYR F 343 19.40 -22.08 2.63
N GLY F 344 18.83 -22.17 3.82
CA GLY F 344 19.11 -21.17 4.85
C GLY F 344 18.63 -19.77 4.54
N CYS F 345 17.54 -19.64 3.81
CA CYS F 345 16.97 -18.34 3.47
C CYS F 345 15.47 -18.37 3.76
N SER F 346 15.00 -17.36 4.47
CA SER F 346 13.60 -17.26 4.86
C SER F 346 12.64 -17.32 3.67
N ILE F 347 11.46 -17.93 3.88
CA ILE F 347 10.35 -17.84 2.93
C ILE F 347 9.23 -16.96 3.44
N THR F 348 9.38 -16.34 4.61
CA THR F 348 8.42 -15.35 5.07
C THR F 348 9.14 -14.02 5.13
N ASP F 349 9.27 -13.45 6.32
CA ASP F 349 9.92 -12.15 6.46
C ASP F 349 11.40 -12.25 6.12
N ALA F 350 11.93 -11.20 5.51
CA ALA F 350 13.36 -11.12 5.29
C ALA F 350 14.11 -11.06 6.61
N CYS F 351 15.25 -11.73 6.67
CA CYS F 351 16.12 -11.74 7.84
C CYS F 351 17.48 -11.13 7.50
N ILE F 352 18.19 -10.70 8.54
CA ILE F 352 19.61 -10.39 8.40
C ILE F 352 20.40 -11.69 8.32
N GLY F 353 21.52 -11.65 7.60
CA GLY F 353 22.39 -12.80 7.47
C GLY F 353 23.27 -13.01 8.67
N ILE F 354 24.05 -14.09 8.61
CA ILE F 354 24.86 -14.45 9.77
C ILE F 354 25.95 -13.41 10.00
N ASP F 355 26.41 -12.74 8.94
CA ASP F 355 27.42 -11.72 9.17
C ASP F 355 26.84 -10.58 9.98
N ASP F 356 25.72 -10.00 9.53
CA ASP F 356 25.05 -8.95 10.30
C ASP F 356 24.70 -9.41 11.71
N THR F 357 24.40 -10.70 11.89
CA THR F 357 24.09 -11.22 13.23
C THR F 357 25.29 -11.11 14.16
N GLU F 358 26.47 -11.55 13.71
CA GLU F 358 27.66 -11.47 14.55
C GLU F 358 27.98 -10.03 14.94
N SER F 359 27.80 -9.09 14.00
CA SER F 359 28.07 -7.69 14.28
C SER F 359 27.11 -7.16 15.35
N VAL F 360 25.81 -7.44 15.21
CA VAL F 360 24.82 -6.95 16.16
C VAL F 360 25.11 -7.45 17.58
N LEU F 361 25.40 -8.74 17.70
CA LEU F 361 25.64 -9.29 19.04
C LEU F 361 26.87 -8.67 19.68
N GLU F 362 27.92 -8.45 18.90
CA GLU F 362 29.11 -7.79 19.44
C GLU F 362 28.76 -6.40 19.93
N THR F 363 27.99 -5.66 19.13
CA THR F 363 27.54 -4.32 19.53
C THR F 363 26.77 -4.37 20.83
N LEU F 364 25.82 -5.30 20.94
CA LEU F 364 25.02 -5.38 22.16
C LEU F 364 25.90 -5.75 23.34
N ALA F 365 26.84 -6.68 23.16
CA ALA F 365 27.75 -7.06 24.23
C ALA F 365 28.61 -5.89 24.67
N GLN F 366 29.07 -5.07 23.72
CA GLN F 366 29.86 -3.90 24.09
C GLN F 366 29.03 -2.93 24.93
N ALA F 367 27.74 -2.81 24.61
CA ALA F 367 26.86 -1.92 25.37
C ALA F 367 26.70 -2.40 26.81
N ILE F 368 26.57 -3.70 27.03
CA ILE F 368 26.49 -4.21 28.40
C ILE F 368 27.77 -3.89 29.16
N LYS F 369 28.92 -4.11 28.50
CA LYS F 369 30.21 -3.72 29.07
C LYS F 369 30.24 -2.23 29.36
N ALA F 370 29.77 -1.42 28.40
CA ALA F 370 29.74 0.03 28.57
C ALA F 370 28.94 0.44 29.81
N ARG F 371 27.84 -0.26 30.09
CA ARG F 371 26.95 0.10 31.19
C ARG F 371 27.62 -0.04 32.56
N ARG F 372 28.92 -0.34 32.58
CA ARG F 372 29.66 -0.34 33.84
C ARG F 372 29.95 1.08 34.34
N GLY F 373 30.26 2.01 33.44
CA GLY F 373 30.61 3.36 33.83
C GLY F 373 29.53 4.15 34.52
N ALA G 3 -35.55 -45.13 21.35
CA ALA G 3 -34.55 -44.41 20.56
C ALA G 3 -33.32 -44.10 21.41
N MET G 4 -32.14 -44.08 20.79
CA MET G 4 -30.88 -43.79 21.46
C MET G 4 -30.39 -42.41 21.08
N PHE G 5 -29.47 -41.88 21.89
CA PHE G 5 -29.09 -40.48 21.74
C PHE G 5 -28.48 -40.21 20.38
N ILE G 6 -27.33 -40.80 20.10
CA ILE G 6 -26.76 -40.79 18.76
C ILE G 6 -27.19 -42.08 18.10
N GLN G 7 -28.03 -41.97 17.08
CA GLN G 7 -28.55 -43.16 16.40
C GLN G 7 -27.79 -43.39 15.11
N ASN G 8 -27.29 -44.61 14.94
CA ASN G 8 -26.70 -45.00 13.68
C ASN G 8 -27.77 -45.01 12.60
N GLU G 9 -27.77 -44.01 11.72
CA GLU G 9 -28.73 -43.97 10.64
C GLU G 9 -28.53 -45.11 9.64
N HIS G 10 -27.47 -45.90 9.80
CA HIS G 10 -27.11 -46.93 8.84
C HIS G 10 -27.18 -48.33 9.42
N VAL G 11 -27.85 -48.51 10.56
CA VAL G 11 -27.96 -49.82 11.19
C VAL G 11 -28.62 -50.80 10.22
N GLY G 12 -28.07 -52.01 10.16
CA GLY G 12 -28.60 -53.07 9.32
C GLY G 12 -28.22 -52.98 7.86
N ASP G 13 -27.43 -51.99 7.46
CA ASP G 13 -26.91 -51.84 6.09
C ASP G 13 -25.66 -52.70 5.97
N ARG G 14 -25.82 -53.91 5.45
CA ARG G 14 -24.70 -54.85 5.42
C ARG G 14 -23.63 -54.46 4.40
N SER G 15 -23.89 -53.47 3.56
CA SER G 15 -22.81 -52.99 2.70
C SER G 15 -21.77 -52.18 3.45
N ARG G 16 -21.98 -51.92 4.74
CA ARG G 16 -21.07 -51.09 5.51
C ARG G 16 -19.99 -51.93 6.18
N MET G 17 -18.90 -51.26 6.51
CA MET G 17 -17.71 -52.00 6.89
C MET G 17 -17.69 -52.39 8.36
N GLU G 18 -18.32 -51.63 9.26
CA GLU G 18 -18.10 -52.01 10.65
C GLU G 18 -19.20 -51.67 11.66
N ASP G 19 -20.24 -50.95 11.27
CA ASP G 19 -21.16 -50.48 12.29
C ASP G 19 -22.59 -50.99 12.14
N TRP G 20 -22.91 -51.82 11.15
CA TRP G 20 -24.33 -52.06 10.88
C TRP G 20 -25.02 -52.97 11.93
N ARG G 21 -24.32 -53.45 12.96
CA ARG G 21 -25.00 -54.07 14.09
C ARG G 21 -24.96 -53.16 15.32
N ILE G 22 -24.75 -51.87 15.12
CA ILE G 22 -24.77 -50.87 16.19
C ILE G 22 -26.03 -50.03 16.03
N ARG G 23 -26.88 -50.04 17.05
CA ARG G 23 -28.04 -49.16 17.06
C ARG G 23 -27.63 -47.72 17.25
N GLY G 24 -26.69 -47.47 18.15
CA GLY G 24 -26.27 -46.11 18.43
C GLY G 24 -25.54 -46.05 19.77
N TYR G 25 -25.42 -44.83 20.30
CA TYR G 25 -24.69 -44.62 21.53
C TYR G 25 -25.46 -43.66 22.43
N ASP G 26 -25.25 -43.82 23.74
CA ASP G 26 -25.71 -42.90 24.77
C ASP G 26 -24.51 -42.33 25.51
N PRO G 27 -24.50 -41.04 25.77
CA PRO G 27 -23.32 -40.43 26.42
C PRO G 27 -23.18 -40.88 27.86
N LEU G 28 -21.93 -40.93 28.29
CA LEU G 28 -21.56 -41.45 29.60
C LEU G 28 -20.73 -40.41 30.34
N ALA G 29 -21.10 -40.11 31.56
CA ALA G 29 -20.24 -39.31 32.42
C ALA G 29 -18.92 -40.06 32.66
N PRO G 30 -17.78 -39.41 32.47
CA PRO G 30 -16.52 -40.07 32.82
C PRO G 30 -16.45 -40.32 34.32
N PRO G 31 -15.72 -41.36 34.74
CA PRO G 31 -15.58 -41.63 36.18
C PRO G 31 -15.12 -40.43 37.00
N ASP G 32 -14.19 -39.63 36.47
CA ASP G 32 -13.79 -38.42 37.17
C ASP G 32 -14.99 -37.57 37.56
N LEU G 33 -15.95 -37.42 36.66
CA LEU G 33 -17.12 -36.58 36.93
C LEU G 33 -17.99 -37.16 38.02
N LEU G 34 -18.30 -38.45 37.92
CA LEU G 34 -19.16 -39.09 38.90
C LEU G 34 -18.52 -39.05 40.28
N GLN G 35 -17.19 -39.19 40.36
CA GLN G 35 -16.55 -39.07 41.67
C GLN G 35 -16.57 -37.64 42.20
N HIS G 36 -16.52 -36.65 41.30
CA HIS G 36 -16.59 -35.24 41.72
C HIS G 36 -17.96 -34.91 42.30
N GLU G 37 -19.02 -35.39 41.66
CA GLU G 37 -20.37 -35.13 42.14
C GLU G 37 -20.67 -35.86 43.45
N PHE G 38 -20.08 -37.04 43.67
CA PHE G 38 -20.35 -37.88 44.83
C PHE G 38 -19.03 -38.22 45.51
N PRO G 39 -18.42 -37.23 46.18
CA PRO G 39 -17.09 -37.45 46.75
C PRO G 39 -17.14 -38.22 48.05
N LEU G 40 -15.98 -38.70 48.47
CA LEU G 40 -15.79 -39.43 49.72
C LEU G 40 -15.48 -38.46 50.86
N SER G 41 -16.21 -38.57 51.97
CA SER G 41 -15.89 -37.86 53.20
C SER G 41 -14.77 -38.59 53.95
N ASP G 42 -14.27 -37.96 55.01
CA ASP G 42 -13.26 -38.63 55.82
C ASP G 42 -13.81 -39.89 56.46
N LYS G 43 -15.08 -39.90 56.85
CA LYS G 43 -15.66 -41.11 57.42
C LYS G 43 -15.72 -42.22 56.37
N ASN G 44 -16.10 -41.90 55.14
CA ASN G 44 -16.01 -42.87 54.05
C ASN G 44 -14.61 -43.47 53.98
N LYS G 45 -13.59 -42.59 53.92
CA LYS G 45 -12.23 -43.07 53.79
C LYS G 45 -11.84 -43.93 54.99
N ASP G 46 -12.14 -43.44 56.20
CA ASP G 46 -11.78 -44.20 57.41
C ASP G 46 -12.42 -45.58 57.38
N ILE G 47 -13.68 -45.66 56.99
CA ILE G 47 -14.38 -46.93 56.99
C ILE G 47 -13.88 -47.83 55.87
N ILE G 48 -13.71 -47.28 54.67
CA ILE G 48 -13.26 -48.09 53.54
C ILE G 48 -11.84 -48.60 53.77
N LEU G 49 -10.94 -47.73 54.24
CA LEU G 49 -9.56 -48.16 54.50
C LEU G 49 -9.50 -49.16 55.65
N LYS G 50 -10.23 -48.90 56.74
CA LYS G 50 -10.27 -49.87 57.83
C LYS G 50 -10.85 -51.19 57.34
N GLY G 51 -11.84 -51.14 56.47
CA GLY G 51 -12.38 -52.35 55.88
C GLY G 51 -11.33 -53.14 55.11
N ARG G 52 -10.50 -52.46 54.32
CA ARG G 52 -9.44 -53.15 53.60
C ARG G 52 -8.36 -53.68 54.54
N GLU G 53 -7.96 -52.85 55.52
CA GLU G 53 -6.90 -53.25 56.43
C GLU G 53 -7.29 -54.50 57.20
N ASP G 54 -8.55 -54.55 57.66
CA ASP G 54 -9.00 -55.70 58.43
C ASP G 54 -9.05 -56.96 57.56
N THR G 55 -9.53 -56.84 56.33
CA THR G 55 -9.58 -57.99 55.43
C THR G 55 -8.19 -58.56 55.19
N CYS G 56 -7.22 -57.69 54.91
CA CYS G 56 -5.84 -58.13 54.68
C CYS G 56 -5.25 -58.81 55.90
N ASN G 57 -5.42 -58.21 57.08
CA ASN G 57 -4.81 -58.78 58.27
C ASN G 57 -5.29 -60.21 58.50
N ILE G 58 -6.58 -60.46 58.22
CA ILE G 58 -7.09 -61.81 58.30
C ILE G 58 -6.47 -62.68 57.21
N LEU G 59 -6.40 -62.15 55.99
CA LEU G 59 -5.83 -62.91 54.88
C LEU G 59 -4.33 -63.16 55.05
N ASN G 60 -3.67 -62.40 55.92
CA ASN G 60 -2.26 -62.63 56.21
C ASN G 60 -2.05 -63.39 57.51
N GLY G 61 -3.13 -63.87 58.14
CA GLY G 61 -3.03 -64.58 59.39
C GLY G 61 -2.56 -63.74 60.56
N LYS G 62 -2.74 -62.42 60.50
CA LYS G 62 -2.38 -61.54 61.59
C LYS G 62 -3.55 -61.24 62.51
N ASP G 63 -4.74 -61.68 62.13
CA ASP G 63 -5.96 -61.44 62.89
C ASP G 63 -6.80 -62.72 62.78
N ASP G 64 -7.21 -63.26 63.91
CA ASP G 64 -7.87 -64.56 63.94
C ASP G 64 -9.39 -64.46 63.84
N ARG G 65 -9.90 -63.33 63.35
CA ARG G 65 -11.33 -63.18 63.12
C ARG G 65 -11.70 -63.77 61.76
N LEU G 66 -13.01 -63.74 61.48
CA LEU G 66 -13.57 -64.31 60.26
C LEU G 66 -14.15 -63.20 59.40
N ILE G 67 -13.81 -63.20 58.12
CA ILE G 67 -14.44 -62.29 57.17
C ILE G 67 -15.82 -62.83 56.86
N VAL G 68 -16.86 -62.04 57.10
CA VAL G 68 -18.21 -62.47 56.78
C VAL G 68 -18.78 -61.43 55.83
N VAL G 69 -18.81 -61.80 54.56
CA VAL G 69 -19.44 -61.02 53.49
C VAL G 69 -20.90 -61.42 53.45
N ILE G 70 -21.79 -60.51 53.82
CA ILE G 70 -23.19 -60.86 54.01
C ILE G 70 -24.06 -59.68 53.56
N GLY G 71 -25.13 -59.99 52.84
CA GLY G 71 -26.02 -58.98 52.34
C GLY G 71 -26.86 -59.51 51.20
N PRO G 72 -27.70 -58.66 50.63
CA PRO G 72 -28.61 -59.10 49.57
C PRO G 72 -27.90 -59.69 48.36
N CYS G 73 -28.57 -60.63 47.70
CA CYS G 73 -28.02 -61.19 46.46
C CYS G 73 -27.75 -60.08 45.45
N SER G 74 -28.74 -59.22 45.24
CA SER G 74 -28.59 -58.01 44.44
C SER G 74 -29.44 -56.92 45.08
N ILE G 75 -29.00 -55.67 44.98
CA ILE G 75 -29.73 -54.55 45.54
C ILE G 75 -30.57 -53.93 44.44
N HIS G 76 -31.88 -53.97 44.60
CA HIS G 76 -32.80 -53.29 43.70
C HIS G 76 -33.44 -52.04 44.31
N ASP G 77 -33.30 -51.83 45.62
CA ASP G 77 -33.99 -50.76 46.32
C ASP G 77 -32.99 -50.12 47.26
N PRO G 78 -32.42 -48.98 46.88
CA PRO G 78 -31.40 -48.33 47.74
C PRO G 78 -31.90 -48.00 49.13
N GLU G 79 -33.15 -47.58 49.28
CA GLU G 79 -33.66 -47.27 50.61
C GLU G 79 -33.67 -48.51 51.51
N ALA G 80 -34.16 -49.64 50.99
CA ALA G 80 -34.14 -50.88 51.77
C ALA G 80 -32.72 -51.30 52.11
N ALA G 81 -31.78 -51.10 51.18
CA ALA G 81 -30.40 -51.50 51.43
C ALA G 81 -29.77 -50.67 52.54
N LEU G 82 -30.12 -49.38 52.61
CA LEU G 82 -29.60 -48.55 53.70
C LEU G 82 -30.19 -48.99 55.04
N ASP G 83 -31.48 -49.34 55.05
CA ASP G 83 -32.07 -49.94 56.25
C ASP G 83 -31.32 -51.19 56.66
N TYR G 84 -31.09 -52.09 55.71
CA TYR G 84 -30.34 -53.32 56.01
C TYR G 84 -28.97 -52.99 56.59
N ALA G 85 -28.31 -51.97 56.04
CA ALA G 85 -26.97 -51.62 56.53
C ALA G 85 -27.02 -51.15 57.97
N ASP G 86 -28.04 -50.38 58.34
CA ASP G 86 -28.17 -49.95 59.72
C ASP G 86 -28.34 -51.16 60.65
N ARG G 87 -29.13 -52.13 60.23
CA ARG G 87 -29.25 -53.35 61.01
C ARG G 87 -27.92 -54.09 61.05
N LEU G 88 -27.26 -54.22 59.90
CA LEU G 88 -26.03 -55.00 59.85
C LEU G 88 -24.91 -54.33 60.62
N HIS G 89 -24.88 -52.99 60.64
CA HIS G 89 -23.91 -52.28 61.46
C HIS G 89 -24.06 -52.61 62.94
N LYS G 90 -25.31 -52.71 63.43
CA LYS G 90 -25.54 -53.06 64.84
C LYS G 90 -25.00 -54.44 65.17
N LEU G 91 -25.35 -55.44 64.37
CA LEU G 91 -24.78 -56.76 64.55
C LEU G 91 -23.26 -56.72 64.44
N SER G 92 -22.74 -55.86 63.57
CA SER G 92 -21.29 -55.75 63.40
C SER G 92 -20.62 -55.26 64.67
N GLU G 93 -21.24 -54.29 65.36
CA GLU G 93 -20.66 -53.84 66.62
C GLU G 93 -20.64 -54.94 67.64
N LYS G 94 -21.70 -55.77 67.65
CA LYS G 94 -21.81 -56.83 68.65
C LYS G 94 -20.73 -57.89 68.48
N HIS G 95 -20.42 -58.25 67.23
CA HIS G 95 -19.53 -59.37 66.95
C HIS G 95 -18.15 -58.93 66.53
N LYS G 96 -17.84 -57.63 66.69
CA LYS G 96 -16.56 -57.09 66.26
C LYS G 96 -15.39 -57.83 66.89
N GLY G 97 -15.61 -58.47 68.05
CA GLY G 97 -14.57 -59.27 68.65
C GLY G 97 -14.20 -60.49 67.82
N GLU G 98 -15.15 -61.02 67.07
CA GLU G 98 -14.94 -62.29 66.41
C GLU G 98 -15.10 -62.25 64.90
N LEU G 99 -15.95 -61.37 64.39
CA LEU G 99 -16.28 -61.35 62.98
C LEU G 99 -15.95 -59.98 62.41
N HIS G 100 -15.34 -59.97 61.25
CA HIS G 100 -15.15 -58.76 60.46
C HIS G 100 -16.27 -58.77 59.42
N ILE G 101 -17.33 -58.00 59.70
CA ILE G 101 -18.50 -57.99 58.84
C ILE G 101 -18.36 -56.94 57.74
N VAL G 102 -18.57 -57.38 56.49
CA VAL G 102 -18.55 -56.54 55.30
C VAL G 102 -19.86 -56.77 54.54
N MET G 103 -20.59 -55.70 54.29
CA MET G 103 -21.91 -55.80 53.70
C MET G 103 -21.80 -56.11 52.21
N ARG G 104 -22.58 -57.09 51.74
CA ARG G 104 -22.58 -57.48 50.34
C ARG G 104 -23.32 -56.44 49.49
N ALA G 105 -22.58 -55.70 48.67
CA ALA G 105 -23.22 -54.65 47.86
C ALA G 105 -23.11 -54.96 46.38
N TYR G 106 -23.75 -56.03 45.94
CA TYR G 106 -23.79 -56.45 44.55
C TYR G 106 -25.00 -55.84 43.86
N LEU G 107 -24.85 -55.48 42.60
CA LEU G 107 -25.89 -54.77 41.89
C LEU G 107 -26.62 -55.60 40.85
N GLU G 108 -26.11 -56.78 40.49
CA GLU G 108 -26.68 -57.55 39.39
C GLU G 108 -26.47 -59.05 39.64
N LYS G 109 -27.45 -59.84 39.19
CA LYS G 109 -27.28 -61.29 39.07
C LYS G 109 -27.13 -61.62 37.60
N PRO G 110 -25.99 -62.17 37.15
CA PRO G 110 -25.78 -62.41 35.71
C PRO G 110 -26.84 -63.29 35.02
N VAL G 114 -32.43 -64.90 31.31
CA VAL G 114 -32.50 -63.51 30.84
C VAL G 114 -33.67 -62.77 31.51
N GLY G 115 -33.34 -61.94 32.51
CA GLY G 115 -34.30 -61.15 33.25
C GLY G 115 -33.79 -59.78 33.66
N TRP G 116 -34.17 -59.31 34.84
CA TRP G 116 -33.71 -58.00 35.33
C TRP G 116 -32.20 -57.91 35.26
N LYS G 117 -31.71 -56.87 34.60
CA LYS G 117 -30.29 -56.76 34.36
C LYS G 117 -29.52 -56.14 35.52
N GLY G 118 -30.20 -55.66 36.56
CA GLY G 118 -29.55 -55.14 37.75
C GLY G 118 -29.66 -53.63 37.86
N LEU G 119 -29.16 -53.12 39.00
CA LEU G 119 -29.38 -51.72 39.35
C LEU G 119 -28.72 -50.76 38.36
N ILE G 120 -27.49 -51.08 37.94
CA ILE G 120 -26.76 -50.20 37.03
C ILE G 120 -27.41 -50.20 35.64
N ASN G 121 -27.67 -51.38 35.09
CA ASN G 121 -28.21 -51.44 33.74
C ASN G 121 -29.66 -50.95 33.68
N ASP G 122 -30.45 -51.23 34.70
CA ASP G 122 -31.88 -50.98 34.69
C ASP G 122 -32.31 -50.52 36.07
N PRO G 123 -31.98 -49.28 36.46
CA PRO G 123 -32.33 -48.82 37.81
C PRO G 123 -33.83 -48.73 38.04
N ASP G 124 -34.62 -48.45 37.00
CA ASP G 124 -36.05 -48.29 37.15
C ASP G 124 -36.79 -49.61 37.24
N ILE G 125 -36.10 -50.75 37.03
CA ILE G 125 -36.68 -52.08 37.12
C ILE G 125 -37.85 -52.18 36.16
N ASP G 126 -37.67 -51.68 34.94
CA ASP G 126 -38.77 -51.66 33.99
C ASP G 126 -38.34 -52.10 32.60
N GLY G 127 -37.23 -52.82 32.50
CA GLY G 127 -36.67 -53.26 31.23
C GLY G 127 -36.04 -52.17 30.39
N SER G 128 -36.03 -50.93 30.86
CA SER G 128 -35.31 -49.87 30.19
C SER G 128 -33.84 -49.89 30.60
N PHE G 129 -33.01 -49.30 29.74
CA PHE G 129 -31.58 -49.19 29.98
C PHE G 129 -31.25 -47.72 30.21
N GLN G 130 -30.85 -47.41 31.44
CA GLN G 130 -30.51 -46.06 31.84
C GLN G 130 -29.22 -46.13 32.65
N ILE G 131 -28.15 -46.56 31.99
CA ILE G 131 -26.94 -46.94 32.72
C ILE G 131 -26.32 -45.72 33.39
N ASN G 132 -26.37 -44.58 32.73
CA ASN G 132 -25.84 -43.35 33.31
C ASN G 132 -26.55 -42.98 34.61
N LYS G 133 -27.89 -43.04 34.61
CA LYS G 133 -28.64 -42.87 35.85
C LYS G 133 -28.25 -43.94 36.86
N GLY G 134 -28.17 -45.20 36.39
CA GLY G 134 -27.84 -46.30 37.28
C GLY G 134 -26.49 -46.14 37.94
N LEU G 135 -25.50 -45.61 37.20
CA LEU G 135 -24.20 -45.36 37.81
C LEU G 135 -24.32 -44.30 38.89
N ARG G 136 -25.14 -43.28 38.66
CA ARG G 136 -25.35 -42.26 39.68
C ARG G 136 -26.00 -42.85 40.91
N ILE G 137 -27.13 -43.54 40.74
CA ILE G 137 -27.83 -44.14 41.88
C ILE G 137 -26.89 -45.05 42.64
N ALA G 138 -26.11 -45.85 41.91
CA ALA G 138 -25.22 -46.82 42.55
C ALA G 138 -24.18 -46.14 43.42
N ARG G 139 -23.49 -45.14 42.87
CA ARG G 139 -22.43 -44.51 43.64
C ARG G 139 -23.00 -43.73 44.83
N LYS G 140 -24.11 -43.04 44.63
CA LYS G 140 -24.72 -42.30 45.74
C LYS G 140 -25.04 -43.22 46.89
N MET G 141 -25.59 -44.40 46.59
CA MET G 141 -25.90 -45.39 47.62
C MET G 141 -24.62 -45.92 48.27
N PHE G 142 -23.59 -46.20 47.48
CA PHE G 142 -22.35 -46.74 48.02
C PHE G 142 -21.66 -45.73 48.93
N VAL G 143 -21.74 -44.45 48.61
CA VAL G 143 -21.18 -43.42 49.47
C VAL G 143 -21.94 -43.35 50.78
N GLN G 144 -23.27 -43.53 50.71
CA GLN G 144 -24.08 -43.54 51.94
C GLN G 144 -23.78 -44.78 52.78
N LEU G 145 -23.68 -45.94 52.14
CA LEU G 145 -23.39 -47.18 52.86
C LEU G 145 -22.07 -47.09 53.60
N THR G 146 -21.04 -46.52 52.98
CA THR G 146 -19.70 -46.56 53.55
C THR G 146 -19.47 -45.49 54.61
N GLU G 147 -20.50 -44.73 54.97
CA GLU G 147 -20.48 -44.00 56.22
C GLU G 147 -20.94 -44.87 57.38
N LYS G 148 -21.45 -46.08 57.09
CA LYS G 148 -21.93 -47.04 58.06
C LYS G 148 -21.00 -48.23 58.21
N LEU G 149 -20.62 -48.90 57.12
CA LEU G 149 -19.83 -50.10 57.22
C LEU G 149 -19.18 -50.38 55.86
N PRO G 150 -18.10 -51.16 55.83
CA PRO G 150 -17.46 -51.49 54.54
C PRO G 150 -18.34 -52.42 53.71
N ILE G 151 -18.11 -52.40 52.40
CA ILE G 151 -18.95 -53.14 51.45
C ILE G 151 -18.07 -53.97 50.52
N ALA G 152 -18.69 -55.03 49.96
CA ALA G 152 -18.00 -55.92 49.02
C ALA G 152 -18.70 -55.94 47.68
N GLY G 153 -17.90 -55.98 46.61
CA GLY G 153 -18.49 -55.94 45.28
C GLY G 153 -18.11 -57.10 44.40
N GLU G 154 -18.89 -57.34 43.35
CA GLU G 154 -18.56 -58.34 42.34
C GLU G 154 -18.20 -57.63 41.03
N MET G 155 -17.05 -57.96 40.48
CA MET G 155 -16.59 -57.35 39.24
C MET G 155 -17.02 -58.24 38.07
N LEU G 156 -18.11 -57.84 37.39
CA LEU G 156 -18.60 -58.61 36.26
C LEU G 156 -18.02 -58.14 34.95
N ASP G 157 -17.67 -56.85 34.88
CA ASP G 157 -17.08 -56.22 33.71
C ASP G 157 -15.86 -55.45 34.17
N THR G 158 -15.17 -54.83 33.22
CA THR G 158 -13.92 -54.14 33.51
C THR G 158 -14.00 -52.62 33.42
N ILE G 159 -15.14 -52.06 32.98
CA ILE G 159 -15.26 -50.61 32.86
C ILE G 159 -15.88 -50.04 34.14
N SER G 160 -17.03 -50.55 34.52
CA SER G 160 -17.76 -50.04 35.69
C SER G 160 -16.97 -50.03 37.01
N PRO G 161 -15.95 -50.88 37.21
CA PRO G 161 -15.09 -50.68 38.39
C PRO G 161 -14.43 -49.31 38.48
N GLN G 162 -14.12 -48.67 37.35
CA GLN G 162 -13.50 -47.35 37.39
C GLN G 162 -14.38 -46.31 38.09
N PHE G 163 -15.70 -46.50 38.04
CA PHE G 163 -16.63 -45.58 38.68
C PHE G 163 -16.77 -45.85 40.17
N LEU G 164 -16.51 -47.07 40.63
CA LEU G 164 -16.96 -47.48 41.96
C LEU G 164 -15.88 -48.07 42.85
N SER G 165 -14.69 -48.37 42.33
CA SER G 165 -13.77 -49.20 43.10
C SER G 165 -13.16 -48.47 44.29
N ASP G 166 -13.26 -47.14 44.36
CA ASP G 166 -12.72 -46.46 45.53
C ASP G 166 -13.55 -46.74 46.78
N LEU G 167 -14.68 -47.42 46.63
CA LEU G 167 -15.58 -47.64 47.73
C LEU G 167 -15.47 -49.02 48.37
N PHE G 168 -14.94 -50.02 47.67
CA PHE G 168 -14.95 -51.42 48.13
C PHE G 168 -13.77 -51.70 49.04
N SER G 169 -14.01 -52.54 50.04
CA SER G 169 -12.96 -53.06 50.92
C SER G 169 -12.55 -54.50 50.58
N VAL G 170 -13.28 -55.16 49.67
CA VAL G 170 -12.97 -56.50 49.18
C VAL G 170 -13.87 -56.77 47.97
N GLY G 171 -13.40 -57.60 47.03
CA GLY G 171 -14.15 -57.88 45.83
C GLY G 171 -14.01 -59.32 45.39
N ALA G 172 -14.80 -59.69 44.39
CA ALA G 172 -14.75 -61.02 43.80
C ALA G 172 -14.99 -60.95 42.29
N ILE G 173 -14.31 -61.81 41.56
CA ILE G 173 -14.55 -61.97 40.14
C ILE G 173 -15.66 -62.99 39.93
N GLY G 174 -16.62 -62.65 39.08
CA GLY G 174 -17.68 -63.57 38.71
C GLY G 174 -17.20 -64.91 38.22
N ALA G 175 -17.95 -65.97 38.53
CA ALA G 175 -17.54 -67.31 38.10
C ALA G 175 -17.39 -67.39 36.59
N ARG G 176 -18.28 -66.73 35.85
CA ARG G 176 -18.23 -66.80 34.39
C ARG G 176 -16.98 -66.13 33.80
N THR G 177 -16.18 -65.43 34.62
CA THR G 177 -14.98 -64.78 34.11
C THR G 177 -13.74 -65.08 34.95
N THR G 178 -13.77 -66.11 35.79
CA THR G 178 -12.58 -66.47 36.54
C THR G 178 -11.42 -66.78 35.60
N GLU G 179 -11.71 -67.35 34.44
CA GLU G 179 -10.69 -67.71 33.47
C GLU G 179 -10.24 -66.53 32.60
N SER G 180 -10.98 -65.42 32.62
CA SER G 180 -10.77 -64.31 31.71
C SER G 180 -9.50 -63.52 32.04
N GLN G 181 -8.59 -63.46 31.06
CA GLN G 181 -7.37 -62.66 31.19
C GLN G 181 -7.71 -61.22 31.57
N LEU G 182 -8.81 -60.71 31.04
CA LEU G 182 -9.22 -59.34 31.34
C LEU G 182 -9.41 -59.14 32.84
N HIS G 183 -10.11 -60.08 33.50
CA HIS G 183 -10.42 -59.94 34.92
C HIS G 183 -9.22 -60.24 35.80
N ARG G 184 -8.31 -61.07 35.35
CA ARG G 184 -7.10 -61.28 36.14
C ARG G 184 -6.22 -60.03 36.14
N GLU G 185 -6.04 -59.40 34.97
CA GLU G 185 -5.30 -58.15 34.90
C GLU G 185 -5.98 -57.06 35.73
N LEU G 186 -7.31 -56.97 35.63
CA LEU G 186 -8.05 -56.05 36.49
C LEU G 186 -7.70 -56.29 37.96
N ALA G 187 -7.71 -57.57 38.38
CA ALA G 187 -7.43 -57.92 39.77
C ALA G 187 -6.04 -57.46 40.20
N SER G 188 -5.07 -57.48 39.28
CA SER G 188 -3.69 -57.10 39.59
C SER G 188 -3.53 -55.61 39.86
N GLY G 189 -4.55 -54.79 39.58
CA GLY G 189 -4.49 -53.35 39.76
C GLY G 189 -5.42 -52.74 40.79
N LEU G 190 -6.29 -53.56 41.40
CA LEU G 190 -7.25 -53.11 42.39
C LEU G 190 -6.57 -52.86 43.74
N SER G 191 -7.20 -52.04 44.57
CA SER G 191 -6.63 -51.61 45.85
C SER G 191 -7.12 -52.43 47.03
N PHE G 192 -7.68 -53.61 46.80
CA PHE G 192 -8.29 -54.40 47.86
C PHE G 192 -8.21 -55.86 47.48
N PRO G 193 -8.41 -56.77 48.44
CA PRO G 193 -8.36 -58.20 48.10
C PRO G 193 -9.47 -58.60 47.14
N VAL G 194 -9.15 -59.55 46.25
CA VAL G 194 -10.10 -60.06 45.27
C VAL G 194 -10.16 -61.58 45.36
N GLY G 195 -11.37 -62.13 45.29
CA GLY G 195 -11.59 -63.57 45.41
C GLY G 195 -12.04 -64.20 44.10
N PHE G 196 -11.51 -65.38 43.82
CA PHE G 196 -11.79 -66.08 42.58
C PHE G 196 -12.52 -67.39 42.86
N LYS G 197 -13.66 -67.57 42.19
CA LYS G 197 -14.55 -68.70 42.42
C LYS G 197 -14.07 -69.93 41.64
N ASN G 198 -14.25 -71.12 42.22
CA ASN G 198 -13.90 -72.33 41.48
C ASN G 198 -14.81 -72.50 40.26
N GLY G 199 -14.33 -73.29 39.30
CA GLY G 199 -15.02 -73.44 38.04
C GLY G 199 -16.38 -74.11 38.17
N THR G 200 -17.22 -73.85 37.16
CA THR G 200 -18.52 -74.50 37.09
C THR G 200 -18.43 -76.00 37.27
N ASP G 201 -17.33 -76.60 36.87
CA ASP G 201 -17.14 -78.04 36.98
C ASP G 201 -16.57 -78.47 38.33
N GLY G 202 -16.44 -77.56 39.30
CA GLY G 202 -16.00 -77.90 40.64
C GLY G 202 -14.51 -78.03 40.82
N THR G 203 -13.70 -77.79 39.80
CA THR G 203 -12.26 -77.83 39.89
C THR G 203 -11.71 -76.47 40.32
N LEU G 204 -10.59 -76.51 41.04
CA LEU G 204 -9.91 -75.33 41.55
C LEU G 204 -8.83 -74.76 40.62
N GLY G 205 -8.39 -75.52 39.61
CA GLY G 205 -7.31 -75.07 38.76
C GLY G 205 -7.52 -73.68 38.18
N VAL G 206 -8.69 -73.44 37.61
CA VAL G 206 -8.96 -72.14 37.00
C VAL G 206 -8.82 -71.02 38.04
N ALA G 207 -9.25 -71.28 39.28
CA ALA G 207 -9.16 -70.28 40.33
C ALA G 207 -7.73 -70.15 40.85
N ILE G 208 -7.00 -71.25 40.92
CA ILE G 208 -5.61 -71.18 41.34
C ILE G 208 -4.81 -70.39 40.31
N ASP G 209 -5.02 -70.69 39.03
CA ASP G 209 -4.38 -69.94 37.94
C ASP G 209 -4.65 -68.45 38.08
N ALA G 210 -5.92 -68.09 38.31
CA ALA G 210 -6.28 -66.68 38.43
C ALA G 210 -5.55 -66.04 39.61
N LEU G 211 -5.47 -66.74 40.73
CA LEU G 211 -4.75 -66.22 41.90
C LEU G 211 -3.32 -65.82 41.55
N ARG G 212 -2.59 -66.70 40.86
CA ARG G 212 -1.21 -66.38 40.56
C ARG G 212 -1.11 -65.29 39.50
N ALA G 213 -1.92 -65.39 38.44
CA ALA G 213 -1.87 -64.36 37.41
C ALA G 213 -2.05 -62.99 38.02
N ALA G 214 -3.02 -62.87 38.95
CA ALA G 214 -3.30 -61.58 39.57
C ALA G 214 -2.17 -61.08 40.45
N SER G 215 -1.28 -61.96 40.89
CA SER G 215 -0.21 -61.52 41.77
C SER G 215 0.95 -60.89 41.02
N HIS G 216 0.96 -60.94 39.68
CA HIS G 216 2.04 -60.39 38.88
C HIS G 216 1.65 -59.05 38.24
N PRO G 217 2.62 -58.17 37.99
CA PRO G 217 2.32 -56.92 37.28
C PRO G 217 1.89 -57.19 35.83
N HIS G 218 1.03 -56.32 35.31
CA HIS G 218 0.54 -56.47 33.94
C HIS G 218 0.60 -55.16 33.17
N HIS G 219 0.58 -55.30 31.84
CA HIS G 219 0.44 -54.21 30.89
C HIS G 219 -0.71 -54.55 29.97
N PHE G 220 -1.72 -53.69 29.92
CA PHE G 220 -2.90 -53.99 29.13
C PHE G 220 -3.68 -52.71 28.86
N LEU G 221 -4.49 -52.78 27.81
CA LEU G 221 -5.44 -51.72 27.47
C LEU G 221 -6.52 -51.61 28.56
N SER G 222 -6.93 -50.39 28.86
CA SER G 222 -7.94 -50.19 29.89
C SER G 222 -8.59 -48.80 29.78
N VAL G 223 -9.81 -48.72 30.28
CA VAL G 223 -10.47 -47.44 30.46
C VAL G 223 -9.88 -46.77 31.70
N THR G 224 -9.61 -45.48 31.62
CA THR G 224 -9.07 -44.72 32.75
C THR G 224 -10.08 -43.73 33.30
N LYS G 225 -9.69 -43.08 34.40
CA LYS G 225 -10.62 -42.23 35.13
C LYS G 225 -11.12 -41.02 34.34
N PRO G 226 -10.34 -40.38 33.46
CA PRO G 226 -10.92 -39.35 32.59
C PRO G 226 -11.84 -39.89 31.51
N GLY G 227 -11.95 -41.20 31.36
CA GLY G 227 -12.85 -41.80 30.41
C GLY G 227 -12.28 -42.13 29.05
N ILE G 228 -10.96 -42.07 28.90
CA ILE G 228 -10.29 -42.46 27.67
C ILE G 228 -9.56 -43.77 27.90
N VAL G 229 -9.23 -44.43 26.80
CA VAL G 229 -8.54 -45.71 26.82
C VAL G 229 -7.05 -45.46 26.85
N SER G 230 -6.36 -46.14 27.76
CA SER G 230 -4.91 -46.02 27.87
C SER G 230 -4.30 -47.40 28.05
N ILE G 231 -2.98 -47.41 28.16
CA ILE G 231 -2.22 -48.58 28.55
C ILE G 231 -1.89 -48.40 30.03
N VAL G 232 -2.31 -49.34 30.87
CA VAL G 232 -2.06 -49.24 32.31
C VAL G 232 -1.08 -50.33 32.73
N GLY G 233 -0.23 -50.00 33.69
CA GLY G 233 0.68 -50.95 34.31
C GLY G 233 0.31 -51.16 35.76
N THR G 234 0.12 -52.42 36.14
CA THR G 234 -0.30 -52.77 37.50
C THR G 234 0.88 -53.37 38.26
N GLU G 235 0.72 -53.47 39.58
CA GLU G 235 1.81 -53.93 40.43
C GLU G 235 1.75 -55.41 40.73
N GLY G 236 0.60 -56.02 40.60
CA GLY G 236 0.39 -57.37 41.11
C GLY G 236 -0.29 -57.30 42.46
N ASN G 237 -1.31 -58.14 42.67
CA ASN G 237 -2.11 -58.16 43.88
C ASN G 237 -1.94 -59.50 44.56
N GLN G 238 -1.18 -59.52 45.65
CA GLN G 238 -0.91 -60.75 46.39
C GLN G 238 -1.92 -61.00 47.51
N ASP G 239 -2.94 -60.16 47.62
CA ASP G 239 -3.92 -60.31 48.68
C ASP G 239 -5.17 -61.02 48.18
N CYS G 240 -5.01 -61.94 47.23
CA CYS G 240 -6.16 -62.62 46.63
C CYS G 240 -6.34 -64.01 47.24
N PHE G 241 -7.54 -64.56 47.04
CA PHE G 241 -8.00 -65.78 47.68
C PHE G 241 -8.97 -66.48 46.74
N VAL G 242 -9.36 -67.71 47.09
CA VAL G 242 -10.30 -68.51 46.31
C VAL G 242 -11.63 -68.66 47.06
N ILE G 243 -12.71 -68.86 46.30
CA ILE G 243 -14.07 -68.96 46.81
C ILE G 243 -14.63 -70.32 46.40
N LEU G 244 -14.95 -71.15 47.39
CA LEU G 244 -15.58 -72.45 47.15
C LEU G 244 -17.08 -72.24 47.03
N ARG G 245 -17.64 -72.62 45.88
CA ARG G 245 -19.02 -72.25 45.58
C ARG G 245 -19.83 -73.38 44.95
N GLY G 246 -19.42 -74.62 45.17
CA GLY G 246 -20.15 -75.73 44.60
C GLY G 246 -19.95 -75.81 43.10
N GLY G 247 -20.72 -76.68 42.48
CA GLY G 247 -20.58 -76.91 41.07
C GLY G 247 -21.05 -78.30 40.70
N LYS G 248 -20.70 -78.68 39.47
CA LYS G 248 -21.19 -79.92 38.87
C LYS G 248 -20.81 -81.13 39.72
N GLN G 249 -19.73 -81.02 40.49
CA GLN G 249 -19.24 -82.03 41.41
C GLN G 249 -20.06 -82.13 42.69
N GLY G 250 -21.08 -81.30 42.85
CA GLY G 250 -21.81 -81.23 44.08
C GLY G 250 -21.29 -80.07 44.92
N THR G 251 -21.70 -80.07 46.18
CA THR G 251 -21.25 -79.01 47.05
C THR G 251 -19.82 -79.29 47.52
N ASN G 252 -19.12 -78.20 47.91
CA ASN G 252 -17.73 -78.33 48.33
C ASN G 252 -17.40 -77.51 49.58
N TYR G 253 -18.35 -77.36 50.52
CA TYR G 253 -18.01 -76.64 51.75
C TYR G 253 -17.45 -77.54 52.84
N ASP G 254 -17.61 -78.87 52.69
CA ASP G 254 -17.29 -79.85 53.73
C ASP G 254 -15.79 -79.92 54.02
N ALA G 255 -15.47 -80.50 55.19
CA ALA G 255 -14.07 -80.64 55.61
C ALA G 255 -13.23 -81.39 54.58
N LYS G 256 -13.86 -82.32 53.86
CA LYS G 256 -13.15 -83.09 52.85
C LYS G 256 -12.71 -82.21 51.68
N SER G 257 -13.63 -81.40 51.16
CA SER G 257 -13.29 -80.49 50.08
C SER G 257 -12.29 -79.45 50.53
N VAL G 258 -12.49 -78.89 51.75
CA VAL G 258 -11.58 -77.88 52.29
C VAL G 258 -10.16 -78.44 52.37
N LYS G 259 -10.04 -79.70 52.76
CA LYS G 259 -8.74 -80.35 52.89
C LYS G 259 -8.09 -80.56 51.53
N GLU G 260 -8.87 -80.96 50.52
CA GLU G 260 -8.37 -81.03 49.16
C GLU G 260 -7.93 -79.64 48.67
N THR G 261 -8.73 -78.61 49.00
CA THR G 261 -8.41 -77.25 48.56
C THR G 261 -7.11 -76.78 49.20
N LYS G 262 -6.96 -77.03 50.49
CA LYS G 262 -5.71 -76.70 51.18
C LYS G 262 -4.51 -77.35 50.49
N GLU G 263 -4.63 -78.63 50.12
CA GLU G 263 -3.52 -79.31 49.46
C GLU G 263 -3.23 -78.74 48.08
N ALA G 264 -4.28 -78.44 47.31
CA ALA G 264 -4.08 -77.85 45.98
C ALA G 264 -3.35 -76.53 46.08
N LEU G 265 -3.77 -75.68 47.03
CA LEU G 265 -3.10 -74.40 47.23
C LEU G 265 -1.63 -74.60 47.59
N ALA G 266 -1.34 -75.57 48.44
CA ALA G 266 0.05 -75.82 48.83
C ALA G 266 0.86 -76.33 47.65
N LYS G 267 0.32 -77.30 46.90
CA LYS G 267 1.04 -77.87 45.77
C LYS G 267 1.36 -76.82 44.70
N ALA G 268 0.42 -75.92 44.44
CA ALA G 268 0.62 -74.84 43.47
C ALA G 268 1.48 -73.72 44.03
N LYS G 269 2.05 -73.91 45.23
CA LYS G 269 2.93 -72.94 45.88
C LYS G 269 2.24 -71.60 46.10
N VAL G 270 0.95 -71.64 46.43
CA VAL G 270 0.24 -70.39 46.66
C VAL G 270 0.19 -70.11 48.16
N VAL G 271 0.19 -71.16 48.97
CA VAL G 271 0.19 -71.02 50.42
C VAL G 271 1.37 -71.80 50.98
N ASP G 272 2.24 -71.10 51.66
CA ASP G 272 3.38 -71.72 52.33
C ASP G 272 2.91 -72.78 53.31
N PRO G 273 3.27 -74.06 53.11
CA PRO G 273 2.86 -75.09 54.08
C PRO G 273 3.50 -74.90 55.45
N GLU G 274 4.61 -74.17 55.54
CA GLU G 274 5.24 -73.96 56.84
C GLU G 274 4.60 -72.80 57.58
N ASN G 275 4.23 -71.75 56.85
CA ASN G 275 3.49 -70.61 57.39
C ASN G 275 2.19 -70.46 56.61
N PRO G 276 1.12 -71.13 57.02
CA PRO G 276 -0.10 -71.10 56.22
C PRO G 276 -0.93 -69.86 56.53
N LYS G 277 -1.27 -69.11 55.47
CA LYS G 277 -2.21 -68.01 55.42
C LYS G 277 -3.60 -68.51 55.04
N PRO G 278 -4.66 -68.01 55.68
CA PRO G 278 -6.02 -68.42 55.29
C PRO G 278 -6.46 -67.73 54.00
N ARG G 279 -6.73 -68.54 52.98
CA ARG G 279 -7.07 -68.04 51.65
C ARG G 279 -8.26 -68.78 51.05
N ILE G 280 -9.08 -69.43 51.87
CA ILE G 280 -10.26 -70.15 51.41
C ILE G 280 -11.50 -69.48 51.97
N MET G 281 -12.33 -68.94 51.09
CA MET G 281 -13.63 -68.40 51.45
C MET G 281 -14.74 -69.33 50.96
N VAL G 282 -15.70 -69.65 51.83
CA VAL G 282 -16.79 -70.55 51.51
C VAL G 282 -18.05 -69.74 51.24
N ASP G 283 -18.57 -69.83 50.02
CA ASP G 283 -19.87 -69.26 49.67
C ASP G 283 -20.97 -70.18 50.19
N CYS G 284 -21.83 -69.67 51.06
CA CYS G 284 -22.87 -70.53 51.61
C CYS G 284 -24.08 -70.67 50.70
N SER G 285 -24.15 -69.93 49.61
CA SER G 285 -25.32 -69.94 48.74
C SER G 285 -24.94 -70.51 47.39
N HIS G 286 -25.80 -70.28 46.40
CA HIS G 286 -25.53 -70.63 45.00
C HIS G 286 -25.35 -72.14 44.92
N GLY G 287 -24.23 -72.65 44.41
CA GLY G 287 -24.07 -74.09 44.30
C GLY G 287 -24.11 -74.82 45.62
N ASN G 288 -23.55 -74.23 46.67
CA ASN G 288 -23.39 -74.94 47.92
C ASN G 288 -24.67 -75.05 48.74
N SER G 289 -25.74 -74.41 48.32
CA SER G 289 -27.01 -74.48 49.02
C SER G 289 -28.10 -75.14 48.21
N ASN G 290 -27.78 -75.63 47.02
CA ASN G 290 -28.76 -76.20 46.09
C ASN G 290 -29.85 -75.20 45.74
N LYS G 291 -29.46 -73.92 45.64
CA LYS G 291 -30.36 -72.81 45.33
C LYS G 291 -31.61 -72.84 46.20
N ASN G 292 -31.40 -72.99 47.51
CA ASN G 292 -32.46 -73.01 48.52
C ASN G 292 -31.91 -72.27 49.73
N HIS G 293 -32.49 -71.10 50.03
CA HIS G 293 -31.94 -70.23 51.07
C HIS G 293 -32.01 -70.89 52.45
N LYS G 294 -32.94 -71.82 52.66
CA LYS G 294 -33.03 -72.50 53.94
C LYS G 294 -31.79 -73.32 54.26
N ASN G 295 -30.98 -73.65 53.24
CA ASN G 295 -29.77 -74.43 53.46
C ASN G 295 -28.58 -73.60 53.90
N GLN G 296 -28.61 -72.29 53.66
CA GLN G 296 -27.44 -71.48 53.95
C GLN G 296 -27.03 -71.56 55.42
N PRO G 297 -27.92 -71.48 56.40
CA PRO G 297 -27.46 -71.61 57.79
C PRO G 297 -26.86 -72.98 58.07
N LEU G 298 -27.32 -74.02 57.38
CA LEU G 298 -26.71 -75.33 57.57
C LEU G 298 -25.29 -75.35 57.02
N VAL G 299 -25.07 -74.77 55.83
CA VAL G 299 -23.73 -74.67 55.28
C VAL G 299 -22.83 -73.87 56.22
N ALA G 300 -23.34 -72.74 56.74
CA ALA G 300 -22.55 -71.94 57.66
C ALA G 300 -22.22 -72.73 58.93
N ALA G 301 -23.20 -73.47 59.47
CA ALA G 301 -22.93 -74.24 60.68
C ALA G 301 -21.82 -75.25 60.45
N ASP G 302 -21.81 -75.91 59.29
CA ASP G 302 -20.77 -76.90 59.00
C ASP G 302 -19.38 -76.24 58.96
N VAL G 303 -19.28 -75.04 58.36
CA VAL G 303 -18.03 -74.31 58.39
C VAL G 303 -17.67 -73.90 59.83
N ALA G 304 -18.67 -73.43 60.58
CA ALA G 304 -18.43 -73.10 62.00
C ALA G 304 -17.93 -74.33 62.75
N LYS G 305 -18.46 -75.52 62.45
CA LYS G 305 -17.98 -76.73 63.09
C LYS G 305 -16.49 -76.94 62.81
N GLN G 306 -16.08 -76.73 61.56
CA GLN G 306 -14.67 -76.92 61.20
C GLN G 306 -13.79 -75.92 61.92
N ILE G 307 -14.17 -74.65 61.90
CA ILE G 307 -13.40 -73.63 62.61
C ILE G 307 -13.31 -73.97 64.10
N SER G 308 -14.44 -74.34 64.71
CA SER G 308 -14.41 -74.62 66.13
C SER G 308 -13.48 -75.78 66.45
N GLU G 309 -13.32 -76.72 65.53
CA GLU G 309 -12.43 -77.86 65.72
C GLU G 309 -11.00 -77.59 65.28
N GLY G 310 -10.70 -76.36 64.85
CA GLY G 310 -9.32 -75.93 64.65
C GLY G 310 -8.95 -75.55 63.22
N GLU G 311 -9.89 -75.57 62.27
CA GLU G 311 -9.60 -75.16 60.92
C GLU G 311 -9.08 -73.72 60.91
N ASP G 312 -7.94 -73.50 60.25
CA ASP G 312 -7.30 -72.18 60.28
C ASP G 312 -6.97 -71.63 58.90
N GLN G 313 -7.43 -72.26 57.82
CA GLN G 313 -7.21 -71.79 56.46
C GLN G 313 -8.48 -71.34 55.77
N ILE G 314 -9.62 -71.44 56.44
CA ILE G 314 -10.85 -70.80 55.98
C ILE G 314 -10.81 -69.35 56.45
N CYS G 315 -10.73 -68.42 55.51
CA CYS G 315 -10.67 -67.01 55.85
C CYS G 315 -12.04 -66.39 56.05
N GLY G 316 -13.10 -66.96 55.49
CA GLY G 316 -14.41 -66.39 55.68
C GLY G 316 -15.51 -67.09 54.90
N LEU G 317 -16.71 -66.50 54.98
CA LEU G 317 -17.92 -67.01 54.35
C LEU G 317 -18.67 -65.90 53.64
N MET G 318 -19.40 -66.29 52.60
CA MET G 318 -20.35 -65.41 51.93
C MET G 318 -21.76 -65.91 52.22
N ILE G 319 -22.66 -64.98 52.52
CA ILE G 319 -24.04 -65.32 52.84
C ILE G 319 -24.96 -64.34 52.12
N GLU G 320 -25.98 -64.88 51.45
CA GLU G 320 -27.01 -64.05 50.83
C GLU G 320 -28.13 -63.84 51.86
N SER G 321 -28.28 -62.60 52.32
CA SER G 321 -29.12 -62.23 53.44
C SER G 321 -29.87 -60.95 53.14
N ASN G 322 -31.13 -60.88 53.55
CA ASN G 322 -31.96 -59.70 53.32
C ASN G 322 -32.80 -59.43 54.55
N ILE G 323 -33.58 -58.35 54.51
CA ILE G 323 -34.47 -58.00 55.62
C ILE G 323 -35.52 -59.08 55.81
N ASN G 324 -36.19 -59.46 54.73
CA ASN G 324 -37.17 -60.54 54.74
C ASN G 324 -36.66 -61.68 53.87
N GLU G 325 -36.94 -62.91 54.30
CA GLU G 325 -36.39 -64.08 53.63
C GLU G 325 -37.05 -64.29 52.26
N GLY G 326 -36.45 -65.17 51.48
CA GLY G 326 -37.02 -65.59 50.21
C GLY G 326 -36.71 -64.66 49.06
N ARG G 327 -37.64 -64.64 48.10
CA ARG G 327 -37.48 -63.85 46.88
C ARG G 327 -38.88 -63.59 46.32
N GLN G 328 -38.93 -62.76 45.29
CA GLN G 328 -40.19 -62.41 44.64
C GLN G 328 -39.92 -62.00 43.21
N ASP G 329 -40.93 -62.17 42.37
CA ASP G 329 -40.89 -61.67 41.01
C ASP G 329 -41.36 -60.22 40.98
N VAL G 330 -40.97 -59.52 39.91
CA VAL G 330 -41.42 -58.14 39.69
C VAL G 330 -42.81 -58.18 39.06
N PRO G 331 -43.85 -57.65 39.73
CA PRO G 331 -45.19 -57.76 39.18
C PRO G 331 -45.27 -57.06 37.83
N PRO G 332 -46.14 -57.54 36.94
CA PRO G 332 -46.27 -56.91 35.63
C PRO G 332 -46.72 -55.46 35.74
N ALA G 333 -46.67 -54.76 34.61
CA ALA G 333 -47.06 -53.36 34.61
C ALA G 333 -48.52 -53.16 34.99
N ASP G 334 -49.40 -54.11 34.63
CA ASP G 334 -50.82 -53.97 34.88
C ASP G 334 -51.24 -54.33 36.30
N LYS G 335 -50.37 -54.97 37.08
CA LYS G 335 -50.66 -55.25 38.48
C LYS G 335 -50.15 -54.16 39.42
N GLY G 336 -49.19 -53.35 38.98
CA GLY G 336 -48.63 -52.29 39.81
C GLY G 336 -47.18 -51.96 39.46
N GLY G 337 -46.52 -52.84 38.72
CA GLY G 337 -45.13 -52.59 38.38
C GLY G 337 -44.22 -52.67 39.60
N LYS G 338 -43.12 -51.93 39.53
CA LYS G 338 -42.15 -51.92 40.62
C LYS G 338 -42.77 -51.52 41.95
N GLU G 339 -43.81 -50.67 41.91
CA GLU G 339 -44.41 -50.15 43.13
C GLU G 339 -45.05 -51.23 43.98
N ALA G 340 -45.33 -52.41 43.41
CA ALA G 340 -46.07 -53.48 44.08
C ALA G 340 -45.17 -54.55 44.69
N LEU G 341 -43.87 -54.30 44.78
CA LEU G 341 -42.96 -55.27 45.38
C LEU G 341 -43.05 -55.18 46.89
N LYS G 342 -42.94 -56.32 47.58
CA LYS G 342 -42.81 -56.26 49.03
C LYS G 342 -41.45 -55.70 49.42
N TYR G 343 -41.45 -54.80 50.40
CA TYR G 343 -40.23 -54.17 50.88
C TYR G 343 -39.25 -55.18 51.45
N GLY G 344 -37.96 -54.95 51.21
CA GLY G 344 -36.93 -55.75 51.84
C GLY G 344 -36.91 -57.20 51.44
N CYS G 345 -37.30 -57.50 50.21
CA CYS G 345 -37.29 -58.87 49.72
C CYS G 345 -36.58 -58.93 48.37
N SER G 346 -35.63 -59.87 48.25
CA SER G 346 -34.84 -60.02 47.03
C SER G 346 -35.73 -60.26 45.82
N ILE G 347 -35.32 -59.73 44.67
CA ILE G 347 -35.95 -60.08 43.39
C ILE G 347 -35.04 -60.94 42.52
N THR G 348 -33.87 -61.34 43.03
CA THR G 348 -32.99 -62.30 42.34
C THR G 348 -32.91 -63.60 43.13
N ASP G 349 -31.73 -63.98 43.64
CA ASP G 349 -31.65 -65.21 44.42
C ASP G 349 -32.34 -65.03 45.77
N ALA G 350 -32.96 -66.12 46.25
CA ALA G 350 -33.58 -66.12 47.57
C ALA G 350 -32.53 -65.95 48.67
N CYS G 351 -32.89 -65.15 49.69
CA CYS G 351 -32.02 -64.85 50.81
C CYS G 351 -32.63 -65.36 52.11
N ILE G 352 -31.77 -65.56 53.12
CA ILE G 352 -32.24 -65.75 54.48
C ILE G 352 -32.67 -64.41 55.03
N GLY G 353 -33.67 -64.43 55.92
CA GLY G 353 -34.17 -63.22 56.54
C GLY G 353 -33.28 -62.73 57.68
N ILE G 354 -33.71 -61.64 58.29
CA ILE G 354 -32.94 -60.99 59.35
C ILE G 354 -32.84 -61.90 60.59
N ASP G 355 -33.87 -62.74 60.82
CA ASP G 355 -33.83 -63.64 61.95
C ASP G 355 -32.71 -64.67 61.81
N ASP G 356 -32.72 -65.41 60.68
CA ASP G 356 -31.64 -66.35 60.38
C ASP G 356 -30.28 -65.67 60.33
N THR G 357 -30.23 -64.40 59.91
CA THR G 357 -28.96 -63.69 59.86
C THR G 357 -28.37 -63.53 61.26
N GLU G 358 -29.18 -63.06 62.21
CA GLU G 358 -28.69 -62.90 63.58
C GLU G 358 -28.17 -64.21 64.13
N SER G 359 -28.88 -65.30 63.83
CA SER G 359 -28.47 -66.63 64.29
C SER G 359 -27.13 -67.02 63.72
N VAL G 360 -26.97 -66.87 62.40
CA VAL G 360 -25.75 -67.31 61.72
C VAL G 360 -24.54 -66.56 62.25
N LEU G 361 -24.68 -65.26 62.47
CA LEU G 361 -23.52 -64.50 62.96
C LEU G 361 -23.12 -64.97 64.35
N GLU G 362 -24.11 -65.25 65.21
CA GLU G 362 -23.80 -65.76 66.53
C GLU G 362 -23.08 -67.10 66.48
N THR G 363 -23.55 -67.99 65.59
CA THR G 363 -22.89 -69.30 65.43
C THR G 363 -21.42 -69.13 65.08
N LEU G 364 -21.14 -68.26 64.08
CA LEU G 364 -19.78 -68.03 63.65
C LEU G 364 -18.95 -67.37 64.75
N ALA G 365 -19.57 -66.45 65.49
CA ALA G 365 -18.86 -65.79 66.58
C ALA G 365 -18.47 -66.78 67.66
N GLN G 366 -19.36 -67.73 67.96
CA GLN G 366 -19.04 -68.75 68.96
C GLN G 366 -17.90 -69.65 68.49
N ALA G 367 -17.90 -70.00 67.20
CA ALA G 367 -16.87 -70.90 66.68
C ALA G 367 -15.48 -70.31 66.78
N ILE G 368 -15.34 -69.01 66.49
CA ILE G 368 -14.07 -68.31 66.63
C ILE G 368 -13.63 -68.30 68.09
N LYS G 369 -14.56 -68.01 69.00
CA LYS G 369 -14.26 -68.12 70.43
C LYS G 369 -13.83 -69.53 70.78
N ALA G 370 -14.55 -70.53 70.26
CA ALA G 370 -14.20 -71.92 70.51
C ALA G 370 -12.78 -72.25 70.05
N ARG G 371 -12.40 -71.78 68.86
CA ARG G 371 -11.09 -72.12 68.34
C ARG G 371 -9.97 -71.47 69.16
N ARG G 372 -10.28 -70.37 69.86
CA ARG G 372 -9.31 -69.76 70.75
C ARG G 372 -9.06 -70.64 71.97
N GLY G 373 -10.07 -71.37 72.43
CA GLY G 373 -9.91 -72.24 73.58
C GLY G 373 -8.88 -73.34 73.37
N LEU G 374 -8.49 -73.60 72.14
CA LEU G 374 -7.34 -74.46 71.86
C LEU G 374 -6.05 -73.65 72.02
N MET H 4 -9.32 -27.75 44.56
CA MET H 4 -9.75 -28.30 43.27
C MET H 4 -9.78 -29.82 43.26
N PHE H 5 -10.46 -30.41 42.28
CA PHE H 5 -10.70 -31.85 42.31
C PHE H 5 -9.40 -32.64 42.20
N ILE H 6 -8.72 -32.55 41.06
CA ILE H 6 -7.37 -33.08 40.90
C ILE H 6 -6.42 -31.94 41.20
N GLN H 7 -5.67 -32.05 42.28
CA GLN H 7 -4.76 -30.99 42.66
C GLN H 7 -3.34 -31.37 42.27
N ASN H 8 -2.68 -30.48 41.52
CA ASN H 8 -1.27 -30.66 41.21
C ASN H 8 -0.43 -30.59 42.47
N GLU H 9 0.10 -31.73 42.88
CA GLU H 9 0.94 -31.80 44.06
C GLU H 9 2.22 -30.99 43.90
N HIS H 10 2.51 -30.51 42.70
CA HIS H 10 3.78 -29.86 42.39
C HIS H 10 3.63 -28.41 41.98
N VAL H 11 2.49 -27.80 42.30
CA VAL H 11 2.25 -26.41 41.93
C VAL H 11 3.36 -25.53 42.50
N GLY H 12 3.87 -24.63 41.69
CA GLY H 12 4.93 -23.73 42.13
C GLY H 12 6.32 -24.34 42.19
N ASP H 13 6.49 -25.62 41.84
CA ASP H 13 7.80 -26.25 41.79
C ASP H 13 8.43 -25.96 40.43
N ARG H 14 9.28 -24.92 40.37
CA ARG H 14 9.83 -24.42 39.11
C ARG H 14 10.84 -25.38 38.49
N SER H 15 11.24 -26.44 39.20
CA SER H 15 12.09 -27.48 38.62
C SER H 15 11.36 -28.38 37.66
N ARG H 16 10.04 -28.25 37.52
CA ARG H 16 9.25 -29.08 36.63
C ARG H 16 9.08 -28.43 35.25
N MET H 17 8.79 -29.27 34.26
CA MET H 17 8.90 -28.86 32.87
C MET H 17 7.66 -28.15 32.35
N GLU H 18 6.49 -28.42 32.86
CA GLU H 18 5.32 -27.85 32.19
C GLU H 18 4.09 -27.59 33.03
N ASP H 19 4.01 -27.97 34.31
CA ASP H 19 2.75 -27.85 35.02
C ASP H 19 2.77 -26.94 36.24
N TRP H 20 3.90 -26.29 36.58
CA TRP H 20 3.97 -25.67 37.91
C TRP H 20 3.17 -24.37 38.05
N ARG H 21 2.50 -23.89 37.01
CA ARG H 21 1.52 -22.83 37.17
C ARG H 21 0.09 -23.35 37.03
N ILE H 22 -0.09 -24.66 37.20
CA ILE H 22 -1.41 -25.31 37.22
C ILE H 22 -1.74 -25.68 38.66
N ARG H 23 -2.83 -25.13 39.19
CA ARG H 23 -3.34 -25.56 40.49
C ARG H 23 -3.92 -26.96 40.39
N GLY H 24 -4.66 -27.23 39.34
CA GLY H 24 -5.26 -28.53 39.14
C GLY H 24 -6.37 -28.47 38.11
N TYR H 25 -7.20 -29.51 38.12
CA TYR H 25 -8.23 -29.69 37.13
C TYR H 25 -9.53 -30.10 37.81
N ASP H 26 -10.66 -29.75 37.17
CA ASP H 26 -12.00 -30.19 37.49
C ASP H 26 -12.60 -30.95 36.30
N PRO H 27 -13.31 -32.05 36.54
CA PRO H 27 -13.86 -32.81 35.43
C PRO H 27 -15.03 -32.06 34.81
N LEU H 28 -15.19 -32.27 33.51
CA LEU H 28 -16.20 -31.54 32.74
C LEU H 28 -17.11 -32.52 32.04
N ALA H 29 -18.41 -32.32 32.18
CA ALA H 29 -19.35 -33.08 31.38
C ALA H 29 -19.09 -32.82 29.89
N PRO H 30 -18.97 -33.85 29.06
CA PRO H 30 -18.87 -33.61 27.63
C PRO H 30 -20.16 -33.02 27.08
N PRO H 31 -20.09 -32.21 26.02
CA PRO H 31 -21.31 -31.64 25.45
C PRO H 31 -22.39 -32.66 25.10
N ASP H 32 -22.00 -33.81 24.55
CA ASP H 32 -22.99 -34.87 24.32
C ASP H 32 -23.82 -35.13 25.56
N LEU H 33 -23.18 -35.19 26.72
CA LEU H 33 -23.88 -35.53 27.96
C LEU H 33 -24.86 -34.43 28.37
N LEU H 34 -24.39 -33.18 28.34
CA LEU H 34 -25.24 -32.06 28.76
C LEU H 34 -26.45 -31.90 27.85
N GLN H 35 -26.25 -32.10 26.55
CA GLN H 35 -27.36 -32.05 25.60
C GLN H 35 -28.33 -33.22 25.79
N HIS H 36 -27.82 -34.38 26.24
CA HIS H 36 -28.71 -35.50 26.54
C HIS H 36 -29.60 -35.17 27.74
N GLU H 37 -29.02 -34.55 28.77
CA GLU H 37 -29.78 -34.21 29.97
C GLU H 37 -30.78 -33.09 29.72
N PHE H 38 -30.48 -32.17 28.82
CA PHE H 38 -31.33 -31.00 28.61
C PHE H 38 -31.65 -30.87 27.11
N PRO H 39 -32.48 -31.75 26.58
CA PRO H 39 -32.73 -31.76 25.15
C PRO H 39 -33.69 -30.66 24.69
N LEU H 40 -33.75 -30.50 23.37
CA LEU H 40 -34.69 -29.59 22.74
C LEU H 40 -36.00 -30.30 22.44
N SER H 41 -37.11 -29.67 22.81
CA SER H 41 -38.42 -30.08 22.34
C SER H 41 -38.63 -29.57 20.92
N ASP H 42 -39.69 -30.08 20.27
CA ASP H 42 -40.02 -29.53 18.96
C ASP H 42 -40.36 -28.06 19.04
N LYS H 43 -40.92 -27.62 20.16
CA LYS H 43 -41.19 -26.20 20.35
C LYS H 43 -39.88 -25.39 20.30
N ASN H 44 -38.84 -25.89 20.97
CA ASN H 44 -37.51 -25.30 20.88
C ASN H 44 -37.02 -25.23 19.44
N LYS H 45 -37.06 -26.36 18.71
CA LYS H 45 -36.53 -26.37 17.36
C LYS H 45 -37.26 -25.38 16.46
N ASP H 46 -38.60 -25.36 16.55
CA ASP H 46 -39.40 -24.45 15.72
C ASP H 46 -39.03 -23.00 15.96
N ILE H 47 -38.87 -22.61 17.22
CA ILE H 47 -38.58 -21.22 17.54
C ILE H 47 -37.17 -20.86 17.12
N ILE H 48 -36.21 -21.71 17.44
CA ILE H 48 -34.81 -21.47 17.11
C ILE H 48 -34.62 -21.41 15.60
N LEU H 49 -35.18 -22.39 14.89
CA LEU H 49 -35.03 -22.43 13.44
C LEU H 49 -35.75 -21.25 12.78
N LYS H 50 -36.96 -20.92 13.25
CA LYS H 50 -37.62 -19.74 12.71
C LYS H 50 -36.82 -18.48 13.02
N GLY H 51 -36.24 -18.40 14.22
CA GLY H 51 -35.36 -17.28 14.54
C GLY H 51 -34.20 -17.16 13.57
N ARG H 52 -33.60 -18.29 13.20
CA ARG H 52 -32.52 -18.26 12.23
C ARG H 52 -33.01 -17.87 10.85
N GLU H 53 -34.16 -18.41 10.44
CA GLU H 53 -34.73 -18.12 9.12
C GLU H 53 -35.05 -16.64 8.96
N ASP H 54 -35.66 -16.05 10.00
CA ASP H 54 -36.07 -14.65 9.92
C ASP H 54 -34.84 -13.74 9.86
N THR H 55 -33.81 -14.07 10.63
CA THR H 55 -32.59 -13.27 10.61
C THR H 55 -31.93 -13.29 9.23
N CYS H 56 -31.76 -14.47 8.64
CA CYS H 56 -31.16 -14.57 7.31
C CYS H 56 -31.96 -13.79 6.28
N ASN H 57 -33.29 -13.94 6.30
CA ASN H 57 -34.12 -13.27 5.30
C ASN H 57 -33.94 -11.75 5.35
N ILE H 58 -33.81 -11.19 6.55
CA ILE H 58 -33.52 -9.76 6.65
C ILE H 58 -32.12 -9.48 6.12
N LEU H 59 -31.16 -10.34 6.48
CA LEU H 59 -29.78 -10.14 6.04
C LEU H 59 -29.59 -10.32 4.54
N ASN H 60 -30.55 -10.94 3.85
CA ASN H 60 -30.49 -11.10 2.40
C ASN H 60 -31.37 -10.12 1.64
N GLY H 61 -31.95 -9.13 2.33
CA GLY H 61 -32.84 -8.18 1.71
C GLY H 61 -34.14 -8.77 1.22
N LYS H 62 -34.58 -9.90 1.79
CA LYS H 62 -35.86 -10.52 1.46
C LYS H 62 -36.97 -10.17 2.44
N ASP H 63 -36.66 -9.49 3.54
CA ASP H 63 -37.64 -9.14 4.58
C ASP H 63 -37.28 -7.75 5.09
N ASP H 64 -38.24 -6.80 5.04
CA ASP H 64 -37.94 -5.41 5.34
C ASP H 64 -38.19 -5.04 6.81
N ARG H 65 -38.18 -6.02 7.72
CA ARG H 65 -38.24 -5.76 9.15
C ARG H 65 -36.84 -5.45 9.69
N LEU H 66 -36.78 -5.12 10.98
CA LEU H 66 -35.53 -4.76 11.63
C LEU H 66 -35.17 -5.82 12.66
N ILE H 67 -33.91 -6.27 12.66
CA ILE H 67 -33.45 -7.17 13.71
C ILE H 67 -33.17 -6.36 14.97
N VAL H 68 -33.81 -6.73 16.07
CA VAL H 68 -33.57 -6.09 17.36
C VAL H 68 -33.08 -7.15 18.34
N VAL H 69 -31.78 -7.16 18.58
CA VAL H 69 -31.18 -7.97 19.63
C VAL H 69 -31.24 -7.13 20.90
N ILE H 70 -32.06 -7.52 21.87
CA ILE H 70 -32.34 -6.69 23.03
C ILE H 70 -32.46 -7.59 24.25
N GLY H 71 -31.87 -7.15 25.36
CA GLY H 71 -31.87 -7.93 26.58
C GLY H 71 -30.79 -7.49 27.53
N PRO H 72 -30.65 -8.18 28.66
CA PRO H 72 -29.66 -7.79 29.66
C PRO H 72 -28.24 -7.81 29.10
N CYS H 73 -27.39 -6.94 29.64
CA CYS H 73 -25.98 -7.00 29.29
C CYS H 73 -25.43 -8.38 29.60
N SER H 74 -25.69 -8.86 30.81
CA SER H 74 -25.36 -10.21 31.23
C SER H 74 -26.45 -10.72 32.15
N ILE H 75 -26.70 -12.03 32.11
CA ILE H 75 -27.71 -12.68 32.94
C ILE H 75 -27.06 -13.32 34.16
N HIS H 76 -27.39 -12.80 35.34
CA HIS H 76 -26.96 -13.41 36.59
C HIS H 76 -28.09 -14.11 37.34
N ASP H 77 -29.34 -13.97 36.90
CA ASP H 77 -30.50 -14.49 37.63
C ASP H 77 -31.45 -15.11 36.61
N PRO H 78 -31.40 -16.42 36.43
CA PRO H 78 -32.28 -17.07 35.42
C PRO H 78 -33.76 -16.78 35.62
N GLU H 79 -34.21 -16.68 36.87
CA GLU H 79 -35.63 -16.40 37.11
C GLU H 79 -36.01 -15.03 36.54
N ALA H 80 -35.24 -14.00 36.89
CA ALA H 80 -35.48 -12.68 36.32
C ALA H 80 -35.36 -12.70 34.80
N ALA H 81 -34.47 -13.53 34.26
CA ALA H 81 -34.32 -13.62 32.81
C ALA H 81 -35.57 -14.22 32.17
N LEU H 82 -36.18 -15.21 32.84
CA LEU H 82 -37.41 -15.80 32.32
C LEU H 82 -38.55 -14.80 32.38
N ASP H 83 -38.63 -14.02 33.46
CA ASP H 83 -39.60 -12.94 33.56
C ASP H 83 -39.44 -11.97 32.41
N TYR H 84 -38.19 -11.51 32.17
CA TYR H 84 -37.91 -10.56 31.10
C TYR H 84 -38.33 -11.11 29.74
N ALA H 85 -38.08 -12.39 29.51
CA ALA H 85 -38.46 -13.00 28.24
C ALA H 85 -39.97 -12.99 28.06
N ASP H 86 -40.73 -13.21 29.12
CA ASP H 86 -42.18 -13.16 28.98
C ASP H 86 -42.64 -11.77 28.57
N ARG H 87 -42.06 -10.74 29.17
CA ARG H 87 -42.43 -9.38 28.80
C ARG H 87 -42.04 -9.11 27.34
N LEU H 88 -40.83 -9.53 26.96
CA LEU H 88 -40.37 -9.29 25.60
C LEU H 88 -41.20 -10.06 24.58
N HIS H 89 -41.67 -11.26 24.96
CA HIS H 89 -42.51 -12.05 24.06
C HIS H 89 -43.77 -11.28 23.68
N LYS H 90 -44.41 -10.63 24.65
CA LYS H 90 -45.60 -9.82 24.38
C LYS H 90 -45.28 -8.66 23.45
N LEU H 91 -44.23 -7.90 23.78
CA LEU H 91 -43.79 -6.84 22.88
C LEU H 91 -43.45 -7.38 21.49
N SER H 92 -42.86 -8.58 21.44
CA SER H 92 -42.51 -9.17 20.15
C SER H 92 -43.76 -9.44 19.32
N GLU H 93 -44.83 -9.92 19.95
CA GLU H 93 -46.07 -10.14 19.21
C GLU H 93 -46.63 -8.82 18.68
N LYS H 94 -46.54 -7.75 19.47
CA LYS H 94 -47.10 -6.47 19.04
C LYS H 94 -46.39 -5.92 17.80
N HIS H 95 -45.06 -6.05 17.75
CA HIS H 95 -44.27 -5.42 16.71
C HIS H 95 -43.80 -6.41 15.65
N LYS H 96 -44.40 -7.61 15.64
CA LYS H 96 -43.98 -8.67 14.73
C LYS H 96 -44.06 -8.23 13.27
N GLY H 97 -44.93 -7.27 12.96
CA GLY H 97 -45.00 -6.75 11.60
C GLY H 97 -43.77 -5.99 11.17
N GLU H 98 -43.07 -5.37 12.10
CA GLU H 98 -41.98 -4.46 11.77
C GLU H 98 -40.66 -4.89 12.37
N LEU H 99 -40.68 -5.58 13.50
CA LEU H 99 -39.47 -5.95 14.22
C LEU H 99 -39.40 -7.46 14.37
N HIS H 100 -38.21 -8.01 14.11
CA HIS H 100 -37.86 -9.40 14.42
C HIS H 100 -37.07 -9.33 15.73
N ILE H 101 -37.74 -9.58 16.84
CA ILE H 101 -37.15 -9.41 18.16
C ILE H 101 -36.42 -10.69 18.55
N VAL H 102 -35.15 -10.56 18.95
CA VAL H 102 -34.30 -11.66 19.39
C VAL H 102 -33.74 -11.27 20.75
N MET H 103 -33.98 -12.11 21.76
CA MET H 103 -33.56 -11.74 23.10
C MET H 103 -32.06 -11.89 23.28
N ARG H 104 -31.44 -10.90 23.90
CA ARG H 104 -30.03 -10.96 24.24
C ARG H 104 -29.82 -11.88 25.45
N ALA H 105 -29.17 -13.03 25.20
CA ALA H 105 -28.91 -13.98 26.27
C ALA H 105 -27.41 -14.12 26.50
N TYR H 106 -26.77 -13.05 26.92
CA TYR H 106 -25.33 -13.05 27.18
C TYR H 106 -25.11 -13.42 28.64
N LEU H 107 -24.01 -14.13 28.90
CA LEU H 107 -23.76 -14.62 30.24
C LEU H 107 -22.67 -13.87 31.00
N GLU H 108 -21.81 -13.10 30.32
CA GLU H 108 -20.66 -12.48 30.94
C GLU H 108 -20.25 -11.20 30.21
N LYS H 109 -19.73 -10.23 30.97
CA LYS H 109 -19.05 -9.06 30.41
C LYS H 109 -17.55 -9.25 30.52
N PRO H 110 -16.82 -9.36 29.40
CA PRO H 110 -15.36 -9.57 29.48
C PRO H 110 -14.70 -8.42 30.21
N ARG H 111 -13.75 -8.75 31.08
CA ARG H 111 -13.09 -7.70 31.84
C ARG H 111 -11.72 -8.17 32.31
N THR H 112 -10.74 -7.26 32.18
CA THR H 112 -9.39 -7.49 32.67
C THR H 112 -9.38 -7.84 34.15
N THR H 113 -10.39 -7.39 34.90
CA THR H 113 -10.49 -7.62 36.34
C THR H 113 -11.20 -8.94 36.68
N TRP H 116 -16.84 -10.07 38.42
CA TRP H 116 -17.67 -11.23 38.17
C TRP H 116 -17.43 -11.75 36.76
N LYS H 117 -17.17 -13.04 36.68
CA LYS H 117 -16.80 -13.67 35.42
C LYS H 117 -18.00 -14.17 34.62
N GLY H 118 -19.21 -14.07 35.13
CA GLY H 118 -20.41 -14.45 34.40
C GLY H 118 -21.06 -15.71 34.95
N LEU H 119 -22.19 -16.06 34.31
CA LEU H 119 -23.05 -17.13 34.83
C LEU H 119 -22.38 -18.49 34.73
N ILE H 120 -21.71 -18.77 33.60
CA ILE H 120 -21.06 -20.06 33.39
C ILE H 120 -19.84 -20.19 34.28
N ASN H 121 -18.98 -19.17 34.29
CA ASN H 121 -17.75 -19.27 35.04
C ASN H 121 -18.00 -19.25 36.55
N ASP H 122 -19.00 -18.50 37.01
CA ASP H 122 -19.27 -18.34 38.44
C ASP H 122 -20.77 -18.18 38.65
N PRO H 123 -21.53 -19.28 38.53
CA PRO H 123 -22.99 -19.17 38.68
C PRO H 123 -23.43 -18.75 40.06
N ASP H 124 -22.66 -19.07 41.10
CA ASP H 124 -23.05 -18.70 42.46
C ASP H 124 -22.70 -17.26 42.80
N ILE H 125 -21.96 -16.57 41.92
CA ILE H 125 -21.61 -15.17 42.11
C ILE H 125 -20.93 -15.04 43.47
N ASP H 126 -19.99 -15.93 43.77
CA ASP H 126 -19.37 -15.93 45.09
C ASP H 126 -17.87 -16.14 45.02
N GLY H 127 -17.25 -15.90 43.88
CA GLY H 127 -15.84 -16.16 43.76
C GLY H 127 -15.47 -17.63 43.74
N SER H 128 -16.44 -18.53 43.89
CA SER H 128 -16.17 -19.93 43.60
C SER H 128 -16.36 -20.13 42.12
N PHE H 129 -15.67 -21.11 41.56
CA PHE H 129 -15.78 -21.35 40.14
C PHE H 129 -16.40 -22.73 39.97
N GLN H 130 -17.62 -22.77 39.46
CA GLN H 130 -18.39 -24.01 39.36
C GLN H 130 -18.87 -24.11 37.93
N ILE H 131 -17.90 -24.28 37.04
CA ILE H 131 -18.17 -24.15 35.61
C ILE H 131 -19.10 -25.26 35.14
N ASN H 132 -18.89 -26.48 35.63
CA ASN H 132 -19.79 -27.57 35.28
C ASN H 132 -21.22 -27.23 35.69
N LYS H 133 -21.39 -26.72 36.91
CA LYS H 133 -22.72 -26.24 37.33
C LYS H 133 -23.19 -25.11 36.43
N GLY H 134 -22.31 -24.15 36.13
CA GLY H 134 -22.71 -23.03 35.32
C GLY H 134 -23.24 -23.44 33.96
N LEU H 135 -22.60 -24.44 33.34
CA LEU H 135 -23.07 -24.93 32.05
C LEU H 135 -24.46 -25.51 32.16
N ARG H 136 -24.72 -26.26 33.24
CA ARG H 136 -26.03 -26.86 33.47
C ARG H 136 -27.09 -25.78 33.67
N ILE H 137 -26.81 -24.83 34.56
CA ILE H 137 -27.74 -23.73 34.79
C ILE H 137 -28.01 -22.99 33.49
N ALA H 138 -26.95 -22.68 32.73
CA ALA H 138 -27.08 -21.89 31.51
C ALA H 138 -27.92 -22.61 30.47
N ARG H 139 -27.63 -23.88 30.23
CA ARG H 139 -28.34 -24.59 29.16
C ARG H 139 -29.81 -24.78 29.51
N LYS H 140 -30.11 -25.15 30.76
CA LYS H 140 -31.50 -25.31 31.17
C LYS H 140 -32.27 -24.02 30.94
N MET H 141 -31.68 -22.88 31.30
CA MET H 141 -32.31 -21.58 31.07
C MET H 141 -32.49 -21.31 29.58
N PHE H 142 -31.50 -21.66 28.77
CA PHE H 142 -31.62 -21.46 27.34
C PHE H 142 -32.74 -22.32 26.74
N VAL H 143 -32.94 -23.53 27.26
CA VAL H 143 -34.00 -24.40 26.76
C VAL H 143 -35.37 -23.84 27.13
N GLN H 144 -35.47 -23.23 28.31
CA GLN H 144 -36.70 -22.56 28.72
C GLN H 144 -36.94 -21.29 27.90
N LEU H 145 -35.89 -20.48 27.72
CA LEU H 145 -36.04 -19.23 26.98
C LEU H 145 -36.52 -19.49 25.56
N THR H 146 -35.98 -20.51 24.90
CA THR H 146 -36.30 -20.71 23.49
C THR H 146 -37.62 -21.45 23.29
N GLU H 147 -38.34 -21.71 24.37
CA GLU H 147 -39.75 -22.08 24.29
C GLU H 147 -40.64 -20.84 24.19
N LYS H 148 -40.06 -19.66 24.33
CA LYS H 148 -40.74 -18.38 24.25
C LYS H 148 -40.35 -17.58 23.02
N LEU H 149 -39.05 -17.41 22.76
CA LEU H 149 -38.62 -16.55 21.67
C LEU H 149 -37.16 -16.88 21.35
N PRO H 150 -36.69 -16.55 20.16
CA PRO H 150 -35.29 -16.84 19.80
C PRO H 150 -34.34 -16.00 20.64
N ILE H 151 -33.08 -16.48 20.74
CA ILE H 151 -32.07 -15.83 21.56
C ILE H 151 -30.77 -15.60 20.80
N ALA H 152 -30.01 -14.60 21.28
CA ALA H 152 -28.72 -14.21 20.72
C ALA H 152 -27.60 -14.37 21.75
N GLY H 153 -26.44 -14.85 21.28
CA GLY H 153 -25.31 -15.08 22.15
C GLY H 153 -24.02 -14.41 21.73
N GLU H 154 -23.10 -14.25 22.67
CA GLU H 154 -21.76 -13.78 22.38
C GLU H 154 -20.78 -14.93 22.58
N MET H 155 -19.96 -15.20 21.56
CA MET H 155 -18.96 -16.26 21.65
C MET H 155 -17.68 -15.64 22.15
N LEU H 156 -17.41 -15.76 23.44
CA LEU H 156 -16.18 -15.20 23.97
C LEU H 156 -15.06 -16.23 23.97
N ASP H 157 -15.38 -17.51 24.05
CA ASP H 157 -14.41 -18.59 23.96
C ASP H 157 -14.88 -19.58 22.91
N THR H 158 -14.04 -20.57 22.64
CA THR H 158 -14.29 -21.46 21.53
C THR H 158 -14.78 -22.84 21.93
N ILE H 159 -14.79 -23.16 23.22
CA ILE H 159 -15.22 -24.48 23.69
C ILE H 159 -16.68 -24.47 24.09
N SER H 160 -17.07 -23.56 24.98
CA SER H 160 -18.44 -23.53 25.46
C SER H 160 -19.49 -23.39 24.37
N PRO H 161 -19.23 -22.78 23.20
CA PRO H 161 -20.21 -22.86 22.11
C PRO H 161 -20.62 -24.28 21.75
N GLN H 162 -19.75 -25.27 21.97
CA GLN H 162 -20.10 -26.65 21.70
C GLN H 162 -21.25 -27.16 22.58
N PHE H 163 -21.39 -26.60 23.78
CA PHE H 163 -22.47 -26.99 24.69
C PHE H 163 -23.78 -26.28 24.38
N LEU H 164 -23.75 -25.13 23.69
CA LEU H 164 -24.91 -24.26 23.63
C LEU H 164 -25.33 -23.87 22.22
N SER H 165 -24.54 -24.17 21.19
CA SER H 165 -24.75 -23.56 19.88
C SER H 165 -26.00 -24.06 19.18
N ASP H 166 -26.61 -25.16 19.65
CA ASP H 166 -27.85 -25.58 19.02
C ASP H 166 -29.01 -24.67 19.38
N LEU H 167 -28.82 -23.73 20.30
CA LEU H 167 -29.89 -22.90 20.85
C LEU H 167 -29.99 -21.49 20.30
N PHE H 168 -28.92 -20.96 19.71
CA PHE H 168 -28.88 -19.56 19.28
C PHE H 168 -29.48 -19.41 17.89
N SER H 169 -30.17 -18.28 17.68
CA SER H 169 -30.62 -17.94 16.34
C SER H 169 -29.74 -16.86 15.70
N VAL H 170 -28.80 -16.29 16.44
CA VAL H 170 -27.86 -15.29 15.95
C VAL H 170 -26.80 -15.11 17.01
N GLY H 171 -25.58 -14.76 16.61
CA GLY H 171 -24.49 -14.62 17.55
C GLY H 171 -23.56 -13.47 17.19
N ALA H 172 -22.68 -13.15 18.12
CA ALA H 172 -21.72 -12.08 17.90
C ALA H 172 -20.37 -12.44 18.48
N ILE H 173 -19.31 -12.06 17.79
CA ILE H 173 -17.96 -12.21 18.33
C ILE H 173 -17.65 -10.96 19.14
N GLY H 174 -17.12 -11.16 20.35
CA GLY H 174 -16.68 -10.05 21.18
C GLY H 174 -15.71 -9.15 20.46
N ALA H 175 -15.78 -7.85 20.73
CA ALA H 175 -14.86 -6.92 20.09
C ALA H 175 -13.41 -7.30 20.36
N ARG H 176 -13.12 -7.74 21.58
CA ARG H 176 -11.75 -8.08 21.94
C ARG H 176 -11.22 -9.30 21.21
N THR H 177 -12.02 -9.98 20.39
CA THR H 177 -11.55 -11.14 19.63
C THR H 177 -11.98 -11.10 18.18
N THR H 178 -12.37 -9.94 17.66
CA THR H 178 -12.67 -9.84 16.24
C THR H 178 -11.46 -10.21 15.39
N GLU H 179 -10.25 -9.94 15.89
CA GLU H 179 -9.05 -10.26 15.11
C GLU H 179 -8.61 -11.70 15.23
N SER H 180 -9.12 -12.44 16.21
CA SER H 180 -8.62 -13.77 16.53
C SER H 180 -8.99 -14.76 15.43
N GLN H 181 -7.98 -15.39 14.83
CA GLN H 181 -8.24 -16.43 13.83
C GLN H 181 -9.15 -17.51 14.40
N LEU H 182 -8.99 -17.83 15.68
CA LEU H 182 -9.85 -18.84 16.31
C LEU H 182 -11.32 -18.48 16.19
N HIS H 183 -11.67 -17.22 16.42
CA HIS H 183 -13.10 -16.89 16.40
C HIS H 183 -13.62 -16.77 14.99
N ARG H 184 -12.77 -16.43 14.04
CA ARG H 184 -13.23 -16.43 12.66
C ARG H 184 -13.47 -17.86 12.19
N GLU H 185 -12.54 -18.77 12.50
CA GLU H 185 -12.76 -20.18 12.17
C GLU H 185 -14.03 -20.69 12.83
N LEU H 186 -14.23 -20.34 14.11
CA LEU H 186 -15.47 -20.70 14.80
C LEU H 186 -16.69 -20.25 14.01
N ALA H 187 -16.70 -18.98 13.59
CA ALA H 187 -17.87 -18.43 12.89
C ALA H 187 -18.14 -19.18 11.59
N SER H 188 -17.08 -19.70 10.94
CA SER H 188 -17.24 -20.41 9.67
C SER H 188 -17.97 -21.74 9.81
N GLY H 189 -18.18 -22.22 11.03
CA GLY H 189 -18.87 -23.49 11.25
C GLY H 189 -20.18 -23.44 12.02
N LEU H 190 -20.56 -22.28 12.54
CA LEU H 190 -21.79 -22.14 13.30
C LEU H 190 -23.00 -22.16 12.36
N SER H 191 -24.17 -22.52 12.91
CA SER H 191 -25.37 -22.76 12.13
C SER H 191 -26.26 -21.53 12.01
N PHE H 192 -25.73 -20.34 12.26
CA PHE H 192 -26.56 -19.15 12.34
C PHE H 192 -25.71 -17.95 11.98
N PRO H 193 -26.35 -16.81 11.67
CA PRO H 193 -25.60 -15.60 11.35
C PRO H 193 -24.76 -15.10 12.53
N VAL H 194 -23.59 -14.55 12.23
CA VAL H 194 -22.65 -14.05 13.24
C VAL H 194 -22.26 -12.61 12.88
N GLY H 195 -22.18 -11.76 13.90
CA GLY H 195 -21.80 -10.37 13.74
C GLY H 195 -20.42 -10.13 14.32
N PHE H 196 -19.66 -9.27 13.64
CA PHE H 196 -18.32 -8.92 14.09
C PHE H 196 -18.30 -7.44 14.44
N LYS H 197 -17.88 -7.15 15.67
CA LYS H 197 -17.85 -5.78 16.14
C LYS H 197 -16.58 -5.09 15.62
N ASN H 198 -16.72 -3.81 15.25
CA ASN H 198 -15.53 -3.07 14.84
C ASN H 198 -14.53 -3.01 15.98
N GLY H 199 -13.28 -2.73 15.62
CA GLY H 199 -12.20 -2.80 16.60
C GLY H 199 -12.38 -1.79 17.72
N THR H 200 -11.79 -2.13 18.87
CA THR H 200 -11.81 -1.27 20.05
C THR H 200 -11.33 0.16 19.75
N ASP H 201 -10.46 0.35 18.75
CA ASP H 201 -9.98 1.67 18.37
C ASP H 201 -10.85 2.34 17.30
N GLY H 202 -12.03 1.78 17.02
CA GLY H 202 -12.99 2.37 16.09
C GLY H 202 -12.79 2.07 14.64
N THR H 203 -11.83 1.21 14.29
CA THR H 203 -11.54 0.88 12.91
C THR H 203 -12.52 -0.16 12.38
N LEU H 204 -12.87 -0.05 11.11
CA LEU H 204 -13.78 -1.02 10.53
C LEU H 204 -13.06 -2.20 9.87
N GLY H 205 -11.77 -2.03 9.55
CA GLY H 205 -11.03 -3.07 8.83
C GLY H 205 -11.08 -4.44 9.49
N VAL H 206 -10.76 -4.50 10.78
CA VAL H 206 -10.72 -5.80 11.45
C VAL H 206 -12.05 -6.52 11.32
N ALA H 207 -13.17 -5.80 11.41
CA ALA H 207 -14.46 -6.47 11.30
C ALA H 207 -14.76 -6.85 9.86
N ILE H 208 -14.29 -6.06 8.90
CA ILE H 208 -14.43 -6.41 7.49
C ILE H 208 -13.63 -7.68 7.19
N ASP H 209 -12.39 -7.72 7.66
CA ASP H 209 -11.55 -8.92 7.47
C ASP H 209 -12.24 -10.16 8.02
N ALA H 210 -12.74 -10.08 9.25
CA ALA H 210 -13.38 -11.22 9.89
C ALA H 210 -14.57 -11.72 9.07
N LEU H 211 -15.35 -10.79 8.52
CA LEU H 211 -16.46 -11.19 7.66
C LEU H 211 -15.98 -12.05 6.51
N ARG H 212 -14.92 -11.63 5.85
CA ARG H 212 -14.44 -12.36 4.68
C ARG H 212 -13.86 -13.70 5.10
N ALA H 213 -13.04 -13.71 6.15
CA ALA H 213 -12.44 -14.95 6.63
C ALA H 213 -13.50 -15.97 7.00
N ALA H 214 -14.54 -15.56 7.75
CA ALA H 214 -15.55 -16.51 8.19
C ALA H 214 -16.37 -17.07 7.04
N SER H 215 -16.35 -16.43 5.90
CA SER H 215 -17.17 -16.89 4.79
C SER H 215 -16.55 -18.03 4.02
N HIS H 216 -15.25 -18.39 4.33
CA HIS H 216 -14.47 -19.43 3.66
C HIS H 216 -14.40 -20.69 4.51
N PRO H 217 -14.23 -21.87 3.89
CA PRO H 217 -13.99 -23.09 4.66
C PRO H 217 -12.64 -23.04 5.37
N HIS H 218 -12.57 -23.69 6.53
CA HIS H 218 -11.34 -23.76 7.31
C HIS H 218 -11.07 -25.18 7.82
N HIS H 219 -9.81 -25.39 8.19
CA HIS H 219 -9.32 -26.59 8.85
C HIS H 219 -8.58 -26.14 10.11
N PHE H 220 -9.00 -26.62 11.27
CA PHE H 220 -8.36 -26.14 12.49
C PHE H 220 -8.60 -27.13 13.64
N LEU H 221 -7.71 -27.05 14.63
CA LEU H 221 -7.88 -27.78 15.88
C LEU H 221 -9.09 -27.26 16.64
N SER H 222 -9.90 -28.17 17.18
CA SER H 222 -11.11 -27.81 17.91
C SER H 222 -11.59 -28.96 18.77
N VAL H 223 -12.37 -28.61 19.79
CA VAL H 223 -13.07 -29.59 20.63
C VAL H 223 -14.30 -30.09 19.90
N THR H 224 -14.58 -31.38 19.98
CA THR H 224 -15.79 -31.91 19.36
C THR H 224 -16.79 -32.31 20.44
N LYS H 225 -18.00 -32.67 19.99
CA LYS H 225 -19.08 -32.89 20.94
C LYS H 225 -18.80 -33.99 21.96
N PRO H 226 -18.08 -35.06 21.63
CA PRO H 226 -17.70 -36.02 22.68
C PRO H 226 -16.68 -35.47 23.67
N GLY H 227 -16.14 -34.28 23.47
CA GLY H 227 -15.23 -33.70 24.43
C GLY H 227 -13.77 -34.00 24.16
N ILE H 228 -13.43 -34.48 22.97
CA ILE H 228 -12.05 -34.69 22.57
C ILE H 228 -11.66 -33.67 21.49
N VAL H 229 -10.37 -33.46 21.35
CA VAL H 229 -9.85 -32.51 20.36
C VAL H 229 -9.61 -33.23 19.05
N SER H 230 -10.09 -32.63 17.95
CA SER H 230 -9.93 -33.17 16.61
C SER H 230 -9.59 -32.05 15.65
N ILE H 231 -9.43 -32.42 14.38
CA ILE H 231 -9.28 -31.48 13.28
C ILE H 231 -10.63 -31.32 12.63
N VAL H 232 -11.15 -30.09 12.57
CA VAL H 232 -12.49 -29.83 12.07
C VAL H 232 -12.40 -29.13 10.72
N GLY H 233 -13.29 -29.48 9.82
CA GLY H 233 -13.38 -28.79 8.55
C GLY H 233 -14.73 -28.11 8.47
N THR H 234 -14.73 -26.79 8.22
CA THR H 234 -15.97 -26.04 8.16
C THR H 234 -16.30 -25.72 6.71
N GLU H 235 -17.52 -25.24 6.50
CA GLU H 235 -18.00 -24.93 5.16
C GLU H 235 -17.86 -23.46 4.79
N GLY H 236 -17.74 -22.58 5.77
CA GLY H 236 -17.82 -21.16 5.51
C GLY H 236 -19.21 -20.62 5.78
N ASN H 237 -19.25 -19.45 6.41
CA ASN H 237 -20.49 -18.80 6.83
C ASN H 237 -20.64 -17.49 6.05
N GLN H 238 -21.58 -17.46 5.12
CA GLN H 238 -21.85 -16.30 4.29
C GLN H 238 -22.96 -15.41 4.85
N ASP H 239 -23.45 -15.69 6.05
CA ASP H 239 -24.55 -14.94 6.64
C ASP H 239 -24.07 -13.97 7.71
N CYS H 240 -22.89 -13.41 7.57
CA CYS H 240 -22.32 -12.59 8.61
C CYS H 240 -22.47 -11.09 8.30
N PHE H 241 -22.30 -10.26 9.34
CA PHE H 241 -22.57 -8.83 9.27
C PHE H 241 -21.61 -8.12 10.23
N VAL H 242 -21.63 -6.78 10.18
CA VAL H 242 -20.78 -5.96 11.03
C VAL H 242 -21.63 -5.24 12.08
N ILE H 243 -21.00 -4.96 13.23
CA ILE H 243 -21.61 -4.31 14.38
C ILE H 243 -20.85 -3.04 14.68
N LEU H 244 -21.50 -1.89 14.53
CA LEU H 244 -20.91 -0.61 14.89
C LEU H 244 -21.14 -0.36 16.38
N ARG H 245 -20.06 -0.19 17.14
CA ARG H 245 -20.16 -0.12 18.60
C ARG H 245 -19.31 1.00 19.19
N GLY H 246 -18.99 2.02 18.41
CA GLY H 246 -18.15 3.07 18.95
C GLY H 246 -16.74 2.59 19.14
N GLY H 247 -15.97 3.40 19.86
CA GLY H 247 -14.57 3.08 20.10
C GLY H 247 -13.78 4.34 20.34
N LYS H 248 -12.45 4.19 20.34
CA LYS H 248 -11.59 5.31 20.72
C LYS H 248 -11.80 6.52 19.82
N GLN H 249 -12.22 6.32 18.57
CA GLN H 249 -12.45 7.41 17.63
C GLN H 249 -13.78 8.12 17.83
N GLY H 250 -14.55 7.72 18.84
CA GLY H 250 -15.87 8.25 19.13
C GLY H 250 -16.98 7.34 18.66
N THR H 251 -18.19 7.88 18.68
CA THR H 251 -19.38 7.11 18.32
C THR H 251 -19.45 6.93 16.81
N ASN H 252 -20.12 5.86 16.39
CA ASN H 252 -20.23 5.55 14.97
C ASN H 252 -21.64 5.10 14.58
N TYR H 253 -22.66 5.63 15.25
CA TYR H 253 -24.04 5.32 14.86
C TYR H 253 -24.62 6.34 13.88
N ASP H 254 -23.99 7.51 13.71
CA ASP H 254 -24.55 8.58 12.90
C ASP H 254 -24.61 8.23 11.41
N ALA H 255 -25.44 8.97 10.69
CA ALA H 255 -25.65 8.73 9.26
C ALA H 255 -24.36 8.81 8.45
N LYS H 256 -23.40 9.62 8.88
CA LYS H 256 -22.14 9.70 8.14
C LYS H 256 -21.29 8.45 8.40
N SER H 257 -21.23 8.00 9.66
CA SER H 257 -20.50 6.76 9.94
C SER H 257 -21.14 5.58 9.22
N VAL H 258 -22.47 5.54 9.19
CA VAL H 258 -23.17 4.48 8.44
C VAL H 258 -22.80 4.59 6.96
N LYS H 259 -22.67 5.82 6.46
CA LYS H 259 -22.27 6.04 5.07
C LYS H 259 -20.86 5.53 4.80
N GLU H 260 -19.91 5.82 5.68
CA GLU H 260 -18.57 5.27 5.51
C GLU H 260 -18.58 3.75 5.54
N THR H 261 -19.38 3.15 6.43
CA THR H 261 -19.43 1.71 6.54
C THR H 261 -20.01 1.09 5.27
N LYS H 262 -21.09 1.67 4.75
CA LYS H 262 -21.66 1.20 3.49
C LYS H 262 -20.62 1.19 2.38
N GLU H 263 -19.83 2.26 2.27
CA GLU H 263 -18.82 2.35 1.21
C GLU H 263 -17.69 1.35 1.42
N ALA H 264 -17.20 1.20 2.65
CA ALA H 264 -16.14 0.21 2.91
C ALA H 264 -16.62 -1.19 2.58
N LEU H 265 -17.86 -1.51 2.99
CA LEU H 265 -18.47 -2.80 2.69
C LEU H 265 -18.52 -3.04 1.19
N ALA H 266 -18.89 -2.01 0.41
CA ALA H 266 -18.91 -2.14 -1.04
C ALA H 266 -17.49 -2.27 -1.60
N LYS H 267 -16.57 -1.45 -1.10
CA LYS H 267 -15.17 -1.47 -1.55
C LYS H 267 -14.55 -2.84 -1.31
N ALA H 268 -14.87 -3.46 -0.17
CA ALA H 268 -14.34 -4.77 0.18
C ALA H 268 -15.02 -5.93 -0.56
N LYS H 269 -15.91 -5.62 -1.51
CA LYS H 269 -16.60 -6.64 -2.33
C LYS H 269 -17.42 -7.61 -1.46
N VAL H 270 -18.03 -7.08 -0.41
CA VAL H 270 -18.88 -7.85 0.49
C VAL H 270 -20.36 -7.68 0.15
N VAL H 271 -20.75 -6.47 -0.26
CA VAL H 271 -22.13 -6.17 -0.63
C VAL H 271 -22.13 -5.54 -2.02
N ASP H 272 -22.86 -6.15 -2.95
CA ASP H 272 -23.08 -5.57 -4.26
C ASP H 272 -23.78 -4.23 -4.13
N PRO H 273 -23.16 -3.12 -4.57
CA PRO H 273 -23.83 -1.82 -4.46
C PRO H 273 -25.08 -1.71 -5.31
N GLU H 274 -25.24 -2.57 -6.33
CA GLU H 274 -26.40 -2.48 -7.20
C GLU H 274 -27.59 -3.24 -6.63
N ASN H 275 -27.34 -4.38 -5.97
CA ASN H 275 -28.35 -5.11 -5.21
C ASN H 275 -27.87 -5.21 -3.77
N PRO H 276 -28.14 -4.20 -2.94
CA PRO H 276 -27.51 -4.14 -1.62
C PRO H 276 -28.25 -5.00 -0.61
N LYS H 277 -27.49 -5.83 0.10
CA LYS H 277 -27.93 -6.56 1.27
C LYS H 277 -27.65 -5.74 2.53
N PRO H 278 -28.58 -5.69 3.49
CA PRO H 278 -28.32 -4.94 4.73
C PRO H 278 -27.42 -5.75 5.67
N ARG H 279 -26.24 -5.22 5.97
CA ARG H 279 -25.27 -5.95 6.78
C ARG H 279 -24.66 -5.10 7.89
N ILE H 280 -25.33 -4.02 8.30
CA ILE H 280 -24.85 -3.15 9.37
C ILE H 280 -25.80 -3.25 10.55
N MET H 281 -25.27 -3.68 11.71
CA MET H 281 -26.01 -3.64 12.96
C MET H 281 -25.41 -2.58 13.87
N VAL H 282 -26.28 -1.79 14.50
CA VAL H 282 -25.85 -0.70 15.38
C VAL H 282 -26.04 -1.11 16.84
N ASP H 283 -24.94 -1.17 17.57
CA ASP H 283 -24.97 -1.35 19.03
C ASP H 283 -25.26 0.01 19.66
N CYS H 284 -26.36 0.11 20.38
CA CYS H 284 -26.73 1.37 21.01
C CYS H 284 -26.06 1.59 22.36
N SER H 285 -25.32 0.60 22.86
CA SER H 285 -24.71 0.66 24.17
C SER H 285 -23.19 0.72 24.00
N HIS H 286 -22.46 0.44 25.08
CA HIS H 286 -21.00 0.31 25.08
C HIS H 286 -20.41 1.63 24.57
N GLY H 287 -19.58 1.63 23.51
CA GLY H 287 -18.97 2.86 23.04
C GLY H 287 -19.98 3.90 22.57
N ASN H 288 -21.05 3.45 21.94
CA ASN H 288 -21.98 4.37 21.28
C ASN H 288 -22.89 5.10 22.25
N SER H 289 -22.85 4.77 23.54
CA SER H 289 -23.68 5.45 24.52
C SER H 289 -22.88 6.22 25.55
N ASN H 290 -21.56 6.33 25.38
CA ASN H 290 -20.69 7.01 26.35
C ASN H 290 -20.81 6.40 27.74
N LYS H 291 -20.99 5.07 27.79
CA LYS H 291 -21.17 4.31 29.04
C LYS H 291 -22.20 5.00 29.95
N ASN H 292 -23.34 5.34 29.35
CA ASN H 292 -24.48 5.93 30.05
C ASN H 292 -25.73 5.36 29.40
N HIS H 293 -26.46 4.52 30.15
CA HIS H 293 -27.60 3.82 29.55
C HIS H 293 -28.68 4.78 29.10
N LYS H 294 -28.76 5.96 29.73
CA LYS H 294 -29.77 6.94 29.35
C LYS H 294 -29.61 7.42 27.90
N ASN H 295 -28.42 7.25 27.33
CA ASN H 295 -28.15 7.65 25.95
C ASN H 295 -28.60 6.62 24.92
N GLN H 296 -28.81 5.37 25.32
CA GLN H 296 -29.19 4.34 24.36
C GLN H 296 -30.44 4.70 23.58
N PRO H 297 -31.53 5.20 24.20
CA PRO H 297 -32.71 5.55 23.40
C PRO H 297 -32.44 6.66 22.39
N LEU H 298 -31.51 7.57 22.71
CA LEU H 298 -31.14 8.62 21.75
C LEU H 298 -30.46 8.04 20.53
N VAL H 299 -29.54 7.09 20.73
CA VAL H 299 -28.91 6.40 19.62
C VAL H 299 -29.95 5.67 18.79
N ALA H 300 -30.88 4.98 19.46
CA ALA H 300 -31.91 4.24 18.73
C ALA H 300 -32.77 5.18 17.92
N ALA H 301 -33.17 6.31 18.50
CA ALA H 301 -33.96 7.29 17.76
C ALA H 301 -33.22 7.78 16.53
N ASP H 302 -31.90 8.00 16.65
CA ASP H 302 -31.11 8.46 15.50
C ASP H 302 -31.11 7.42 14.39
N VAL H 303 -30.99 6.13 14.73
CA VAL H 303 -31.09 5.09 13.72
C VAL H 303 -32.49 5.07 13.12
N ALA H 304 -33.51 5.16 13.98
CA ALA H 304 -34.88 5.19 13.48
C ALA H 304 -35.08 6.33 12.49
N LYS H 305 -34.49 7.50 12.78
CA LYS H 305 -34.55 8.62 11.86
C LYS H 305 -33.93 8.24 10.50
N GLN H 306 -32.80 7.55 10.52
CA GLN H 306 -32.20 7.11 9.27
C GLN H 306 -33.11 6.11 8.55
N ILE H 307 -33.65 5.14 9.31
CA ILE H 307 -34.56 4.16 8.71
C ILE H 307 -35.79 4.85 8.12
N SER H 308 -36.38 5.78 8.88
CA SER H 308 -37.58 6.45 8.40
C SER H 308 -37.30 7.29 7.15
N GLU H 309 -36.08 7.77 6.97
CA GLU H 309 -35.71 8.55 5.79
C GLU H 309 -35.17 7.69 4.63
N GLY H 310 -35.17 6.37 4.76
CA GLY H 310 -34.95 5.50 3.62
C GLY H 310 -33.69 4.65 3.65
N GLU H 311 -32.89 4.73 4.72
CA GLU H 311 -31.71 3.90 4.86
C GLU H 311 -32.10 2.41 4.81
N ASP H 312 -31.42 1.66 3.95
CA ASP H 312 -31.82 0.27 3.72
C ASP H 312 -30.68 -0.73 3.92
N GLN H 313 -29.56 -0.32 4.51
CA GLN H 313 -28.45 -1.22 4.78
C GLN H 313 -28.19 -1.44 6.27
N ILE H 314 -28.95 -0.79 7.16
CA ILE H 314 -28.93 -1.12 8.58
C ILE H 314 -29.89 -2.29 8.79
N CYS H 315 -29.33 -3.44 9.20
CA CYS H 315 -30.13 -4.63 9.39
C CYS H 315 -30.74 -4.73 10.79
N GLY H 316 -30.19 -4.02 11.78
CA GLY H 316 -30.77 -4.09 13.09
C GLY H 316 -29.97 -3.34 14.12
N LEU H 317 -30.42 -3.45 15.37
CA LEU H 317 -29.82 -2.76 16.50
C LEU H 317 -29.65 -3.71 17.68
N MET H 318 -28.62 -3.45 18.48
CA MET H 318 -28.42 -4.11 19.76
C MET H 318 -28.68 -3.11 20.87
N ILE H 319 -29.41 -3.53 21.90
CA ILE H 319 -29.76 -2.66 23.01
C ILE H 319 -29.59 -3.44 24.30
N GLU H 320 -28.95 -2.81 25.30
CA GLU H 320 -28.85 -3.42 26.62
C GLU H 320 -30.06 -3.01 27.46
N SER H 321 -30.92 -3.97 27.76
CA SER H 321 -32.22 -3.71 28.36
C SER H 321 -32.54 -4.71 29.46
N ASN H 322 -33.14 -4.22 30.54
CA ASN H 322 -33.46 -5.07 31.68
C ASN H 322 -34.82 -4.66 32.23
N ILE H 323 -35.30 -5.38 33.25
CA ILE H 323 -36.59 -5.05 33.86
C ILE H 323 -36.53 -3.67 34.51
N ASN H 324 -35.50 -3.42 35.31
CA ASN H 324 -35.27 -2.14 35.96
C ASN H 324 -33.98 -1.54 35.43
N GLU H 325 -33.96 -0.22 35.28
CA GLU H 325 -32.83 0.46 34.66
C GLU H 325 -31.62 0.48 35.60
N GLY H 326 -30.49 0.88 35.03
CA GLY H 326 -29.27 1.11 35.81
C GLY H 326 -28.47 -0.14 36.05
N ARG H 327 -27.73 -0.13 37.16
CA ARG H 327 -26.84 -1.22 37.54
C ARG H 327 -26.64 -1.19 39.05
N GLN H 328 -25.97 -2.23 39.56
CA GLN H 328 -25.76 -2.38 40.99
C GLN H 328 -24.52 -3.23 41.24
N ASP H 329 -23.94 -3.03 42.41
CA ASP H 329 -22.90 -3.91 42.92
C ASP H 329 -23.56 -5.08 43.67
N ALA H 340 -28.46 -10.85 48.06
CA ALA H 340 -29.15 -9.72 48.66
C ALA H 340 -29.36 -8.55 47.68
N LEU H 341 -29.11 -8.79 46.39
CA LEU H 341 -29.21 -7.79 45.33
C LEU H 341 -30.65 -7.55 44.92
N LYS H 342 -30.96 -6.31 44.51
CA LYS H 342 -32.31 -5.99 44.04
C LYS H 342 -32.66 -6.71 42.74
N TYR H 343 -33.88 -7.25 42.70
CA TYR H 343 -34.38 -8.02 41.58
C TYR H 343 -34.44 -7.20 40.29
N GLY H 344 -34.10 -7.86 39.18
CA GLY H 344 -34.21 -7.31 37.83
C GLY H 344 -33.28 -6.18 37.47
N CYS H 345 -32.10 -6.11 38.09
CA CYS H 345 -31.15 -5.03 37.85
C CYS H 345 -29.77 -5.59 37.53
N SER H 346 -29.20 -5.15 36.41
CA SER H 346 -27.92 -5.65 35.95
C SER H 346 -26.82 -5.42 36.98
N ILE H 347 -25.90 -6.38 37.06
CA ILE H 347 -24.69 -6.22 37.86
C ILE H 347 -23.45 -5.97 37.01
N THR H 348 -23.63 -5.86 35.70
CA THR H 348 -22.54 -5.46 34.80
C THR H 348 -22.86 -4.09 34.20
N ASP H 349 -23.03 -4.01 32.88
CA ASP H 349 -23.31 -2.73 32.24
C ASP H 349 -24.71 -2.24 32.61
N ALA H 350 -24.84 -0.93 32.78
CA ALA H 350 -26.16 -0.35 33.03
C ALA H 350 -27.07 -0.54 31.83
N CYS H 351 -28.33 -0.90 32.10
CA CYS H 351 -29.34 -1.11 31.07
C CYS H 351 -30.47 -0.12 31.21
N ILE H 352 -31.18 0.11 30.11
CA ILE H 352 -32.44 0.84 30.14
C ILE H 352 -33.54 -0.07 30.71
N GLY H 353 -34.52 0.55 31.38
CA GLY H 353 -35.61 -0.18 31.99
C GLY H 353 -36.67 -0.64 31.01
N ILE H 354 -37.69 -1.28 31.56
CA ILE H 354 -38.76 -1.80 30.72
C ILE H 354 -39.58 -0.67 30.11
N ASP H 355 -39.69 0.48 30.80
CA ASP H 355 -40.44 1.59 30.22
C ASP H 355 -39.75 2.11 28.97
N ASP H 356 -38.46 2.48 29.10
CA ASP H 356 -37.68 2.93 27.96
C ASP H 356 -37.69 1.92 26.82
N THR H 357 -37.71 0.63 27.16
CA THR H 357 -37.68 -0.43 26.15
C THR H 357 -38.93 -0.42 25.27
N GLU H 358 -40.11 -0.33 25.90
CA GLU H 358 -41.34 -0.28 25.12
C GLU H 358 -41.35 0.95 24.22
N SER H 359 -40.84 2.07 24.72
CA SER H 359 -40.79 3.30 23.93
C SER H 359 -39.89 3.14 22.71
N VAL H 360 -38.69 2.60 22.92
CA VAL H 360 -37.72 2.43 21.83
C VAL H 360 -38.29 1.49 20.76
N LEU H 361 -38.94 0.41 21.17
CA LEU H 361 -39.49 -0.55 20.21
C LEU H 361 -40.56 0.10 19.34
N GLU H 362 -41.43 0.90 19.95
CA GLU H 362 -42.46 1.60 19.19
C GLU H 362 -41.85 2.56 18.17
N THR H 363 -40.81 3.31 18.57
CA THR H 363 -40.12 4.19 17.63
C THR H 363 -39.57 3.41 16.45
N LEU H 364 -38.90 2.28 16.71
CA LEU H 364 -38.31 1.50 15.63
C LEU H 364 -39.38 0.95 14.71
N ALA H 365 -40.50 0.47 15.26
CA ALA H 365 -41.59 -0.01 14.41
C ALA H 365 -42.15 1.12 13.53
N GLN H 366 -42.30 2.32 14.10
CA GLN H 366 -42.81 3.45 13.32
C GLN H 366 -41.85 3.81 12.19
N ALA H 367 -40.54 3.70 12.44
CA ALA H 367 -39.56 4.00 11.40
C ALA H 367 -39.69 3.02 10.23
N ILE H 368 -39.94 1.74 10.53
CA ILE H 368 -40.16 0.75 9.47
C ILE H 368 -41.45 1.06 8.72
N LYS H 369 -42.52 1.39 9.45
CA LYS H 369 -43.75 1.81 8.80
C LYS H 369 -43.52 3.04 7.92
N ALA H 370 -42.80 4.04 8.46
CA ALA H 370 -42.51 5.26 7.71
C ALA H 370 -41.75 4.94 6.43
N ARG H 371 -40.76 4.06 6.49
CA ARG H 371 -39.96 3.75 5.32
C ARG H 371 -40.78 3.06 4.24
N ARG H 372 -41.90 2.44 4.61
CA ARG H 372 -42.81 1.87 3.63
C ARG H 372 -43.57 2.96 2.87
N GLY H 373 -43.91 4.06 3.54
CA GLY H 373 -44.60 5.17 2.90
C GLY H 373 -43.81 5.87 1.80
UNK UNX I . 1.60 3.78 -17.74
UNK UNX J . 41.97 45.03 -40.73
UNK UNX K . -17.69 31.45 -4.38
UNK UNX L . 18.36 70.11 -37.34
#